data_3NM1
#
_entry.id   3NM1
#
_cell.length_a   104.938
_cell.length_b   154.212
_cell.length_c   148.704
_cell.angle_alpha   90.00
_cell.angle_beta   102.10
_cell.angle_gamma   90.00
#
_symmetry.space_group_name_H-M   'P 1 21 1'
#
loop_
_entity.id
_entity.type
_entity.pdbx_description
1 polymer 'Thiamine biosynthetic bifunctional enzyme'
2 non-polymer '4-methyl-5-[2-(phosphonooxy)ethyl]-1,3-thiazole-2-carboxylic acid'
3 non-polymer 2-TRIFLUOROMETHYL-5-METHYLENE-5H-PYRIMIDIN-4-YLIDENEAMINE
4 non-polymer 'PYROPHOSPHATE 2-'
5 non-polymer 'MAGNESIUM ION'
#
_entity_poly.entity_id   1
_entity_poly.type   'polypeptide(L)'
_entity_poly.pdbx_seq_one_letter_code
;MKFSKEQFDYSLYLVTDSGMIPEGKTLYGQVEAGLQNGVTLVQIREKDADTKFFIEEALQIKELCHAHNVPLIINDRIDV
AMAIGADGIHVGQDDMPIPMIRKLVGPDMVIGWSVGFPEEVDELSKMGPDMVDYIGVGTLFPTLTKKNPKKAPMGTAGAI
RVLDALERNNAHWCRTVGIGGLHPDNIERVLYQCVSSNGKRSLDGICVVSDIIASLDAAKSTKILRGLIDKTDYKFVNIG
LSTKNSLTTTDEIQSIISNTLKARPLVQHITNKVHQNFGANVTLALGSSPIMSEIQSEVNDLAAIPHATLLLNTGSVAPP
EMLKAAIRAYNDVKRPIVFDPVGYSATETRLLLNNLLLTFGQFSCIKGNSSEILGLAELNKERMKGVDASSGISNELLIQ
ATKIVAFKYKTVAVCTGEFDFIADGTIEGKYSLSKGTNGTSVEDIPCVAVEAGPIEIMGDITASGCSLGSTIACMIGGQP
SEGNLFHAVVAGVMLYKAAGKIASEKCNGSGSFQVELIDALYRLTRENTPVTWAPKLTHT
;
_entity_poly.pdbx_strand_id   A,B,C,D,E,F
#
loop_
_chem_comp.id
_chem_comp.type
_chem_comp.name
_chem_comp.formula
3NM non-polymer '4-methyl-5-[2-(phosphonooxy)ethyl]-1,3-thiazole-2-carboxylic acid' 'C7 H10 N O6 P S'
IFP non-polymer 2-TRIFLUOROMETHYL-5-METHYLENE-5H-PYRIMIDIN-4-YLIDENEAMINE 'C6 H4 F3 N3'
MG non-polymer 'MAGNESIUM ION' 'Mg 2'
POP non-polymer 'PYROPHOSPHATE 2-' 'H2 O7 P2 -2'
#
# COMPACT_ATOMS: atom_id res chain seq x y z
N LYS A 2 16.93 -7.14 54.44
CA LYS A 2 16.21 -5.93 54.07
C LYS A 2 17.06 -4.65 54.23
N PHE A 3 16.55 -3.54 53.71
CA PHE A 3 17.24 -2.26 53.77
C PHE A 3 16.37 -1.26 54.52
N SER A 4 17.02 -0.18 54.97
CA SER A 4 16.37 0.92 55.68
C SER A 4 16.34 2.17 54.78
N LYS A 5 15.22 2.89 54.73
CA LYS A 5 15.12 4.09 53.89
C LYS A 5 16.47 4.81 53.66
N GLU A 6 17.16 5.17 54.75
CA GLU A 6 18.40 5.96 54.69
C GLU A 6 19.64 5.18 54.19
N GLN A 7 19.41 3.94 53.76
CA GLN A 7 20.49 3.10 53.22
C GLN A 7 20.52 3.12 51.70
N PHE A 8 19.44 3.60 51.11
CA PHE A 8 19.29 3.62 49.65
C PHE A 8 20.24 4.57 48.93
N ASP A 9 21.21 4.03 48.19
CA ASP A 9 22.11 4.88 47.40
C ASP A 9 21.55 5.10 45.99
N TYR A 10 21.17 6.34 45.66
CA TYR A 10 20.62 6.62 44.34
C TYR A 10 21.63 7.06 43.29
N SER A 11 22.91 7.13 43.64
CA SER A 11 23.95 7.59 42.71
C SER A 11 23.57 7.31 41.27
N LEU A 12 23.56 6.02 40.92
CA LEU A 12 23.26 5.57 39.57
C LEU A 12 22.15 4.53 39.60
N TYR A 13 20.93 4.98 39.32
CA TYR A 13 19.72 4.17 39.48
C TYR A 13 19.35 3.56 38.13
N LEU A 14 19.43 2.23 38.05
CA LEU A 14 19.19 1.50 36.80
C LEU A 14 17.75 1.00 36.69
N VAL A 15 17.04 1.46 35.66
CA VAL A 15 15.69 1.00 35.40
C VAL A 15 15.70 0.08 34.18
N THR A 16 14.80 -0.91 34.20
CA THR A 16 14.88 -2.08 33.34
C THR A 16 13.97 -2.04 32.12
N ASP A 17 14.34 -2.77 31.07
CA ASP A 17 13.48 -2.90 29.91
C ASP A 17 13.80 -4.12 29.08
N SER A 18 12.90 -5.09 29.08
CA SER A 18 13.10 -6.35 28.36
C SER A 18 13.20 -6.19 26.83
N GLY A 19 12.17 -5.61 26.20
CA GLY A 19 12.13 -5.48 24.76
C GLY A 19 12.99 -4.32 24.28
N MET A 20 14.31 -4.55 24.23
CA MET A 20 15.28 -3.49 23.99
C MET A 20 16.69 -4.05 24.07
N ILE A 21 16.80 -5.20 24.73
CA ILE A 21 18.06 -5.89 24.91
C ILE A 21 18.53 -6.50 23.60
N PRO A 22 19.82 -6.33 23.31
CA PRO A 22 20.52 -6.66 22.05
C PRO A 22 20.70 -8.15 21.77
N GLU A 23 20.47 -8.55 20.51
CA GLU A 23 20.54 -9.96 20.09
C GLU A 23 21.86 -10.61 20.50
N GLY A 24 21.78 -11.41 21.56
CA GLY A 24 22.93 -12.06 22.16
C GLY A 24 22.80 -12.06 23.68
N LYS A 25 22.59 -10.88 24.25
CA LYS A 25 22.59 -10.72 25.70
C LYS A 25 21.20 -10.89 26.31
N THR A 26 21.14 -10.87 27.64
CA THR A 26 19.90 -10.99 28.41
C THR A 26 19.81 -9.95 29.53
N LEU A 27 18.62 -9.75 30.09
CA LEU A 27 18.42 -8.79 31.18
C LEU A 27 19.36 -9.03 32.36
N TYR A 28 19.33 -10.24 32.90
CA TYR A 28 20.27 -10.65 33.92
C TYR A 28 21.67 -10.22 33.49
N GLY A 29 22.11 -10.76 32.35
CA GLY A 29 23.42 -10.47 31.80
C GLY A 29 23.84 -9.01 31.87
N GLN A 30 22.90 -8.10 31.60
CA GLN A 30 23.16 -6.66 31.67
C GLN A 30 23.11 -6.14 33.12
N VAL A 31 21.97 -6.32 33.78
CA VAL A 31 21.82 -5.86 35.15
C VAL A 31 23.01 -6.24 36.03
N GLU A 32 23.67 -7.36 35.73
CA GLU A 32 24.83 -7.75 36.52
C GLU A 32 26.01 -6.84 36.21
N ALA A 33 26.39 -6.78 34.93
CA ALA A 33 27.55 -6.01 34.47
C ALA A 33 27.45 -4.54 34.82
N GLY A 34 26.26 -4.13 35.25
CA GLY A 34 26.03 -2.77 35.69
C GLY A 34 26.17 -2.71 37.18
N LEU A 35 25.70 -3.76 37.85
CA LEU A 35 25.91 -3.92 39.28
C LEU A 35 27.40 -3.99 39.58
N GLN A 36 28.12 -4.72 38.72
CA GLN A 36 29.54 -4.97 38.87
C GLN A 36 30.32 -3.67 38.76
N ASN A 37 29.80 -2.76 37.94
CA ASN A 37 30.54 -1.56 37.57
C ASN A 37 30.03 -0.23 38.14
N GLY A 38 28.99 -0.26 38.96
CA GLY A 38 28.66 0.93 39.69
C GLY A 38 27.19 1.26 39.90
N VAL A 39 26.30 0.44 39.37
CA VAL A 39 24.88 0.61 39.64
C VAL A 39 24.70 0.47 41.14
N THR A 40 23.75 1.19 41.71
CA THR A 40 23.62 1.25 43.17
C THR A 40 22.18 1.07 43.62
N LEU A 41 21.28 0.98 42.65
CA LEU A 41 19.85 0.78 42.90
C LEU A 41 19.19 0.31 41.61
N VAL A 42 18.26 -0.65 41.70
CA VAL A 42 17.61 -1.18 40.50
C VAL A 42 16.09 -1.35 40.55
N GLN A 43 15.41 -0.77 39.56
CA GLN A 43 13.97 -0.95 39.40
C GLN A 43 13.73 -1.90 38.24
N ILE A 44 12.73 -2.77 38.37
CA ILE A 44 12.36 -3.62 37.27
C ILE A 44 11.10 -3.05 36.66
N ARG A 45 11.14 -2.80 35.36
CA ARG A 45 10.01 -2.20 34.67
C ARG A 45 9.49 -3.24 33.71
N GLU A 46 8.24 -3.64 33.89
CA GLU A 46 7.60 -4.58 32.96
C GLU A 46 6.16 -4.19 32.72
N LYS A 47 5.97 -3.35 31.71
CA LYS A 47 4.66 -2.79 31.41
C LYS A 47 3.84 -3.85 30.71
N ASP A 48 4.49 -4.95 30.33
CA ASP A 48 3.93 -5.87 29.34
C ASP A 48 3.75 -7.32 29.77
N ALA A 49 4.83 -7.98 30.17
CA ALA A 49 4.76 -9.40 30.53
C ALA A 49 3.68 -9.71 31.57
N ASP A 50 3.26 -10.98 31.62
CA ASP A 50 2.18 -11.44 32.51
C ASP A 50 2.66 -11.64 33.95
N THR A 51 1.75 -11.45 34.91
CA THR A 51 2.08 -11.47 36.33
C THR A 51 3.05 -12.59 36.76
N LYS A 52 2.99 -13.73 36.10
CA LYS A 52 3.74 -14.90 36.54
C LYS A 52 5.18 -14.87 36.03
N PHE A 53 5.36 -14.51 34.77
CA PHE A 53 6.70 -14.35 34.20
C PHE A 53 7.42 -13.14 34.84
N PHE A 54 6.63 -12.14 35.22
CA PHE A 54 7.13 -10.97 35.97
C PHE A 54 7.85 -11.45 37.24
N ILE A 55 7.06 -12.01 38.16
CA ILE A 55 7.57 -12.51 39.43
C ILE A 55 8.73 -13.49 39.30
N GLU A 56 8.73 -14.30 38.25
CA GLU A 56 9.82 -15.26 38.07
C GLU A 56 11.15 -14.56 37.78
N GLU A 57 11.09 -13.40 37.15
CA GLU A 57 12.31 -12.62 36.93
C GLU A 57 12.50 -11.49 37.95
N ALA A 58 11.46 -11.21 38.71
CA ALA A 58 11.59 -10.29 39.82
C ALA A 58 12.40 -10.93 40.92
N LEU A 59 12.35 -12.26 40.97
CA LEU A 59 13.06 -13.01 42.01
C LEU A 59 14.41 -13.49 41.53
N GLN A 60 14.52 -13.75 40.23
CA GLN A 60 15.80 -14.15 39.63
C GLN A 60 16.73 -12.95 39.67
N ILE A 61 16.14 -11.76 39.77
CA ILE A 61 16.94 -10.53 39.83
C ILE A 61 17.18 -10.04 41.25
N LYS A 62 16.13 -10.03 42.08
CA LYS A 62 16.29 -9.64 43.48
C LYS A 62 17.43 -10.41 44.15
N GLU A 63 17.71 -11.61 43.68
CA GLU A 63 18.87 -12.32 44.17
C GLU A 63 20.15 -11.63 43.70
N LEU A 64 20.25 -11.43 42.38
CA LEU A 64 21.45 -10.84 41.80
C LEU A 64 21.77 -9.45 42.37
N CYS A 65 20.72 -8.74 42.78
CA CYS A 65 20.92 -7.46 43.44
C CYS A 65 21.40 -7.71 44.84
N HIS A 66 20.53 -8.27 45.69
CA HIS A 66 20.89 -8.62 47.06
C HIS A 66 22.32 -9.20 47.20
N ALA A 67 22.79 -9.91 46.18
CA ALA A 67 24.16 -10.39 46.16
C ALA A 67 25.14 -9.22 46.28
N HIS A 68 24.88 -8.14 45.54
CA HIS A 68 25.77 -6.98 45.57
C HIS A 68 25.31 -5.91 46.57
N ASN A 69 24.49 -6.31 47.53
CA ASN A 69 24.02 -5.41 48.59
C ASN A 69 23.13 -4.28 48.08
N VAL A 70 22.76 -4.34 46.80
CA VAL A 70 21.86 -3.33 46.20
C VAL A 70 20.36 -3.72 46.23
N PRO A 71 19.49 -2.77 46.59
CA PRO A 71 18.07 -3.02 46.77
C PRO A 71 17.34 -3.11 45.43
N LEU A 72 16.13 -3.66 45.44
CA LEU A 72 15.33 -3.79 44.25
C LEU A 72 13.94 -3.18 44.43
N ILE A 73 13.56 -2.31 43.49
CA ILE A 73 12.26 -1.66 43.46
C ILE A 73 11.44 -2.12 42.27
N ILE A 74 10.16 -2.32 42.51
CA ILE A 74 9.26 -2.76 41.45
C ILE A 74 8.41 -1.62 40.95
N ASN A 75 8.12 -1.63 39.65
CA ASN A 75 7.37 -0.56 38.98
C ASN A 75 5.84 -0.84 38.87
N ASP A 76 5.09 0.19 39.24
CA ASP A 76 3.63 0.20 39.50
C ASP A 76 2.81 -1.00 40.00
N ARG A 77 3.35 -2.22 39.90
CA ARG A 77 2.59 -3.39 40.40
C ARG A 77 2.99 -3.68 41.84
N ILE A 78 2.28 -3.03 42.75
CA ILE A 78 2.57 -3.10 44.17
C ILE A 78 2.40 -4.51 44.72
N ASP A 79 1.42 -5.24 44.18
CA ASP A 79 1.21 -6.62 44.60
C ASP A 79 2.41 -7.51 44.23
N VAL A 80 2.88 -7.44 42.99
CA VAL A 80 4.06 -8.20 42.61
C VAL A 80 5.18 -7.79 43.54
N ALA A 81 5.03 -6.63 44.16
CA ALA A 81 6.04 -6.12 45.06
C ALA A 81 5.96 -6.82 46.41
N MET A 82 4.82 -6.70 47.08
CA MET A 82 4.65 -7.33 48.39
C MET A 82 4.85 -8.83 48.27
N ALA A 83 4.57 -9.36 47.07
CA ALA A 83 4.64 -10.79 46.81
C ALA A 83 6.07 -11.33 46.82
N ILE A 84 7.02 -10.57 46.31
CA ILE A 84 8.38 -11.08 46.18
C ILE A 84 9.37 -10.43 47.14
N GLY A 85 8.85 -9.78 48.18
CA GLY A 85 9.68 -9.17 49.20
C GLY A 85 10.49 -8.01 48.64
N ALA A 86 9.81 -7.14 47.90
CA ALA A 86 10.45 -6.02 47.22
C ALA A 86 10.89 -5.02 48.26
N ASP A 87 11.96 -4.28 47.95
CA ASP A 87 12.50 -3.26 48.86
C ASP A 87 11.72 -1.95 48.75
N GLY A 88 11.17 -1.68 47.56
CA GLY A 88 10.34 -0.52 47.35
C GLY A 88 9.54 -0.61 46.07
N ILE A 89 8.60 0.31 45.90
CA ILE A 89 7.80 0.34 44.69
C ILE A 89 7.66 1.74 44.13
N HIS A 90 7.88 1.88 42.83
CA HIS A 90 7.79 3.18 42.17
C HIS A 90 6.50 3.34 41.39
N VAL A 91 5.65 4.25 41.79
CA VAL A 91 4.43 4.49 41.04
C VAL A 91 4.49 5.85 40.36
N GLY A 92 3.50 6.11 39.50
CA GLY A 92 3.47 7.32 38.72
C GLY A 92 2.17 8.07 38.93
N GLN A 93 1.99 9.13 38.19
CA GLN A 93 0.89 10.05 38.49
C GLN A 93 -0.47 9.41 38.19
N ASP A 94 -0.45 8.36 37.37
CA ASP A 94 -1.69 7.78 36.87
C ASP A 94 -1.98 6.41 37.44
N ASP A 95 -1.00 5.87 38.17
CA ASP A 95 -1.17 4.58 38.85
C ASP A 95 -1.84 4.80 40.21
N MET A 96 -1.63 3.87 41.14
CA MET A 96 -2.36 3.94 42.40
C MET A 96 -1.96 5.07 43.38
N PRO A 97 -2.97 5.83 43.87
CA PRO A 97 -2.85 6.79 44.98
C PRO A 97 -1.91 6.32 46.08
N ILE A 98 -0.99 7.18 46.51
CA ILE A 98 0.05 6.79 47.46
C ILE A 98 -0.44 6.48 48.90
N PRO A 99 -1.48 7.19 49.37
CA PRO A 99 -2.12 6.82 50.64
C PRO A 99 -2.44 5.32 50.69
N MET A 100 -3.27 4.85 49.75
CA MET A 100 -3.61 3.43 49.61
C MET A 100 -2.35 2.58 49.59
N ILE A 101 -1.51 2.81 48.59
CA ILE A 101 -0.24 2.10 48.45
C ILE A 101 0.43 1.93 49.80
N ARG A 102 0.48 3.01 50.56
CA ARG A 102 1.07 2.97 51.89
C ARG A 102 0.28 1.99 52.78
N LYS A 103 -1.03 2.20 52.84
CA LYS A 103 -1.91 1.40 53.70
C LYS A 103 -1.80 -0.10 53.47
N LEU A 104 -1.10 -0.52 52.43
CA LEU A 104 -0.84 -1.96 52.22
C LEU A 104 0.60 -2.38 52.54
N VAL A 105 1.50 -1.41 52.79
CA VAL A 105 2.90 -1.73 53.04
C VAL A 105 3.61 -1.10 54.27
N GLY A 106 3.25 0.13 54.66
CA GLY A 106 3.82 0.77 55.86
C GLY A 106 5.24 1.31 55.78
N MET A 109 9.19 0.53 54.40
CA MET A 109 9.35 0.36 52.92
C MET A 109 9.18 1.62 52.04
N VAL A 110 10.06 1.76 51.04
CA VAL A 110 10.17 2.98 50.24
C VAL A 110 9.29 3.08 48.99
N ILE A 111 8.63 4.21 48.82
CA ILE A 111 7.79 4.46 47.68
C ILE A 111 8.42 5.51 46.80
N GLY A 112 8.58 5.24 45.51
CA GLY A 112 9.00 6.25 44.56
C GLY A 112 7.83 6.96 43.89
N TRP A 113 7.99 8.21 43.48
CA TRP A 113 6.90 8.91 42.79
C TRP A 113 7.42 9.64 41.54
N SER A 114 6.65 9.55 40.47
CA SER A 114 6.99 10.29 39.26
C SER A 114 6.41 11.71 39.34
N VAL A 115 7.32 12.68 39.48
CA VAL A 115 6.94 14.09 39.59
C VAL A 115 7.52 14.87 38.42
N GLY A 116 6.72 15.75 37.82
CA GLY A 116 7.19 16.55 36.70
C GLY A 116 6.94 18.03 36.95
N PHE A 117 6.00 18.32 37.84
CA PHE A 117 5.57 19.68 38.14
C PHE A 117 5.67 19.93 39.64
N PRO A 118 5.88 21.19 40.03
CA PRO A 118 5.97 21.63 41.43
C PRO A 118 4.71 21.29 42.22
N GLU A 119 3.56 21.44 41.59
CA GLU A 119 2.30 21.14 42.25
C GLU A 119 2.39 19.75 42.87
N GLU A 120 2.77 18.78 42.07
CA GLU A 120 2.94 17.43 42.56
C GLU A 120 3.78 17.44 43.84
N VAL A 121 4.75 18.36 43.94
CA VAL A 121 5.51 18.47 45.17
C VAL A 121 4.61 18.93 46.33
N ASP A 122 3.77 19.92 46.06
CA ASP A 122 2.82 20.45 47.06
C ASP A 122 1.95 19.37 47.70
N GLU A 123 1.37 18.51 46.85
CA GLU A 123 0.48 17.43 47.30
C GLU A 123 1.28 16.35 48.02
N LEU A 124 2.47 16.08 47.49
CA LEU A 124 3.46 15.20 48.09
C LEU A 124 3.71 15.62 49.52
N SER A 125 3.76 16.94 49.70
CA SER A 125 4.09 17.57 50.98
C SER A 125 2.88 17.71 51.90
N LYS A 126 1.71 18.00 51.34
CA LYS A 126 0.50 18.06 52.14
C LYS A 126 0.21 16.72 52.81
N MET A 127 0.93 15.67 52.39
CA MET A 127 0.76 14.32 52.93
C MET A 127 1.67 14.01 54.13
N GLY A 128 2.91 14.49 54.09
CA GLY A 128 3.86 14.25 55.18
C GLY A 128 4.83 13.14 54.80
N PRO A 129 5.68 12.69 55.75
CA PRO A 129 6.61 11.56 55.53
C PRO A 129 6.09 10.18 55.95
N VAL A 132 5.65 9.10 51.06
CA VAL A 132 6.42 9.22 49.80
C VAL A 132 7.91 9.47 50.00
N ASP A 133 8.77 8.56 49.60
CA ASP A 133 10.16 8.67 50.03
C ASP A 133 11.14 9.26 49.03
N TYR A 134 10.89 9.10 47.74
CA TYR A 134 11.71 9.77 46.75
C TYR A 134 10.85 10.10 45.52
N ILE A 135 11.42 10.80 44.56
CA ILE A 135 10.71 11.11 43.32
C ILE A 135 11.67 11.13 42.15
N GLY A 136 11.24 10.53 41.04
CA GLY A 136 11.95 10.63 39.79
C GLY A 136 11.53 11.95 39.16
N VAL A 137 12.51 12.77 38.75
CA VAL A 137 12.20 14.10 38.25
C VAL A 137 12.03 14.19 36.74
N GLY A 138 10.79 14.55 36.37
CA GLY A 138 10.29 14.87 35.03
C GLY A 138 10.83 14.04 33.89
N THR A 139 10.48 14.42 32.68
CA THR A 139 11.23 13.88 31.55
C THR A 139 12.24 14.97 31.20
N LEU A 140 13.52 14.67 31.37
CA LEU A 140 14.52 15.73 31.20
C LEU A 140 14.74 16.07 29.73
N PHE A 141 15.08 15.05 28.96
CA PHE A 141 15.33 15.24 27.54
C PHE A 141 14.49 14.25 26.78
N PRO A 142 14.17 14.58 25.51
CA PRO A 142 13.16 13.71 24.92
C PRO A 142 13.71 12.29 24.77
N THR A 143 12.80 11.31 24.80
CA THR A 143 13.20 9.91 24.69
C THR A 143 12.18 9.07 23.95
N LEU A 144 12.65 7.90 23.49
CA LEU A 144 11.89 6.95 22.69
C LEU A 144 11.74 5.62 23.46
N THR A 145 11.74 5.73 24.78
CA THR A 145 11.71 4.57 25.67
C THR A 145 10.40 4.49 26.42
N LYS A 146 9.99 5.63 26.99
CA LYS A 146 8.71 5.72 27.66
C LYS A 146 7.58 5.76 26.62
N LYS A 147 7.16 4.59 26.16
CA LYS A 147 6.11 4.44 25.14
C LYS A 147 4.82 5.20 25.51
N ASN A 148 4.24 5.89 24.53
CA ASN A 148 2.99 6.66 24.72
C ASN A 148 3.03 7.58 25.96
N PRO A 149 3.78 8.70 25.85
CA PRO A 149 4.11 9.61 26.96
C PRO A 149 3.03 10.66 27.23
N LYS A 150 2.86 11.02 28.49
CA LYS A 150 1.79 11.92 28.88
C LYS A 150 2.28 13.31 29.26
N LYS A 151 3.60 13.50 29.28
CA LYS A 151 4.23 14.81 29.58
C LYS A 151 4.88 15.43 28.36
N ALA A 152 6.18 15.73 28.47
CA ALA A 152 6.89 16.60 27.53
C ALA A 152 8.22 17.02 28.14
N PRO A 153 9.33 16.75 27.44
CA PRO A 153 10.64 17.05 28.00
C PRO A 153 10.77 18.48 28.62
N MET A 154 11.31 18.49 29.84
CA MET A 154 11.13 19.58 30.79
C MET A 154 12.44 20.32 30.89
N GLY A 155 13.49 19.66 30.43
CA GLY A 155 14.83 20.18 30.58
C GLY A 155 15.25 20.42 32.03
N THR A 156 16.53 20.76 32.18
CA THR A 156 17.09 21.08 33.48
C THR A 156 16.30 22.18 34.21
N ALA A 157 15.94 23.23 33.47
CA ALA A 157 15.17 24.34 34.03
C ALA A 157 13.89 23.85 34.66
N GLY A 158 13.32 22.79 34.10
CA GLY A 158 12.07 22.25 34.57
C GLY A 158 12.31 21.45 35.83
N ALA A 159 13.48 20.83 35.90
CA ALA A 159 13.89 20.07 37.08
C ALA A 159 14.10 21.04 38.22
N ILE A 160 14.82 22.12 37.94
CA ILE A 160 15.11 23.18 38.91
C ILE A 160 13.87 23.72 39.62
N ARG A 161 12.82 23.94 38.85
CA ARG A 161 11.55 24.43 39.35
C ARG A 161 10.91 23.42 40.33
N VAL A 162 11.22 22.14 40.13
CA VAL A 162 10.79 21.07 41.02
C VAL A 162 11.53 21.12 42.36
N LEU A 163 12.85 20.95 42.31
CA LEU A 163 13.71 21.05 43.48
C LEU A 163 13.37 22.26 44.33
N ASP A 164 12.77 23.27 43.72
CA ASP A 164 12.49 24.50 44.41
C ASP A 164 11.19 24.52 45.22
N ALA A 165 10.35 23.52 45.00
CA ALA A 165 9.15 23.41 45.80
C ALA A 165 9.44 22.40 46.90
N LEU A 166 10.55 21.68 46.73
CA LEU A 166 11.03 20.79 47.77
C LEU A 166 11.59 21.61 48.94
N GLU A 167 11.72 22.90 48.71
CA GLU A 167 12.30 23.79 49.72
C GLU A 167 11.20 24.66 50.31
N ARG A 168 10.58 25.43 49.43
CA ARG A 168 9.33 26.10 49.71
C ARG A 168 8.48 25.29 50.71
N ASN A 169 8.54 23.95 50.61
CA ASN A 169 7.71 23.04 51.42
C ASN A 169 8.50 22.26 52.48
N ASN A 170 9.81 22.50 52.51
CA ASN A 170 10.76 21.75 53.34
C ASN A 170 10.42 20.28 53.53
N ALA A 171 10.69 19.51 52.48
CA ALA A 171 10.45 18.08 52.48
C ALA A 171 11.79 17.37 52.52
N HIS A 172 12.56 17.70 53.54
CA HIS A 172 13.88 17.12 53.79
C HIS A 172 13.94 15.61 53.66
N TRP A 173 12.76 14.98 53.73
CA TRP A 173 12.68 13.54 53.87
C TRP A 173 12.71 12.83 52.50
N CYS A 174 12.25 13.54 51.48
CA CYS A 174 12.11 13.05 50.12
C CYS A 174 13.33 13.28 49.23
N ARG A 175 13.90 12.22 48.66
CA ARG A 175 15.03 12.38 47.75
C ARG A 175 14.57 12.69 46.31
N THR A 176 15.52 12.91 45.39
CA THR A 176 15.21 13.11 43.96
C THR A 176 16.22 12.43 43.04
N VAL A 177 15.72 11.85 41.95
CA VAL A 177 16.59 11.41 40.87
C VAL A 177 15.97 11.91 39.59
N GLY A 178 16.79 12.48 38.71
CA GLY A 178 16.30 12.98 37.45
C GLY A 178 16.30 11.86 36.45
N ILE A 179 15.32 11.85 35.55
CA ILE A 179 15.21 10.73 34.63
C ILE A 179 14.86 11.10 33.20
N GLY A 180 15.27 10.23 32.28
CA GLY A 180 14.85 10.32 30.91
C GLY A 180 15.79 11.09 30.02
N GLY A 181 16.39 10.37 29.08
CA GLY A 181 17.19 10.99 28.05
C GLY A 181 18.64 11.04 28.45
N LEU A 182 18.92 10.74 29.71
CA LEU A 182 20.26 10.96 30.26
C LEU A 182 21.28 10.04 29.61
N HIS A 183 22.38 10.62 29.15
CA HIS A 183 23.47 9.91 28.50
C HIS A 183 24.77 10.63 28.87
N PRO A 184 25.91 10.22 28.31
CA PRO A 184 27.13 10.97 28.64
C PRO A 184 27.08 12.42 28.17
N ASP A 185 26.48 12.65 27.01
CA ASP A 185 26.51 13.98 26.39
C ASP A 185 25.72 15.04 27.16
N ASN A 186 25.19 14.66 28.32
CA ASN A 186 24.40 15.61 29.10
C ASN A 186 24.33 15.30 30.60
N ILE A 187 25.00 14.24 31.05
CA ILE A 187 24.94 13.88 32.46
C ILE A 187 25.65 14.97 33.26
N GLU A 188 26.84 15.34 32.79
CA GLU A 188 27.58 16.46 33.34
C GLU A 188 26.71 17.70 33.41
N ARG A 189 26.30 18.20 32.25
CA ARG A 189 25.40 19.33 32.24
C ARG A 189 24.21 19.16 33.20
N VAL A 190 23.64 17.96 33.27
CA VAL A 190 22.45 17.78 34.09
C VAL A 190 22.73 17.89 35.57
N LEU A 191 23.73 17.14 36.04
CA LEU A 191 24.12 17.17 37.45
C LEU A 191 24.41 18.60 37.87
N TYR A 192 25.15 19.28 36.98
CA TYR A 192 25.70 20.62 37.15
C TYR A 192 24.67 21.72 37.41
N GLN A 193 23.59 21.78 36.63
CA GLN A 193 22.62 22.85 36.83
C GLN A 193 21.41 22.44 37.64
N CYS A 194 21.16 21.15 37.76
CA CYS A 194 19.93 20.70 38.41
C CYS A 194 20.02 20.86 39.91
N VAL A 195 20.18 22.11 40.37
CA VAL A 195 20.38 22.40 41.78
C VAL A 195 19.34 23.42 42.23
N SER A 196 19.08 23.45 43.52
CA SER A 196 18.04 24.30 44.06
C SER A 196 18.36 25.75 43.74
N SER A 197 17.42 26.66 44.01
CA SER A 197 17.70 28.08 43.86
C SER A 197 18.65 28.54 44.96
N ASN A 198 18.27 28.28 46.21
CA ASN A 198 19.16 28.53 47.34
C ASN A 198 20.43 27.69 47.28
N GLY A 199 20.39 26.60 46.54
CA GLY A 199 21.59 25.82 46.32
C GLY A 199 21.89 24.86 47.44
N LYS A 200 20.94 24.69 48.36
CA LYS A 200 21.09 23.71 49.44
C LYS A 200 20.97 22.25 48.95
N ARG A 201 19.97 21.95 48.13
CA ARG A 201 19.68 20.60 47.64
C ARG A 201 19.86 20.43 46.14
N SER A 202 20.37 19.29 45.71
CA SER A 202 20.30 18.92 44.29
C SER A 202 19.87 17.45 44.02
N LEU A 203 20.40 16.85 42.94
CA LEU A 203 19.96 15.52 42.50
C LEU A 203 20.71 14.42 43.22
N ASP A 204 19.95 13.53 43.85
CA ASP A 204 20.53 12.42 44.57
C ASP A 204 21.07 11.36 43.61
N GLY A 205 20.59 11.38 42.37
CA GLY A 205 21.11 10.44 41.39
C GLY A 205 20.64 10.58 39.96
N ILE A 206 21.48 10.13 39.04
CA ILE A 206 21.06 9.98 37.67
C ILE A 206 20.42 8.62 37.52
N CYS A 207 19.39 8.54 36.70
CA CYS A 207 18.73 7.28 36.44
C CYS A 207 18.66 7.03 34.94
N VAL A 208 19.21 5.91 34.48
CA VAL A 208 19.21 5.62 33.05
C VAL A 208 18.51 4.30 32.76
N VAL A 209 18.03 4.16 31.53
CA VAL A 209 17.50 2.90 31.04
C VAL A 209 18.26 2.47 29.81
N SER A 210 18.12 3.22 28.72
CA SER A 210 18.63 2.79 27.43
C SER A 210 20.16 2.82 27.31
N ASP A 211 20.84 3.48 28.22
CA ASP A 211 22.30 3.60 28.09
C ASP A 211 23.02 2.31 28.52
N ILE A 212 22.44 1.66 29.52
CA ILE A 212 22.97 0.41 30.02
C ILE A 212 22.26 -0.75 29.35
N ILE A 213 20.95 -0.86 29.57
CA ILE A 213 20.18 -1.99 29.09
C ILE A 213 20.47 -2.31 27.62
N ALA A 214 20.25 -1.33 26.74
CA ALA A 214 20.39 -1.56 25.30
C ALA A 214 21.82 -1.38 24.79
N SER A 215 22.80 -1.60 25.67
CA SER A 215 24.21 -1.39 25.32
C SER A 215 24.93 -2.68 24.87
N LEU A 216 25.89 -2.50 23.97
CA LEU A 216 26.64 -3.61 23.39
C LEU A 216 27.71 -4.06 24.37
N ASP A 217 27.96 -3.22 25.37
CA ASP A 217 28.94 -3.47 26.41
C ASP A 217 28.50 -2.84 27.73
N ALA A 218 27.74 -3.57 28.54
CA ALA A 218 27.24 -3.03 29.81
C ALA A 218 28.38 -2.60 30.74
N ALA A 219 29.33 -3.50 30.95
CA ALA A 219 30.50 -3.16 31.76
C ALA A 219 30.96 -1.75 31.44
N LYS A 220 31.34 -1.53 30.19
CA LYS A 220 31.92 -0.26 29.74
C LYS A 220 30.97 0.93 29.88
N SER A 221 29.80 0.85 29.26
CA SER A 221 28.85 1.95 29.34
C SER A 221 28.69 2.41 30.79
N THR A 222 28.72 1.46 31.72
CA THR A 222 28.50 1.78 33.13
C THR A 222 29.68 2.49 33.77
N LYS A 223 30.88 1.95 33.57
CA LYS A 223 32.09 2.58 34.09
C LYS A 223 32.08 4.09 33.76
N ILE A 224 31.79 4.41 32.50
CA ILE A 224 31.75 5.80 32.05
C ILE A 224 30.82 6.63 32.93
N LEU A 225 29.53 6.34 32.86
CA LEU A 225 28.51 6.92 33.74
C LEU A 225 29.00 7.05 35.17
N ARG A 226 29.62 6.01 35.71
CA ARG A 226 30.10 6.05 37.08
C ARG A 226 31.06 7.20 37.20
N GLY A 227 32.15 7.16 36.43
CA GLY A 227 33.12 8.25 36.38
C GLY A 227 32.54 9.66 36.39
N LEU A 228 31.59 9.91 35.51
CA LEU A 228 30.98 11.22 35.44
C LEU A 228 30.25 11.55 36.73
N ILE A 229 29.56 10.57 37.30
CA ILE A 229 28.65 10.84 38.41
C ILE A 229 29.37 11.24 39.69
N ASP A 230 30.55 10.70 39.93
CA ASP A 230 31.22 10.98 41.19
C ASP A 230 32.49 11.86 41.03
N LYS A 231 32.67 12.38 39.82
CA LYS A 231 33.58 13.48 39.58
C LYS A 231 32.89 14.70 40.17
N THR A 232 33.54 15.86 40.19
CA THR A 232 32.95 17.06 40.78
C THR A 232 33.02 18.33 39.89
N ASP A 233 33.89 18.29 38.87
CA ASP A 233 34.17 19.48 38.06
C ASP A 233 33.74 19.35 36.59
N TYR A 234 32.77 20.16 36.18
CA TYR A 234 32.40 20.31 34.77
C TYR A 234 33.15 21.49 34.17
N LYS A 235 34.24 21.21 33.46
CA LYS A 235 34.92 22.29 32.79
C LYS A 235 34.39 22.38 31.37
N PHE A 236 33.26 23.07 31.23
CA PHE A 236 32.49 23.09 29.97
C PHE A 236 33.09 24.02 28.93
N VAL A 237 34.20 24.63 29.30
CA VAL A 237 34.87 25.58 28.41
C VAL A 237 36.33 25.69 28.82
N ASN A 238 37.19 25.74 27.81
CA ASN A 238 38.62 25.85 28.03
C ASN A 238 39.07 27.28 28.41
N ILE A 239 38.51 27.81 29.49
CA ILE A 239 38.95 29.08 30.10
C ILE A 239 38.90 28.92 31.62
N GLY A 240 39.54 29.81 32.37
CA GLY A 240 39.40 29.79 33.81
C GLY A 240 37.98 30.11 34.22
N LEU A 241 37.50 29.53 35.33
CA LEU A 241 36.22 29.92 35.94
C LEU A 241 36.29 30.16 37.46
N SER A 242 36.69 31.37 37.90
CA SER A 242 36.93 31.59 39.33
C SER A 242 36.30 32.85 39.94
N SER A 246 36.32 40.07 42.80
CA SER A 246 37.29 41.15 43.03
C SER A 246 37.61 41.96 41.74
N LEU A 247 37.02 43.15 41.63
CA LEU A 247 37.10 44.02 40.42
C LEU A 247 38.21 43.81 39.35
N THR A 248 37.84 43.99 38.09
CA THR A 248 38.73 43.66 36.98
C THR A 248 39.66 44.81 36.75
N THR A 249 40.96 44.57 36.83
CA THR A 249 41.91 45.66 36.76
C THR A 249 42.21 46.09 35.34
N THR A 250 42.77 47.29 35.21
CA THR A 250 43.18 47.85 33.92
C THR A 250 44.21 46.98 33.20
N ASP A 251 45.19 46.49 33.94
CA ASP A 251 46.21 45.66 33.33
C ASP A 251 45.67 44.27 33.03
N GLU A 252 44.47 43.96 33.54
CA GLU A 252 43.78 42.70 33.22
C GLU A 252 42.99 42.80 31.90
N ILE A 253 42.14 43.83 31.80
CA ILE A 253 41.48 44.21 30.55
C ILE A 253 42.50 44.31 29.42
N GLN A 254 43.65 44.92 29.72
CA GLN A 254 44.76 45.03 28.80
C GLN A 254 45.11 43.70 28.10
N SER A 255 45.45 42.68 28.89
CA SER A 255 45.89 41.40 28.36
C SER A 255 44.75 40.62 27.69
N ILE A 256 43.52 40.90 28.10
CA ILE A 256 42.36 40.32 27.46
C ILE A 256 42.34 40.78 26.00
N ILE A 257 42.43 42.10 25.79
CA ILE A 257 42.48 42.68 24.44
C ILE A 257 43.72 42.23 23.67
N SER A 258 44.85 42.15 24.35
CA SER A 258 46.09 41.66 23.74
C SER A 258 45.81 40.30 23.15
N ASN A 259 45.19 39.45 23.97
CA ASN A 259 44.98 38.05 23.64
C ASN A 259 44.03 37.89 22.47
N THR A 260 42.89 38.57 22.55
CA THR A 260 41.96 38.58 21.42
C THR A 260 42.65 39.02 20.11
N LEU A 261 43.36 40.15 20.14
CA LEU A 261 44.02 40.71 18.95
C LEU A 261 45.08 39.80 18.35
N LYS A 262 45.82 39.14 19.23
CA LYS A 262 46.91 38.22 18.85
C LYS A 262 46.41 36.86 18.36
N ALA A 263 45.15 36.53 18.66
CA ALA A 263 44.60 35.20 18.41
C ALA A 263 43.79 35.09 17.11
N ARG A 264 43.09 36.17 16.77
CA ARG A 264 42.17 36.14 15.63
C ARG A 264 41.05 35.11 15.86
N PRO A 265 40.29 35.26 16.96
CA PRO A 265 39.13 34.39 17.22
C PRO A 265 38.20 34.35 16.02
N LEU A 266 37.80 33.14 15.62
CA LEU A 266 36.79 32.95 14.59
C LEU A 266 35.43 32.93 15.30
N VAL A 267 34.60 33.93 15.04
CA VAL A 267 33.31 34.08 15.73
C VAL A 267 32.11 33.74 14.85
N GLN A 268 31.64 32.49 14.95
CA GLN A 268 30.48 32.03 14.22
C GLN A 268 29.24 32.79 14.67
N HIS A 269 28.64 33.51 13.72
CA HIS A 269 27.42 34.25 13.98
C HIS A 269 26.20 33.52 13.46
N ILE A 270 25.36 33.08 14.37
CA ILE A 270 24.04 32.60 14.01
C ILE A 270 23.05 33.62 14.52
N THR A 271 22.81 34.64 13.71
CA THR A 271 21.90 35.70 14.10
C THR A 271 21.00 36.05 12.92
N ASN A 272 20.08 36.99 13.15
CA ASN A 272 19.19 37.48 12.11
C ASN A 272 19.97 38.20 11.03
N LYS A 273 19.26 38.90 10.16
CA LYS A 273 19.92 39.59 9.07
C LYS A 273 20.40 41.00 9.48
N VAL A 274 19.74 41.61 10.46
CA VAL A 274 19.97 43.01 10.86
C VAL A 274 21.06 43.22 11.91
N HIS A 275 21.34 42.13 12.62
CA HIS A 275 22.48 42.07 13.51
C HIS A 275 23.66 41.59 12.69
N GLN A 276 23.36 41.09 11.50
CA GLN A 276 24.37 40.42 10.71
C GLN A 276 25.39 41.40 10.19
N ASN A 277 25.05 42.13 9.14
CA ASN A 277 26.04 43.01 8.55
C ASN A 277 26.71 43.85 9.62
N PHE A 278 25.93 44.31 10.60
CA PHE A 278 26.48 45.12 11.69
C PHE A 278 27.40 44.35 12.64
N GLY A 279 27.01 43.13 13.02
CA GLY A 279 27.76 42.32 13.96
C GLY A 279 29.10 41.92 13.38
N ALA A 280 29.14 41.71 12.08
CA ALA A 280 30.36 41.23 11.46
C ALA A 280 31.38 42.34 11.44
N ASN A 281 30.92 43.58 11.37
CA ASN A 281 31.86 44.70 11.46
C ASN A 281 32.47 44.89 12.87
N VAL A 282 31.63 44.83 13.92
CA VAL A 282 32.12 44.85 15.29
C VAL A 282 33.23 43.81 15.46
N THR A 283 33.05 42.68 14.80
CA THR A 283 34.03 41.60 14.90
C THR A 283 35.32 41.94 14.13
N LEU A 284 35.19 42.31 12.86
CA LEU A 284 36.37 42.72 12.09
C LEU A 284 37.18 43.79 12.84
N ALA A 285 36.46 44.75 13.42
CA ALA A 285 37.08 45.85 14.15
C ALA A 285 37.92 45.31 15.30
N LEU A 286 37.47 44.24 15.92
CA LEU A 286 38.19 43.70 17.06
C LEU A 286 39.33 42.74 16.66
N GLY A 287 39.74 42.77 15.40
CA GLY A 287 40.77 41.86 14.91
C GLY A 287 40.35 40.40 14.69
N SER A 288 39.06 40.10 14.85
CA SER A 288 38.56 38.72 14.71
C SER A 288 37.77 38.54 13.42
N SER A 289 37.77 37.30 12.88
CA SER A 289 36.96 36.96 11.69
C SER A 289 35.52 36.57 12.04
N PRO A 290 34.52 37.17 11.34
CA PRO A 290 33.18 36.61 11.47
C PRO A 290 32.85 35.57 10.38
N ILE A 291 32.21 34.46 10.76
CA ILE A 291 31.63 33.53 9.79
C ILE A 291 30.14 33.44 10.08
N MET A 292 29.31 33.63 9.06
CA MET A 292 27.86 33.69 9.27
C MET A 292 27.13 32.42 8.81
N SER A 293 27.83 31.28 8.84
CA SER A 293 27.33 29.96 8.41
C SER A 293 26.16 29.35 9.26
N GLU A 294 25.07 29.02 8.58
CA GLU A 294 23.97 28.28 9.20
C GLU A 294 23.84 26.90 8.54
N ILE A 295 24.96 26.40 8.03
CA ILE A 295 25.04 25.07 7.43
C ILE A 295 25.34 24.02 8.51
N GLN A 296 24.58 22.93 8.51
CA GLN A 296 24.65 21.94 9.59
C GLN A 296 25.86 21.00 9.50
N SER A 297 26.25 20.65 8.27
CA SER A 297 27.40 19.77 8.05
C SER A 297 28.73 20.48 8.27
N GLU A 298 28.67 21.79 8.41
CA GLU A 298 29.87 22.63 8.50
C GLU A 298 30.18 22.99 9.94
N VAL A 299 29.15 22.91 10.78
CA VAL A 299 29.24 23.29 12.18
C VAL A 299 30.39 22.62 12.95
N ASN A 300 30.73 21.38 12.59
CA ASN A 300 31.76 20.66 13.34
C ASN A 300 33.19 21.13 13.06
N ASP A 301 33.48 21.51 11.81
CA ASP A 301 34.83 21.89 11.41
C ASP A 301 35.14 23.32 11.81
N LEU A 302 34.12 24.16 11.84
CA LEU A 302 34.28 25.55 12.25
C LEU A 302 34.79 25.56 13.67
N ALA A 303 34.09 24.85 14.55
CA ALA A 303 34.46 24.77 15.96
C ALA A 303 35.78 24.02 16.19
N ALA A 304 36.27 23.35 15.16
CA ALA A 304 37.58 22.71 15.24
C ALA A 304 38.66 23.78 15.30
N ILE A 305 38.70 24.62 14.27
CA ILE A 305 39.63 25.76 14.20
C ILE A 305 39.94 26.40 15.57
N PRO A 306 41.21 26.73 15.78
CA PRO A 306 41.70 27.28 17.05
C PRO A 306 40.92 28.52 17.51
N HIS A 307 40.83 28.71 18.82
CA HIS A 307 40.10 29.83 19.43
C HIS A 307 38.74 30.20 18.77
N ALA A 308 37.98 29.21 18.28
CA ALA A 308 36.67 29.47 17.66
C ALA A 308 35.59 29.82 18.68
N THR A 309 34.50 30.42 18.24
CA THR A 309 33.47 30.91 19.17
C THR A 309 32.06 31.01 18.56
N LEU A 310 31.04 30.77 19.36
CA LEU A 310 29.69 30.79 18.82
C LEU A 310 28.77 31.84 19.45
N LEU A 311 28.21 32.71 18.62
CA LEU A 311 27.20 33.65 19.08
C LEU A 311 25.81 33.19 18.61
N LEU A 312 24.87 33.13 19.54
CA LEU A 312 23.51 32.66 19.23
C LEU A 312 22.48 33.77 19.28
N ASN A 313 21.58 33.78 18.32
CA ASN A 313 20.55 34.78 18.30
C ASN A 313 19.20 34.21 17.91
N THR A 314 18.51 33.63 18.89
CA THR A 314 17.12 33.24 18.75
C THR A 314 16.37 34.01 17.66
N GLY A 315 15.80 33.27 16.71
CA GLY A 315 15.19 33.90 15.55
C GLY A 315 16.25 34.20 14.50
N SER A 316 16.56 33.22 13.68
CA SER A 316 17.50 33.42 12.58
C SER A 316 17.23 32.40 11.49
N VAL A 317 15.98 31.97 11.42
CA VAL A 317 15.47 31.09 10.35
C VAL A 317 16.17 29.72 10.25
N ALA A 318 17.30 29.57 10.92
CA ALA A 318 18.01 28.28 10.98
C ALA A 318 17.22 27.26 11.79
N PRO A 319 16.88 26.12 11.17
CA PRO A 319 16.04 25.09 11.80
C PRO A 319 16.53 24.72 13.21
N PRO A 320 15.60 24.57 14.17
CA PRO A 320 15.97 24.06 15.49
C PRO A 320 17.00 22.92 15.48
N GLU A 321 16.84 21.91 14.61
CA GLU A 321 17.81 20.82 14.49
C GLU A 321 19.21 21.33 14.16
N MET A 322 19.30 22.47 13.47
CA MET A 322 20.58 23.11 13.19
C MET A 322 21.23 23.56 14.50
N LEU A 323 20.53 24.40 15.26
CA LEU A 323 21.07 24.94 16.50
C LEU A 323 21.49 23.86 17.50
N LYS A 324 20.62 22.86 17.75
CA LYS A 324 21.03 21.72 18.58
C LYS A 324 22.36 21.20 18.04
N ALA A 325 22.46 21.02 16.72
CA ALA A 325 23.68 20.51 16.10
C ALA A 325 24.90 21.37 16.36
N ALA A 326 24.70 22.68 16.42
CA ALA A 326 25.82 23.61 16.53
C ALA A 326 26.26 23.74 17.97
N ILE A 327 25.32 24.05 18.84
CA ILE A 327 25.60 24.06 20.27
C ILE A 327 26.36 22.80 20.71
N ARG A 328 25.80 21.62 20.49
CA ARG A 328 26.48 20.40 20.87
C ARG A 328 27.89 20.35 20.27
N ALA A 329 28.05 20.91 19.07
CA ALA A 329 29.34 20.84 18.39
C ALA A 329 30.39 21.61 19.16
N TYR A 330 29.99 22.77 19.69
CA TYR A 330 30.90 23.68 20.42
C TYR A 330 31.17 23.25 21.84
N ASN A 331 30.17 22.69 22.52
CA ASN A 331 30.41 22.06 23.83
C ASN A 331 31.40 20.90 23.77
N ASP A 332 31.40 20.20 22.63
CA ASP A 332 32.23 19.01 22.45
C ASP A 332 33.71 19.37 22.31
N VAL A 333 34.00 20.61 21.96
CA VAL A 333 35.37 21.06 21.76
C VAL A 333 35.78 22.08 22.87
N LYS A 334 34.97 22.09 23.93
CA LYS A 334 35.12 22.99 25.09
C LYS A 334 35.29 24.45 24.70
N ARG A 335 34.55 24.88 23.69
CA ARG A 335 34.63 26.27 23.22
C ARG A 335 33.41 27.10 23.61
N PRO A 336 33.58 28.43 23.70
CA PRO A 336 32.57 29.29 24.34
C PRO A 336 31.34 29.64 23.50
N ILE A 337 30.18 29.69 24.16
CA ILE A 337 28.93 30.01 23.48
C ILE A 337 28.26 31.24 24.11
N VAL A 338 28.11 32.30 23.31
CA VAL A 338 27.37 33.47 23.75
C VAL A 338 25.94 33.40 23.22
N PHE A 339 24.97 33.58 24.10
CA PHE A 339 23.58 33.35 23.79
C PHE A 339 22.79 34.62 24.05
N ASP A 340 22.05 35.06 23.05
CA ASP A 340 21.31 36.32 23.12
C ASP A 340 19.83 36.11 22.73
N PRO A 341 18.98 35.89 23.73
CA PRO A 341 17.55 35.69 23.50
C PRO A 341 16.87 36.96 23.02
N VAL A 342 17.11 37.33 21.76
CA VAL A 342 16.51 38.52 21.17
C VAL A 342 15.08 38.23 20.70
N GLY A 343 14.19 38.00 21.66
CA GLY A 343 12.80 37.71 21.39
C GLY A 343 12.10 37.44 22.70
N TYR A 344 12.37 36.26 23.28
CA TYR A 344 11.92 35.93 24.62
C TYR A 344 10.39 35.92 24.74
N SER A 345 9.87 36.35 25.89
CA SER A 345 8.42 36.49 26.12
C SER A 345 7.73 37.57 25.25
N ALA A 346 8.34 37.89 24.11
CA ALA A 346 7.77 38.81 23.14
C ALA A 346 6.60 38.15 22.41
N THR A 347 6.69 36.83 22.27
CA THR A 347 5.71 36.04 21.54
C THR A 347 5.61 34.68 22.19
N GLU A 348 4.72 33.85 21.65
CA GLU A 348 4.55 32.48 22.10
C GLU A 348 5.62 31.60 21.48
N THR A 349 5.94 31.90 20.22
CA THR A 349 6.90 31.13 19.44
C THR A 349 8.34 31.35 19.91
N ARG A 350 8.61 32.51 20.49
CA ARG A 350 9.97 32.77 20.91
C ARG A 350 10.22 32.19 22.28
N LEU A 351 9.31 32.44 23.21
CA LEU A 351 9.44 31.79 24.49
C LEU A 351 9.78 30.31 24.25
N LEU A 352 8.85 29.56 23.65
CA LEU A 352 9.04 28.13 23.35
C LEU A 352 10.41 27.80 22.72
N LEU A 353 10.79 28.49 21.65
CA LEU A 353 12.01 28.16 20.94
C LEU A 353 13.26 28.43 21.75
N ASN A 354 13.15 29.36 22.71
CA ASN A 354 14.27 29.71 23.56
C ASN A 354 14.50 28.65 24.61
N ASN A 355 13.46 28.41 25.42
CA ASN A 355 13.54 27.39 26.44
C ASN A 355 14.06 26.08 25.85
N LEU A 356 13.68 25.78 24.62
CA LEU A 356 14.09 24.56 23.94
C LEU A 356 15.57 24.60 23.50
N LEU A 357 16.12 25.79 23.34
CA LEU A 357 17.55 25.93 23.05
C LEU A 357 18.36 25.77 24.33
N LEU A 358 17.93 26.44 25.38
CA LEU A 358 18.59 26.36 26.68
C LEU A 358 18.77 24.93 27.20
N THR A 359 18.03 23.98 26.63
CA THR A 359 18.19 22.60 27.05
C THR A 359 19.25 21.91 26.21
N PHE A 360 19.80 22.63 25.23
CA PHE A 360 20.63 22.01 24.21
C PHE A 360 22.11 21.88 24.57
N GLY A 361 22.53 22.63 25.57
CA GLY A 361 23.93 22.64 25.94
C GLY A 361 24.21 23.57 27.10
N GLN A 362 25.50 23.87 27.31
CA GLN A 362 25.93 24.74 28.41
C GLN A 362 26.55 25.97 27.83
N PHE A 363 25.94 27.12 28.11
CA PHE A 363 26.40 28.39 27.57
C PHE A 363 27.43 29.12 28.43
N SER A 364 28.56 29.48 27.82
CA SER A 364 29.56 30.34 28.48
C SER A 364 29.00 31.68 28.93
N CYS A 365 28.07 32.25 28.17
CA CYS A 365 27.52 33.55 28.51
C CYS A 365 26.17 33.87 27.86
N ILE A 366 25.27 34.50 28.63
CA ILE A 366 23.90 34.84 28.20
C ILE A 366 23.63 36.33 28.40
N LYS A 367 23.46 37.07 27.30
CA LYS A 367 23.27 38.53 27.37
C LYS A 367 21.85 38.93 26.97
N GLY A 368 21.22 39.76 27.80
CA GLY A 368 19.89 40.25 27.49
C GLY A 368 19.62 41.55 28.20
N ASN A 369 18.48 42.18 27.93
CA ASN A 369 18.17 43.44 28.57
C ASN A 369 16.97 43.38 29.50
N SER A 370 16.74 44.46 30.23
CA SER A 370 15.75 44.47 31.30
C SER A 370 14.60 43.49 31.12
N SER A 371 13.93 43.50 29.96
CA SER A 371 12.82 42.56 29.74
C SER A 371 13.31 41.10 29.58
N GLU A 372 14.20 40.88 28.63
CA GLU A 372 14.75 39.56 28.42
C GLU A 372 15.35 38.95 29.70
N ILE A 373 16.04 39.74 30.51
CA ILE A 373 16.61 39.18 31.74
C ILE A 373 15.56 39.02 32.82
N LEU A 374 14.67 39.99 32.94
CA LEU A 374 13.59 39.90 33.91
C LEU A 374 12.75 38.65 33.65
N GLY A 375 12.55 38.33 32.38
CA GLY A 375 11.75 37.19 32.00
C GLY A 375 12.44 35.85 32.15
N LEU A 376 13.71 35.78 31.74
CA LEU A 376 14.52 34.59 31.94
C LEU A 376 14.62 34.22 33.42
N ALA A 377 14.57 35.25 34.27
CA ALA A 377 14.65 35.07 35.72
C ALA A 377 13.34 34.52 36.30
N GLU A 378 12.35 34.32 35.44
CA GLU A 378 11.00 33.94 35.86
C GLU A 378 10.49 34.80 37.02
N LEU A 379 10.77 36.10 36.95
CA LEU A 379 10.39 37.06 38.00
C LEU A 379 9.20 37.90 37.59
N SER A 394 12.46 48.79 37.61
CA SER A 394 13.29 49.01 38.82
C SER A 394 14.81 49.01 38.55
N ASN A 395 15.64 48.86 39.59
CA ASN A 395 17.11 48.84 39.44
C ASN A 395 17.84 47.82 40.33
N GLU A 396 17.47 47.75 41.60
CA GLU A 396 18.00 46.72 42.50
C GLU A 396 17.35 45.40 42.14
N LEU A 397 16.31 45.49 41.32
CA LEU A 397 15.60 44.32 40.85
C LEU A 397 16.37 43.66 39.72
N LEU A 398 16.78 44.46 38.75
CA LEU A 398 17.62 43.97 37.68
C LEU A 398 18.80 43.21 38.25
N ILE A 399 19.40 43.73 39.31
CA ILE A 399 20.51 43.01 39.91
C ILE A 399 20.05 41.68 40.52
N GLN A 400 19.03 41.72 41.36
CA GLN A 400 18.46 40.49 41.93
C GLN A 400 18.28 39.45 40.82
N ALA A 401 17.97 39.95 39.63
CA ALA A 401 17.63 39.11 38.49
C ALA A 401 18.83 38.72 37.64
N THR A 402 19.74 39.64 37.37
CA THR A 402 20.90 39.30 36.57
C THR A 402 21.67 38.18 37.25
N LYS A 403 21.56 38.14 38.57
CA LYS A 403 22.14 37.07 39.38
C LYS A 403 21.39 35.73 39.17
N ILE A 404 20.07 35.77 39.37
CA ILE A 404 19.22 34.60 39.27
C ILE A 404 19.44 33.86 37.95
N VAL A 405 19.43 34.61 36.86
CA VAL A 405 19.72 34.03 35.55
C VAL A 405 21.12 33.44 35.50
N ALA A 406 22.10 34.16 36.05
CA ALA A 406 23.47 33.69 36.00
C ALA A 406 23.61 32.34 36.67
N PHE A 407 23.11 32.25 37.91
CA PHE A 407 23.15 31.00 38.68
C PHE A 407 22.38 29.90 37.98
N LYS A 408 21.10 30.18 37.70
CA LYS A 408 20.19 29.20 37.10
C LYS A 408 20.82 28.44 35.93
N TYR A 409 21.27 29.17 34.91
CA TYR A 409 21.85 28.55 33.71
C TYR A 409 23.36 28.31 33.78
N LYS A 410 23.88 28.29 35.02
CA LYS A 410 25.31 28.25 35.30
C LYS A 410 26.10 29.00 34.22
N THR A 411 26.04 30.33 34.26
CA THR A 411 26.59 31.17 33.20
C THR A 411 26.87 32.59 33.64
N VAL A 412 27.72 33.27 32.88
CA VAL A 412 27.93 34.70 33.02
C VAL A 412 26.73 35.41 32.38
N ALA A 413 25.83 35.97 33.19
CA ALA A 413 24.68 36.69 32.66
C ALA A 413 24.85 38.21 32.62
N VAL A 414 24.91 38.77 31.41
CA VAL A 414 25.00 40.20 31.24
C VAL A 414 23.62 40.83 31.04
N CYS A 415 23.18 41.67 31.96
CA CYS A 415 21.96 42.44 31.72
C CYS A 415 22.31 43.87 31.32
N THR A 416 21.78 44.36 30.19
CA THR A 416 22.19 45.67 29.69
C THR A 416 21.17 46.80 29.89
N GLY A 417 21.65 48.04 29.78
CA GLY A 417 20.80 49.22 29.93
C GLY A 417 21.62 50.47 30.18
N GLU A 418 21.06 51.41 30.93
CA GLU A 418 21.82 52.56 31.43
C GLU A 418 23.03 52.00 32.18
N PHE A 419 22.73 51.16 33.16
CA PHE A 419 23.75 50.36 33.83
C PHE A 419 23.82 49.00 33.19
N ASP A 420 25.01 48.40 33.16
CA ASP A 420 25.17 47.02 32.71
C ASP A 420 25.66 46.14 33.84
N PHE A 421 24.78 45.29 34.34
CA PHE A 421 25.13 44.32 35.38
C PHE A 421 25.77 43.07 34.81
N ILE A 422 26.68 42.47 35.57
CA ILE A 422 27.31 41.24 35.12
C ILE A 422 27.54 40.28 36.27
N ALA A 423 26.73 39.23 36.36
CA ALA A 423 26.87 38.23 37.43
C ALA A 423 27.58 36.97 36.94
N ASP A 424 28.40 36.37 37.79
CA ASP A 424 29.02 35.06 37.48
C ASP A 424 28.43 33.94 38.33
N GLY A 425 27.62 33.10 37.70
CA GLY A 425 27.04 31.96 38.37
C GLY A 425 27.67 30.62 37.99
N THR A 426 28.81 30.63 37.31
CA THR A 426 29.41 29.38 36.88
C THR A 426 29.93 28.53 38.05
N ILE A 427 30.19 29.17 39.19
CA ILE A 427 30.74 28.48 40.37
C ILE A 427 31.80 27.43 40.07
N GLU A 428 32.94 27.86 39.53
CA GLU A 428 34.10 27.00 39.33
C GLU A 428 33.84 25.77 38.45
N GLY A 429 32.60 25.60 38.02
CA GLY A 429 32.19 24.39 37.33
C GLY A 429 32.05 23.20 38.26
N LYS A 430 31.39 23.41 39.40
CA LYS A 430 31.29 22.40 40.45
C LYS A 430 29.90 21.75 40.54
N TYR A 431 29.86 20.42 40.62
CA TYR A 431 28.61 19.72 40.88
C TYR A 431 28.73 18.62 41.91
N SER A 432 27.71 18.56 42.77
CA SER A 432 27.64 17.60 43.87
C SER A 432 26.29 16.88 43.80
N LEU A 433 26.09 15.86 44.63
CA LEU A 433 24.78 15.26 44.73
C LEU A 433 24.10 15.70 46.02
N SER A 434 24.16 17.03 46.26
CA SER A 434 23.37 17.82 47.23
C SER A 434 24.16 18.95 47.94
N THR A 437 29.67 21.85 48.56
CA THR A 437 29.81 23.26 48.18
C THR A 437 28.57 23.78 47.47
N ASN A 438 27.76 22.88 46.90
CA ASN A 438 26.54 23.27 46.18
C ASN A 438 25.87 24.47 46.87
N GLY A 439 26.08 24.58 48.18
CA GLY A 439 25.57 25.67 49.04
C GLY A 439 26.23 27.04 48.97
N THR A 440 25.98 27.72 47.85
CA THR A 440 26.46 29.07 47.58
C THR A 440 25.30 29.77 46.86
N SER A 441 24.26 30.12 47.60
CA SER A 441 22.98 30.54 47.01
C SER A 441 23.12 31.54 45.87
N VAL A 442 22.02 31.79 45.16
CA VAL A 442 22.02 32.81 44.13
C VAL A 442 22.67 34.08 44.66
N GLU A 443 22.18 34.56 45.80
CA GLU A 443 22.44 35.92 46.25
C GLU A 443 23.91 36.30 46.49
N ASP A 444 24.80 35.33 46.37
CA ASP A 444 26.19 35.52 46.82
C ASP A 444 27.23 35.51 45.71
N ILE A 445 26.85 35.08 44.51
CA ILE A 445 27.76 35.07 43.37
C ILE A 445 28.19 36.49 43.00
N PRO A 446 29.43 36.61 42.45
CA PRO A 446 29.95 37.92 42.05
C PRO A 446 29.07 38.61 41.03
N CYS A 447 28.60 39.81 41.35
CA CYS A 447 27.89 40.64 40.38
C CYS A 447 28.40 42.09 40.39
N VAL A 448 29.09 42.48 39.33
CA VAL A 448 29.62 43.84 39.19
C VAL A 448 28.59 44.78 38.58
N ALA A 449 29.06 45.93 38.10
CA ALA A 449 28.23 46.90 37.37
C ALA A 449 29.10 47.87 36.52
N VAL A 450 28.58 48.31 35.37
CA VAL A 450 29.28 49.26 34.51
C VAL A 450 28.40 50.48 34.21
N GLU A 451 28.88 51.67 34.57
CA GLU A 451 28.16 52.92 34.33
C GLU A 451 28.93 53.85 33.39
N ALA A 452 28.22 54.70 32.66
CA ALA A 452 28.89 55.74 31.88
C ALA A 452 28.13 57.08 31.84
N GLY A 453 26.89 57.05 32.33
CA GLY A 453 26.00 58.18 32.24
C GLY A 453 24.96 57.88 31.18
N PRO A 454 24.07 58.83 30.88
CA PRO A 454 23.07 58.64 29.80
C PRO A 454 23.68 58.79 28.39
N ILE A 455 23.84 57.69 27.65
CA ILE A 455 24.46 57.76 26.33
C ILE A 455 23.46 57.47 25.20
N GLY A 465 23.12 47.62 19.77
CA GLY A 465 23.01 46.85 21.00
C GLY A 465 23.58 45.45 20.89
N CYS A 466 23.02 44.62 19.99
CA CYS A 466 23.43 43.21 19.87
C CYS A 466 24.93 43.05 19.58
N SER A 467 25.51 44.13 19.05
CA SER A 467 26.92 44.21 18.77
C SER A 467 27.72 43.84 20.04
N LEU A 468 27.13 44.14 21.20
CA LEU A 468 27.73 43.81 22.48
C LEU A 468 28.00 42.31 22.58
N GLY A 469 27.02 41.51 22.15
CA GLY A 469 27.21 40.09 21.97
C GLY A 469 28.44 39.77 21.14
N SER A 470 28.65 40.50 20.05
CA SER A 470 29.81 40.26 19.18
C SER A 470 31.14 40.67 19.83
N THR A 471 31.11 41.75 20.62
CA THR A 471 32.28 42.16 21.40
C THR A 471 32.61 41.08 22.41
N ILE A 472 31.67 40.82 23.33
CA ILE A 472 31.82 39.75 24.31
C ILE A 472 32.35 38.43 23.73
N ALA A 473 31.79 38.02 22.59
CA ALA A 473 32.26 36.83 21.90
C ALA A 473 33.75 36.95 21.58
N CYS A 474 34.11 38.04 20.93
CA CYS A 474 35.50 38.30 20.57
C CYS A 474 36.45 38.23 21.76
N MET A 475 36.07 38.87 22.86
CA MET A 475 36.87 38.89 24.07
C MET A 475 37.11 37.49 24.66
N ILE A 476 36.02 36.88 25.12
CA ILE A 476 36.07 35.50 25.58
C ILE A 476 36.83 34.63 24.58
N GLY A 477 36.58 34.86 23.30
CA GLY A 477 37.17 34.05 22.24
C GLY A 477 38.67 33.86 22.35
N GLY A 478 39.38 34.98 22.52
CA GLY A 478 40.83 34.98 22.48
C GLY A 478 41.51 34.64 23.79
N GLN A 479 40.73 34.46 24.86
CA GLN A 479 41.27 34.00 26.13
C GLN A 479 42.00 32.66 26.00
N PRO A 480 43.22 32.56 26.55
CA PRO A 480 43.99 31.31 26.57
C PRO A 480 43.58 30.39 27.72
N SER A 481 43.92 29.11 27.55
CA SER A 481 43.70 28.05 28.54
C SER A 481 43.61 28.58 29.96
N GLU A 482 44.57 29.41 30.33
CA GLU A 482 44.66 29.95 31.67
C GLU A 482 44.27 31.42 31.69
N GLY A 483 43.02 31.71 31.34
CA GLY A 483 42.51 33.05 31.48
C GLY A 483 41.40 33.07 32.50
N ASN A 484 40.38 33.86 32.22
CA ASN A 484 39.19 33.90 33.06
C ASN A 484 37.96 34.45 32.35
N LEU A 485 36.96 33.57 32.19
CA LEU A 485 35.69 33.95 31.63
C LEU A 485 35.13 35.27 32.19
N PHE A 486 34.93 35.34 33.50
CA PHE A 486 34.31 36.52 34.09
C PHE A 486 34.95 37.84 33.69
N HIS A 487 36.27 37.86 33.59
CA HIS A 487 36.97 39.08 33.19
C HIS A 487 36.79 39.34 31.72
N ALA A 488 36.96 38.30 30.90
CA ALA A 488 36.77 38.43 29.47
C ALA A 488 35.45 39.14 29.17
N VAL A 489 34.36 38.65 29.73
CA VAL A 489 33.06 39.29 29.60
C VAL A 489 33.11 40.74 30.06
N VAL A 490 33.55 40.98 31.29
CA VAL A 490 33.64 42.36 31.79
C VAL A 490 34.54 43.30 30.94
N ALA A 491 35.67 42.81 30.44
CA ALA A 491 36.40 43.54 29.41
C ALA A 491 35.48 43.95 28.25
N GLY A 492 34.77 42.98 27.68
CA GLY A 492 33.82 43.28 26.61
C GLY A 492 32.75 44.32 26.94
N VAL A 493 32.07 44.16 28.06
CA VAL A 493 31.01 45.10 28.41
C VAL A 493 31.57 46.52 28.48
N MET A 494 32.75 46.68 29.05
CA MET A 494 33.37 48.00 29.17
C MET A 494 33.89 48.55 27.84
N LEU A 495 34.75 47.81 27.14
CA LEU A 495 35.16 48.15 25.78
C LEU A 495 33.98 48.66 24.94
N TYR A 496 32.84 47.97 25.00
CA TYR A 496 31.67 48.40 24.24
C TYR A 496 31.14 49.66 24.88
N LYS A 497 30.53 49.52 26.04
CA LYS A 497 29.99 50.67 26.77
C LYS A 497 30.92 51.87 26.74
N ALA A 498 32.22 51.61 26.63
CA ALA A 498 33.24 52.65 26.54
C ALA A 498 33.27 53.30 25.17
N ALA A 499 33.39 52.51 24.12
CA ALA A 499 33.33 53.02 22.75
C ALA A 499 32.01 53.73 22.45
N GLY A 500 31.03 53.54 23.32
CA GLY A 500 29.71 54.13 23.15
C GLY A 500 29.61 55.56 23.66
N LYS A 501 30.39 55.91 24.68
CA LYS A 501 30.52 57.32 25.06
C LYS A 501 31.19 58.04 23.88
N ILE A 502 32.41 57.61 23.54
CA ILE A 502 33.17 58.24 22.44
C ILE A 502 32.32 58.53 21.22
N ALA A 503 31.53 57.56 20.78
CA ALA A 503 30.69 57.82 19.62
C ALA A 503 29.47 58.70 19.97
N SER A 504 29.07 58.74 21.22
CA SER A 504 27.94 59.59 21.58
C SER A 504 28.33 61.05 21.43
N GLU A 505 29.64 61.28 21.28
CA GLU A 505 30.19 62.64 21.22
C GLU A 505 30.55 63.04 19.79
N LYS A 506 30.96 62.06 18.98
CA LYS A 506 31.35 62.32 17.60
C LYS A 506 30.23 62.02 16.59
N CYS A 507 28.98 62.13 17.04
CA CYS A 507 27.83 61.76 16.22
C CYS A 507 26.93 62.96 15.90
N ASN A 508 26.31 62.91 14.73
CA ASN A 508 25.27 63.88 14.40
C ASN A 508 23.93 63.20 14.26
N GLY A 509 23.78 62.05 14.90
CA GLY A 509 22.57 61.24 14.74
C GLY A 509 22.82 59.73 14.61
N SER A 510 21.75 58.99 14.35
CA SER A 510 21.79 57.53 14.40
C SER A 510 22.64 56.85 13.34
N GLY A 511 22.62 57.38 12.12
CA GLY A 511 23.39 56.81 11.04
C GLY A 511 24.89 56.87 11.30
N SER A 512 25.37 58.07 11.63
CA SER A 512 26.78 58.24 11.95
C SER A 512 27.11 57.62 13.32
N PHE A 513 26.17 57.69 14.28
CA PHE A 513 26.47 57.15 15.61
C PHE A 513 26.95 55.72 15.52
N GLN A 514 26.45 55.01 14.52
CA GLN A 514 26.76 53.61 14.38
C GLN A 514 28.12 53.43 13.72
N VAL A 515 28.35 54.13 12.62
CA VAL A 515 29.67 54.11 11.96
C VAL A 515 30.84 54.55 12.88
N GLU A 516 30.55 55.39 13.87
CA GLU A 516 31.57 55.79 14.86
C GLU A 516 31.80 54.73 15.94
N LEU A 517 30.76 54.01 16.32
CA LEU A 517 30.93 52.96 17.30
C LEU A 517 31.91 51.91 16.78
N ILE A 518 31.69 51.43 15.56
CA ILE A 518 32.66 50.48 15.00
C ILE A 518 34.05 51.11 14.99
N ASP A 519 34.12 52.42 14.80
CA ASP A 519 35.41 53.10 14.75
C ASP A 519 36.08 53.21 16.13
N ALA A 520 35.30 53.63 17.13
CA ALA A 520 35.80 53.76 18.49
C ALA A 520 36.37 52.42 18.97
N LEU A 521 35.66 51.32 18.69
CA LEU A 521 36.14 49.98 19.05
C LEU A 521 37.45 49.60 18.34
N TYR A 522 37.65 50.07 17.11
CA TYR A 522 38.92 49.87 16.41
C TYR A 522 40.03 50.56 17.18
N ARG A 523 39.91 51.88 17.28
CA ARG A 523 40.92 52.71 17.94
C ARG A 523 41.17 52.25 19.38
N LEU A 524 40.10 52.13 20.17
CA LEU A 524 40.24 51.74 21.58
C LEU A 524 41.16 50.56 21.81
N THR A 525 41.11 49.57 20.92
CA THR A 525 41.85 48.32 21.10
C THR A 525 43.22 48.37 20.44
N ARG A 526 43.39 49.24 19.45
CA ARG A 526 44.69 49.43 18.83
C ARG A 526 45.64 50.22 19.75
N GLU A 527 45.13 51.29 20.37
CA GLU A 527 45.82 51.89 21.52
C GLU A 527 45.34 51.19 22.80
N ASN A 528 45.75 49.95 22.96
CA ASN A 528 45.33 49.09 24.06
C ASN A 528 45.69 49.73 25.40
N THR A 529 44.94 50.74 25.83
CA THR A 529 45.33 51.52 27.02
C THR A 529 44.15 51.98 27.89
N PRO A 530 43.53 51.02 28.58
CA PRO A 530 42.29 51.08 29.36
C PRO A 530 42.18 52.15 30.45
N VAL A 531 43.31 52.62 30.98
CA VAL A 531 43.31 53.65 32.04
C VAL A 531 42.63 54.98 31.61
N THR A 532 42.65 55.21 30.29
CA THR A 532 42.08 56.40 29.66
C THR A 532 40.55 56.34 29.48
N TRP A 533 40.00 55.12 29.43
CA TRP A 533 38.57 54.92 29.10
C TRP A 533 37.60 55.68 29.99
N ALA A 534 36.32 55.57 29.67
CA ALA A 534 35.34 56.47 30.29
C ALA A 534 34.47 55.86 31.38
N PRO A 535 34.24 54.53 31.33
CA PRO A 535 33.23 53.97 32.25
C PRO A 535 33.70 53.55 33.65
N LYS A 536 32.78 53.73 34.61
CA LYS A 536 32.98 53.39 36.02
C LYS A 536 32.53 51.95 36.36
N LEU A 537 33.50 51.07 36.61
CA LEU A 537 33.18 49.70 37.05
C LEU A 537 33.12 49.61 38.58
N THR A 538 32.12 48.90 39.12
CA THR A 538 31.90 48.88 40.57
C THR A 538 31.44 47.53 41.13
N HIS A 539 30.94 47.54 42.36
CA HIS A 539 30.32 46.34 42.93
C HIS A 539 28.81 46.56 43.04
N THR A 540 28.04 45.54 42.64
CA THR A 540 26.58 45.61 42.61
C THR A 540 25.97 45.40 43.99
N LYS B 2 40.47 -5.76 -40.51
CA LYS B 2 41.11 -5.43 -39.23
C LYS B 2 41.97 -4.17 -39.30
N PHE B 3 41.76 -3.27 -38.33
CA PHE B 3 42.48 -1.98 -38.29
C PHE B 3 43.79 -2.10 -37.54
N SER B 4 44.51 -0.98 -37.45
CA SER B 4 45.72 -0.92 -36.67
C SER B 4 45.49 -0.08 -35.41
N LYS B 5 46.40 -0.20 -34.44
CA LYS B 5 46.32 0.63 -33.25
C LYS B 5 46.29 2.13 -33.62
N GLU B 6 47.19 2.54 -34.52
CA GLU B 6 47.29 3.96 -34.92
C GLU B 6 46.21 4.43 -35.92
N GLN B 7 45.23 3.58 -36.22
CA GLN B 7 44.18 3.97 -37.16
C GLN B 7 42.83 4.22 -36.49
N PHE B 8 42.81 4.21 -35.16
CA PHE B 8 41.57 4.46 -34.41
C PHE B 8 41.26 5.96 -34.29
N ASP B 9 40.11 6.38 -34.83
CA ASP B 9 39.71 7.78 -34.73
C ASP B 9 38.79 7.98 -33.54
N TYR B 10 39.31 8.56 -32.48
CA TYR B 10 38.53 8.69 -31.26
C TYR B 10 37.56 9.86 -31.28
N SER B 11 37.83 10.85 -32.13
CA SER B 11 36.96 12.03 -32.26
C SER B 11 35.59 11.86 -31.60
N LEU B 12 34.71 11.10 -32.26
CA LEU B 12 33.34 10.92 -31.79
C LEU B 12 33.03 9.43 -31.59
N TYR B 13 33.12 8.99 -30.32
CA TYR B 13 33.07 7.57 -29.94
C TYR B 13 31.70 7.23 -29.37
N LEU B 14 30.89 6.55 -30.19
CA LEU B 14 29.52 6.15 -29.83
C LEU B 14 29.47 4.85 -29.05
N VAL B 15 28.83 4.86 -27.88
CA VAL B 15 28.61 3.64 -27.09
C VAL B 15 27.15 3.26 -27.22
N THR B 16 26.87 1.97 -27.16
CA THR B 16 25.55 1.45 -27.48
C THR B 16 24.65 1.38 -26.26
N ASP B 17 23.34 1.41 -26.49
CA ASP B 17 22.41 1.01 -25.42
C ASP B 17 21.05 0.60 -25.92
N SER B 18 20.76 -0.69 -25.83
CA SER B 18 19.54 -1.26 -26.42
C SER B 18 18.23 -0.82 -25.73
N GLY B 19 18.28 -0.63 -24.42
CA GLY B 19 17.09 -0.25 -23.69
C GLY B 19 17.11 1.22 -23.37
N MET B 20 16.52 2.03 -24.26
CA MET B 20 16.59 3.49 -24.21
C MET B 20 16.30 4.01 -25.60
N ILE B 21 16.06 3.08 -26.51
CA ILE B 21 15.76 3.43 -27.90
C ILE B 21 14.28 3.79 -28.07
N PRO B 22 14.00 4.90 -28.78
CA PRO B 22 12.65 5.41 -29.04
C PRO B 22 11.75 4.40 -29.75
N GLU B 23 10.52 4.23 -29.28
CA GLU B 23 9.56 3.34 -29.93
C GLU B 23 9.53 3.65 -31.43
N GLY B 24 9.79 2.64 -32.25
CA GLY B 24 9.78 2.82 -33.69
C GLY B 24 11.14 2.72 -34.36
N LYS B 25 12.20 3.13 -33.66
CA LYS B 25 13.56 3.07 -34.19
C LYS B 25 14.28 1.80 -33.72
N THR B 26 15.19 1.27 -34.54
CA THR B 26 16.03 0.13 -34.11
C THR B 26 17.45 0.58 -33.78
N LEU B 27 18.18 -0.26 -33.06
CA LEU B 27 19.58 0.01 -32.75
C LEU B 27 20.41 0.16 -34.01
N TYR B 28 20.13 -0.73 -34.97
CA TYR B 28 20.76 -0.63 -36.29
C TYR B 28 20.55 0.82 -36.79
N GLY B 29 19.30 1.28 -36.74
CA GLY B 29 18.92 2.59 -37.23
C GLY B 29 19.71 3.74 -36.65
N GLN B 30 19.70 3.85 -35.32
CA GLN B 30 20.50 4.87 -34.64
C GLN B 30 21.96 4.76 -35.08
N VAL B 31 22.60 3.63 -34.80
CA VAL B 31 24.02 3.53 -35.10
C VAL B 31 24.31 3.93 -36.56
N GLU B 32 23.53 3.39 -37.50
CA GLU B 32 23.71 3.75 -38.91
C GLU B 32 23.66 5.26 -39.07
N ALA B 33 22.49 5.84 -38.79
CA ALA B 33 22.31 7.29 -38.74
C ALA B 33 23.53 8.07 -38.20
N GLY B 34 24.06 7.64 -37.06
CA GLY B 34 25.20 8.31 -36.47
C GLY B 34 26.47 8.10 -37.27
N LEU B 35 26.52 6.99 -37.99
CA LEU B 35 27.71 6.67 -38.78
C LEU B 35 27.89 7.63 -39.94
N GLN B 36 26.80 7.84 -40.68
CA GLN B 36 26.78 8.74 -41.83
C GLN B 36 27.13 10.19 -41.44
N ASN B 37 26.79 10.58 -40.22
CA ASN B 37 26.80 11.99 -39.87
C ASN B 37 27.93 12.43 -38.96
N GLY B 38 28.78 11.50 -38.53
CA GLY B 38 29.96 11.88 -37.77
C GLY B 38 30.69 10.86 -36.90
N VAL B 39 30.06 9.73 -36.57
CA VAL B 39 30.66 8.77 -35.64
C VAL B 39 31.96 8.18 -36.18
N THR B 40 32.93 8.01 -35.29
CA THR B 40 34.24 7.54 -35.70
C THR B 40 34.70 6.32 -34.89
N LEU B 41 33.79 5.79 -34.06
CA LEU B 41 34.09 4.60 -33.27
C LEU B 41 32.82 4.10 -32.63
N VAL B 42 32.60 2.79 -32.66
CA VAL B 42 31.45 2.23 -31.97
C VAL B 42 31.92 1.23 -30.93
N GLN B 43 31.23 1.17 -29.80
CA GLN B 43 31.44 0.11 -28.83
C GLN B 43 30.07 -0.46 -28.50
N ILE B 44 29.94 -1.78 -28.55
CA ILE B 44 28.68 -2.44 -28.20
C ILE B 44 28.61 -2.60 -26.70
N ARG B 45 27.41 -2.46 -26.15
CA ARG B 45 27.22 -2.50 -24.71
C ARG B 45 25.95 -3.26 -24.35
N GLU B 46 26.10 -4.49 -23.88
CA GLU B 46 24.97 -5.33 -23.49
C GLU B 46 25.12 -5.95 -22.09
N LYS B 47 24.62 -5.23 -21.09
CA LYS B 47 24.85 -5.62 -19.71
C LYS B 47 23.75 -6.57 -19.31
N ASP B 48 22.88 -6.90 -20.27
CA ASP B 48 21.65 -7.62 -19.97
C ASP B 48 21.43 -8.87 -20.81
N ALA B 49 21.35 -8.69 -22.13
CA ALA B 49 20.95 -9.76 -23.04
C ALA B 49 21.86 -11.01 -23.03
N ASP B 50 21.22 -12.15 -23.27
CA ASP B 50 21.87 -13.44 -23.31
C ASP B 50 22.89 -13.51 -24.41
N THR B 51 24.02 -14.12 -24.08
CA THR B 51 25.17 -14.14 -24.96
C THR B 51 24.91 -14.61 -26.40
N LYS B 52 23.82 -15.34 -26.64
CA LYS B 52 23.50 -15.66 -28.03
C LYS B 52 23.05 -14.38 -28.72
N PHE B 53 22.09 -13.70 -28.11
CA PHE B 53 21.49 -12.50 -28.73
C PHE B 53 22.47 -11.32 -28.84
N PHE B 54 23.27 -11.15 -27.81
CA PHE B 54 24.43 -10.27 -27.88
C PHE B 54 25.14 -10.46 -29.21
N ILE B 55 25.56 -11.69 -29.45
CA ILE B 55 26.34 -12.06 -30.64
C ILE B 55 25.63 -11.83 -31.98
N GLU B 56 24.38 -12.23 -32.07
CA GLU B 56 23.60 -12.00 -33.28
C GLU B 56 23.71 -10.53 -33.68
N GLU B 57 23.93 -9.69 -32.68
CA GLU B 57 23.82 -8.24 -32.84
C GLU B 57 25.17 -7.60 -33.14
N ALA B 58 26.21 -8.12 -32.50
CA ALA B 58 27.57 -7.62 -32.71
C ALA B 58 28.02 -7.86 -34.14
N LEU B 59 27.54 -8.94 -34.75
CA LEU B 59 27.89 -9.25 -36.13
C LEU B 59 27.10 -8.31 -37.03
N GLN B 60 25.78 -8.44 -36.97
CA GLN B 60 24.93 -7.51 -37.67
C GLN B 60 25.55 -6.11 -37.62
N ILE B 61 26.04 -5.71 -36.44
CA ILE B 61 26.56 -4.35 -36.27
C ILE B 61 28.01 -4.15 -36.75
N LYS B 62 28.85 -5.16 -36.57
CA LYS B 62 30.24 -5.11 -37.05
C LYS B 62 30.27 -4.98 -38.57
N GLU B 63 29.22 -5.49 -39.22
CA GLU B 63 29.03 -5.32 -40.65
C GLU B 63 28.75 -3.86 -41.01
N LEU B 64 27.67 -3.32 -40.46
CA LEU B 64 27.30 -1.90 -40.62
C LEU B 64 28.47 -0.94 -40.31
N CYS B 65 29.33 -1.30 -39.36
CA CYS B 65 30.50 -0.50 -39.05
C CYS B 65 31.58 -0.60 -40.12
N HIS B 66 31.84 -1.80 -40.60
CA HIS B 66 32.93 -1.99 -41.55
C HIS B 66 32.61 -1.44 -42.93
N ALA B 67 31.31 -1.22 -43.18
CA ALA B 67 30.86 -0.58 -44.42
C ALA B 67 31.20 0.93 -44.45
N HIS B 68 31.32 1.55 -43.28
CA HIS B 68 31.71 2.96 -43.20
C HIS B 68 33.14 3.06 -42.70
N ASN B 69 33.86 1.96 -42.82
CA ASN B 69 35.26 1.90 -42.43
C ASN B 69 35.49 2.29 -40.97
N VAL B 70 34.57 1.88 -40.08
CA VAL B 70 34.74 2.16 -38.66
C VAL B 70 34.86 0.88 -37.81
N PRO B 71 35.80 0.90 -36.84
CA PRO B 71 36.06 -0.20 -35.92
C PRO B 71 34.91 -0.37 -34.95
N LEU B 72 34.91 -1.51 -34.26
CA LEU B 72 33.87 -1.86 -33.32
C LEU B 72 34.52 -2.49 -32.10
N ILE B 73 34.23 -1.95 -30.92
CA ILE B 73 34.72 -2.49 -29.67
C ILE B 73 33.59 -3.23 -28.94
N ILE B 74 33.93 -4.22 -28.12
CA ILE B 74 32.94 -4.88 -27.29
C ILE B 74 33.24 -4.65 -25.80
N ASN B 75 32.20 -4.42 -25.01
CA ASN B 75 32.40 -4.16 -23.59
C ASN B 75 32.64 -5.41 -22.79
N ASP B 76 33.79 -5.47 -22.12
CA ASP B 76 34.09 -6.42 -21.04
C ASP B 76 33.90 -7.93 -21.31
N ARG B 77 32.86 -8.31 -22.04
CA ARG B 77 32.77 -9.69 -22.50
C ARG B 77 33.70 -9.87 -23.69
N ILE B 78 34.94 -10.19 -23.33
CA ILE B 78 36.05 -10.34 -24.24
C ILE B 78 35.93 -11.59 -25.12
N ASP B 79 35.49 -12.70 -24.53
CA ASP B 79 35.24 -13.90 -25.31
C ASP B 79 34.33 -13.57 -26.50
N VAL B 80 33.30 -12.76 -26.28
CA VAL B 80 32.35 -12.36 -27.32
C VAL B 80 33.07 -11.56 -28.40
N ALA B 81 34.18 -10.91 -28.02
CA ALA B 81 35.01 -10.18 -28.97
C ALA B 81 35.86 -11.12 -29.80
N MET B 82 36.61 -12.00 -29.14
CA MET B 82 37.36 -13.06 -29.82
C MET B 82 36.39 -13.79 -30.74
N ALA B 83 35.23 -14.11 -30.20
CA ALA B 83 34.22 -14.88 -30.91
C ALA B 83 33.77 -14.25 -32.22
N ILE B 84 33.60 -12.94 -32.27
CA ILE B 84 33.05 -12.34 -33.49
C ILE B 84 34.07 -11.55 -34.28
N GLY B 85 35.33 -11.64 -33.88
CA GLY B 85 36.41 -11.00 -34.63
C GLY B 85 36.27 -9.49 -34.53
N ALA B 86 36.25 -8.99 -33.29
CA ALA B 86 36.10 -7.57 -33.01
C ALA B 86 37.45 -6.86 -32.96
N ASP B 87 37.40 -5.53 -33.04
CA ASP B 87 38.59 -4.71 -33.23
C ASP B 87 39.24 -4.26 -31.91
N GLY B 88 38.48 -4.35 -30.83
CA GLY B 88 39.04 -4.09 -29.52
C GLY B 88 38.01 -4.35 -28.46
N ILE B 89 38.45 -4.48 -27.21
CA ILE B 89 37.49 -4.58 -26.13
C ILE B 89 37.79 -3.56 -25.09
N HIS B 90 36.72 -2.95 -24.60
CA HIS B 90 36.80 -2.01 -23.49
C HIS B 90 36.33 -2.65 -22.18
N VAL B 91 37.25 -2.66 -21.22
CA VAL B 91 36.96 -3.21 -19.91
C VAL B 91 37.15 -2.13 -18.85
N GLY B 92 36.51 -2.36 -17.72
CA GLY B 92 36.60 -1.43 -16.61
C GLY B 92 37.54 -1.91 -15.53
N GLN B 93 37.31 -1.37 -14.34
CA GLN B 93 38.20 -1.52 -13.21
C GLN B 93 37.78 -2.76 -12.46
N ASP B 94 36.52 -3.12 -12.59
CA ASP B 94 36.00 -4.25 -11.86
C ASP B 94 35.97 -5.46 -12.76
N ASP B 95 36.50 -5.28 -13.97
CA ASP B 95 36.49 -6.35 -14.94
C ASP B 95 37.82 -7.13 -15.00
N MET B 96 37.96 -8.01 -15.99
CA MET B 96 39.11 -8.91 -16.05
C MET B 96 40.46 -8.22 -16.13
N PRO B 97 41.37 -8.50 -15.17
CA PRO B 97 42.69 -7.86 -15.22
C PRO B 97 43.20 -7.65 -16.63
N ILE B 98 43.92 -6.55 -16.82
CA ILE B 98 44.48 -6.21 -18.12
C ILE B 98 45.41 -7.32 -18.67
N PRO B 99 46.46 -7.72 -17.90
CA PRO B 99 47.35 -8.81 -18.31
C PRO B 99 46.61 -10.04 -18.85
N MET B 100 45.70 -10.61 -18.06
CA MET B 100 44.95 -11.78 -18.50
C MET B 100 44.28 -11.58 -19.85
N ILE B 101 43.78 -10.38 -20.12
CA ILE B 101 43.18 -10.12 -21.42
C ILE B 101 44.25 -10.19 -22.48
N ARG B 102 45.37 -9.51 -22.21
CA ARG B 102 46.45 -9.38 -23.18
C ARG B 102 47.08 -10.74 -23.53
N LYS B 103 47.08 -11.65 -22.56
CA LYS B 103 47.57 -13.00 -22.78
C LYS B 103 46.66 -13.82 -23.72
N LEU B 104 45.39 -13.41 -23.88
CA LEU B 104 44.51 -14.12 -24.80
C LEU B 104 44.27 -13.39 -26.13
N VAL B 105 44.97 -12.27 -26.36
CA VAL B 105 44.75 -11.52 -27.60
C VAL B 105 45.96 -10.81 -28.30
N GLY B 106 47.00 -10.40 -27.56
CA GLY B 106 48.23 -9.87 -28.15
C GLY B 106 48.31 -8.37 -28.42
N MET B 109 45.70 -6.46 -31.10
CA MET B 109 44.34 -5.96 -30.83
C MET B 109 44.34 -4.82 -29.78
N VAL B 110 43.21 -4.09 -29.71
CA VAL B 110 43.15 -2.88 -28.90
C VAL B 110 42.34 -3.06 -27.62
N ILE B 111 42.81 -2.39 -26.58
CA ILE B 111 42.29 -2.59 -25.25
C ILE B 111 42.02 -1.22 -24.60
N GLY B 112 40.78 -1.01 -24.16
CA GLY B 112 40.41 0.24 -23.51
C GLY B 112 40.12 0.03 -22.04
N TRP B 113 40.53 0.98 -21.21
CA TRP B 113 40.37 0.87 -19.76
C TRP B 113 39.62 2.08 -19.16
N SER B 114 38.61 1.83 -18.34
CA SER B 114 37.89 2.92 -17.69
C SER B 114 38.65 3.44 -16.47
N VAL B 115 39.27 4.60 -16.62
CA VAL B 115 40.02 5.20 -15.54
C VAL B 115 39.27 6.40 -15.00
N GLY B 116 39.50 6.72 -13.72
CA GLY B 116 38.87 7.86 -13.09
C GLY B 116 39.67 8.43 -11.95
N PHE B 117 40.89 7.93 -11.78
CA PHE B 117 41.83 8.43 -10.76
C PHE B 117 43.26 8.25 -11.28
N PRO B 118 44.19 9.10 -10.83
CA PRO B 118 45.61 9.02 -11.16
C PRO B 118 46.22 7.63 -10.86
N GLU B 119 45.88 7.07 -9.69
CA GLU B 119 46.36 5.76 -9.29
C GLU B 119 46.19 4.80 -10.43
N GLU B 120 45.00 4.79 -11.02
CA GLU B 120 44.74 3.90 -12.15
C GLU B 120 45.71 4.18 -13.29
N VAL B 121 46.14 5.43 -13.44
CA VAL B 121 47.10 5.77 -14.48
C VAL B 121 48.49 5.24 -14.11
N ASP B 122 48.93 5.51 -12.88
CA ASP B 122 50.18 4.96 -12.37
C ASP B 122 50.35 3.47 -12.69
N GLU B 123 49.25 2.73 -12.53
CA GLU B 123 49.19 1.29 -12.81
C GLU B 123 49.24 1.03 -14.31
N LEU B 124 48.40 1.75 -15.05
CA LEU B 124 48.38 1.68 -16.50
C LEU B 124 49.74 2.10 -17.09
N SER B 125 50.58 2.68 -16.23
CA SER B 125 51.93 3.12 -16.61
C SER B 125 53.00 2.04 -16.38
N LYS B 126 53.24 1.68 -15.11
CA LYS B 126 54.16 0.59 -14.76
C LYS B 126 53.74 -0.73 -15.41
N MET B 127 52.89 -0.66 -16.43
CA MET B 127 52.58 -1.81 -17.27
C MET B 127 53.18 -1.69 -18.67
N GLY B 128 53.24 -0.47 -19.23
CA GLY B 128 53.75 -0.26 -20.58
C GLY B 128 52.84 -0.75 -21.72
N PRO B 129 53.21 -0.45 -22.98
CA PRO B 129 52.41 -0.79 -24.18
C PRO B 129 52.08 -2.28 -24.32
N VAL B 132 47.59 -1.61 -22.50
CA VAL B 132 46.47 -0.65 -22.50
C VAL B 132 46.54 0.45 -23.54
N ASP B 133 45.62 0.48 -24.49
CA ASP B 133 45.74 1.44 -25.59
C ASP B 133 45.15 2.83 -25.33
N TYR B 134 43.93 2.86 -24.81
CA TYR B 134 43.25 4.13 -24.57
C TYR B 134 42.43 4.04 -23.30
N ILE B 135 42.24 5.16 -22.61
CA ILE B 135 41.40 5.15 -21.43
C ILE B 135 40.13 6.00 -21.61
N GLY B 136 39.03 5.54 -21.02
CA GLY B 136 37.79 6.31 -20.98
C GLY B 136 37.79 7.04 -19.65
N VAL B 137 37.73 8.38 -19.71
CA VAL B 137 38.05 9.21 -18.55
C VAL B 137 36.86 9.53 -17.62
N GLY B 138 36.95 8.93 -16.42
CA GLY B 138 36.03 9.07 -15.28
C GLY B 138 34.56 9.18 -15.59
N THR B 139 33.78 9.72 -14.65
CA THR B 139 32.45 10.19 -15.02
C THR B 139 32.45 11.69 -14.87
N LEU B 140 32.56 12.41 -15.98
CA LEU B 140 32.56 13.88 -15.97
C LEU B 140 31.31 14.52 -15.32
N PHE B 141 30.13 14.22 -15.86
CA PHE B 141 28.91 14.75 -15.28
C PHE B 141 27.91 13.65 -14.88
N PRO B 142 26.97 13.95 -13.95
CA PRO B 142 26.07 12.90 -13.47
C PRO B 142 25.26 12.32 -14.63
N THR B 143 24.99 11.02 -14.60
CA THR B 143 24.18 10.38 -15.65
C THR B 143 23.39 9.14 -15.18
N LEU B 144 22.14 9.02 -15.63
CA LEU B 144 21.31 7.86 -15.28
C LEU B 144 21.45 6.69 -16.27
N THR B 145 22.33 6.87 -17.26
CA THR B 145 22.62 5.85 -18.26
C THR B 145 23.57 4.79 -17.71
N LYS B 146 24.19 5.09 -16.56
CA LYS B 146 25.05 4.13 -15.88
C LYS B 146 24.31 3.59 -14.67
N LYS B 147 23.63 2.46 -14.85
CA LYS B 147 22.80 1.85 -13.81
C LYS B 147 23.68 1.30 -12.69
N ASN B 148 23.32 1.61 -11.44
CA ASN B 148 24.13 1.22 -10.29
C ASN B 148 25.61 1.61 -10.47
N PRO B 149 25.93 2.91 -10.31
CA PRO B 149 27.30 3.42 -10.49
C PRO B 149 28.15 3.33 -9.22
N LYS B 150 29.40 2.92 -9.40
CA LYS B 150 30.30 2.66 -8.29
C LYS B 150 31.35 3.76 -8.17
N LYS B 151 31.29 4.73 -9.08
CA LYS B 151 32.11 5.97 -9.02
C LYS B 151 31.34 7.17 -8.44
N ALA B 152 31.82 8.37 -8.78
CA ALA B 152 31.13 9.61 -8.40
C ALA B 152 31.54 10.64 -9.45
N PRO B 153 30.57 11.39 -10.01
CA PRO B 153 30.94 12.42 -10.99
C PRO B 153 32.09 13.33 -10.52
N MET B 154 32.95 13.66 -11.47
CA MET B 154 34.34 14.02 -11.19
C MET B 154 34.63 15.39 -11.75
N GLY B 155 33.93 15.71 -12.83
CA GLY B 155 34.07 17.00 -13.44
C GLY B 155 35.33 17.08 -14.26
N THR B 156 35.44 18.11 -15.08
CA THR B 156 36.63 18.28 -15.91
C THR B 156 37.85 18.43 -15.02
N ALA B 157 37.63 18.97 -13.82
CA ALA B 157 38.72 19.11 -12.86
C ALA B 157 39.40 17.76 -12.61
N GLY B 158 38.60 16.74 -12.29
CA GLY B 158 39.12 15.42 -12.00
C GLY B 158 39.77 14.83 -13.21
N ALA B 159 39.22 15.17 -14.38
CA ALA B 159 39.69 14.64 -15.64
C ALA B 159 41.10 15.13 -15.91
N ILE B 160 41.38 16.34 -15.47
CA ILE B 160 42.71 16.91 -15.68
C ILE B 160 43.71 16.17 -14.81
N ARG B 161 43.39 16.02 -13.53
CA ARG B 161 44.22 15.21 -12.64
C ARG B 161 44.78 13.96 -13.36
N VAL B 162 43.90 13.22 -14.02
CA VAL B 162 44.22 12.02 -14.78
C VAL B 162 45.12 12.26 -15.99
N LEU B 163 44.79 13.27 -16.79
CA LEU B 163 45.59 13.69 -17.93
C LEU B 163 47.00 14.09 -17.52
N ASP B 164 47.16 14.48 -16.26
CA ASP B 164 48.44 14.93 -15.73
C ASP B 164 49.33 13.80 -15.23
N ALA B 165 48.71 12.75 -14.71
CA ALA B 165 49.47 11.54 -14.37
C ALA B 165 49.96 10.88 -15.66
N LEU B 166 49.24 11.10 -16.77
CA LEU B 166 49.66 10.66 -18.08
C LEU B 166 50.93 11.36 -18.60
N GLU B 167 51.35 12.44 -17.93
CA GLU B 167 52.56 13.14 -18.33
C GLU B 167 53.65 12.88 -17.32
N ARG B 168 53.29 13.03 -16.06
CA ARG B 168 54.19 12.63 -15.01
C ARG B 168 54.69 11.21 -15.35
N ASN B 169 53.92 10.46 -16.13
CA ASN B 169 54.30 9.09 -16.47
C ASN B 169 54.78 8.88 -17.91
N ASN B 170 54.55 9.86 -18.76
CA ASN B 170 54.85 9.71 -20.19
C ASN B 170 54.27 8.41 -20.75
N ALA B 171 52.95 8.41 -20.89
CA ALA B 171 52.26 7.27 -21.43
C ALA B 171 51.85 7.59 -22.85
N HIS B 172 52.80 8.12 -23.61
CA HIS B 172 52.60 8.55 -25.01
C HIS B 172 51.83 7.54 -25.87
N TRP B 173 51.72 6.31 -25.37
CA TRP B 173 51.10 5.23 -26.13
C TRP B 173 49.60 5.13 -25.87
N CYS B 174 49.11 6.02 -25.01
CA CYS B 174 47.73 6.02 -24.50
C CYS B 174 46.86 7.17 -25.02
N ARG B 175 45.73 6.82 -25.62
CA ARG B 175 44.72 7.82 -26.00
C ARG B 175 43.70 8.03 -24.85
N THR B 176 42.93 9.11 -24.94
CA THR B 176 41.87 9.37 -23.97
C THR B 176 40.58 9.67 -24.69
N VAL B 177 39.47 9.35 -24.04
CA VAL B 177 38.17 9.88 -24.41
C VAL B 177 37.46 10.18 -23.09
N GLY B 178 36.74 11.29 -23.05
CA GLY B 178 35.95 11.61 -21.88
C GLY B 178 34.55 11.09 -22.08
N ILE B 179 33.97 10.61 -20.99
CA ILE B 179 32.66 10.02 -21.08
C ILE B 179 31.87 10.43 -19.84
N GLY B 180 30.53 10.40 -19.95
CA GLY B 180 29.67 10.58 -18.79
C GLY B 180 28.83 11.84 -18.78
N GLY B 181 27.69 11.78 -19.46
CA GLY B 181 26.73 12.87 -19.43
C GLY B 181 27.02 14.05 -20.34
N LEU B 182 27.89 13.87 -21.34
CA LEU B 182 28.17 14.95 -22.30
C LEU B 182 27.01 15.16 -23.26
N HIS B 183 26.58 16.41 -23.35
CA HIS B 183 25.54 16.80 -24.29
C HIS B 183 26.02 18.13 -24.87
N PRO B 184 25.32 18.68 -25.87
CA PRO B 184 25.76 19.94 -26.48
C PRO B 184 25.91 21.12 -25.52
N ASP B 185 25.23 21.06 -24.38
CA ASP B 185 25.35 22.12 -23.37
C ASP B 185 26.61 22.01 -22.49
N ASN B 186 27.55 21.16 -22.88
CA ASN B 186 28.78 20.94 -22.09
C ASN B 186 29.96 20.27 -22.81
N ILE B 187 29.79 19.97 -24.09
CA ILE B 187 30.88 19.39 -24.86
C ILE B 187 31.97 20.43 -25.04
N GLU B 188 31.57 21.62 -25.48
CA GLU B 188 32.52 22.69 -25.70
C GLU B 188 33.40 22.90 -24.47
N ARG B 189 32.76 23.18 -23.34
CA ARG B 189 33.46 23.42 -22.08
C ARG B 189 34.40 22.27 -21.70
N VAL B 190 33.93 21.04 -21.87
CA VAL B 190 34.73 19.86 -21.60
C VAL B 190 35.92 19.79 -22.54
N LEU B 191 35.68 19.97 -23.83
CA LEU B 191 36.76 19.97 -24.81
C LEU B 191 37.76 21.07 -24.46
N TYR B 192 37.25 22.22 -24.01
CA TYR B 192 38.05 23.42 -23.79
C TYR B 192 38.95 23.37 -22.55
N GLN B 193 38.44 22.91 -21.42
CA GLN B 193 39.26 22.91 -20.21
C GLN B 193 39.96 21.58 -19.89
N CYS B 194 39.55 20.52 -20.58
CA CYS B 194 40.16 19.21 -20.40
C CYS B 194 41.45 19.09 -21.19
N VAL B 195 42.53 19.63 -20.60
CA VAL B 195 43.86 19.56 -21.19
C VAL B 195 44.91 19.46 -20.12
N SER B 196 46.01 18.82 -20.48
CA SER B 196 47.15 18.61 -19.59
C SER B 196 47.63 19.93 -18.95
N SER B 197 48.16 19.84 -17.73
CA SER B 197 48.68 21.00 -17.01
C SER B 197 49.81 21.68 -17.77
N ASN B 198 50.60 20.90 -18.49
CA ASN B 198 51.65 21.47 -19.35
C ASN B 198 51.11 21.82 -20.76
N GLY B 199 49.85 21.50 -20.99
CA GLY B 199 49.20 21.87 -22.24
C GLY B 199 49.64 21.03 -23.41
N LYS B 200 50.63 20.15 -23.19
CA LYS B 200 51.10 19.23 -24.22
C LYS B 200 50.01 18.22 -24.67
N ARG B 201 49.15 17.79 -23.74
CA ARG B 201 48.11 16.80 -24.05
C ARG B 201 46.66 17.28 -23.81
N SER B 202 45.73 16.82 -24.66
CA SER B 202 44.29 17.08 -24.50
C SER B 202 43.46 15.80 -24.69
N LEU B 203 42.12 15.92 -24.78
CA LEU B 203 41.27 14.74 -25.00
C LEU B 203 41.28 14.32 -26.47
N ASP B 204 41.25 13.02 -26.73
CA ASP B 204 41.26 12.54 -28.13
C ASP B 204 39.88 12.30 -28.74
N GLY B 205 38.83 12.43 -27.95
CA GLY B 205 37.49 12.39 -28.47
C GLY B 205 36.46 12.45 -27.36
N ILE B 206 35.23 12.73 -27.75
CA ILE B 206 34.10 12.65 -26.83
C ILE B 206 33.26 11.38 -27.03
N CYS B 207 32.89 10.77 -25.92
CA CYS B 207 32.06 9.57 -25.93
C CYS B 207 30.63 9.84 -25.44
N VAL B 208 29.63 9.59 -26.29
CA VAL B 208 28.23 9.74 -25.89
C VAL B 208 27.44 8.47 -26.05
N VAL B 209 26.48 8.26 -25.15
CA VAL B 209 25.53 7.18 -25.30
C VAL B 209 24.15 7.75 -25.63
N SER B 210 23.50 8.30 -24.61
CA SER B 210 22.08 8.65 -24.69
C SER B 210 21.84 9.85 -25.58
N ASP B 211 22.90 10.51 -26.02
CA ASP B 211 22.64 11.66 -26.88
C ASP B 211 22.26 11.23 -28.29
N ILE B 212 22.95 10.23 -28.81
CA ILE B 212 22.60 9.72 -30.13
C ILE B 212 21.60 8.57 -30.04
N ILE B 213 21.91 7.60 -29.17
CA ILE B 213 21.11 6.39 -29.05
C ILE B 213 19.66 6.68 -28.65
N ALA B 214 19.47 7.74 -27.85
CA ALA B 214 18.15 8.05 -27.31
C ALA B 214 17.43 9.13 -28.11
N SER B 215 18.10 9.66 -29.14
CA SER B 215 17.59 10.80 -29.88
C SER B 215 16.41 10.41 -30.78
N LEU B 216 15.38 11.26 -30.81
CA LEU B 216 14.24 11.08 -31.72
C LEU B 216 14.64 11.41 -33.15
N ASP B 217 15.93 11.75 -33.31
CA ASP B 217 16.54 12.01 -34.61
C ASP B 217 18.04 11.84 -34.50
N ALA B 218 18.52 10.60 -34.61
CA ALA B 218 19.96 10.34 -34.51
C ALA B 218 20.75 11.13 -35.55
N ALA B 219 20.22 11.19 -36.76
CA ALA B 219 20.83 11.94 -37.84
C ALA B 219 21.23 13.34 -37.36
N LYS B 220 20.25 14.11 -36.90
CA LYS B 220 20.48 15.52 -36.51
C LYS B 220 21.38 15.67 -35.30
N SER B 221 21.12 14.89 -34.25
CA SER B 221 21.95 14.95 -33.05
C SER B 221 23.43 14.72 -33.37
N THR B 222 23.71 13.81 -34.31
CA THR B 222 25.07 13.44 -34.63
C THR B 222 25.81 14.53 -35.38
N LYS B 223 25.11 15.19 -36.30
CA LYS B 223 25.66 16.31 -37.04
C LYS B 223 26.08 17.46 -36.11
N ILE B 224 25.21 17.82 -35.16
CA ILE B 224 25.49 18.85 -34.17
C ILE B 224 26.78 18.51 -33.42
N LEU B 225 26.78 17.38 -32.72
CA LEU B 225 27.95 16.96 -31.95
C LEU B 225 29.24 16.99 -32.78
N ARG B 226 29.17 16.62 -34.04
CA ARG B 226 30.34 16.65 -34.89
C ARG B 226 30.78 18.08 -35.00
N GLY B 227 29.84 18.94 -35.41
CA GLY B 227 30.04 20.38 -35.52
C GLY B 227 30.85 21.01 -34.40
N LEU B 228 30.56 20.58 -33.17
CA LEU B 228 31.24 21.11 -31.98
C LEU B 228 32.63 20.52 -31.76
N ILE B 229 32.80 19.27 -32.17
CA ILE B 229 34.03 18.57 -31.84
C ILE B 229 35.23 19.05 -32.64
N ASP B 230 34.99 19.51 -33.86
CA ASP B 230 36.09 19.89 -34.75
C ASP B 230 36.10 21.38 -35.10
N LYS B 231 35.29 22.15 -34.37
CA LYS B 231 35.40 23.60 -34.28
C LYS B 231 36.65 23.90 -33.44
N THR B 232 37.05 25.15 -33.33
CA THR B 232 38.19 25.47 -32.43
C THR B 232 38.05 26.71 -31.52
N ASP B 233 36.88 27.37 -31.58
CA ASP B 233 36.55 28.53 -30.74
C ASP B 233 35.41 28.30 -29.75
N TYR B 234 35.72 28.31 -28.46
CA TYR B 234 34.65 28.34 -27.48
C TYR B 234 34.42 29.78 -27.09
N LYS B 235 33.60 30.52 -27.84
CA LYS B 235 33.24 31.87 -27.40
C LYS B 235 32.15 31.73 -26.34
N PHE B 236 32.55 31.90 -25.07
CA PHE B 236 31.68 31.56 -23.95
C PHE B 236 31.16 32.82 -23.26
N VAL B 237 31.84 33.93 -23.51
CA VAL B 237 31.38 35.24 -23.06
C VAL B 237 31.49 36.22 -24.23
N ASN B 238 30.41 36.99 -24.44
CA ASN B 238 30.32 37.99 -25.50
C ASN B 238 31.28 39.16 -25.25
N ILE B 239 32.56 38.84 -25.15
CA ILE B 239 33.61 39.82 -24.88
C ILE B 239 34.91 39.37 -25.54
N GLY B 240 35.87 40.28 -25.60
CA GLY B 240 37.17 39.99 -26.17
C GLY B 240 38.02 39.09 -25.29
N LEU B 241 39.02 38.47 -25.88
CA LEU B 241 39.92 37.57 -25.19
C LEU B 241 41.25 37.52 -25.97
N SER B 242 42.26 38.28 -25.53
CA SER B 242 43.55 38.31 -26.26
C SER B 242 44.80 38.40 -25.38
N SER B 246 51.05 42.71 -22.74
CA SER B 246 51.18 44.12 -23.10
C SER B 246 50.35 45.03 -22.20
N LEU B 247 50.96 45.47 -21.08
CA LEU B 247 50.27 46.12 -19.95
C LEU B 247 48.99 46.94 -20.28
N THR B 248 48.05 46.99 -19.33
CA THR B 248 46.79 47.67 -19.57
C THR B 248 46.99 49.17 -19.45
N THR B 249 46.71 49.93 -20.52
CA THR B 249 47.01 51.37 -20.52
C THR B 249 45.94 52.25 -19.85
N THR B 250 46.37 53.39 -19.30
CA THR B 250 45.46 54.36 -18.69
C THR B 250 44.24 54.66 -19.56
N ASP B 251 44.47 54.97 -20.83
CA ASP B 251 43.37 55.20 -21.78
C ASP B 251 42.33 54.08 -21.73
N GLU B 252 42.80 52.86 -21.48
CA GLU B 252 41.93 51.66 -21.50
C GLU B 252 41.10 51.53 -20.22
N ILE B 253 41.77 51.54 -19.06
CA ILE B 253 41.05 51.61 -17.79
C ILE B 253 40.04 52.77 -17.81
N GLN B 254 40.26 53.74 -18.69
CA GLN B 254 39.37 54.89 -18.77
C GLN B 254 38.17 54.64 -19.67
N SER B 255 38.42 54.10 -20.86
CA SER B 255 37.34 53.74 -21.77
C SER B 255 36.53 52.63 -21.14
N ILE B 256 37.18 51.85 -20.28
CA ILE B 256 36.49 50.80 -19.57
C ILE B 256 35.51 51.43 -18.58
N ILE B 257 36.01 52.26 -17.68
CA ILE B 257 35.15 52.88 -16.67
C ILE B 257 34.00 53.68 -17.30
N SER B 258 34.11 54.02 -18.57
CA SER B 258 33.02 54.72 -19.23
C SER B 258 31.96 53.72 -19.65
N ASN B 259 32.34 52.78 -20.50
CA ASN B 259 31.45 51.72 -20.93
C ASN B 259 30.57 51.18 -19.82
N THR B 260 31.18 50.98 -18.64
CA THR B 260 30.43 50.45 -17.51
C THR B 260 29.43 51.44 -16.93
N LEU B 261 29.71 52.73 -17.02
CA LEU B 261 28.82 53.74 -16.42
C LEU B 261 27.68 54.03 -17.36
N LYS B 262 28.04 54.13 -18.62
CA LYS B 262 27.15 54.51 -19.70
C LYS B 262 26.25 53.33 -20.09
N ALA B 263 26.57 52.13 -19.59
CA ALA B 263 25.80 50.92 -19.91
C ALA B 263 25.01 50.35 -18.72
N ARG B 264 25.13 51.01 -17.56
CA ARG B 264 24.57 50.56 -16.27
C ARG B 264 24.16 49.09 -16.21
N PRO B 265 25.15 48.16 -16.07
CA PRO B 265 24.90 46.71 -16.05
C PRO B 265 24.20 46.25 -14.79
N LEU B 266 23.28 45.30 -14.97
CA LEU B 266 22.55 44.67 -13.89
C LEU B 266 23.36 43.50 -13.30
N VAL B 267 23.84 43.67 -12.08
CA VAL B 267 24.68 42.66 -11.45
C VAL B 267 23.93 41.85 -10.41
N GLN B 268 23.69 40.58 -10.72
CA GLN B 268 22.97 39.68 -9.83
C GLN B 268 23.90 39.05 -8.82
N HIS B 269 23.67 39.35 -7.56
CA HIS B 269 24.52 38.79 -6.50
C HIS B 269 23.88 37.58 -5.86
N ILE B 270 24.46 36.41 -6.08
CA ILE B 270 24.10 35.24 -5.29
C ILE B 270 25.17 35.10 -4.21
N THR B 271 24.99 35.83 -3.12
CA THR B 271 25.95 35.83 -2.01
C THR B 271 25.23 35.73 -0.66
N ASN B 272 26.00 35.74 0.44
CA ASN B 272 25.42 35.61 1.78
C ASN B 272 24.66 36.86 2.17
N LYS B 273 24.63 37.12 3.48
CA LYS B 273 23.95 38.31 3.95
C LYS B 273 24.94 39.48 4.04
N VAL B 274 26.15 39.17 4.53
CA VAL B 274 27.11 40.18 4.93
C VAL B 274 27.85 40.88 3.80
N HIS B 275 27.91 40.21 2.65
CA HIS B 275 28.45 40.80 1.43
C HIS B 275 27.28 41.35 0.63
N GLN B 276 26.07 41.21 1.16
CA GLN B 276 24.88 41.61 0.43
C GLN B 276 24.71 43.11 0.46
N ASN B 277 24.39 43.66 1.63
CA ASN B 277 24.18 45.11 1.77
C ASN B 277 25.41 45.92 1.36
N PHE B 278 26.57 45.50 1.85
CA PHE B 278 27.86 46.04 1.41
C PHE B 278 28.01 45.94 -0.11
N GLY B 279 27.92 44.73 -0.65
CA GLY B 279 28.13 44.50 -2.07
C GLY B 279 27.21 45.29 -2.97
N ALA B 280 25.99 45.50 -2.51
CA ALA B 280 25.02 46.24 -3.30
C ALA B 280 25.46 47.69 -3.46
N ASN B 281 26.01 48.27 -2.40
CA ASN B 281 26.46 49.66 -2.45
C ASN B 281 27.65 49.85 -3.39
N VAL B 282 28.60 48.92 -3.35
CA VAL B 282 29.73 48.99 -4.26
C VAL B 282 29.21 48.98 -5.69
N THR B 283 28.30 48.06 -5.98
CA THR B 283 27.67 48.04 -7.28
C THR B 283 27.05 49.41 -7.61
N LEU B 284 26.27 49.94 -6.67
CA LEU B 284 25.61 51.23 -6.83
C LEU B 284 26.58 52.35 -7.11
N ALA B 285 27.62 52.42 -6.30
CA ALA B 285 28.64 53.44 -6.46
C ALA B 285 29.25 53.36 -7.85
N LEU B 286 29.32 52.15 -8.40
CA LEU B 286 29.89 51.98 -9.73
C LEU B 286 28.93 52.27 -10.88
N GLY B 287 27.74 52.79 -10.56
CA GLY B 287 26.76 53.17 -11.57
C GLY B 287 25.96 52.03 -12.17
N SER B 288 26.02 50.88 -11.51
CA SER B 288 25.39 49.63 -11.98
C SER B 288 24.32 49.21 -10.95
N SER B 289 23.50 48.22 -11.30
CA SER B 289 22.35 47.91 -10.43
C SER B 289 22.28 46.50 -9.86
N PRO B 290 22.33 46.42 -8.52
CA PRO B 290 22.22 45.21 -7.72
C PRO B 290 20.89 44.47 -7.90
N ILE B 291 20.97 43.16 -8.04
CA ILE B 291 19.81 42.28 -7.97
C ILE B 291 20.18 41.16 -6.97
N MET B 292 19.40 40.97 -5.92
CA MET B 292 19.77 39.98 -4.90
C MET B 292 19.05 38.64 -5.10
N SER B 293 18.38 38.50 -6.24
CA SER B 293 17.58 37.32 -6.57
C SER B 293 18.28 35.98 -6.39
N GLU B 294 17.72 35.15 -5.52
CA GLU B 294 18.10 33.74 -5.47
C GLU B 294 16.89 32.89 -5.88
N ILE B 295 16.04 33.44 -6.76
CA ILE B 295 14.80 32.78 -7.16
C ILE B 295 15.02 31.99 -8.45
N GLN B 296 14.71 30.68 -8.40
CA GLN B 296 15.21 29.76 -9.41
C GLN B 296 14.67 30.02 -10.80
N SER B 297 13.47 30.61 -10.87
CA SER B 297 12.75 30.81 -12.13
C SER B 297 13.05 32.15 -12.82
N GLU B 298 13.25 33.19 -12.02
CA GLU B 298 13.60 34.51 -12.55
C GLU B 298 14.90 34.45 -13.35
N VAL B 299 15.73 33.47 -13.03
CA VAL B 299 17.12 33.50 -13.44
C VAL B 299 17.34 33.53 -14.96
N ASN B 300 16.34 33.09 -15.72
CA ASN B 300 16.44 33.11 -17.18
C ASN B 300 16.15 34.50 -17.73
N ASP B 301 15.22 35.16 -17.04
CA ASP B 301 14.81 36.51 -17.39
C ASP B 301 15.92 37.48 -17.03
N LEU B 302 16.46 37.36 -15.82
CA LEU B 302 17.55 38.23 -15.39
C LEU B 302 18.71 38.27 -16.39
N ALA B 303 19.09 37.13 -16.97
CA ALA B 303 20.18 37.10 -17.94
C ALA B 303 19.82 37.55 -19.37
N ALA B 304 18.53 37.64 -19.66
CA ALA B 304 18.12 38.17 -20.95
C ALA B 304 18.18 39.70 -20.94
N ILE B 305 18.25 40.28 -19.74
CA ILE B 305 18.45 41.72 -19.59
C ILE B 305 19.89 42.08 -20.02
N PRO B 306 20.04 43.18 -20.79
CA PRO B 306 21.28 43.71 -21.39
C PRO B 306 22.45 44.00 -20.43
N HIS B 307 23.66 43.86 -20.95
CA HIS B 307 24.87 43.96 -20.13
C HIS B 307 24.67 43.38 -18.69
N ALA B 308 24.02 42.22 -18.61
CA ALA B 308 23.78 41.52 -17.33
C ALA B 308 24.95 40.64 -16.89
N THR B 309 25.17 40.54 -15.57
CA THR B 309 26.34 39.85 -15.04
C THR B 309 26.08 39.15 -13.71
N LEU B 310 26.67 37.96 -13.54
CA LEU B 310 26.38 37.17 -12.37
C LEU B 310 27.59 37.00 -11.46
N LEU B 311 27.42 37.20 -10.15
CA LEU B 311 28.49 36.99 -9.18
C LEU B 311 28.12 35.85 -8.24
N LEU B 312 28.92 34.78 -8.20
CA LEU B 312 28.65 33.68 -7.27
C LEU B 312 29.47 33.83 -6.03
N ASN B 313 28.86 33.51 -4.91
CA ASN B 313 29.54 33.58 -3.64
C ASN B 313 29.24 32.31 -2.84
N THR B 314 30.07 31.30 -3.03
CA THR B 314 29.89 30.00 -2.39
C THR B 314 29.32 30.09 -0.99
N GLY B 315 28.48 29.13 -0.64
CA GLY B 315 27.71 29.18 0.59
C GLY B 315 26.88 30.44 0.62
N SER B 316 25.66 30.37 0.07
CA SER B 316 24.81 31.53 0.06
C SER B 316 23.39 31.13 0.44
N VAL B 317 23.26 29.94 1.00
CA VAL B 317 21.96 29.40 1.41
C VAL B 317 21.11 28.98 0.20
N ALA B 318 21.42 29.54 -0.98
CA ALA B 318 20.72 29.16 -2.20
C ALA B 318 20.99 27.70 -2.54
N PRO B 319 19.93 26.90 -2.71
CA PRO B 319 20.04 25.48 -3.04
C PRO B 319 20.92 25.28 -4.27
N PRO B 320 21.81 24.27 -4.24
CA PRO B 320 22.70 23.89 -5.34
C PRO B 320 22.01 23.72 -6.67
N GLU B 321 20.75 23.32 -6.67
CA GLU B 321 19.99 23.20 -7.90
C GLU B 321 19.80 24.57 -8.54
N MET B 322 19.63 25.59 -7.71
CA MET B 322 19.50 26.97 -8.19
C MET B 322 20.83 27.49 -8.76
N LEU B 323 21.93 27.31 -8.03
CA LEU B 323 23.24 27.68 -8.55
C LEU B 323 23.52 27.07 -9.93
N LYS B 324 23.16 25.80 -10.12
CA LYS B 324 23.29 25.15 -11.44
C LYS B 324 22.44 25.91 -12.47
N ALA B 325 21.15 26.01 -12.15
CA ALA B 325 20.19 26.75 -12.96
C ALA B 325 20.75 28.12 -13.34
N ALA B 326 21.18 28.87 -12.33
CA ALA B 326 21.71 30.21 -12.54
C ALA B 326 22.94 30.22 -13.42
N ILE B 327 23.98 29.50 -13.01
CA ILE B 327 25.19 29.36 -13.82
C ILE B 327 24.87 28.98 -15.26
N ARG B 328 24.09 27.93 -15.46
CA ARG B 328 23.70 27.56 -16.82
C ARG B 328 23.10 28.79 -17.52
N ALA B 329 22.12 29.41 -16.87
CA ALA B 329 21.40 30.56 -17.44
C ALA B 329 22.27 31.57 -18.18
N TYR B 330 23.37 31.99 -17.55
CA TYR B 330 24.24 33.06 -18.06
C TYR B 330 25.15 32.60 -19.19
N ASN B 331 25.45 31.31 -19.22
CA ASN B 331 26.32 30.77 -20.26
C ASN B 331 25.51 30.63 -21.53
N ASP B 332 24.21 30.51 -21.38
CA ASP B 332 23.37 30.26 -22.55
C ASP B 332 23.20 31.56 -23.31
N VAL B 333 23.56 32.66 -22.66
CA VAL B 333 23.45 33.98 -23.25
C VAL B 333 24.82 34.65 -23.36
N LYS B 334 25.84 33.92 -22.92
CA LYS B 334 27.21 34.34 -23.14
C LYS B 334 27.59 35.50 -22.24
N ARG B 335 26.86 35.69 -21.15
CA ARG B 335 27.17 36.78 -20.23
C ARG B 335 28.06 36.33 -19.07
N PRO B 336 28.97 37.20 -18.62
CA PRO B 336 30.10 36.85 -17.75
C PRO B 336 29.68 36.43 -16.33
N ILE B 337 30.37 35.44 -15.79
CA ILE B 337 30.17 35.05 -14.40
C ILE B 337 31.41 35.28 -13.53
N VAL B 338 31.22 35.88 -12.36
CA VAL B 338 32.33 36.10 -11.45
C VAL B 338 32.22 35.18 -10.24
N PHE B 339 33.23 34.34 -10.06
CA PHE B 339 33.16 33.31 -9.04
C PHE B 339 34.04 33.66 -7.86
N ASP B 340 33.45 33.66 -6.68
CA ASP B 340 34.20 33.92 -5.46
C ASP B 340 34.00 32.82 -4.42
N PRO B 341 34.89 31.80 -4.43
CA PRO B 341 34.85 30.68 -3.48
C PRO B 341 35.33 31.10 -2.10
N VAL B 342 34.51 31.85 -1.38
CA VAL B 342 34.90 32.33 -0.06
C VAL B 342 35.36 31.20 0.85
N GLY B 343 34.43 30.35 1.27
CA GLY B 343 34.80 29.24 2.12
C GLY B 343 36.08 28.53 1.68
N TYR B 344 35.95 27.66 0.69
CA TYR B 344 37.03 26.82 0.14
C TYR B 344 37.41 25.63 1.02
N SER B 345 38.71 25.35 1.07
CA SER B 345 39.27 24.26 1.89
C SER B 345 39.02 24.37 3.40
N ALA B 346 38.41 25.47 3.83
CA ALA B 346 38.19 25.75 5.25
C ALA B 346 37.57 24.56 5.98
N THR B 347 36.43 24.12 5.46
CA THR B 347 35.69 22.99 5.99
C THR B 347 35.65 21.83 4.99
N GLU B 348 34.83 20.84 5.28
CA GLU B 348 34.69 19.69 4.39
C GLU B 348 33.61 20.01 3.37
N THR B 349 32.44 20.35 3.91
CA THR B 349 31.23 20.57 3.13
C THR B 349 31.44 21.61 2.04
N ARG B 350 32.30 22.59 2.34
CA ARG B 350 32.53 23.74 1.47
C ARG B 350 33.40 23.36 0.29
N LEU B 351 34.55 22.77 0.58
CA LEU B 351 35.41 22.19 -0.45
C LEU B 351 34.55 21.40 -1.43
N LEU B 352 33.69 20.55 -0.88
CA LEU B 352 32.82 19.71 -1.67
C LEU B 352 31.92 20.56 -2.57
N LEU B 353 31.19 21.47 -1.95
CA LEU B 353 30.23 22.31 -2.66
C LEU B 353 30.88 23.18 -3.73
N ASN B 354 32.07 23.70 -3.46
CA ASN B 354 32.76 24.55 -4.41
C ASN B 354 33.16 23.81 -5.67
N ASN B 355 33.60 22.57 -5.52
CA ASN B 355 33.95 21.79 -6.69
C ASN B 355 32.72 21.41 -7.52
N LEU B 356 31.59 21.16 -6.87
CA LEU B 356 30.35 20.87 -7.60
C LEU B 356 29.99 22.07 -8.46
N LEU B 357 30.11 23.26 -7.89
CA LEU B 357 29.77 24.49 -8.62
C LEU B 357 30.68 24.70 -9.81
N LEU B 358 31.95 24.38 -9.65
CA LEU B 358 32.92 24.67 -10.70
C LEU B 358 32.67 23.86 -11.96
N THR B 359 31.98 22.74 -11.82
CA THR B 359 31.75 21.89 -12.97
C THR B 359 30.37 22.15 -13.54
N PHE B 360 29.79 23.29 -13.19
CA PHE B 360 28.44 23.64 -13.64
C PHE B 360 28.41 24.44 -14.93
N GLY B 361 29.37 25.35 -15.09
CA GLY B 361 29.46 26.17 -16.27
C GLY B 361 30.85 26.73 -16.47
N GLN B 362 30.94 27.79 -17.27
CA GLN B 362 32.21 28.45 -17.58
C GLN B 362 32.30 29.86 -16.98
N PHE B 363 33.22 30.04 -16.04
CA PHE B 363 33.40 31.35 -15.39
C PHE B 363 34.41 32.25 -16.10
N SER B 364 34.25 33.56 -15.93
CA SER B 364 35.12 34.53 -16.56
C SER B 364 36.19 35.04 -15.58
N CYS B 365 35.85 35.01 -14.29
CA CYS B 365 36.84 35.35 -13.29
C CYS B 365 36.61 34.58 -11.99
N ILE B 366 37.72 34.15 -11.39
CA ILE B 366 37.70 33.55 -10.08
C ILE B 366 38.60 34.41 -9.24
N LYS B 367 38.02 35.09 -8.26
CA LYS B 367 38.78 35.90 -7.31
C LYS B 367 38.94 35.05 -6.05
N GLY B 368 39.97 35.34 -5.26
CA GLY B 368 40.20 34.63 -4.02
C GLY B 368 41.52 35.07 -3.41
N ASN B 369 41.76 34.68 -2.16
CA ASN B 369 43.00 35.11 -1.49
C ASN B 369 44.01 33.99 -1.30
N SER B 370 45.24 34.36 -0.92
CA SER B 370 46.30 33.41 -0.61
C SER B 370 45.79 31.98 -0.32
N SER B 371 44.85 31.85 0.62
CA SER B 371 44.29 30.54 1.01
C SER B 371 43.49 29.93 -0.14
N GLU B 372 42.39 30.58 -0.51
CA GLU B 372 41.62 30.20 -1.67
C GLU B 372 42.46 29.85 -2.91
N ILE B 373 43.31 30.75 -3.37
CA ILE B 373 44.03 30.50 -4.61
C ILE B 373 45.07 29.41 -4.51
N LEU B 374 45.63 29.21 -3.31
CA LEU B 374 46.57 28.12 -3.11
C LEU B 374 45.82 26.78 -3.13
N GLY B 375 44.65 26.76 -2.49
CA GLY B 375 43.77 25.61 -2.53
C GLY B 375 43.35 25.22 -3.95
N LEU B 376 42.69 26.12 -4.65
CA LEU B 376 42.23 25.82 -5.99
C LEU B 376 43.35 25.23 -6.86
N ALA B 377 44.59 25.66 -6.64
CA ALA B 377 45.71 25.19 -7.46
C ALA B 377 46.16 23.78 -7.08
N GLU B 378 45.71 23.30 -5.92
CA GLU B 378 46.05 21.97 -5.44
C GLU B 378 47.52 21.93 -5.06
N LEU B 379 48.01 23.05 -4.52
CA LEU B 379 49.41 23.19 -4.13
C LEU B 379 49.55 23.28 -2.60
N SER B 394 54.01 33.05 1.21
CA SER B 394 55.10 33.37 0.28
C SER B 394 54.75 34.45 -0.76
N ASN B 395 55.39 34.41 -1.94
CA ASN B 395 55.22 35.48 -2.94
C ASN B 395 55.55 35.05 -4.38
N GLU B 396 56.71 34.41 -4.57
CA GLU B 396 57.05 33.78 -5.85
C GLU B 396 56.08 32.64 -6.06
N LEU B 397 55.47 32.22 -4.96
CA LEU B 397 54.55 31.10 -4.92
C LEU B 397 53.14 31.44 -5.35
N LEU B 398 52.56 32.48 -4.75
CA LEU B 398 51.23 32.92 -5.14
C LEU B 398 51.16 33.17 -6.64
N ILE B 399 52.21 33.72 -7.24
CA ILE B 399 52.21 33.86 -8.70
C ILE B 399 52.07 32.51 -9.40
N GLN B 400 52.89 31.54 -8.99
CA GLN B 400 52.83 30.21 -9.56
C GLN B 400 51.42 29.61 -9.38
N ALA B 401 50.85 29.78 -8.18
CA ALA B 401 49.48 29.29 -7.88
C ALA B 401 48.40 30.05 -8.63
N THR B 402 48.48 31.38 -8.63
CA THR B 402 47.51 32.14 -9.38
C THR B 402 47.51 31.68 -10.83
N LYS B 403 48.69 31.64 -11.44
CA LYS B 403 48.78 31.17 -12.82
C LYS B 403 48.12 29.80 -13.04
N ILE B 404 48.33 28.86 -12.11
CA ILE B 404 47.72 27.52 -12.21
C ILE B 404 46.19 27.60 -12.30
N VAL B 405 45.60 28.18 -11.25
CA VAL B 405 44.16 28.33 -11.14
C VAL B 405 43.53 29.00 -12.35
N ALA B 406 44.26 29.89 -13.01
CA ALA B 406 43.75 30.51 -14.24
C ALA B 406 43.66 29.51 -15.39
N PHE B 407 44.76 28.79 -15.62
CA PHE B 407 44.82 27.85 -16.71
C PHE B 407 43.96 26.61 -16.49
N LYS B 408 43.96 26.11 -15.25
CA LYS B 408 43.20 24.89 -14.93
C LYS B 408 41.72 25.07 -15.21
N TYR B 409 41.15 26.21 -14.83
CA TYR B 409 39.73 26.49 -15.01
C TYR B 409 39.41 27.44 -16.15
N LYS B 410 40.37 27.58 -17.08
CA LYS B 410 40.28 28.46 -18.27
C LYS B 410 39.61 29.81 -18.01
N THR B 411 40.25 30.61 -17.18
CA THR B 411 39.61 31.76 -16.58
C THR B 411 40.64 32.87 -16.29
N VAL B 412 40.18 34.11 -16.15
CA VAL B 412 41.02 35.16 -15.59
C VAL B 412 40.91 35.03 -14.09
N ALA B 413 42.03 34.74 -13.44
CA ALA B 413 42.03 34.40 -12.02
C ALA B 413 42.80 35.42 -11.14
N VAL B 414 42.14 35.94 -10.11
CA VAL B 414 42.72 37.01 -9.32
C VAL B 414 43.07 36.58 -7.91
N CYS B 415 44.21 37.02 -7.43
CA CYS B 415 44.67 36.69 -6.09
C CYS B 415 44.88 37.92 -5.25
N THR B 416 43.88 38.25 -4.42
CA THR B 416 44.01 39.38 -3.52
C THR B 416 45.08 39.16 -2.45
N GLY B 417 45.71 40.25 -2.01
CA GLY B 417 46.71 40.23 -0.97
C GLY B 417 47.28 41.63 -0.80
N GLU B 418 48.53 41.73 -0.34
CA GLU B 418 49.22 43.01 -0.36
C GLU B 418 49.42 43.38 -1.84
N PHE B 419 49.95 42.44 -2.60
CA PHE B 419 50.00 42.52 -4.06
C PHE B 419 48.77 41.80 -4.54
N ASP B 420 48.29 42.15 -5.73
CA ASP B 420 47.17 41.45 -6.33
C ASP B 420 47.64 40.87 -7.66
N PHE B 421 47.39 39.58 -7.88
CA PHE B 421 47.89 38.92 -9.09
C PHE B 421 46.78 38.48 -10.02
N ILE B 422 46.90 38.87 -11.28
CA ILE B 422 45.89 38.55 -12.25
C ILE B 422 46.53 37.73 -13.35
N ALA B 423 46.10 36.48 -13.52
CA ALA B 423 46.57 35.67 -14.62
C ALA B 423 45.46 35.48 -15.65
N ASP B 424 45.76 35.68 -16.93
CA ASP B 424 44.78 35.40 -17.97
C ASP B 424 45.06 34.03 -18.56
N GLY B 425 44.24 33.05 -18.20
CA GLY B 425 44.46 31.70 -18.68
C GLY B 425 43.40 31.26 -19.63
N THR B 426 42.89 32.15 -20.47
CA THR B 426 41.78 31.77 -21.34
C THR B 426 42.17 31.49 -22.78
N ILE B 427 43.43 31.76 -23.11
CA ILE B 427 43.97 31.38 -24.41
C ILE B 427 42.98 31.55 -25.56
N GLU B 428 42.51 32.77 -25.77
CA GLU B 428 41.64 33.11 -26.90
C GLU B 428 40.46 32.14 -27.03
N GLY B 429 40.29 31.29 -26.01
CA GLY B 429 39.20 30.34 -25.96
C GLY B 429 39.39 29.15 -26.89
N LYS B 430 40.63 28.89 -27.29
CA LYS B 430 40.97 27.81 -28.22
C LYS B 430 40.91 26.40 -27.60
N TYR B 431 40.49 25.41 -28.39
CA TYR B 431 40.64 24.00 -27.97
C TYR B 431 40.91 23.11 -29.17
N SER B 432 41.38 21.90 -28.90
CA SER B 432 41.88 21.01 -29.95
C SER B 432 41.58 19.55 -29.64
N LEU B 433 42.45 18.65 -30.12
CA LEU B 433 42.36 17.22 -29.85
C LEU B 433 43.74 16.63 -29.48
N SER B 434 44.60 17.53 -29.01
CA SER B 434 45.88 17.24 -28.34
C SER B 434 47.05 18.07 -28.91
N THR B 437 47.80 24.47 -30.71
CA THR B 437 48.24 25.54 -29.82
C THR B 437 48.01 25.15 -28.36
N ASN B 438 47.21 24.09 -28.13
CA ASN B 438 46.97 23.60 -26.78
C ASN B 438 48.21 23.89 -25.94
N GLY B 439 49.37 23.58 -26.53
CA GLY B 439 50.70 23.77 -25.94
C GLY B 439 51.12 25.20 -25.58
N THR B 440 50.56 25.66 -24.47
CA THR B 440 50.90 26.94 -23.86
C THR B 440 50.66 26.71 -22.39
N SER B 441 51.70 26.28 -21.69
CA SER B 441 51.57 25.67 -20.36
C SER B 441 51.16 26.63 -19.25
N VAL B 442 50.90 26.06 -18.07
CA VAL B 442 50.51 26.84 -16.90
C VAL B 442 51.42 28.03 -16.69
N GLU B 443 52.73 27.83 -16.87
CA GLU B 443 53.70 28.90 -16.63
C GLU B 443 53.66 30.04 -17.67
N ASP B 444 53.35 29.70 -18.92
CA ASP B 444 53.49 30.61 -20.06
C ASP B 444 52.53 31.82 -20.11
N ILE B 445 51.27 31.60 -19.75
CA ILE B 445 50.26 32.66 -19.71
C ILE B 445 50.71 33.99 -19.09
N PRO B 446 50.01 35.09 -19.47
CA PRO B 446 50.27 36.41 -18.88
C PRO B 446 49.87 36.46 -17.41
N CYS B 447 50.76 36.97 -16.58
CA CYS B 447 50.37 37.28 -15.22
C CYS B 447 50.94 38.64 -14.80
N VAL B 448 50.06 39.61 -14.53
CA VAL B 448 50.44 40.97 -14.10
C VAL B 448 50.14 41.17 -12.60
N ALA B 449 50.79 42.17 -11.97
CA ALA B 449 50.60 42.43 -10.53
C ALA B 449 50.31 43.90 -10.18
N VAL B 450 49.66 44.10 -9.03
CA VAL B 450 49.13 45.42 -8.67
C VAL B 450 49.47 45.83 -7.22
N GLU B 451 50.39 46.80 -7.08
CA GLU B 451 50.88 47.28 -5.77
C GLU B 451 50.35 48.66 -5.35
N ALA B 452 50.15 48.84 -4.05
CA ALA B 452 49.83 50.15 -3.50
C ALA B 452 50.47 50.35 -2.11
N GLY B 453 51.44 49.50 -1.78
CA GLY B 453 52.09 49.55 -0.48
C GLY B 453 51.28 48.79 0.54
N PRO B 454 51.54 49.01 1.85
CA PRO B 454 50.78 48.38 2.95
C PRO B 454 49.51 49.16 3.39
N ILE B 455 48.32 48.64 3.08
CA ILE B 455 47.08 49.35 3.33
C ILE B 455 46.24 48.79 4.50
N GLY B 465 36.53 43.90 1.14
CA GLY B 465 36.58 42.44 1.16
C GLY B 465 35.98 41.86 -0.09
N CYS B 466 34.71 41.43 0.01
CA CYS B 466 33.99 40.84 -1.14
C CYS B 466 33.61 41.90 -2.19
N SER B 467 33.91 43.15 -1.86
CA SER B 467 33.68 44.27 -2.75
C SER B 467 34.39 44.09 -4.10
N LEU B 468 35.59 43.50 -4.08
CA LEU B 468 36.38 43.31 -5.30
C LEU B 468 35.64 42.51 -6.36
N GLY B 469 34.91 41.49 -5.92
CA GLY B 469 34.08 40.71 -6.81
C GLY B 469 33.06 41.61 -7.48
N SER B 470 32.35 42.38 -6.66
CA SER B 470 31.31 43.24 -7.17
C SER B 470 31.89 44.28 -8.14
N THR B 471 33.08 44.79 -7.82
CA THR B 471 33.74 45.75 -8.68
C THR B 471 34.07 45.11 -10.00
N ILE B 472 34.79 44.00 -9.96
CA ILE B 472 35.15 43.31 -11.18
C ILE B 472 33.92 42.91 -11.99
N ALA B 473 32.90 42.39 -11.33
CA ALA B 473 31.64 42.07 -12.00
C ALA B 473 31.16 43.25 -12.85
N CYS B 474 31.23 44.45 -12.26
CA CYS B 474 30.79 45.71 -12.91
C CYS B 474 31.68 46.19 -14.07
N MET B 475 33.00 46.06 -13.94
CA MET B 475 33.86 46.39 -15.05
C MET B 475 33.55 45.47 -16.21
N ILE B 476 33.53 44.15 -15.94
CA ILE B 476 33.29 43.14 -16.96
C ILE B 476 31.95 43.33 -17.63
N GLY B 477 30.96 43.65 -16.81
CA GLY B 477 29.59 43.80 -17.29
C GLY B 477 29.38 44.85 -18.37
N GLY B 478 30.04 46.00 -18.18
CA GLY B 478 29.94 47.10 -19.12
C GLY B 478 30.59 46.86 -20.48
N GLN B 479 31.67 46.08 -20.50
CA GLN B 479 32.34 45.75 -21.74
C GLN B 479 31.39 45.27 -22.84
N PRO B 480 31.53 45.87 -24.04
CA PRO B 480 30.76 45.60 -25.26
C PRO B 480 31.39 44.49 -26.08
N SER B 481 30.69 44.03 -27.12
CA SER B 481 31.21 43.04 -28.07
C SER B 481 32.73 43.05 -28.26
N GLU B 482 33.31 44.25 -28.37
CA GLU B 482 34.70 44.41 -28.82
C GLU B 482 35.70 44.63 -27.70
N GLY B 483 35.23 44.65 -26.47
CA GLY B 483 36.09 44.93 -25.34
C GLY B 483 37.15 43.85 -25.14
N ASN B 484 37.53 43.66 -23.89
CA ASN B 484 38.46 42.60 -23.57
C ASN B 484 38.30 42.24 -22.10
N LEU B 485 37.92 40.98 -21.87
CA LEU B 485 37.69 40.46 -20.52
C LEU B 485 38.87 40.72 -19.59
N PHE B 486 40.08 40.53 -20.09
CA PHE B 486 41.27 40.69 -19.26
C PHE B 486 41.44 42.10 -18.69
N HIS B 487 41.65 43.08 -19.57
CA HIS B 487 41.79 44.46 -19.13
C HIS B 487 40.70 44.82 -18.14
N ALA B 488 39.46 44.48 -18.48
CA ALA B 488 38.33 44.81 -17.62
C ALA B 488 38.60 44.32 -16.21
N VAL B 489 38.97 43.05 -16.08
CA VAL B 489 39.28 42.48 -14.78
C VAL B 489 40.34 43.31 -14.06
N VAL B 490 41.42 43.62 -14.79
CA VAL B 490 42.49 44.44 -14.26
C VAL B 490 41.97 45.79 -13.76
N ALA B 491 41.42 46.59 -14.68
CA ALA B 491 40.71 47.81 -14.30
C ALA B 491 40.06 47.71 -12.94
N GLY B 492 39.13 46.75 -12.79
CA GLY B 492 38.45 46.55 -11.53
C GLY B 492 39.39 46.43 -10.34
N VAL B 493 40.41 45.59 -10.48
CA VAL B 493 41.37 45.39 -9.40
C VAL B 493 42.11 46.69 -9.04
N MET B 494 42.52 47.45 -10.07
CA MET B 494 43.17 48.76 -9.89
C MET B 494 42.24 49.67 -9.14
N LEU B 495 41.12 49.99 -9.79
CA LEU B 495 40.06 50.79 -9.20
C LEU B 495 39.76 50.37 -7.77
N TYR B 496 39.71 49.07 -7.50
CA TYR B 496 39.42 48.69 -6.14
C TYR B 496 40.62 48.98 -5.23
N LYS B 497 41.82 48.73 -5.75
CA LYS B 497 43.06 48.94 -4.99
C LYS B 497 43.29 50.44 -4.74
N ALA B 498 43.09 51.24 -5.78
CA ALA B 498 43.18 52.69 -5.71
C ALA B 498 42.24 53.24 -4.66
N ALA B 499 40.98 52.84 -4.74
CA ALA B 499 39.97 53.18 -3.74
C ALA B 499 40.48 52.93 -2.33
N GLY B 500 41.30 51.90 -2.19
CA GLY B 500 41.83 51.50 -0.90
C GLY B 500 42.76 52.54 -0.31
N LYS B 501 43.79 52.90 -1.06
CA LYS B 501 44.78 53.84 -0.57
C LYS B 501 44.05 55.06 -0.03
N ILE B 502 43.02 55.47 -0.76
CA ILE B 502 42.33 56.74 -0.51
C ILE B 502 41.48 56.71 0.74
N ALA B 503 40.83 55.58 1.00
CA ALA B 503 40.03 55.48 2.20
C ALA B 503 40.95 55.23 3.38
N SER B 504 42.04 54.52 3.14
CA SER B 504 43.02 54.25 4.18
C SER B 504 43.55 55.58 4.72
N GLU B 505 43.55 56.59 3.85
CA GLU B 505 43.96 57.93 4.24
C GLU B 505 42.87 58.68 5.00
N LYS B 506 41.64 58.63 4.50
CA LYS B 506 40.57 59.45 5.06
C LYS B 506 39.74 58.78 6.19
N CYS B 507 40.27 57.72 6.80
CA CYS B 507 39.51 56.96 7.79
C CYS B 507 39.94 57.28 9.22
N ASN B 508 39.03 57.09 10.19
CA ASN B 508 39.38 57.16 11.61
C ASN B 508 39.12 55.85 12.35
N GLY B 509 38.96 54.75 11.60
CA GLY B 509 38.60 53.46 12.15
C GLY B 509 38.02 52.47 11.13
N SER B 510 37.64 51.27 11.58
CA SER B 510 37.11 50.23 10.69
C SER B 510 35.90 50.70 9.92
N GLY B 511 34.92 51.22 10.66
CA GLY B 511 33.65 51.64 10.11
C GLY B 511 33.74 52.78 9.12
N SER B 512 34.31 53.90 9.54
CA SER B 512 34.49 54.98 8.60
C SER B 512 35.16 54.42 7.34
N PHE B 513 36.15 53.55 7.51
CA PHE B 513 36.89 53.03 6.36
C PHE B 513 35.97 52.48 5.29
N GLN B 514 35.07 51.58 5.69
CA GLN B 514 34.13 51.00 4.76
C GLN B 514 33.40 52.10 3.97
N VAL B 515 32.72 52.99 4.69
CA VAL B 515 31.96 54.04 4.04
C VAL B 515 32.84 54.94 3.15
N GLU B 516 34.06 55.23 3.60
CA GLU B 516 35.02 55.96 2.76
C GLU B 516 35.44 55.20 1.49
N LEU B 517 35.44 53.87 1.55
CA LEU B 517 35.83 53.04 0.40
C LEU B 517 34.82 53.15 -0.72
N ILE B 518 33.56 53.05 -0.37
CA ILE B 518 32.47 53.17 -1.34
C ILE B 518 32.58 54.55 -2.02
N ASP B 519 32.67 55.60 -1.20
CA ASP B 519 32.81 56.98 -1.67
C ASP B 519 33.90 57.16 -2.73
N ALA B 520 35.09 56.67 -2.42
CA ALA B 520 36.23 56.74 -3.34
C ALA B 520 35.93 56.10 -4.69
N LEU B 521 35.27 54.95 -4.67
CA LEU B 521 34.86 54.31 -5.91
C LEU B 521 33.91 55.25 -6.66
N TYR B 522 32.95 55.79 -5.93
CA TYR B 522 32.07 56.79 -6.49
C TYR B 522 32.84 57.92 -7.15
N ARG B 523 33.61 58.65 -6.35
CA ARG B 523 34.38 59.76 -6.86
C ARG B 523 35.33 59.32 -7.96
N LEU B 524 36.25 58.42 -7.63
CA LEU B 524 37.26 57.96 -8.57
C LEU B 524 36.74 57.67 -9.98
N THR B 525 35.56 57.03 -10.08
CA THR B 525 34.97 56.65 -11.38
C THR B 525 34.27 57.81 -12.08
N ARG B 526 33.60 58.64 -11.28
CA ARG B 526 32.99 59.85 -11.77
C ARG B 526 34.02 60.77 -12.48
N GLU B 527 35.08 61.19 -11.77
CA GLU B 527 36.21 61.83 -12.45
C GLU B 527 37.08 60.71 -13.04
N ASN B 528 36.63 60.17 -14.15
CA ASN B 528 37.30 59.04 -14.77
C ASN B 528 38.68 59.52 -15.25
N THR B 529 39.67 59.49 -14.37
CA THR B 529 41.01 60.01 -14.66
C THR B 529 42.13 59.10 -14.12
N PRO B 530 42.24 57.90 -14.70
CA PRO B 530 43.13 56.85 -14.18
C PRO B 530 44.59 57.25 -14.12
N VAL B 531 45.00 58.31 -14.85
CA VAL B 531 46.42 58.72 -14.82
C VAL B 531 46.90 59.00 -13.39
N THR B 532 45.98 59.46 -12.54
CA THR B 532 46.28 59.93 -11.18
C THR B 532 46.08 58.94 -10.02
N TRP B 533 46.04 57.64 -10.32
CA TRP B 533 45.78 56.63 -9.28
C TRP B 533 47.04 56.10 -8.61
N ALA B 534 46.99 55.97 -7.30
CA ALA B 534 48.12 55.52 -6.49
C ALA B 534 48.74 54.15 -6.88
N PRO B 535 47.91 53.17 -7.33
CA PRO B 535 48.37 51.79 -7.61
C PRO B 535 49.13 51.60 -8.92
N LYS B 536 50.23 50.84 -8.81
CA LYS B 536 51.21 50.66 -9.88
C LYS B 536 51.13 49.27 -10.51
N LEU B 537 51.07 49.23 -11.84
CA LEU B 537 50.82 47.97 -12.57
C LEU B 537 52.06 47.33 -13.24
N THR B 538 52.59 46.25 -12.67
CA THR B 538 53.81 45.61 -13.21
C THR B 538 53.61 44.20 -13.76
N HIS B 539 54.57 43.71 -14.55
CA HIS B 539 54.56 42.31 -14.99
C HIS B 539 55.02 41.39 -13.87
N THR B 540 54.42 40.21 -13.80
CA THR B 540 54.69 39.28 -12.70
C THR B 540 55.39 38.01 -13.17
N LYS C 2 -45.20 34.69 -10.79
CA LYS C 2 -43.94 34.95 -11.47
C LYS C 2 -43.37 36.34 -11.12
N PHE C 3 -42.04 36.46 -11.20
CA PHE C 3 -41.35 37.74 -11.00
C PHE C 3 -41.09 38.45 -12.33
N SER C 4 -40.35 39.56 -12.28
CA SER C 4 -39.91 40.25 -13.50
C SER C 4 -38.42 40.51 -13.37
N LYS C 5 -37.72 40.73 -14.49
CA LYS C 5 -36.28 40.99 -14.43
C LYS C 5 -35.91 42.10 -13.42
N GLU C 6 -36.60 43.23 -13.47
CA GLU C 6 -36.30 44.35 -12.59
C GLU C 6 -36.84 44.15 -11.17
N GLN C 7 -37.08 42.91 -10.78
CA GLN C 7 -37.60 42.60 -9.46
C GLN C 7 -36.61 41.73 -8.68
N PHE C 8 -35.73 41.06 -9.40
CA PHE C 8 -34.68 40.24 -8.78
C PHE C 8 -33.73 41.06 -7.88
N ASP C 9 -33.47 40.56 -6.68
CA ASP C 9 -32.57 41.25 -5.75
C ASP C 9 -31.30 40.44 -5.51
N TYR C 10 -30.22 40.77 -6.20
CA TYR C 10 -29.04 39.92 -6.14
C TYR C 10 -28.15 40.06 -4.90
N SER C 11 -28.56 40.85 -3.90
CA SER C 11 -27.73 41.10 -2.72
C SER C 11 -26.97 39.88 -2.17
N LEU C 12 -27.72 38.89 -1.68
CA LEU C 12 -27.14 37.72 -1.07
C LEU C 12 -27.70 36.49 -1.75
N TYR C 13 -27.01 36.09 -2.82
CA TYR C 13 -27.41 35.02 -3.73
C TYR C 13 -26.86 33.67 -3.25
N LEU C 14 -27.74 32.69 -3.03
CA LEU C 14 -27.37 31.42 -2.41
C LEU C 14 -27.35 30.30 -3.42
N VAL C 15 -26.15 29.76 -3.66
CA VAL C 15 -25.98 28.61 -4.54
C VAL C 15 -25.85 27.32 -3.71
N THR C 16 -26.56 26.29 -4.13
CA THR C 16 -26.84 25.08 -3.35
C THR C 16 -25.85 23.94 -3.54
N ASP C 17 -25.67 23.14 -2.50
CA ASP C 17 -24.86 21.93 -2.60
C ASP C 17 -25.33 20.86 -1.60
N SER C 18 -25.73 19.70 -2.11
CA SER C 18 -26.23 18.63 -1.24
C SER C 18 -25.10 17.97 -0.43
N GLY C 19 -24.09 17.45 -1.10
CA GLY C 19 -23.01 16.75 -0.44
C GLY C 19 -22.07 17.71 0.24
N MET C 20 -22.53 18.31 1.33
CA MET C 20 -21.76 19.33 2.00
C MET C 20 -22.50 19.80 3.25
N ILE C 21 -23.78 19.48 3.28
CA ILE C 21 -24.62 19.74 4.44
C ILE C 21 -24.24 18.86 5.63
N PRO C 22 -23.98 19.48 6.80
CA PRO C 22 -23.48 18.85 8.03
C PRO C 22 -24.48 17.84 8.58
N GLU C 23 -23.98 16.82 9.28
CA GLU C 23 -24.75 15.60 9.58
C GLU C 23 -25.95 15.83 10.49
N GLY C 24 -27.12 15.42 10.00
CA GLY C 24 -28.38 15.62 10.72
C GLY C 24 -29.14 16.87 10.30
N LYS C 25 -28.65 17.54 9.27
CA LYS C 25 -29.31 18.73 8.73
C LYS C 25 -29.64 18.48 7.27
N THR C 26 -30.72 19.08 6.77
CA THR C 26 -31.19 18.84 5.41
C THR C 26 -30.93 20.00 4.45
N LEU C 27 -31.14 19.80 3.15
CA LEU C 27 -30.99 20.91 2.23
C LEU C 27 -32.06 21.97 2.48
N TYR C 28 -33.30 21.51 2.64
CA TYR C 28 -34.42 22.37 2.98
C TYR C 28 -34.10 23.10 4.28
N GLY C 29 -33.43 22.39 5.18
CA GLY C 29 -33.05 22.91 6.49
C GLY C 29 -32.22 24.18 6.48
N GLN C 30 -31.10 24.12 5.75
CA GLN C 30 -30.20 25.26 5.57
C GLN C 30 -30.80 26.39 4.74
N VAL C 31 -31.36 26.04 3.58
CA VAL C 31 -31.90 27.04 2.67
C VAL C 31 -33.01 27.86 3.31
N GLU C 32 -33.79 27.23 4.21
CA GLU C 32 -34.81 27.99 4.96
C GLU C 32 -34.14 28.98 5.91
N ALA C 33 -33.24 28.49 6.75
CA ALA C 33 -32.46 29.34 7.64
C ALA C 33 -31.86 30.52 6.89
N GLY C 34 -31.53 30.30 5.62
CA GLY C 34 -30.91 31.34 4.81
C GLY C 34 -31.89 32.37 4.27
N LEU C 35 -33.12 31.94 4.01
CA LEU C 35 -34.18 32.81 3.54
C LEU C 35 -34.68 33.73 4.66
N GLN C 36 -34.83 33.13 5.84
CA GLN C 36 -35.28 33.83 7.04
C GLN C 36 -34.34 34.97 7.44
N ASN C 37 -33.08 34.81 7.10
CA ASN C 37 -32.07 35.75 7.55
C ASN C 37 -31.35 36.53 6.45
N GLY C 38 -31.96 36.66 5.28
CA GLY C 38 -31.49 37.65 4.34
C GLY C 38 -31.02 37.22 2.97
N VAL C 39 -30.95 35.91 2.70
CA VAL C 39 -30.73 35.45 1.34
C VAL C 39 -31.86 36.06 0.51
N THR C 40 -31.56 36.44 -0.73
CA THR C 40 -32.50 37.23 -1.52
C THR C 40 -32.62 36.71 -2.95
N LEU C 41 -31.87 35.64 -3.24
CA LEU C 41 -32.01 34.87 -4.48
C LEU C 41 -31.44 33.48 -4.21
N VAL C 42 -31.89 32.48 -4.97
CA VAL C 42 -31.49 31.11 -4.69
C VAL C 42 -31.34 30.32 -5.98
N GLN C 43 -30.16 29.72 -6.14
CA GLN C 43 -29.89 28.81 -7.24
C GLN C 43 -29.84 27.38 -6.68
N ILE C 44 -30.50 26.43 -7.35
CA ILE C 44 -30.38 25.04 -6.99
C ILE C 44 -29.35 24.43 -7.92
N ARG C 45 -28.37 23.77 -7.33
CA ARG C 45 -27.24 23.23 -8.08
C ARG C 45 -27.07 21.73 -7.83
N GLU C 46 -27.38 20.91 -8.83
CA GLU C 46 -27.23 19.46 -8.72
C GLU C 46 -26.43 18.93 -9.88
N LYS C 47 -25.14 18.69 -9.66
CA LYS C 47 -24.32 18.16 -10.73
C LYS C 47 -24.43 16.64 -10.81
N ASP C 48 -24.85 16.01 -9.73
CA ASP C 48 -24.72 14.56 -9.61
C ASP C 48 -26.03 13.77 -9.59
N ALA C 49 -27.02 14.27 -8.87
CA ALA C 49 -28.29 13.56 -8.71
C ALA C 49 -28.97 13.16 -10.04
N ASP C 50 -30.12 12.51 -9.95
CA ASP C 50 -30.88 12.08 -11.12
C ASP C 50 -31.99 13.06 -11.45
N THR C 51 -32.28 13.19 -12.74
CA THR C 51 -33.27 14.15 -13.24
C THR C 51 -34.59 14.12 -12.45
N LYS C 52 -34.97 12.97 -11.90
CA LYS C 52 -36.22 12.89 -11.15
C LYS C 52 -36.08 13.45 -9.75
N PHE C 53 -35.09 12.98 -9.00
CA PHE C 53 -34.86 13.55 -7.67
C PHE C 53 -34.63 15.04 -7.79
N PHE C 54 -33.90 15.47 -8.82
CA PHE C 54 -33.62 16.88 -9.08
C PHE C 54 -34.92 17.68 -9.02
N ILE C 55 -35.81 17.37 -9.95
CA ILE C 55 -37.15 17.93 -10.02
C ILE C 55 -37.89 17.85 -8.67
N GLU C 56 -37.86 16.67 -8.06
CA GLU C 56 -38.55 16.43 -6.79
C GLU C 56 -38.18 17.50 -5.77
N GLU C 57 -36.92 17.94 -5.80
CA GLU C 57 -36.41 18.82 -4.77
C GLU C 57 -36.43 20.27 -5.20
N ALA C 58 -36.52 20.48 -6.50
CA ALA C 58 -36.71 21.81 -7.04
C ALA C 58 -38.11 22.30 -6.72
N LEU C 59 -39.08 21.39 -6.77
CA LEU C 59 -40.45 21.71 -6.42
C LEU C 59 -40.58 21.95 -4.93
N GLN C 60 -39.79 21.22 -4.14
CA GLN C 60 -39.87 21.34 -2.69
C GLN C 60 -39.22 22.63 -2.24
N ILE C 61 -38.23 23.09 -3.01
CA ILE C 61 -37.52 24.32 -2.65
C ILE C 61 -38.08 25.54 -3.35
N LYS C 62 -38.67 25.34 -4.54
CA LYS C 62 -39.37 26.42 -5.22
C LYS C 62 -40.55 26.89 -4.39
N GLU C 63 -41.28 25.95 -3.81
CA GLU C 63 -42.29 26.29 -2.82
C GLU C 63 -41.72 27.15 -1.67
N LEU C 64 -40.73 26.62 -0.95
CA LEU C 64 -40.09 27.32 0.18
C LEU C 64 -39.71 28.76 -0.18
N CYS C 65 -39.27 28.95 -1.42
CA CYS C 65 -38.81 30.26 -1.85
C CYS C 65 -39.97 31.23 -2.06
N HIS C 66 -40.87 30.88 -2.99
CA HIS C 66 -42.03 31.71 -3.31
C HIS C 66 -42.85 32.09 -2.07
N ALA C 67 -42.62 31.36 -0.97
CA ALA C 67 -43.26 31.72 0.29
C ALA C 67 -42.54 32.91 0.94
N HIS C 68 -41.29 33.13 0.58
CA HIS C 68 -40.56 34.29 1.10
C HIS C 68 -40.40 35.34 0.03
N ASN C 69 -41.07 35.13 -1.09
CA ASN C 69 -41.07 36.06 -2.21
C ASN C 69 -39.64 36.21 -2.76
N VAL C 70 -38.92 35.10 -2.82
CA VAL C 70 -37.59 35.05 -3.42
C VAL C 70 -37.59 34.09 -4.59
N PRO C 71 -37.05 34.51 -5.74
CA PRO C 71 -37.14 33.69 -6.96
C PRO C 71 -36.41 32.36 -6.78
N LEU C 72 -36.33 31.55 -7.83
CA LEU C 72 -35.52 30.33 -7.82
C LEU C 72 -34.88 30.11 -9.19
N ILE C 73 -33.55 30.13 -9.25
CA ILE C 73 -32.85 29.85 -10.48
C ILE C 73 -32.38 28.41 -10.46
N ILE C 74 -32.21 27.83 -11.64
CA ILE C 74 -31.75 26.45 -11.73
C ILE C 74 -30.46 26.42 -12.51
N ASN C 75 -29.48 25.67 -12.00
CA ASN C 75 -28.20 25.56 -12.66
C ASN C 75 -28.13 24.56 -13.86
N ASP C 76 -27.57 25.06 -14.95
CA ASP C 76 -27.44 24.40 -16.27
C ASP C 76 -28.45 23.41 -16.86
N ARG C 77 -29.44 22.98 -16.09
CA ARG C 77 -30.45 22.08 -16.66
C ARG C 77 -31.72 22.83 -17.06
N ILE C 78 -31.65 23.43 -18.24
CA ILE C 78 -32.71 24.28 -18.75
C ILE C 78 -34.06 23.53 -18.80
N ASP C 79 -34.07 22.36 -19.41
CA ASP C 79 -35.26 21.52 -19.40
C ASP C 79 -35.87 21.36 -18.00
N VAL C 80 -35.09 20.97 -17.00
CA VAL C 80 -35.60 20.83 -15.65
C VAL C 80 -36.27 22.13 -15.31
N ALA C 81 -35.67 23.22 -15.76
CA ALA C 81 -36.17 24.53 -15.37
C ALA C 81 -37.57 24.74 -15.89
N MET C 82 -37.72 24.67 -17.21
CA MET C 82 -39.04 24.80 -17.81
C MET C 82 -39.95 23.79 -17.15
N ALA C 83 -39.51 22.54 -17.12
CA ALA C 83 -40.25 21.46 -16.47
C ALA C 83 -41.02 21.93 -15.23
N ILE C 84 -40.32 22.56 -14.28
CA ILE C 84 -40.92 22.93 -12.99
C ILE C 84 -41.24 24.43 -12.86
N GLY C 85 -41.13 25.19 -13.93
CA GLY C 85 -41.48 26.59 -13.88
C GLY C 85 -40.60 27.36 -12.93
N ALA C 86 -39.31 27.13 -13.05
CA ALA C 86 -38.35 27.92 -12.30
C ALA C 86 -38.44 29.35 -12.81
N ASP C 87 -37.76 30.28 -12.14
CA ASP C 87 -37.83 31.69 -12.49
C ASP C 87 -36.64 32.15 -13.33
N GLY C 88 -35.60 31.33 -13.38
CA GLY C 88 -34.43 31.63 -14.17
C GLY C 88 -33.51 30.44 -14.17
N ILE C 89 -32.65 30.35 -15.17
CA ILE C 89 -31.64 29.31 -15.19
C ILE C 89 -30.31 30.00 -15.21
N HIS C 90 -29.26 29.32 -14.80
CA HIS C 90 -27.94 29.93 -14.82
C HIS C 90 -26.90 29.00 -15.42
N VAL C 91 -26.48 29.31 -16.63
CA VAL C 91 -25.57 28.41 -17.31
C VAL C 91 -24.15 28.98 -17.37
N GLY C 92 -23.18 28.08 -17.46
CA GLY C 92 -21.78 28.44 -17.56
C GLY C 92 -21.26 28.44 -18.99
N GLN C 93 -19.95 28.40 -19.12
CA GLN C 93 -19.32 28.63 -20.41
C GLN C 93 -19.33 27.36 -21.27
N ASP C 94 -19.41 26.21 -20.63
CA ASP C 94 -19.38 24.99 -21.41
C ASP C 94 -20.77 24.35 -21.55
N ASP C 95 -21.81 25.10 -21.17
CA ASP C 95 -23.19 24.62 -21.29
C ASP C 95 -23.82 25.11 -22.58
N MET C 96 -25.14 25.04 -22.63
CA MET C 96 -25.91 25.38 -23.82
C MET C 96 -25.68 26.82 -24.25
N PRO C 97 -25.45 27.05 -25.56
CA PRO C 97 -25.26 28.41 -26.07
C PRO C 97 -26.44 29.27 -25.66
N ILE C 98 -26.20 30.56 -25.44
CA ILE C 98 -27.27 31.41 -24.93
C ILE C 98 -28.42 31.63 -25.93
N PRO C 99 -28.09 31.86 -27.22
CA PRO C 99 -29.20 31.94 -28.19
C PRO C 99 -30.16 30.75 -28.14
N MET C 100 -29.66 29.52 -28.12
CA MET C 100 -30.52 28.33 -28.04
C MET C 100 -31.40 28.37 -26.79
N ILE C 101 -30.80 28.70 -25.64
CA ILE C 101 -31.56 28.78 -24.40
C ILE C 101 -32.76 29.72 -24.50
N ARG C 102 -32.56 30.88 -25.11
CA ARG C 102 -33.62 31.86 -25.21
C ARG C 102 -34.72 31.42 -26.19
N LYS C 103 -34.37 30.55 -27.13
CA LYS C 103 -35.33 30.07 -28.12
C LYS C 103 -36.25 28.99 -27.55
N LEU C 104 -36.05 28.64 -26.28
CA LEU C 104 -36.93 27.71 -25.56
C LEU C 104 -37.54 28.34 -24.30
N VAL C 105 -37.56 29.68 -24.20
CA VAL C 105 -38.08 30.35 -22.99
C VAL C 105 -38.63 31.80 -23.09
N GLY C 106 -38.05 32.66 -23.94
CA GLY C 106 -38.57 34.02 -24.14
C GLY C 106 -37.75 35.18 -23.60
N MET C 109 -38.14 35.66 -19.07
CA MET C 109 -37.41 34.83 -18.08
C MET C 109 -35.88 35.06 -17.93
N VAL C 110 -35.32 34.79 -16.75
CA VAL C 110 -33.95 35.26 -16.41
C VAL C 110 -32.80 34.30 -16.67
N ILE C 111 -31.77 34.80 -17.33
CA ILE C 111 -30.60 33.98 -17.62
C ILE C 111 -29.28 34.55 -17.08
N GLY C 112 -28.56 33.72 -16.32
CA GLY C 112 -27.25 34.07 -15.83
C GLY C 112 -26.17 33.35 -16.60
N TRP C 113 -25.07 34.05 -16.86
CA TRP C 113 -23.93 33.48 -17.59
C TRP C 113 -22.69 33.59 -16.71
N SER C 114 -21.95 32.50 -16.60
CA SER C 114 -20.74 32.49 -15.78
C SER C 114 -19.58 33.10 -16.56
N VAL C 115 -19.22 34.34 -16.22
CA VAL C 115 -18.12 35.03 -16.90
C VAL C 115 -16.95 35.27 -15.99
N GLY C 116 -15.74 35.07 -16.52
CA GLY C 116 -14.51 35.38 -15.80
C GLY C 116 -13.48 36.14 -16.63
N PHE C 117 -13.85 36.47 -17.86
CA PHE C 117 -12.93 37.13 -18.78
C PHE C 117 -13.62 38.24 -19.54
N PRO C 118 -12.87 39.28 -19.89
CA PRO C 118 -13.47 40.42 -20.59
C PRO C 118 -14.01 40.02 -21.95
N GLU C 119 -13.28 39.16 -22.65
CA GLU C 119 -13.68 38.68 -23.98
C GLU C 119 -15.10 38.13 -23.95
N GLU C 120 -15.42 37.40 -22.88
CA GLU C 120 -16.76 36.83 -22.71
C GLU C 120 -17.82 37.94 -22.64
N VAL C 121 -17.53 38.99 -21.90
CA VAL C 121 -18.42 40.13 -21.79
C VAL C 121 -18.64 40.75 -23.17
N ASP C 122 -17.59 40.75 -23.98
CA ASP C 122 -17.71 41.26 -25.33
C ASP C 122 -18.85 40.55 -26.06
N GLU C 123 -18.83 39.22 -26.03
CA GLU C 123 -19.85 38.39 -26.71
C GLU C 123 -21.27 38.47 -26.11
N LEU C 124 -21.37 38.50 -24.79
CA LEU C 124 -22.62 38.82 -24.10
C LEU C 124 -23.26 40.12 -24.64
N SER C 125 -22.42 41.02 -25.17
CA SER C 125 -22.86 42.31 -25.68
C SER C 125 -23.15 42.30 -27.18
N LYS C 126 -22.42 41.46 -27.92
CA LYS C 126 -22.69 41.26 -29.33
C LYS C 126 -23.97 40.46 -29.45
N MET C 127 -24.67 40.30 -28.33
CA MET C 127 -25.96 39.62 -28.31
C MET C 127 -27.10 40.60 -28.04
N GLY C 128 -26.92 41.49 -27.07
CA GLY C 128 -27.94 42.46 -26.73
C GLY C 128 -28.95 41.85 -25.79
N PRO C 129 -29.74 42.67 -25.09
CA PRO C 129 -30.71 42.25 -24.07
C PRO C 129 -31.71 41.17 -24.56
N VAL C 132 -29.22 37.62 -22.19
CA VAL C 132 -28.43 37.49 -20.93
C VAL C 132 -28.61 38.60 -19.90
N ASP C 133 -29.10 38.26 -18.71
CA ASP C 133 -29.59 39.29 -17.80
C ASP C 133 -28.67 39.57 -16.62
N TYR C 134 -27.89 38.57 -16.22
CA TYR C 134 -26.88 38.77 -15.18
C TYR C 134 -25.71 37.79 -15.39
N ILE C 135 -24.63 37.99 -14.64
CA ILE C 135 -23.43 37.17 -14.78
C ILE C 135 -22.77 36.94 -13.43
N GLY C 136 -22.31 35.72 -13.22
CA GLY C 136 -21.50 35.40 -12.07
C GLY C 136 -20.08 35.76 -12.45
N VAL C 137 -19.42 36.55 -11.59
CA VAL C 137 -18.10 37.04 -11.94
C VAL C 137 -16.98 36.18 -11.41
N GLY C 138 -16.28 35.56 -12.38
CA GLY C 138 -15.04 34.77 -12.25
C GLY C 138 -14.96 33.86 -11.06
N THR C 139 -13.78 33.37 -10.73
CA THR C 139 -13.61 32.78 -9.41
C THR C 139 -12.74 33.75 -8.65
N LEU C 140 -13.33 34.54 -7.79
CA LEU C 140 -12.58 35.59 -7.12
C LEU C 140 -11.43 35.02 -6.29
N PHE C 141 -11.68 33.92 -5.61
CA PHE C 141 -10.69 33.36 -4.71
C PHE C 141 -10.48 31.85 -4.91
N PRO C 142 -9.64 31.21 -4.07
CA PRO C 142 -9.49 29.77 -4.24
C PRO C 142 -10.53 29.06 -3.40
N THR C 143 -11.15 28.03 -3.95
CA THR C 143 -12.21 27.29 -3.26
C THR C 143 -12.33 25.81 -3.69
N LEU C 144 -12.44 24.93 -2.70
CA LEU C 144 -12.54 23.49 -2.96
C LEU C 144 -13.99 22.99 -3.03
N THR C 145 -14.91 23.89 -3.35
CA THR C 145 -16.33 23.55 -3.53
C THR C 145 -16.61 23.19 -4.98
N LYS C 146 -15.83 23.76 -5.88
CA LYS C 146 -16.00 23.55 -7.31
C LYS C 146 -15.09 22.42 -7.78
N LYS C 147 -15.68 21.26 -8.04
CA LYS C 147 -14.95 20.04 -8.43
C LYS C 147 -14.44 20.11 -9.88
N ASN C 148 -13.12 19.99 -10.06
CA ASN C 148 -12.47 20.01 -11.38
C ASN C 148 -12.71 21.29 -12.22
N PRO C 149 -12.06 22.41 -11.83
CA PRO C 149 -12.33 23.74 -12.38
C PRO C 149 -11.38 24.17 -13.51
N LYS C 150 -11.93 24.71 -14.60
CA LYS C 150 -11.16 25.05 -15.79
C LYS C 150 -10.60 26.49 -15.82
N LYS C 151 -10.81 27.25 -14.74
CA LYS C 151 -10.30 28.63 -14.58
C LYS C 151 -9.24 28.72 -13.49
N ALA C 152 -9.09 29.91 -12.94
CA ALA C 152 -8.15 30.10 -11.84
C ALA C 152 -8.60 31.32 -11.05
N PRO C 153 -8.38 31.29 -9.72
CA PRO C 153 -8.65 32.41 -8.83
C PRO C 153 -8.11 33.70 -9.40
N MET C 154 -9.05 34.57 -9.76
CA MET C 154 -8.85 35.67 -10.67
C MET C 154 -8.56 36.93 -9.90
N GLY C 155 -9.02 36.97 -8.65
CA GLY C 155 -8.78 38.11 -7.77
C GLY C 155 -9.83 39.18 -7.92
N THR C 156 -9.72 40.26 -7.15
CA THR C 156 -10.64 41.36 -7.33
C THR C 156 -10.26 42.14 -8.56
N ALA C 157 -8.96 42.26 -8.80
CA ALA C 157 -8.48 42.92 -10.03
C ALA C 157 -9.04 42.27 -11.30
N GLY C 158 -9.00 40.94 -11.38
CA GLY C 158 -9.57 40.27 -12.52
C GLY C 158 -11.07 40.55 -12.65
N ALA C 159 -11.74 40.73 -11.51
CA ALA C 159 -13.17 41.01 -11.55
C ALA C 159 -13.41 42.46 -11.94
N ILE C 160 -12.49 43.34 -11.60
CA ILE C 160 -12.61 44.70 -12.10
C ILE C 160 -12.51 44.72 -13.62
N ARG C 161 -11.49 44.08 -14.16
CA ARG C 161 -11.30 43.97 -15.62
C ARG C 161 -12.62 43.60 -16.35
N VAL C 162 -13.47 42.82 -15.68
CA VAL C 162 -14.77 42.45 -16.21
C VAL C 162 -15.78 43.60 -16.04
N LEU C 163 -15.96 44.08 -14.80
CA LEU C 163 -16.82 45.23 -14.59
C LEU C 163 -16.55 46.35 -15.58
N ASP C 164 -15.27 46.58 -15.89
CA ASP C 164 -14.81 47.62 -16.82
C ASP C 164 -15.21 47.39 -18.28
N ALA C 165 -15.28 46.12 -18.69
CA ALA C 165 -15.72 45.77 -20.04
C ALA C 165 -17.22 45.95 -20.19
N LEU C 166 -17.97 45.88 -19.09
CA LEU C 166 -19.41 46.17 -19.11
C LEU C 166 -19.71 47.67 -19.31
N GLU C 167 -18.65 48.47 -19.37
CA GLU C 167 -18.77 49.91 -19.48
C GLU C 167 -18.31 50.36 -20.85
N ARG C 168 -17.15 49.85 -21.27
CA ARG C 168 -16.75 49.95 -22.65
C ARG C 168 -17.92 49.57 -23.56
N ASN C 169 -18.67 48.53 -23.18
CA ASN C 169 -19.75 48.02 -24.03
C ASN C 169 -21.13 48.62 -23.76
N ASN C 170 -21.19 49.52 -22.81
CA ASN C 170 -22.48 49.93 -22.27
C ASN C 170 -23.49 48.80 -22.36
N ALA C 171 -23.33 47.85 -21.44
CA ALA C 171 -24.25 46.73 -21.32
C ALA C 171 -25.10 47.00 -20.10
N HIS C 172 -25.62 48.21 -20.00
CA HIS C 172 -26.50 48.64 -18.91
C HIS C 172 -27.45 47.57 -18.34
N TRP C 173 -27.83 46.61 -19.17
CA TRP C 173 -28.96 45.71 -18.91
C TRP C 173 -28.61 44.48 -18.10
N CYS C 174 -27.33 44.35 -17.78
CA CYS C 174 -26.75 43.11 -17.29
C CYS C 174 -26.23 43.31 -15.87
N ARG C 175 -26.84 42.63 -14.90
CA ARG C 175 -26.39 42.76 -13.51
C ARG C 175 -25.19 41.85 -13.28
N THR C 176 -24.61 41.92 -12.09
CA THR C 176 -23.43 41.10 -11.79
C THR C 176 -23.41 40.64 -10.34
N VAL C 177 -22.83 39.47 -10.12
CA VAL C 177 -22.66 38.99 -8.78
C VAL C 177 -21.25 38.41 -8.68
N GLY C 178 -20.69 38.42 -7.47
CA GLY C 178 -19.38 37.85 -7.25
C GLY C 178 -19.51 36.48 -6.63
N ILE C 179 -18.67 35.56 -7.09
CA ILE C 179 -18.78 34.19 -6.65
C ILE C 179 -17.42 33.55 -6.58
N GLY C 180 -17.25 32.68 -5.61
CA GLY C 180 -16.04 31.89 -5.53
C GLY C 180 -15.21 32.18 -4.31
N GLY C 181 -15.63 31.67 -3.18
CA GLY C 181 -14.79 31.64 -2.00
C GLY C 181 -14.92 32.85 -1.11
N LEU C 182 -16.06 33.55 -1.20
CA LEU C 182 -16.27 34.70 -0.32
C LEU C 182 -16.78 34.20 1.03
N HIS C 183 -16.15 34.69 2.09
CA HIS C 183 -16.54 34.42 3.46
C HIS C 183 -16.36 35.75 4.15
N PRO C 184 -16.68 35.84 5.44
CA PRO C 184 -16.68 37.16 6.09
C PRO C 184 -15.28 37.78 6.23
N ASP C 185 -14.24 37.05 5.82
CA ASP C 185 -12.89 37.57 5.92
C ASP C 185 -12.47 38.31 4.66
N ASN C 186 -13.36 38.38 3.68
CA ASN C 186 -13.07 39.11 2.44
C ASN C 186 -14.27 39.81 1.79
N ILE C 187 -15.46 39.38 2.15
CA ILE C 187 -16.66 39.97 1.57
C ILE C 187 -16.55 41.49 1.50
N GLU C 188 -16.04 42.11 2.57
CA GLU C 188 -15.94 43.58 2.65
C GLU C 188 -14.99 44.13 1.60
N ARG C 189 -13.83 43.49 1.45
CA ARG C 189 -12.82 43.93 0.52
C ARG C 189 -13.24 43.68 -0.92
N VAL C 190 -14.03 42.64 -1.14
CA VAL C 190 -14.45 42.32 -2.49
C VAL C 190 -15.47 43.34 -2.92
N LEU C 191 -16.37 43.70 -2.01
CA LEU C 191 -17.35 44.71 -2.32
C LEU C 191 -16.63 46.04 -2.54
N TYR C 192 -15.57 46.25 -1.76
CA TYR C 192 -14.89 47.54 -1.68
C TYR C 192 -13.98 47.83 -2.86
N GLN C 193 -13.43 46.80 -3.49
CA GLN C 193 -12.59 47.05 -4.65
C GLN C 193 -13.14 46.61 -5.99
N CYS C 194 -14.20 45.80 -5.99
CA CYS C 194 -14.76 45.32 -7.25
C CYS C 194 -15.64 46.38 -7.85
N VAL C 195 -15.04 47.48 -8.29
CA VAL C 195 -15.80 48.56 -8.93
C VAL C 195 -15.11 49.06 -10.19
N SER C 196 -15.91 49.38 -11.22
CA SER C 196 -15.38 49.86 -12.50
C SER C 196 -14.63 51.17 -12.32
N SER C 197 -13.66 51.41 -13.21
CA SER C 197 -12.74 52.53 -13.05
C SER C 197 -13.52 53.82 -13.04
N ASN C 198 -14.51 53.91 -13.92
CA ASN C 198 -15.31 55.12 -14.03
C ASN C 198 -16.21 55.34 -12.82
N GLY C 199 -16.33 54.32 -11.98
CA GLY C 199 -17.01 54.45 -10.71
C GLY C 199 -18.51 54.32 -10.81
N LYS C 200 -19.02 54.35 -12.04
CA LYS C 200 -20.46 54.28 -12.28
C LYS C 200 -21.09 52.90 -11.92
N ARG C 201 -20.34 51.80 -11.99
CA ARG C 201 -20.89 50.46 -11.71
C ARG C 201 -20.10 49.59 -10.71
N SER C 202 -20.79 48.96 -9.74
CA SER C 202 -20.12 47.94 -8.92
C SER C 202 -20.87 46.59 -8.90
N LEU C 203 -20.54 45.70 -7.97
CA LEU C 203 -21.20 44.42 -7.91
C LEU C 203 -22.65 44.62 -7.52
N ASP C 204 -23.52 43.71 -7.94
CA ASP C 204 -24.94 43.84 -7.60
C ASP C 204 -25.27 42.92 -6.45
N GLY C 205 -24.29 42.11 -6.08
CA GLY C 205 -24.48 41.14 -5.02
C GLY C 205 -23.39 40.10 -4.87
N ILE C 206 -23.29 39.61 -3.65
CA ILE C 206 -22.32 38.62 -3.25
C ILE C 206 -22.97 37.25 -3.27
N CYS C 207 -22.25 36.25 -3.78
CA CYS C 207 -22.84 34.93 -3.90
C CYS C 207 -22.03 33.80 -3.20
N VAL C 208 -22.60 33.21 -2.15
CA VAL C 208 -21.91 32.14 -1.43
C VAL C 208 -22.53 30.76 -1.64
N VAL C 209 -21.78 29.72 -1.26
CA VAL C 209 -22.27 28.34 -1.24
C VAL C 209 -21.96 27.73 0.13
N SER C 210 -20.68 27.42 0.36
CA SER C 210 -20.28 26.72 1.58
C SER C 210 -20.31 27.56 2.86
N ASP C 211 -20.46 28.87 2.76
CA ASP C 211 -20.47 29.66 3.98
C ASP C 211 -21.80 29.49 4.73
N ILE C 212 -22.84 29.17 3.97
CA ILE C 212 -24.15 28.89 4.55
C ILE C 212 -24.46 27.41 4.52
N ILE C 213 -24.46 26.83 3.33
CA ILE C 213 -24.80 25.43 3.15
C ILE C 213 -24.02 24.52 4.09
N ALA C 214 -22.75 24.81 4.29
CA ALA C 214 -21.86 23.95 5.07
C ALA C 214 -21.68 24.41 6.52
N SER C 215 -22.58 25.29 6.96
CA SER C 215 -22.54 25.83 8.31
C SER C 215 -23.36 25.04 9.32
N LEU C 216 -22.80 24.89 10.52
CA LEU C 216 -23.52 24.28 11.62
C LEU C 216 -24.68 25.17 12.02
N ASP C 217 -24.58 26.45 11.67
CA ASP C 217 -25.59 27.45 12.04
C ASP C 217 -26.01 28.38 10.89
N ALA C 218 -26.64 27.83 9.86
CA ALA C 218 -27.05 28.62 8.72
C ALA C 218 -27.62 29.97 9.17
N ALA C 219 -28.48 29.95 10.18
CA ALA C 219 -29.09 31.20 10.66
C ALA C 219 -28.03 32.26 10.93
N LYS C 220 -27.18 31.97 11.92
CA LYS C 220 -26.14 32.89 12.39
C LYS C 220 -25.25 33.36 11.24
N SER C 221 -24.78 32.42 10.44
CA SER C 221 -23.87 32.68 9.31
C SER C 221 -24.48 33.65 8.30
N THR C 222 -25.76 33.49 8.02
CA THR C 222 -26.46 34.27 7.00
C THR C 222 -26.71 35.69 7.49
N LYS C 223 -26.93 35.83 8.79
CA LYS C 223 -27.16 37.15 9.37
C LYS C 223 -25.90 38.01 9.30
N ILE C 224 -24.74 37.34 9.45
CA ILE C 224 -23.43 38.00 9.36
C ILE C 224 -23.19 38.54 7.96
N LEU C 225 -23.27 37.65 6.96
CA LEU C 225 -23.09 38.05 5.58
C LEU C 225 -24.02 39.21 5.21
N ARG C 226 -25.28 39.12 5.61
CA ARG C 226 -26.21 40.23 5.43
C ARG C 226 -25.59 41.49 5.98
N GLY C 227 -25.14 41.41 7.23
CA GLY C 227 -24.53 42.52 7.94
C GLY C 227 -23.36 43.21 7.22
N LEU C 228 -22.50 42.41 6.60
CA LEU C 228 -21.41 42.92 5.77
C LEU C 228 -21.94 43.51 4.50
N ILE C 229 -23.03 42.95 4.00
CA ILE C 229 -23.45 43.22 2.65
C ILE C 229 -24.16 44.57 2.51
N ASP C 230 -24.92 44.95 3.54
CA ASP C 230 -25.70 46.18 3.48
C ASP C 230 -25.07 47.32 4.30
N LYS C 231 -23.87 47.10 4.81
CA LYS C 231 -23.08 48.14 5.44
C LYS C 231 -22.31 48.88 4.34
N THR C 232 -21.90 50.13 4.58
CA THR C 232 -21.30 50.93 3.51
C THR C 232 -19.90 51.52 3.79
N ASP C 233 -19.48 51.52 5.05
CA ASP C 233 -18.12 51.92 5.39
C ASP C 233 -17.27 50.68 5.70
N TYR C 234 -16.23 50.47 4.90
CA TYR C 234 -15.25 49.43 5.19
C TYR C 234 -14.08 50.03 5.97
N LYS C 235 -14.15 50.02 7.30
CA LYS C 235 -13.03 50.59 8.06
C LYS C 235 -11.88 49.60 8.13
N PHE C 236 -10.92 49.68 7.20
CA PHE C 236 -9.88 48.63 7.10
C PHE C 236 -8.65 48.89 7.94
N VAL C 237 -8.41 50.14 8.29
CA VAL C 237 -7.29 50.43 9.14
C VAL C 237 -7.72 51.55 10.06
N ASN C 238 -7.54 51.33 11.36
CA ASN C 238 -7.95 52.27 12.40
C ASN C 238 -7.24 53.64 12.31
N ILE C 239 -7.46 54.31 11.19
CA ILE C 239 -6.94 55.62 10.93
C ILE C 239 -7.97 56.23 10.01
N GLY C 240 -8.15 57.53 10.07
CA GLY C 240 -9.16 58.19 9.24
C GLY C 240 -8.78 58.25 7.77
N LEU C 241 -9.79 58.11 6.90
CA LEU C 241 -9.58 58.22 5.47
C LEU C 241 -10.58 59.23 4.83
N SER C 242 -10.18 60.49 4.62
CA SER C 242 -11.12 61.53 4.14
C SER C 242 -10.67 62.31 2.88
N SER C 246 -7.05 69.62 -0.67
CA SER C 246 -6.84 70.53 0.46
C SER C 246 -5.46 70.40 1.13
N LEU C 247 -4.42 70.90 0.47
CA LEU C 247 -3.00 70.59 0.79
C LEU C 247 -2.63 70.40 2.27
N THR C 248 -1.52 69.69 2.50
CA THR C 248 -1.16 69.31 3.85
C THR C 248 -0.39 70.41 4.54
N THR C 249 -0.96 70.94 5.62
CA THR C 249 -0.31 72.02 6.37
C THR C 249 0.98 71.58 7.08
N THR C 250 1.79 72.56 7.46
CA THR C 250 3.04 72.29 8.12
C THR C 250 2.78 71.76 9.53
N ASP C 251 1.78 72.33 10.18
CA ASP C 251 1.48 71.99 11.56
C ASP C 251 0.87 70.60 11.66
N GLU C 252 0.31 70.14 10.54
CA GLU C 252 -0.21 68.78 10.40
C GLU C 252 0.96 67.81 10.28
N ILE C 253 1.83 68.02 9.28
CA ILE C 253 3.08 67.30 9.22
C ILE C 253 3.69 67.23 10.60
N GLN C 254 3.62 68.34 11.33
CA GLN C 254 4.23 68.38 12.66
C GLN C 254 3.65 67.30 13.56
N SER C 255 2.43 67.49 14.07
CA SER C 255 1.84 66.53 15.00
C SER C 255 1.93 65.09 14.48
N ILE C 256 1.95 64.94 13.16
CA ILE C 256 2.13 63.61 12.62
C ILE C 256 3.48 63.08 13.12
N ILE C 257 4.55 63.83 12.90
CA ILE C 257 5.88 63.46 13.40
C ILE C 257 5.94 63.36 14.92
N SER C 258 5.09 64.10 15.62
CA SER C 258 5.00 63.98 17.08
C SER C 258 4.46 62.63 17.48
N ASN C 259 3.25 62.34 17.01
CA ASN C 259 2.57 61.09 17.30
C ASN C 259 3.45 59.88 17.03
N THR C 260 4.08 59.83 15.85
CA THR C 260 4.95 58.72 15.50
C THR C 260 6.12 58.57 16.48
N LEU C 261 6.62 59.70 16.99
CA LEU C 261 7.70 59.70 17.98
C LEU C 261 7.20 59.32 19.36
N LYS C 262 5.99 59.76 19.69
CA LYS C 262 5.39 59.49 20.98
C LYS C 262 4.90 58.04 21.10
N ALA C 263 4.84 57.35 19.98
CA ALA C 263 4.18 56.05 19.93
C ALA C 263 5.14 54.84 19.80
N ARG C 264 6.35 55.08 19.34
CA ARG C 264 7.37 54.02 19.20
C ARG C 264 6.87 52.81 18.38
N PRO C 265 6.21 53.09 17.24
CA PRO C 265 5.59 52.09 16.37
C PRO C 265 6.53 50.96 16.03
N LEU C 266 6.03 49.73 16.16
CA LEU C 266 6.77 48.53 15.79
C LEU C 266 6.46 48.17 14.33
N VAL C 267 7.49 48.22 13.51
CA VAL C 267 7.34 48.05 12.07
C VAL C 267 8.00 46.76 11.59
N GLN C 268 7.16 45.83 11.16
CA GLN C 268 7.62 44.52 10.76
C GLN C 268 8.04 44.54 9.32
N HIS C 269 9.33 44.35 9.06
CA HIS C 269 9.80 44.33 7.69
C HIS C 269 9.90 42.92 7.11
N ILE C 270 9.10 42.62 6.11
CA ILE C 270 9.35 41.42 5.33
C ILE C 270 9.91 41.88 4.00
N THR C 271 11.23 41.87 3.92
CA THR C 271 11.92 42.43 2.77
C THR C 271 13.12 41.56 2.49
N ASN C 272 13.84 41.86 1.42
CA ASN C 272 15.08 41.15 1.14
C ASN C 272 16.08 41.44 2.23
N LYS C 273 17.33 41.10 1.96
CA LYS C 273 18.37 41.31 2.94
C LYS C 273 19.02 42.69 2.76
N VAL C 274 19.11 43.15 1.51
CA VAL C 274 19.73 44.44 1.19
C VAL C 274 18.98 45.60 1.82
N HIS C 275 17.67 45.61 1.58
CA HIS C 275 16.79 46.66 2.10
C HIS C 275 16.67 46.52 3.61
N GLN C 276 17.26 45.44 4.14
CA GLN C 276 16.99 45.04 5.51
C GLN C 276 17.79 45.81 6.54
N ASN C 277 19.11 45.87 6.36
CA ASN C 277 19.95 46.65 7.26
C ASN C 277 19.58 48.12 7.11
N PHE C 278 19.49 48.56 5.86
CA PHE C 278 19.14 49.94 5.58
C PHE C 278 17.79 50.29 6.23
N GLY C 279 16.75 49.52 5.93
CA GLY C 279 15.41 49.81 6.40
C GLY C 279 15.32 49.97 7.91
N ALA C 280 15.93 49.05 8.65
CA ALA C 280 15.85 49.04 10.10
C ALA C 280 16.55 50.25 10.69
N ASN C 281 17.54 50.76 9.98
CA ASN C 281 18.15 52.03 10.37
C ASN C 281 17.14 53.19 10.29
N VAL C 282 16.56 53.37 9.11
CA VAL C 282 15.58 54.43 8.86
C VAL C 282 14.44 54.40 9.86
N THR C 283 14.06 53.19 10.28
CA THR C 283 12.97 53.00 11.24
C THR C 283 13.44 53.44 12.62
N LEU C 284 14.65 53.01 12.96
CA LEU C 284 15.28 53.35 14.22
C LEU C 284 15.44 54.85 14.31
N ALA C 285 15.96 55.40 13.22
CA ALA C 285 16.18 56.83 13.06
C ALA C 285 14.91 57.65 13.31
N LEU C 286 13.75 57.07 13.00
CA LEU C 286 12.49 57.78 13.22
C LEU C 286 11.84 57.52 14.59
N GLY C 287 12.60 56.96 15.53
CA GLY C 287 12.08 56.69 16.86
C GLY C 287 11.15 55.49 16.92
N SER C 288 11.33 54.56 15.99
CA SER C 288 10.48 53.39 15.92
C SER C 288 11.39 52.19 16.07
N SER C 289 10.81 50.98 16.06
CA SER C 289 11.57 49.73 16.24
C SER C 289 11.30 48.73 15.12
N PRO C 290 12.34 48.39 14.36
CA PRO C 290 12.10 47.42 13.30
C PRO C 290 11.98 46.04 13.93
N ILE C 291 11.36 45.10 13.22
CA ILE C 291 11.36 43.67 13.58
C ILE C 291 11.43 42.97 12.24
N MET C 292 12.43 42.12 12.03
CA MET C 292 12.58 41.51 10.70
C MET C 292 12.08 40.07 10.64
N SER C 293 11.16 39.75 11.53
CA SER C 293 10.55 38.42 11.63
C SER C 293 9.74 38.00 10.38
N GLU C 294 10.02 36.80 9.88
CA GLU C 294 9.26 36.22 8.79
C GLU C 294 8.76 34.85 9.22
N ILE C 295 8.49 34.74 10.52
CA ILE C 295 8.03 33.49 11.11
C ILE C 295 6.51 33.50 11.25
N GLN C 296 5.89 32.46 10.70
CA GLN C 296 4.44 32.41 10.52
C GLN C 296 3.62 32.42 11.79
N SER C 297 4.05 31.66 12.81
CA SER C 297 3.29 31.55 14.07
C SER C 297 3.36 32.85 14.88
N GLU C 298 4.42 33.59 14.62
CA GLU C 298 4.70 34.82 15.33
C GLU C 298 3.82 35.95 14.83
N VAL C 299 3.53 35.93 13.54
CA VAL C 299 2.81 37.00 12.88
C VAL C 299 1.55 37.49 13.62
N ASN C 300 0.82 36.59 14.27
CA ASN C 300 -0.38 37.01 14.97
C ASN C 300 -0.09 37.91 16.16
N ASP C 301 1.04 37.64 16.80
CA ASP C 301 1.41 38.34 18.02
C ASP C 301 2.06 39.69 17.80
N LEU C 302 2.89 39.79 16.77
CA LEU C 302 3.47 41.07 16.44
C LEU C 302 2.32 42.02 16.19
N ALA C 303 1.45 41.68 15.26
CA ALA C 303 0.37 42.58 14.88
C ALA C 303 -0.52 43.01 16.06
N ALA C 304 -0.58 42.20 17.11
CA ALA C 304 -1.42 42.51 18.26
C ALA C 304 -0.84 43.64 19.10
N ILE C 305 0.48 43.82 19.01
CA ILE C 305 1.20 44.89 19.71
C ILE C 305 0.68 46.24 19.25
N PRO C 306 0.52 47.18 20.21
CA PRO C 306 -0.06 48.48 19.92
C PRO C 306 0.80 49.28 18.93
N HIS C 307 0.13 50.02 18.03
CA HIS C 307 0.78 50.82 16.99
C HIS C 307 1.75 50.00 16.11
N ALA C 308 1.38 48.75 15.84
CA ALA C 308 2.16 47.86 14.98
C ALA C 308 1.86 48.02 13.48
N THR C 309 2.89 47.97 12.65
CA THR C 309 2.73 48.26 11.22
C THR C 309 3.51 47.28 10.34
N LEU C 310 2.93 46.86 9.23
CA LEU C 310 3.63 45.92 8.37
C LEU C 310 4.10 46.53 7.08
N LEU C 311 5.33 46.18 6.69
CA LEU C 311 5.92 46.61 5.43
C LEU C 311 6.25 45.40 4.56
N LEU C 312 5.72 45.38 3.35
CA LEU C 312 5.84 44.24 2.46
C LEU C 312 6.82 44.51 1.35
N ASN C 313 7.66 43.53 1.03
CA ASN C 313 8.59 43.75 -0.05
C ASN C 313 8.74 42.55 -0.97
N THR C 314 7.85 42.44 -1.94
CA THR C 314 7.93 41.39 -2.96
C THR C 314 9.28 40.68 -3.06
N GLY C 315 9.23 39.35 -3.19
CA GLY C 315 10.43 38.53 -3.33
C GLY C 315 11.39 38.66 -2.17
N SER C 316 11.07 37.99 -1.06
CA SER C 316 11.91 38.12 0.12
C SER C 316 12.19 36.75 0.75
N VAL C 317 12.10 35.69 -0.04
CA VAL C 317 12.40 34.35 0.43
C VAL C 317 11.25 33.77 1.27
N ALA C 318 10.50 34.64 1.96
CA ALA C 318 9.36 34.22 2.75
C ALA C 318 8.31 33.54 1.86
N PRO C 319 7.85 32.33 2.26
CA PRO C 319 6.89 31.54 1.50
C PRO C 319 5.54 32.26 1.47
N PRO C 320 4.82 32.17 0.34
CA PRO C 320 3.58 32.93 0.18
C PRO C 320 2.51 32.62 1.24
N GLU C 321 2.45 31.40 1.77
CA GLU C 321 1.42 31.12 2.76
C GLU C 321 1.61 32.00 3.99
N MET C 322 2.82 32.54 4.11
CA MET C 322 3.20 33.34 5.27
C MET C 322 2.96 34.83 5.01
N LEU C 323 3.19 35.28 3.78
CA LEU C 323 2.78 36.62 3.38
C LEU C 323 1.26 36.68 3.46
N LYS C 324 0.61 35.60 3.02
CA LYS C 324 -0.84 35.52 3.12
C LYS C 324 -1.20 35.70 4.59
N ALA C 325 -0.62 34.89 5.47
CA ALA C 325 -0.93 34.97 6.91
C ALA C 325 -0.52 36.31 7.54
N ALA C 326 0.59 36.87 7.07
CA ALA C 326 1.07 38.15 7.58
C ALA C 326 0.05 39.24 7.29
N ILE C 327 -0.21 39.45 6.00
CA ILE C 327 -1.23 40.38 5.57
C ILE C 327 -2.49 40.17 6.39
N ARG C 328 -3.07 38.98 6.32
CA ARG C 328 -4.28 38.69 7.06
C ARG C 328 -4.13 39.08 8.52
N ALA C 329 -3.01 38.73 9.12
CA ALA C 329 -2.81 38.97 10.54
C ALA C 329 -3.16 40.39 10.92
N TYR C 330 -2.81 41.31 10.02
CA TYR C 330 -2.86 42.75 10.26
C TYR C 330 -4.19 43.41 9.90
N ASN C 331 -4.88 42.90 8.87
CA ASN C 331 -6.22 43.39 8.52
C ASN C 331 -7.25 42.95 9.57
N ASP C 332 -6.91 41.87 10.27
CA ASP C 332 -7.71 41.37 11.38
C ASP C 332 -7.66 42.31 12.55
N VAL C 333 -6.58 43.05 12.65
CA VAL C 333 -6.39 43.94 13.78
C VAL C 333 -6.60 45.41 13.34
N LYS C 334 -7.09 45.61 12.11
CA LYS C 334 -7.33 46.95 11.58
C LYS C 334 -6.04 47.77 11.44
N ARG C 335 -4.90 47.11 11.21
CA ARG C 335 -3.58 47.79 11.15
C ARG C 335 -2.96 47.93 9.74
N PRO C 336 -2.07 48.94 9.57
CA PRO C 336 -1.61 49.46 8.28
C PRO C 336 -0.57 48.58 7.58
N ILE C 337 -0.81 48.29 6.31
CA ILE C 337 0.15 47.57 5.50
C ILE C 337 0.67 48.46 4.39
N VAL C 338 1.98 48.51 4.23
CA VAL C 338 2.61 49.26 3.14
C VAL C 338 3.19 48.25 2.20
N PHE C 339 2.93 48.40 0.91
CA PHE C 339 3.29 47.38 -0.05
C PHE C 339 4.29 47.93 -1.03
N ASP C 340 5.41 47.25 -1.19
CA ASP C 340 6.43 47.73 -2.12
C ASP C 340 6.83 46.66 -3.13
N PRO C 341 6.13 46.64 -4.28
CA PRO C 341 6.32 45.59 -5.26
C PRO C 341 7.59 45.80 -6.05
N VAL C 342 8.75 45.75 -5.39
CA VAL C 342 10.02 46.02 -6.05
C VAL C 342 10.12 45.42 -7.45
N GLY C 343 10.09 44.10 -7.55
CA GLY C 343 10.23 43.44 -8.83
C GLY C 343 9.25 43.90 -9.90
N TYR C 344 8.02 43.37 -9.82
CA TYR C 344 6.88 43.68 -10.70
C TYR C 344 7.08 43.02 -12.07
N SER C 345 6.54 43.67 -13.12
CA SER C 345 6.66 43.15 -14.49
C SER C 345 8.10 42.93 -14.98
N ALA C 346 9.08 43.13 -14.10
CA ALA C 346 10.48 42.83 -14.40
C ALA C 346 10.67 41.37 -14.84
N THR C 347 9.93 40.45 -14.23
CA THR C 347 10.07 39.03 -14.53
C THR C 347 8.72 38.31 -14.62
N GLU C 348 8.77 37.02 -14.97
CA GLU C 348 7.55 36.21 -14.94
C GLU C 348 7.15 35.90 -13.50
N THR C 349 8.05 35.30 -12.74
CA THR C 349 7.71 34.88 -11.39
C THR C 349 7.21 36.04 -10.54
N ARG C 350 7.61 37.27 -10.86
CA ARG C 350 7.28 38.41 -10.00
C ARG C 350 5.96 39.07 -10.33
N LEU C 351 5.68 39.24 -11.61
CA LEU C 351 4.35 39.64 -11.98
C LEU C 351 3.39 38.69 -11.25
N LEU C 352 3.56 37.40 -11.50
CA LEU C 352 2.67 36.40 -10.96
C LEU C 352 2.52 36.48 -9.45
N LEU C 353 3.61 36.75 -8.74
CA LEU C 353 3.62 36.72 -7.28
C LEU C 353 2.91 37.91 -6.65
N ASN C 354 3.21 39.10 -7.16
CA ASN C 354 2.61 40.31 -6.65
C ASN C 354 1.12 40.27 -6.82
N ASN C 355 0.70 39.88 -8.03
CA ASN C 355 -0.70 39.78 -8.33
C ASN C 355 -1.42 38.85 -7.35
N LEU C 356 -0.72 37.78 -6.94
CA LEU C 356 -1.22 36.85 -5.91
C LEU C 356 -1.28 37.57 -4.56
N LEU C 357 -0.17 38.19 -4.17
CA LEU C 357 -0.13 38.95 -2.94
C LEU C 357 -1.22 40.01 -2.87
N LEU C 358 -1.53 40.64 -4.00
CA LEU C 358 -2.47 41.75 -3.96
C LEU C 358 -3.90 41.29 -3.69
N THR C 359 -4.09 39.99 -3.54
CA THR C 359 -5.43 39.46 -3.35
C THR C 359 -5.57 38.95 -1.94
N PHE C 360 -4.49 39.03 -1.18
CA PHE C 360 -4.50 38.50 0.17
C PHE C 360 -5.12 39.42 1.21
N GLY C 361 -5.25 40.70 0.91
CA GLY C 361 -5.82 41.63 1.87
C GLY C 361 -5.72 43.07 1.42
N GLN C 362 -6.13 44.01 2.29
CA GLN C 362 -6.24 45.44 1.94
C GLN C 362 -5.03 46.25 2.32
N PHE C 363 -4.39 46.90 1.35
CA PHE C 363 -3.20 47.73 1.68
C PHE C 363 -3.47 49.23 1.98
N SER C 364 -2.67 49.78 2.87
CA SER C 364 -2.85 51.16 3.30
C SER C 364 -2.10 52.08 2.35
N CYS C 365 -0.99 51.59 1.80
CA CYS C 365 -0.21 52.35 0.82
C CYS C 365 0.64 51.43 -0.05
N ILE C 366 0.66 51.69 -1.36
CA ILE C 366 1.54 50.97 -2.27
C ILE C 366 2.53 51.93 -2.92
N LYS C 367 3.82 51.77 -2.60
CA LYS C 367 4.84 52.63 -3.18
C LYS C 367 5.64 51.90 -4.27
N GLY C 368 5.83 52.54 -5.41
CA GLY C 368 6.68 52.00 -6.46
C GLY C 368 7.24 53.11 -7.32
N ASN C 369 8.22 52.82 -8.15
CA ASN C 369 8.73 53.85 -9.06
C ASN C 369 8.16 53.75 -10.46
N SER C 370 8.36 54.80 -11.26
CA SER C 370 7.79 54.93 -12.61
C SER C 370 7.49 53.60 -13.34
N SER C 371 8.45 52.69 -13.31
CA SER C 371 8.31 51.40 -13.97
C SER C 371 7.26 50.53 -13.26
N GLU C 372 7.46 50.32 -11.96
CA GLU C 372 6.50 49.62 -11.11
C GLU C 372 5.08 50.21 -11.16
N ILE C 373 4.94 51.51 -10.96
CA ILE C 373 3.62 52.12 -10.92
C ILE C 373 2.94 52.02 -12.27
N LEU C 374 3.72 52.13 -13.32
CA LEU C 374 3.16 52.04 -14.66
C LEU C 374 2.65 50.61 -14.98
N GLY C 375 3.43 49.60 -14.56
CA GLY C 375 3.01 48.21 -14.71
C GLY C 375 1.71 47.89 -13.99
N LEU C 376 1.66 48.20 -12.70
CA LEU C 376 0.48 47.98 -11.87
C LEU C 376 -0.80 48.59 -12.43
N ALA C 377 -0.65 49.70 -13.15
CA ALA C 377 -1.80 50.44 -13.63
C ALA C 377 -2.20 49.99 -15.03
N GLU C 378 -1.35 49.16 -15.61
CA GLU C 378 -1.66 48.53 -16.89
C GLU C 378 -1.64 49.52 -18.07
N LEU C 379 -0.78 50.54 -17.97
CA LEU C 379 -0.60 51.55 -19.02
C LEU C 379 0.82 51.51 -19.61
N SER C 394 7.20 59.74 -19.45
CA SER C 394 6.52 61.07 -19.38
C SER C 394 6.54 61.72 -17.99
N ASN C 395 5.56 62.60 -17.72
CA ASN C 395 5.41 63.23 -16.39
C ASN C 395 3.94 63.49 -16.06
N GLU C 396 3.13 63.65 -17.10
CA GLU C 396 1.68 63.77 -16.92
C GLU C 396 1.15 62.36 -16.82
N LEU C 397 1.77 61.47 -17.59
CA LEU C 397 1.34 60.09 -17.65
C LEU C 397 1.50 59.43 -16.29
N LEU C 398 2.59 59.76 -15.61
CA LEU C 398 2.82 59.23 -14.27
C LEU C 398 1.65 59.59 -13.37
N ILE C 399 1.34 60.88 -13.30
CA ILE C 399 0.20 61.31 -12.52
C ILE C 399 -1.01 60.44 -12.82
N GLN C 400 -1.28 60.24 -14.10
CA GLN C 400 -2.44 59.45 -14.51
C GLN C 400 -2.38 58.06 -13.89
N ALA C 401 -1.26 57.39 -14.03
CA ALA C 401 -1.13 56.00 -13.58
C ALA C 401 -1.16 55.85 -12.06
N THR C 402 -0.60 56.82 -11.35
CA THR C 402 -0.72 56.79 -9.91
C THR C 402 -2.19 56.81 -9.51
N LYS C 403 -2.93 57.81 -9.96
CA LYS C 403 -4.36 57.83 -9.74
C LYS C 403 -4.91 56.40 -10.02
N ILE C 404 -4.68 55.90 -11.24
CA ILE C 404 -5.18 54.59 -11.66
C ILE C 404 -4.96 53.52 -10.60
N VAL C 405 -3.74 53.43 -10.09
CA VAL C 405 -3.37 52.41 -9.12
C VAL C 405 -4.01 52.67 -7.77
N ALA C 406 -4.08 53.92 -7.35
CA ALA C 406 -4.61 54.19 -6.03
C ALA C 406 -6.07 53.85 -6.02
N PHE C 407 -6.75 54.12 -7.11
CA PHE C 407 -8.17 53.83 -7.16
C PHE C 407 -8.39 52.33 -7.28
N LYS C 408 -7.59 51.70 -8.13
CA LYS C 408 -7.75 50.29 -8.48
C LYS C 408 -7.53 49.35 -7.31
N TYR C 409 -6.70 49.74 -6.34
CA TYR C 409 -6.48 48.89 -5.16
C TYR C 409 -7.04 49.52 -3.88
N LYS C 410 -7.92 50.50 -4.08
CA LYS C 410 -8.41 51.39 -3.02
C LYS C 410 -7.32 51.63 -2.00
N THR C 411 -6.41 52.57 -2.28
CA THR C 411 -5.30 52.80 -1.38
C THR C 411 -4.63 54.16 -1.60
N VAL C 412 -3.81 54.58 -0.64
CA VAL C 412 -2.86 55.66 -0.89
C VAL C 412 -1.74 55.05 -1.72
N ALA C 413 -1.53 55.57 -2.91
CA ALA C 413 -0.50 54.99 -3.78
C ALA C 413 0.61 55.99 -4.12
N VAL C 414 1.81 55.77 -3.60
CA VAL C 414 2.92 56.66 -3.86
C VAL C 414 3.68 56.23 -5.10
N CYS C 415 4.13 57.20 -5.88
CA CYS C 415 4.99 56.95 -7.03
C CYS C 415 6.22 57.85 -6.96
N THR C 416 7.40 57.26 -7.05
CA THR C 416 8.62 58.04 -6.82
C THR C 416 9.43 58.37 -8.08
N GLY C 417 10.48 59.17 -7.86
CA GLY C 417 11.25 59.80 -8.92
C GLY C 417 11.57 61.24 -8.53
N GLU C 418 12.08 62.03 -9.48
CA GLU C 418 12.37 63.44 -9.21
C GLU C 418 11.14 64.09 -8.59
N PHE C 419 9.97 63.85 -9.20
CA PHE C 419 8.70 64.19 -8.61
C PHE C 419 8.07 62.98 -7.94
N ASP C 420 7.59 63.13 -6.72
CA ASP C 420 6.83 62.10 -6.04
C ASP C 420 5.38 62.47 -6.16
N PHE C 421 4.56 61.56 -6.64
CA PHE C 421 3.13 61.83 -6.74
C PHE C 421 2.42 60.96 -5.74
N ILE C 422 1.39 61.50 -5.09
CA ILE C 422 0.70 60.75 -4.05
C ILE C 422 -0.82 60.79 -4.19
N ALA C 423 -1.40 59.72 -4.72
CA ALA C 423 -2.85 59.67 -4.93
C ALA C 423 -3.58 59.04 -3.74
N ASP C 424 -4.80 59.50 -3.49
CA ASP C 424 -5.64 58.91 -2.45
C ASP C 424 -6.92 58.32 -3.05
N GLY C 425 -6.89 57.01 -3.28
CA GLY C 425 -8.01 56.30 -3.85
C GLY C 425 -8.83 55.51 -2.85
N THR C 426 -8.70 55.81 -1.56
CA THR C 426 -9.45 55.07 -0.54
C THR C 426 -10.90 55.50 -0.44
N ILE C 427 -11.19 56.74 -0.84
CA ILE C 427 -12.57 57.21 -0.91
C ILE C 427 -13.36 57.02 0.39
N GLU C 428 -12.81 57.47 1.51
CA GLU C 428 -13.47 57.35 2.81
C GLU C 428 -13.63 55.88 3.24
N GLY C 429 -13.41 54.96 2.31
CA GLY C 429 -13.61 53.55 2.57
C GLY C 429 -15.06 53.16 2.35
N LYS C 430 -15.67 53.77 1.34
CA LYS C 430 -17.08 53.59 1.04
C LYS C 430 -17.28 52.53 -0.01
N TYR C 431 -18.21 51.63 0.24
CA TYR C 431 -18.69 50.72 -0.81
C TYR C 431 -20.23 50.70 -0.94
N SER C 432 -20.69 50.09 -2.03
CA SER C 432 -22.11 50.00 -2.33
C SER C 432 -22.34 48.94 -3.42
N LEU C 433 -23.60 48.66 -3.73
CA LEU C 433 -23.94 47.70 -4.79
C LEU C 433 -24.41 48.30 -6.16
N SER C 434 -23.76 49.40 -6.56
CA SER C 434 -23.92 50.12 -7.86
C SER C 434 -24.25 51.61 -7.73
N THR C 437 -22.36 57.28 -4.00
CA THR C 437 -20.99 57.82 -4.05
C THR C 437 -20.10 57.04 -5.01
N ASN C 438 -20.27 55.71 -5.07
CA ASN C 438 -19.45 54.88 -5.96
C ASN C 438 -19.06 55.71 -7.20
N GLY C 439 -19.93 56.67 -7.57
CA GLY C 439 -19.79 57.59 -8.70
C GLY C 439 -18.53 58.46 -8.91
N THR C 440 -17.61 58.44 -7.96
CA THR C 440 -16.34 59.19 -8.02
C THR C 440 -15.24 58.53 -8.87
N SER C 441 -15.18 58.80 -10.16
CA SER C 441 -14.23 58.09 -11.05
C SER C 441 -12.77 58.09 -10.62
N VAL C 442 -11.97 57.31 -11.35
CA VAL C 442 -10.53 57.27 -11.13
C VAL C 442 -9.96 58.69 -11.08
N GLU C 443 -10.36 59.51 -12.04
CA GLU C 443 -9.72 60.80 -12.25
C GLU C 443 -10.15 61.93 -11.30
N ASP C 444 -11.05 61.62 -10.38
CA ASP C 444 -11.53 62.62 -9.41
C ASP C 444 -10.85 62.57 -8.03
N ILE C 445 -10.15 61.48 -7.75
CA ILE C 445 -9.51 61.30 -6.45
C ILE C 445 -8.36 62.28 -6.36
N PRO C 446 -8.20 62.92 -5.20
CA PRO C 446 -7.13 63.90 -4.93
C PRO C 446 -5.72 63.32 -5.09
N CYS C 447 -4.85 64.05 -5.78
CA CYS C 447 -3.44 63.64 -5.96
C CYS C 447 -2.47 64.84 -5.90
N VAL C 448 -1.38 64.69 -5.15
CA VAL C 448 -0.45 65.79 -4.95
C VAL C 448 0.92 65.50 -5.57
N ALA C 449 1.83 66.47 -5.50
CA ALA C 449 3.23 66.31 -5.93
C ALA C 449 4.20 66.76 -4.84
N VAL C 450 5.41 66.22 -4.85
CA VAL C 450 6.48 66.67 -3.94
C VAL C 450 7.81 66.80 -4.69
N GLU C 451 8.30 68.04 -4.77
CA GLU C 451 9.51 68.41 -5.52
C GLU C 451 10.54 68.98 -4.58
N ALA C 452 11.82 68.82 -4.92
CA ALA C 452 12.90 69.54 -4.24
C ALA C 452 14.08 69.77 -5.18
N GLY C 453 13.86 69.53 -6.47
CA GLY C 453 14.89 69.66 -7.49
C GLY C 453 15.66 68.37 -7.55
N PRO C 454 16.55 68.24 -8.54
CA PRO C 454 17.32 66.98 -8.70
C PRO C 454 18.24 66.69 -7.49
N ILE C 455 18.20 65.45 -6.98
CA ILE C 455 19.11 65.01 -5.91
C ILE C 455 19.80 63.68 -6.20
N GLY C 465 16.59 53.92 -1.51
CA GLY C 465 15.29 54.06 -2.15
C GLY C 465 14.17 53.54 -1.28
N CYS C 466 14.14 52.21 -1.13
CA CYS C 466 13.08 51.46 -0.39
C CYS C 466 12.92 51.86 1.10
N SER C 467 13.79 52.77 1.52
CA SER C 467 13.76 53.42 2.82
C SER C 467 12.57 54.38 2.90
N LEU C 468 12.08 54.80 1.73
CA LEU C 468 10.80 55.51 1.66
C LEU C 468 9.70 54.65 2.29
N GLY C 469 9.60 53.40 1.82
CA GLY C 469 8.73 52.44 2.46
C GLY C 469 8.81 52.57 3.96
N SER C 470 10.02 52.45 4.51
CA SER C 470 10.20 52.41 5.95
C SER C 470 9.70 53.68 6.62
N THR C 471 9.88 54.80 5.93
CA THR C 471 9.47 56.08 6.47
C THR C 471 7.94 56.15 6.59
N ILE C 472 7.27 56.09 5.44
CA ILE C 472 5.83 56.01 5.40
C ILE C 472 5.28 55.07 6.44
N ALA C 473 5.83 53.85 6.49
CA ALA C 473 5.38 52.85 7.44
C ALA C 473 5.36 53.41 8.85
N CYS C 474 6.47 54.04 9.25
CA CYS C 474 6.58 54.62 10.59
C CYS C 474 5.59 55.75 10.80
N MET C 475 5.57 56.69 9.86
CA MET C 475 4.64 57.80 9.97
C MET C 475 3.23 57.29 10.23
N ILE C 476 2.75 56.42 9.33
CA ILE C 476 1.40 55.88 9.39
C ILE C 476 1.14 55.14 10.70
N GLY C 477 2.15 54.43 11.18
CA GLY C 477 2.01 53.59 12.36
C GLY C 477 1.77 54.35 13.67
N GLY C 478 2.32 55.56 13.76
CA GLY C 478 2.11 56.40 14.93
C GLY C 478 0.75 57.11 15.01
N GLN C 479 0.09 57.29 13.87
CA GLN C 479 -1.20 57.97 13.86
C GLN C 479 -2.23 57.30 14.76
N PRO C 480 -2.96 58.11 15.56
CA PRO C 480 -4.00 57.70 16.51
C PRO C 480 -5.35 57.62 15.83
N SER C 481 -6.22 56.76 16.36
CA SER C 481 -7.58 56.53 15.86
C SER C 481 -8.10 57.57 14.86
N GLU C 482 -8.54 58.69 15.39
CA GLU C 482 -9.07 59.80 14.60
C GLU C 482 -7.96 60.65 13.92
N GLY C 483 -6.96 59.97 13.37
CA GLY C 483 -5.88 60.64 12.66
C GLY C 483 -6.21 60.77 11.19
N ASN C 484 -5.18 60.80 10.35
CA ASN C 484 -5.44 60.77 8.91
C ASN C 484 -4.38 60.05 8.09
N LEU C 485 -4.85 59.06 7.31
CA LEU C 485 -4.01 58.27 6.43
C LEU C 485 -3.32 59.07 5.30
N PHE C 486 -4.08 59.84 4.53
CA PHE C 486 -3.46 60.55 3.43
C PHE C 486 -2.37 61.52 3.87
N HIS C 487 -2.64 62.30 4.91
CA HIS C 487 -1.67 63.28 5.35
C HIS C 487 -0.43 62.56 5.81
N ALA C 488 -0.65 61.46 6.54
CA ALA C 488 0.47 60.71 7.08
C ALA C 488 1.45 60.31 5.98
N VAL C 489 0.96 59.65 4.93
CA VAL C 489 1.83 59.25 3.82
C VAL C 489 2.54 60.49 3.23
N VAL C 490 1.79 61.57 3.05
CA VAL C 490 2.38 62.77 2.50
C VAL C 490 3.49 63.31 3.40
N ALA C 491 3.24 63.37 4.71
CA ALA C 491 4.30 63.71 5.66
C ALA C 491 5.53 62.82 5.42
N GLY C 492 5.33 61.50 5.40
CA GLY C 492 6.42 60.59 5.11
C GLY C 492 7.21 60.91 3.85
N VAL C 493 6.52 61.16 2.74
CA VAL C 493 7.25 61.46 1.50
C VAL C 493 8.01 62.78 1.59
N MET C 494 7.49 63.74 2.34
CA MET C 494 8.20 64.99 2.58
C MET C 494 9.47 64.69 3.38
N LEU C 495 9.28 64.38 4.68
CA LEU C 495 10.35 63.99 5.59
C LEU C 495 11.47 63.27 4.87
N TYR C 496 11.13 62.39 3.94
CA TYR C 496 12.13 61.64 3.21
C TYR C 496 12.79 62.47 2.13
N LYS C 497 12.01 62.98 1.20
CA LYS C 497 12.53 63.91 0.19
C LYS C 497 13.36 65.05 0.85
N ALA C 498 12.89 65.54 2.01
CA ALA C 498 13.57 66.60 2.76
C ALA C 498 14.98 66.19 3.19
N ALA C 499 15.05 65.14 4.01
CA ALA C 499 16.33 64.54 4.40
C ALA C 499 17.25 64.28 3.18
N GLY C 500 16.65 63.94 2.04
CA GLY C 500 17.39 63.73 0.82
C GLY C 500 18.22 64.93 0.42
N LYS C 501 17.59 66.13 0.38
CA LYS C 501 18.31 67.37 0.09
C LYS C 501 19.43 67.53 1.07
N ILE C 502 19.09 67.64 2.36
CA ILE C 502 20.11 67.81 3.41
C ILE C 502 21.30 66.91 3.17
N ALA C 503 21.06 65.60 3.15
CA ALA C 503 22.12 64.62 2.89
C ALA C 503 22.81 64.89 1.56
N SER C 504 22.04 65.16 0.52
CA SER C 504 22.60 65.35 -0.83
C SER C 504 23.69 66.39 -0.81
N GLU C 505 23.61 67.29 0.16
CA GLU C 505 24.49 68.45 0.29
C GLU C 505 25.69 68.23 1.21
N LYS C 506 25.62 67.25 2.10
CA LYS C 506 26.74 67.00 3.03
C LYS C 506 27.51 65.70 2.72
N CYS C 507 27.28 65.12 1.54
CA CYS C 507 27.88 63.83 1.18
C CYS C 507 29.25 64.02 0.52
N ASN C 508 30.01 62.93 0.42
CA ASN C 508 31.27 62.95 -0.32
C ASN C 508 31.21 61.89 -1.40
N GLY C 509 30.08 61.20 -1.43
CA GLY C 509 29.88 60.03 -2.29
C GLY C 509 28.67 59.24 -1.82
N SER C 510 28.28 58.25 -2.63
CA SER C 510 27.11 57.43 -2.37
C SER C 510 27.16 56.73 -1.03
N GLY C 511 28.37 56.39 -0.60
CA GLY C 511 28.60 55.79 0.71
C GLY C 511 28.17 56.71 1.83
N SER C 512 28.81 57.86 1.94
CA SER C 512 28.50 58.81 3.01
C SER C 512 27.10 59.45 2.87
N PHE C 513 26.55 59.46 1.65
CA PHE C 513 25.24 60.02 1.44
C PHE C 513 24.28 59.24 2.33
N GLN C 514 24.45 57.93 2.29
CA GLN C 514 23.55 56.97 2.92
C GLN C 514 23.52 57.12 4.44
N VAL C 515 24.70 57.19 5.03
CA VAL C 515 24.82 57.42 6.47
C VAL C 515 24.35 58.83 6.84
N GLU C 516 24.53 59.76 5.92
CA GLU C 516 24.02 61.11 6.16
C GLU C 516 22.50 61.15 6.03
N LEU C 517 21.94 60.42 5.07
CA LEU C 517 20.50 60.38 4.90
C LEU C 517 19.80 59.97 6.19
N ILE C 518 20.32 58.93 6.85
CA ILE C 518 19.72 58.44 8.08
C ILE C 518 19.86 59.50 9.17
N ASP C 519 21.06 60.06 9.26
CA ASP C 519 21.32 61.13 10.21
C ASP C 519 20.33 62.29 10.06
N ALA C 520 20.21 62.81 8.84
CA ALA C 520 19.26 63.88 8.55
C ALA C 520 17.87 63.50 9.05
N LEU C 521 17.47 62.27 8.78
CA LEU C 521 16.16 61.82 9.21
C LEU C 521 16.05 61.89 10.71
N TYR C 522 17.12 61.55 11.40
CA TYR C 522 17.13 61.59 12.86
C TYR C 522 17.02 63.03 13.38
N ARG C 523 17.93 63.90 12.94
CA ARG C 523 17.93 65.30 13.35
C ARG C 523 16.63 66.01 12.96
N LEU C 524 16.12 65.68 11.78
CA LEU C 524 14.96 66.38 11.26
C LEU C 524 13.72 66.15 12.12
N THR C 525 13.46 64.90 12.48
CA THR C 525 12.26 64.59 13.25
C THR C 525 12.41 65.00 14.71
N ARG C 526 13.67 65.16 15.15
CA ARG C 526 13.94 65.64 16.51
C ARG C 526 13.74 67.17 16.66
N GLU C 527 14.24 67.97 15.71
CA GLU C 527 13.85 69.38 15.63
C GLU C 527 12.56 69.46 14.79
N ASN C 528 11.41 69.52 15.45
CA ASN C 528 10.16 69.28 14.73
C ASN C 528 9.62 70.52 14.01
N THR C 529 10.37 71.02 13.03
CA THR C 529 10.06 72.34 12.48
C THR C 529 9.92 72.30 10.98
N PRO C 530 8.89 71.61 10.51
CA PRO C 530 8.79 71.35 9.08
C PRO C 530 8.78 72.65 8.30
N VAL C 531 8.44 73.78 8.95
CA VAL C 531 8.39 75.06 8.24
C VAL C 531 9.74 75.40 7.57
N THR C 532 10.83 74.84 8.10
CA THR C 532 12.18 75.06 7.57
C THR C 532 12.69 73.97 6.62
N TRP C 533 11.77 73.21 6.03
CA TRP C 533 12.13 72.12 5.11
C TRP C 533 12.15 72.55 3.64
N ALA C 534 13.16 72.06 2.91
CA ALA C 534 13.39 72.40 1.51
C ALA C 534 12.32 71.99 0.45
N PRO C 535 11.61 70.85 0.66
CA PRO C 535 10.70 70.32 -0.37
C PRO C 535 9.32 70.99 -0.40
N LYS C 536 8.88 71.31 -1.62
CA LYS C 536 7.65 72.06 -1.85
C LYS C 536 6.53 71.14 -2.34
N LEU C 537 5.36 71.24 -1.71
CA LEU C 537 4.24 70.34 -1.98
C LEU C 537 3.05 71.02 -2.71
N THR C 538 2.75 70.59 -3.93
CA THR C 538 1.70 71.24 -4.75
C THR C 538 0.57 70.28 -5.15
N HIS C 539 -0.39 70.78 -5.93
CA HIS C 539 -1.44 69.92 -6.46
C HIS C 539 -1.07 69.32 -7.83
N THR C 540 -1.39 68.04 -8.03
CA THR C 540 -1.20 67.36 -9.32
C THR C 540 -2.39 67.64 -10.21
N LYS D 2 -38.36 15.63 -40.96
CA LYS D 2 -38.56 14.90 -39.72
C LYS D 2 -39.33 13.67 -40.08
N PHE D 3 -39.43 12.71 -39.15
CA PHE D 3 -40.13 11.46 -39.39
C PHE D 3 -41.47 11.40 -38.68
N SER D 4 -42.16 10.28 -38.83
CA SER D 4 -43.43 10.05 -38.16
C SER D 4 -43.27 8.81 -37.28
N LYS D 5 -43.97 8.78 -36.15
CA LYS D 5 -43.89 7.61 -35.24
C LYS D 5 -43.97 6.26 -35.99
N GLU D 6 -44.77 6.22 -37.04
CA GLU D 6 -44.94 5.00 -37.82
C GLU D 6 -43.69 4.62 -38.65
N GLN D 7 -42.75 5.55 -38.79
CA GLN D 7 -41.62 5.33 -39.70
C GLN D 7 -40.31 4.86 -39.03
N PHE D 8 -40.23 5.05 -37.72
CA PHE D 8 -39.11 4.58 -36.91
C PHE D 8 -38.94 3.06 -37.07
N ASP D 9 -37.75 2.64 -37.48
CA ASP D 9 -37.43 1.22 -37.63
C ASP D 9 -36.52 0.77 -36.49
N TYR D 10 -36.99 -0.10 -35.61
CA TYR D 10 -36.18 -0.48 -34.48
C TYR D 10 -35.38 -1.77 -34.68
N SER D 11 -35.44 -2.35 -35.88
CA SER D 11 -34.68 -3.57 -36.19
C SER D 11 -33.42 -3.66 -35.35
N LEU D 12 -32.37 -2.99 -35.81
CA LEU D 12 -31.13 -2.93 -35.11
C LEU D 12 -30.85 -1.51 -34.59
N TYR D 13 -31.01 -1.33 -33.28
CA TYR D 13 -31.00 -0.02 -32.61
C TYR D 13 -29.67 0.23 -31.94
N LEU D 14 -28.90 1.21 -32.43
CA LEU D 14 -27.54 1.45 -31.93
C LEU D 14 -27.46 2.56 -30.89
N VAL D 15 -27.00 2.23 -29.69
CA VAL D 15 -26.85 3.21 -28.63
C VAL D 15 -25.37 3.59 -28.44
N THR D 16 -25.12 4.88 -28.23
CA THR D 16 -23.78 5.50 -28.29
C THR D 16 -23.01 5.62 -26.95
N ASP D 17 -21.68 5.57 -27.04
CA ASP D 17 -20.82 5.66 -25.86
C ASP D 17 -19.36 5.96 -26.27
N SER D 18 -18.98 7.23 -26.22
CA SER D 18 -17.64 7.63 -26.64
C SER D 18 -16.52 7.00 -25.80
N GLY D 19 -16.68 6.99 -24.48
CA GLY D 19 -15.68 6.43 -23.59
C GLY D 19 -15.71 4.92 -23.64
N MET D 20 -15.22 4.38 -24.76
CA MET D 20 -15.25 2.96 -25.01
C MET D 20 -14.80 2.70 -26.43
N ILE D 21 -14.64 3.77 -27.19
CA ILE D 21 -14.21 3.70 -28.58
C ILE D 21 -12.74 3.33 -28.71
N PRO D 22 -12.42 2.36 -29.60
CA PRO D 22 -11.09 1.79 -29.83
C PRO D 22 -10.06 2.82 -30.30
N GLU D 23 -8.83 2.80 -29.75
CA GLU D 23 -7.81 3.77 -30.15
C GLU D 23 -7.69 3.82 -31.67
N GLY D 24 -7.67 5.03 -32.22
CA GLY D 24 -7.54 5.23 -33.65
C GLY D 24 -8.85 5.44 -34.38
N LYS D 25 -9.96 5.08 -33.73
CA LYS D 25 -11.26 5.25 -34.35
C LYS D 25 -12.05 6.31 -33.59
N THR D 26 -13.10 6.84 -34.23
CA THR D 26 -13.96 7.88 -33.66
C THR D 26 -15.42 7.47 -33.62
N LEU D 27 -16.23 8.18 -32.83
CA LEU D 27 -17.66 7.88 -32.77
C LEU D 27 -18.25 7.96 -34.17
N TYR D 28 -18.11 9.11 -34.80
CA TYR D 28 -18.56 9.29 -36.17
C TYR D 28 -18.11 8.07 -36.97
N GLY D 29 -16.81 7.77 -36.87
CA GLY D 29 -16.26 6.57 -37.49
C GLY D 29 -17.19 5.37 -37.41
N GLN D 30 -17.42 4.87 -36.18
CA GLN D 30 -18.31 3.73 -35.94
C GLN D 30 -19.73 4.01 -36.42
N VAL D 31 -20.38 4.99 -35.79
CA VAL D 31 -21.79 5.29 -36.08
C VAL D 31 -22.08 5.37 -37.60
N GLU D 32 -21.06 5.70 -38.39
CA GLU D 32 -21.20 5.66 -39.85
C GLU D 32 -21.23 4.21 -40.36
N ALA D 33 -20.19 3.45 -40.03
CA ALA D 33 -20.09 2.03 -40.42
C ALA D 33 -21.39 1.25 -40.22
N GLY D 34 -22.01 1.40 -39.06
CA GLY D 34 -23.21 0.65 -38.74
C GLY D 34 -24.44 1.23 -39.43
N LEU D 35 -24.30 2.44 -39.97
CA LEU D 35 -25.38 3.04 -40.74
C LEU D 35 -25.38 2.44 -42.15
N GLN D 36 -24.16 2.21 -42.66
CA GLN D 36 -23.97 1.65 -43.99
C GLN D 36 -24.31 0.17 -44.02
N ASN D 37 -24.23 -0.49 -42.87
CA ASN D 37 -24.33 -1.93 -42.83
C ASN D 37 -25.45 -2.55 -42.00
N GLY D 38 -26.32 -1.74 -41.41
CA GLY D 38 -27.41 -2.34 -40.65
C GLY D 38 -28.25 -1.46 -39.74
N VAL D 39 -27.60 -0.62 -38.93
CA VAL D 39 -28.34 0.19 -37.99
C VAL D 39 -29.51 0.88 -38.66
N THR D 40 -30.58 1.10 -37.91
CA THR D 40 -31.86 1.58 -38.46
C THR D 40 -32.41 2.64 -37.54
N LEU D 41 -31.76 2.78 -36.39
CA LEU D 41 -32.12 3.80 -35.41
C LEU D 41 -30.88 4.05 -34.57
N VAL D 42 -30.70 5.30 -34.15
CA VAL D 42 -29.51 5.69 -33.38
C VAL D 42 -29.76 6.62 -32.19
N GLN D 43 -29.36 6.17 -31.01
CA GLN D 43 -29.46 6.98 -29.80
C GLN D 43 -28.09 7.53 -29.41
N ILE D 44 -28.03 8.81 -29.06
CA ILE D 44 -26.83 9.40 -28.52
C ILE D 44 -26.88 9.26 -27.01
N ARG D 45 -25.82 8.67 -26.43
CA ARG D 45 -25.67 8.56 -24.96
C ARG D 45 -24.37 9.24 -24.47
N GLU D 46 -24.56 10.33 -23.72
CA GLU D 46 -23.45 11.06 -23.13
C GLU D 46 -23.75 11.35 -21.68
N LYS D 47 -23.29 10.48 -20.80
CA LYS D 47 -23.56 10.63 -19.39
C LYS D 47 -22.54 11.56 -18.71
N ASP D 48 -21.41 11.78 -19.36
CA ASP D 48 -20.35 12.56 -18.74
C ASP D 48 -20.18 13.95 -19.34
N ALA D 49 -19.95 14.01 -20.66
CA ALA D 49 -19.63 15.27 -21.34
C ALA D 49 -20.52 16.47 -20.99
N ASP D 50 -20.02 17.67 -21.27
CA ASP D 50 -20.70 18.93 -20.91
C ASP D 50 -21.74 19.34 -21.97
N THR D 51 -22.80 19.98 -21.49
CA THR D 51 -23.94 20.34 -22.33
C THR D 51 -23.58 20.93 -23.71
N LYS D 52 -22.49 21.69 -23.80
CA LYS D 52 -22.07 22.26 -25.08
C LYS D 52 -21.54 21.16 -25.98
N PHE D 53 -20.46 20.51 -25.55
CA PHE D 53 -19.85 19.45 -26.34
C PHE D 53 -20.88 18.43 -26.82
N PHE D 54 -21.79 18.04 -25.92
CA PHE D 54 -22.93 17.17 -26.24
C PHE D 54 -23.61 17.64 -27.52
N ILE D 55 -24.13 18.87 -27.46
CA ILE D 55 -24.86 19.46 -28.56
C ILE D 55 -24.03 19.49 -29.82
N GLU D 56 -22.73 19.74 -29.65
CA GLU D 56 -21.84 19.82 -30.80
C GLU D 56 -21.74 18.50 -31.51
N GLU D 57 -21.65 17.41 -30.74
CA GLU D 57 -21.51 16.09 -31.33
C GLU D 57 -22.87 15.50 -31.74
N ALA D 58 -23.93 15.95 -31.08
CA ALA D 58 -25.27 15.53 -31.47
C ALA D 58 -25.68 16.15 -32.79
N LEU D 59 -25.31 17.39 -33.01
CA LEU D 59 -25.58 18.00 -34.29
C LEU D 59 -24.73 17.28 -35.34
N GLN D 60 -23.49 16.96 -35.00
CA GLN D 60 -22.59 16.33 -35.95
C GLN D 60 -23.13 14.97 -36.37
N ILE D 61 -23.88 14.31 -35.49
CA ILE D 61 -24.40 12.98 -35.78
C ILE D 61 -25.81 12.99 -36.37
N LYS D 62 -26.64 13.94 -35.93
CA LYS D 62 -27.96 14.10 -36.54
C LYS D 62 -27.83 14.26 -38.05
N GLU D 63 -26.78 14.92 -38.50
CA GLU D 63 -26.55 15.07 -39.93
C GLU D 63 -26.16 13.74 -40.58
N LEU D 64 -25.29 13.01 -39.89
CA LEU D 64 -24.82 11.71 -40.37
C LEU D 64 -25.98 10.74 -40.50
N CYS D 65 -27.00 10.91 -39.66
CA CYS D 65 -28.17 10.05 -39.65
C CYS D 65 -29.12 10.40 -40.78
N HIS D 66 -29.70 11.59 -40.70
CA HIS D 66 -30.63 12.04 -41.71
C HIS D 66 -30.07 11.82 -43.10
N ALA D 67 -28.74 11.75 -43.17
CA ALA D 67 -28.06 11.42 -44.43
C ALA D 67 -28.36 9.98 -44.90
N HIS D 68 -28.71 9.09 -43.96
CA HIS D 68 -29.15 7.72 -44.26
C HIS D 68 -30.64 7.52 -43.94
N ASN D 69 -31.37 8.62 -43.91
CA ASN D 69 -32.79 8.62 -43.56
C ASN D 69 -33.10 7.86 -42.28
N VAL D 70 -32.11 7.77 -41.38
CA VAL D 70 -32.38 7.26 -40.04
C VAL D 70 -32.49 8.40 -39.03
N PRO D 71 -33.43 8.28 -38.07
CA PRO D 71 -33.62 9.24 -36.98
C PRO D 71 -32.46 9.26 -35.98
N LEU D 72 -32.65 10.03 -34.92
CA LEU D 72 -31.65 10.18 -33.89
C LEU D 72 -32.36 10.47 -32.60
N ILE D 73 -32.23 9.57 -31.63
CA ILE D 73 -32.80 9.81 -30.32
C ILE D 73 -31.73 10.36 -29.37
N ILE D 74 -32.15 11.15 -28.40
CA ILE D 74 -31.22 11.63 -27.41
C ILE D 74 -31.57 11.10 -26.03
N ASN D 75 -30.56 10.59 -25.33
CA ASN D 75 -30.74 10.07 -23.99
C ASN D 75 -30.92 11.16 -22.91
N ASP D 76 -31.78 10.85 -21.94
CA ASP D 76 -32.22 11.72 -20.81
C ASP D 76 -32.26 13.26 -20.90
N ARG D 77 -31.53 13.86 -21.83
CA ARG D 77 -31.46 15.32 -21.88
C ARG D 77 -32.40 15.88 -22.93
N ILE D 78 -33.63 16.16 -22.50
CA ILE D 78 -34.70 16.56 -23.42
C ILE D 78 -34.46 17.94 -24.01
N ASP D 79 -33.93 18.86 -23.20
CA ASP D 79 -33.61 20.19 -23.68
C ASP D 79 -32.62 20.11 -24.85
N VAL D 80 -31.61 19.27 -24.73
CA VAL D 80 -30.66 19.03 -25.80
C VAL D 80 -31.38 18.52 -27.03
N ALA D 81 -32.46 17.78 -26.81
CA ALA D 81 -33.23 17.25 -27.92
C ALA D 81 -33.94 18.38 -28.65
N MET D 82 -34.64 19.21 -27.86
CA MET D 82 -35.42 20.33 -28.37
C MET D 82 -34.52 21.30 -29.09
N ALA D 83 -33.40 21.58 -28.44
CA ALA D 83 -32.37 22.45 -28.97
C ALA D 83 -31.91 22.02 -30.35
N ILE D 84 -31.46 20.78 -30.48
CA ILE D 84 -30.88 20.35 -31.75
C ILE D 84 -31.88 19.78 -32.75
N GLY D 85 -33.15 19.70 -32.36
CA GLY D 85 -34.15 19.20 -33.29
C GLY D 85 -34.01 17.70 -33.45
N ALA D 86 -34.03 17.02 -32.31
CA ALA D 86 -33.94 15.58 -32.33
C ALA D 86 -35.30 15.03 -32.76
N ASP D 87 -35.30 13.74 -33.10
CA ASP D 87 -36.50 13.04 -33.58
C ASP D 87 -37.18 12.30 -32.43
N GLY D 88 -36.41 12.06 -31.36
CA GLY D 88 -36.93 11.45 -30.15
C GLY D 88 -35.98 11.51 -28.96
N ILE D 89 -36.53 11.35 -27.77
CA ILE D 89 -35.73 11.25 -26.56
C ILE D 89 -36.14 10.02 -25.77
N HIS D 90 -35.15 9.41 -25.13
CA HIS D 90 -35.34 8.18 -24.37
C HIS D 90 -34.97 8.42 -22.92
N VAL D 91 -35.92 8.33 -22.01
CA VAL D 91 -35.64 8.58 -20.62
C VAL D 91 -35.66 7.32 -19.79
N GLY D 92 -35.14 7.41 -18.57
CA GLY D 92 -35.15 6.29 -17.65
C GLY D 92 -36.26 6.39 -16.62
N GLN D 93 -36.30 5.43 -15.70
CA GLN D 93 -37.33 5.40 -14.69
C GLN D 93 -37.07 6.50 -13.64
N ASP D 94 -35.80 6.89 -13.55
CA ASP D 94 -35.33 7.85 -12.56
C ASP D 94 -35.01 9.20 -13.24
N ASP D 95 -35.42 9.33 -14.51
CA ASP D 95 -35.33 10.59 -15.22
C ASP D 95 -36.72 11.23 -15.27
N MET D 96 -36.83 12.38 -15.92
CA MET D 96 -38.09 13.14 -15.97
C MET D 96 -39.35 12.28 -16.23
N PRO D 97 -40.43 12.53 -15.45
CA PRO D 97 -41.75 11.94 -15.68
C PRO D 97 -42.17 12.12 -17.13
N ILE D 98 -42.98 11.21 -17.66
CA ILE D 98 -43.36 11.26 -19.06
C ILE D 98 -44.40 12.37 -19.32
N PRO D 99 -45.41 12.49 -18.44
CA PRO D 99 -46.29 13.66 -18.48
C PRO D 99 -45.52 14.98 -18.77
N MET D 100 -44.53 15.36 -17.94
CA MET D 100 -43.78 16.61 -18.13
C MET D 100 -43.04 16.69 -19.46
N ILE D 101 -42.52 15.55 -19.91
CA ILE D 101 -41.77 15.54 -21.15
C ILE D 101 -42.69 15.92 -22.30
N ARG D 102 -43.85 15.29 -22.34
CA ARG D 102 -44.77 15.50 -23.45
C ARG D 102 -45.43 16.89 -23.41
N LYS D 103 -45.47 17.47 -22.21
CA LYS D 103 -45.95 18.85 -22.04
C LYS D 103 -44.91 19.85 -22.55
N LEU D 104 -43.73 19.36 -22.90
CA LEU D 104 -42.72 20.20 -23.51
C LEU D 104 -42.56 19.91 -25.00
N VAL D 105 -43.18 18.85 -25.51
CA VAL D 105 -42.93 18.47 -26.90
C VAL D 105 -44.10 18.02 -27.82
N GLY D 106 -45.04 17.17 -27.37
CA GLY D 106 -46.19 16.76 -28.19
C GLY D 106 -46.10 15.42 -28.94
N MET D 109 -43.44 13.62 -31.97
CA MET D 109 -42.08 13.25 -31.57
C MET D 109 -42.14 12.06 -30.62
N VAL D 110 -41.14 11.19 -30.67
CA VAL D 110 -41.22 9.89 -30.02
C VAL D 110 -40.57 9.85 -28.65
N ILE D 111 -41.16 9.11 -27.75
CA ILE D 111 -40.57 8.91 -26.44
C ILE D 111 -40.33 7.42 -26.20
N GLY D 112 -39.18 7.12 -25.60
CA GLY D 112 -38.84 5.78 -25.18
C GLY D 112 -38.76 5.75 -23.67
N TRP D 113 -38.80 4.56 -23.11
CA TRP D 113 -38.89 4.43 -21.67
C TRP D 113 -38.27 3.10 -21.30
N SER D 114 -37.24 3.15 -20.46
CA SER D 114 -36.54 1.94 -20.06
C SER D 114 -37.33 1.17 -18.99
N VAL D 115 -37.83 -0.01 -19.36
CA VAL D 115 -38.72 -0.78 -18.49
C VAL D 115 -38.15 -2.17 -18.28
N GLY D 116 -38.49 -2.80 -17.15
CA GLY D 116 -38.04 -4.16 -16.90
C GLY D 116 -38.90 -4.82 -15.85
N PHE D 117 -40.15 -4.37 -15.74
CA PHE D 117 -41.09 -4.82 -14.72
C PHE D 117 -42.52 -4.55 -15.17
N PRO D 118 -43.41 -5.55 -15.08
CA PRO D 118 -44.81 -5.35 -15.47
C PRO D 118 -45.50 -4.13 -14.85
N GLU D 119 -45.21 -3.77 -13.60
CA GLU D 119 -45.85 -2.59 -12.99
C GLU D 119 -45.54 -1.33 -13.77
N GLU D 120 -44.31 -1.24 -14.25
CA GLU D 120 -43.90 -0.12 -15.10
C GLU D 120 -44.77 -0.12 -16.37
N VAL D 121 -45.08 -1.31 -16.90
CA VAL D 121 -45.94 -1.41 -18.08
C VAL D 121 -47.36 -1.01 -17.70
N ASP D 122 -47.76 -1.35 -16.47
CA ASP D 122 -49.09 -1.00 -15.98
C ASP D 122 -49.32 0.52 -15.98
N GLU D 123 -48.30 1.30 -15.61
CA GLU D 123 -48.41 2.77 -15.64
C GLU D 123 -48.34 3.31 -17.04
N LEU D 124 -47.42 2.79 -17.84
CA LEU D 124 -47.28 3.15 -19.23
C LEU D 124 -48.64 3.14 -19.87
N SER D 125 -49.48 2.20 -19.42
CA SER D 125 -50.79 1.95 -20.00
C SER D 125 -51.85 2.92 -19.48
N LYS D 126 -51.81 3.21 -18.18
CA LYS D 126 -52.69 4.21 -17.56
C LYS D 126 -52.36 5.67 -17.98
N MET D 127 -51.52 5.82 -19.01
CA MET D 127 -51.23 7.11 -19.62
C MET D 127 -51.86 7.20 -21.01
N GLY D 128 -51.99 6.06 -21.70
CA GLY D 128 -52.58 6.01 -23.03
C GLY D 128 -51.77 6.79 -24.04
N PRO D 129 -51.96 6.53 -25.33
CA PRO D 129 -51.01 7.03 -26.36
C PRO D 129 -50.83 8.57 -26.38
N VAL D 132 -46.24 7.98 -24.42
CA VAL D 132 -45.15 6.96 -24.42
C VAL D 132 -45.14 5.97 -25.60
N ASP D 133 -44.04 5.90 -26.35
CA ASP D 133 -44.06 5.28 -27.68
C ASP D 133 -43.27 4.00 -27.91
N TYR D 134 -42.37 3.66 -27.00
CA TYR D 134 -41.57 2.44 -27.16
C TYR D 134 -40.76 2.24 -25.90
N ILE D 135 -40.34 1.02 -25.62
CA ILE D 135 -39.64 0.75 -24.38
C ILE D 135 -38.41 -0.10 -24.63
N GLY D 136 -37.36 0.25 -23.91
CA GLY D 136 -36.18 -0.57 -23.88
C GLY D 136 -36.47 -1.56 -22.79
N VAL D 137 -36.49 -2.85 -23.14
CA VAL D 137 -36.88 -3.91 -22.22
C VAL D 137 -35.75 -4.41 -21.34
N GLY D 138 -35.91 -4.18 -20.02
CA GLY D 138 -35.04 -4.53 -18.90
C GLY D 138 -33.59 -4.83 -19.22
N THR D 139 -32.77 -5.15 -18.22
CA THR D 139 -31.46 -5.68 -18.60
C THR D 139 -31.57 -7.16 -18.92
N LEU D 140 -31.36 -7.54 -20.17
CA LEU D 140 -31.49 -8.97 -20.49
C LEU D 140 -30.37 -9.82 -19.86
N PHE D 141 -29.12 -9.45 -20.13
CA PHE D 141 -27.97 -10.16 -19.57
C PHE D 141 -27.02 -9.20 -18.85
N PRO D 142 -26.01 -9.74 -18.15
CA PRO D 142 -25.15 -8.80 -17.42
C PRO D 142 -24.21 -8.09 -18.37
N THR D 143 -23.92 -6.81 -18.07
CA THR D 143 -23.09 -5.98 -18.92
C THR D 143 -22.34 -4.99 -18.07
N LEU D 144 -21.07 -4.76 -18.42
CA LEU D 144 -20.26 -3.77 -17.73
C LEU D 144 -20.19 -2.42 -18.49
N THR D 145 -21.13 -2.24 -19.41
CA THR D 145 -21.27 -1.00 -20.19
C THR D 145 -22.04 0.05 -19.37
N LYS D 146 -23.08 -0.42 -18.68
CA LYS D 146 -23.87 0.44 -17.82
C LYS D 146 -23.16 0.59 -16.47
N LYS D 147 -22.59 1.77 -16.23
CA LYS D 147 -21.78 2.03 -15.04
C LYS D 147 -22.69 2.27 -13.84
N ASN D 148 -22.52 1.44 -12.80
CA ASN D 148 -23.37 1.47 -11.60
C ASN D 148 -24.87 1.33 -11.95
N PRO D 149 -25.39 0.09 -11.99
CA PRO D 149 -26.76 -0.24 -12.40
C PRO D 149 -27.72 -0.52 -11.23
N LYS D 150 -29.01 -0.23 -11.42
CA LYS D 150 -30.00 -0.43 -10.36
C LYS D 150 -31.05 -1.54 -10.63
N LYS D 151 -30.80 -2.40 -11.61
CA LYS D 151 -31.80 -3.38 -12.01
C LYS D 151 -31.45 -4.83 -11.63
N ALA D 152 -30.40 -5.36 -12.26
CA ALA D 152 -30.03 -6.79 -12.18
C ALA D 152 -30.56 -7.43 -13.47
N PRO D 153 -29.74 -8.29 -14.11
CA PRO D 153 -30.13 -8.92 -15.37
C PRO D 153 -31.29 -9.89 -15.13
N MET D 154 -32.18 -9.92 -16.12
CA MET D 154 -33.57 -10.29 -15.96
C MET D 154 -33.80 -11.55 -16.75
N GLY D 155 -33.02 -11.68 -17.81
CA GLY D 155 -33.12 -12.81 -18.70
C GLY D 155 -34.32 -12.69 -19.60
N THR D 156 -34.44 -13.61 -20.53
CA THR D 156 -35.59 -13.65 -21.41
C THR D 156 -36.87 -13.88 -20.61
N ALA D 157 -36.84 -14.76 -19.61
CA ALA D 157 -38.00 -14.90 -18.72
C ALA D 157 -38.53 -13.52 -18.29
N GLY D 158 -37.62 -12.60 -17.96
CA GLY D 158 -38.02 -11.27 -17.53
C GLY D 158 -38.63 -10.46 -18.63
N ALA D 159 -37.99 -10.48 -19.79
CA ALA D 159 -38.53 -9.81 -20.96
C ALA D 159 -39.93 -10.31 -21.26
N ILE D 160 -40.15 -11.62 -21.18
CA ILE D 160 -41.46 -12.15 -21.51
C ILE D 160 -42.50 -11.55 -20.61
N ARG D 161 -42.26 -11.66 -19.32
CA ARG D 161 -43.20 -11.16 -18.33
C ARG D 161 -43.63 -9.70 -18.63
N VAL D 162 -42.75 -8.96 -19.31
CA VAL D 162 -43.02 -7.58 -19.71
C VAL D 162 -43.89 -7.54 -20.97
N LEU D 163 -43.49 -8.25 -22.02
CA LEU D 163 -44.34 -8.40 -23.21
C LEU D 163 -45.75 -8.87 -22.86
N ASP D 164 -45.83 -9.77 -21.89
CA ASP D 164 -47.09 -10.34 -21.43
C ASP D 164 -48.02 -9.32 -20.77
N ALA D 165 -47.49 -8.19 -20.35
CA ALA D 165 -48.32 -7.15 -19.73
C ALA D 165 -48.71 -6.06 -20.74
N LEU D 166 -48.15 -6.18 -21.94
CA LEU D 166 -48.44 -5.26 -23.02
C LEU D 166 -49.65 -5.77 -23.80
N GLU D 167 -50.19 -6.90 -23.36
CA GLU D 167 -51.36 -7.51 -24.00
C GLU D 167 -52.50 -7.50 -23.01
N ARG D 168 -52.20 -7.92 -21.78
CA ARG D 168 -53.13 -7.78 -20.70
C ARG D 168 -53.70 -6.36 -20.69
N ASN D 169 -52.81 -5.37 -20.72
CA ASN D 169 -53.20 -3.96 -20.79
C ASN D 169 -53.42 -3.49 -22.21
N ASN D 170 -53.13 -4.35 -23.18
CA ASN D 170 -53.38 -4.05 -24.57
C ASN D 170 -52.90 -2.65 -24.98
N ALA D 171 -51.58 -2.49 -25.07
CA ALA D 171 -51.00 -1.23 -25.48
C ALA D 171 -50.48 -1.35 -26.90
N HIS D 172 -51.38 -1.60 -27.84
CA HIS D 172 -51.00 -1.73 -29.24
C HIS D 172 -49.92 -0.74 -29.64
N TRP D 173 -50.01 0.46 -29.06
CA TRP D 173 -49.41 1.69 -29.61
C TRP D 173 -47.92 1.81 -29.30
N CYS D 174 -47.44 0.89 -28.49
CA CYS D 174 -46.12 0.94 -27.87
C CYS D 174 -45.24 -0.17 -28.43
N ARG D 175 -44.05 0.15 -28.89
CA ARG D 175 -43.15 -0.87 -29.45
C ARG D 175 -42.11 -1.31 -28.39
N THR D 176 -41.37 -2.38 -28.67
CA THR D 176 -40.36 -2.86 -27.73
C THR D 176 -39.02 -3.18 -28.39
N VAL D 177 -37.95 -2.91 -27.65
CA VAL D 177 -36.61 -3.32 -28.04
C VAL D 177 -35.95 -3.93 -26.82
N GLY D 178 -35.20 -5.01 -27.04
CA GLY D 178 -34.49 -5.67 -25.97
C GLY D 178 -33.10 -5.06 -25.91
N ILE D 179 -32.55 -4.93 -24.71
CA ILE D 179 -31.28 -4.25 -24.59
C ILE D 179 -30.38 -4.84 -23.52
N GLY D 180 -29.07 -4.78 -23.77
CA GLY D 180 -28.10 -5.04 -22.73
C GLY D 180 -27.50 -6.43 -22.70
N GLY D 181 -26.25 -6.51 -23.13
CA GLY D 181 -25.51 -7.74 -23.03
C GLY D 181 -25.71 -8.62 -24.25
N LEU D 182 -26.46 -8.12 -25.23
CA LEU D 182 -26.71 -8.87 -26.46
C LEU D 182 -25.51 -8.84 -27.40
N HIS D 183 -25.07 -10.02 -27.79
CA HIS D 183 -23.93 -10.18 -28.67
C HIS D 183 -24.34 -11.22 -29.67
N PRO D 184 -23.45 -11.62 -30.58
CA PRO D 184 -23.90 -12.65 -31.53
C PRO D 184 -24.16 -14.01 -30.88
N ASP D 185 -23.58 -14.25 -29.71
CA ASP D 185 -23.73 -15.52 -29.00
C ASP D 185 -25.08 -15.68 -28.27
N ASN D 186 -26.06 -14.84 -28.57
CA ASN D 186 -27.33 -14.89 -27.83
C ASN D 186 -28.48 -14.07 -28.41
N ILE D 187 -28.21 -13.35 -29.49
CA ILE D 187 -29.26 -12.60 -30.15
C ILE D 187 -30.37 -13.52 -30.71
N GLU D 188 -29.95 -14.65 -31.29
CA GLU D 188 -30.90 -15.62 -31.78
C GLU D 188 -31.72 -16.14 -30.62
N ARG D 189 -31.07 -16.74 -29.62
CA ARG D 189 -31.81 -17.24 -28.46
C ARG D 189 -32.76 -16.18 -27.91
N VAL D 190 -32.33 -14.91 -27.90
CA VAL D 190 -33.14 -13.81 -27.35
C VAL D 190 -34.34 -13.50 -28.22
N LEU D 191 -34.08 -13.20 -29.48
CA LEU D 191 -35.15 -13.06 -30.45
C LEU D 191 -36.10 -14.25 -30.30
N TYR D 192 -35.54 -15.46 -30.24
CA TYR D 192 -36.30 -16.71 -30.26
C TYR D 192 -37.27 -16.89 -29.12
N GLN D 193 -36.83 -16.74 -27.88
CA GLN D 193 -37.75 -17.00 -26.78
C GLN D 193 -38.43 -15.77 -26.19
N CYS D 194 -38.02 -14.57 -26.60
CA CYS D 194 -38.71 -13.34 -26.19
C CYS D 194 -39.95 -13.10 -27.03
N VAL D 195 -40.99 -13.91 -26.79
CA VAL D 195 -42.32 -13.68 -27.38
C VAL D 195 -43.40 -13.76 -26.30
N SER D 196 -44.45 -12.98 -26.49
CA SER D 196 -45.54 -12.92 -25.53
C SER D 196 -46.20 -14.29 -25.44
N SER D 197 -46.92 -14.53 -24.35
CA SER D 197 -47.50 -15.83 -24.16
C SER D 197 -48.58 -16.20 -25.17
N ASN D 198 -49.23 -15.22 -25.77
CA ASN D 198 -50.25 -15.55 -26.78
C ASN D 198 -49.68 -15.61 -28.18
N GLY D 199 -48.37 -15.42 -28.29
CA GLY D 199 -47.68 -15.56 -29.56
C GLY D 199 -47.82 -14.33 -30.44
N LYS D 200 -48.78 -13.47 -30.09
CA LYS D 200 -49.06 -12.31 -30.91
C LYS D 200 -47.85 -11.37 -31.02
N ARG D 201 -47.44 -10.79 -29.89
CA ARG D 201 -46.38 -9.75 -29.87
C ARG D 201 -45.00 -10.25 -29.43
N SER D 202 -43.99 -10.01 -30.27
CA SER D 202 -42.60 -10.22 -29.85
C SER D 202 -41.83 -8.89 -29.84
N LEU D 203 -40.50 -8.95 -29.85
CA LEU D 203 -39.71 -7.70 -29.90
C LEU D 203 -39.73 -7.13 -31.31
N ASP D 204 -39.49 -5.82 -31.39
CA ASP D 204 -39.51 -5.10 -32.66
C ASP D 204 -38.09 -4.73 -33.02
N GLY D 205 -37.21 -4.81 -32.03
CA GLY D 205 -35.81 -4.53 -32.27
C GLY D 205 -34.82 -5.02 -31.23
N ILE D 206 -33.62 -5.25 -31.71
CA ILE D 206 -32.50 -5.57 -30.85
C ILE D 206 -31.65 -4.33 -30.71
N CYS D 207 -31.12 -4.13 -29.52
CA CYS D 207 -30.42 -2.92 -29.23
C CYS D 207 -29.06 -3.22 -28.60
N VAL D 208 -27.99 -2.82 -29.29
CA VAL D 208 -26.63 -3.07 -28.81
C VAL D 208 -25.85 -1.79 -28.59
N VAL D 209 -24.86 -1.83 -27.70
CA VAL D 209 -23.96 -0.68 -27.47
C VAL D 209 -22.50 -1.06 -27.74
N SER D 210 -21.98 -2.04 -27.03
CA SER D 210 -20.57 -2.42 -27.14
C SER D 210 -20.25 -3.35 -28.31
N ASP D 211 -21.23 -4.11 -28.80
CA ASP D 211 -20.92 -5.05 -29.86
C ASP D 211 -20.51 -4.34 -31.14
N ILE D 212 -20.90 -3.07 -31.25
CA ILE D 212 -20.48 -2.23 -32.37
C ILE D 212 -19.46 -1.18 -31.92
N ILE D 213 -19.92 -0.23 -31.11
CA ILE D 213 -19.12 0.94 -30.74
C ILE D 213 -17.70 0.56 -30.30
N ALA D 214 -17.58 -0.50 -29.52
CA ALA D 214 -16.27 -0.91 -29.05
C ALA D 214 -15.61 -1.94 -29.97
N SER D 215 -16.00 -1.96 -31.24
CA SER D 215 -15.48 -2.97 -32.17
C SER D 215 -14.33 -2.48 -33.04
N LEU D 216 -13.29 -3.32 -33.11
CA LEU D 216 -12.10 -3.04 -33.90
C LEU D 216 -12.43 -3.18 -35.38
N ASP D 217 -13.73 -3.25 -35.65
CA ASP D 217 -14.28 -3.21 -37.00
C ASP D 217 -15.81 -3.22 -36.89
N ALA D 218 -16.39 -2.03 -36.77
CA ALA D 218 -17.84 -1.92 -36.70
C ALA D 218 -18.44 -2.46 -37.99
N ALA D 219 -17.85 -2.08 -39.11
CA ALA D 219 -18.29 -2.53 -40.43
C ALA D 219 -18.68 -4.03 -40.45
N LYS D 220 -17.75 -4.88 -40.01
CA LYS D 220 -17.98 -6.32 -39.97
C LYS D 220 -19.06 -6.69 -38.97
N SER D 221 -18.93 -6.20 -37.74
CA SER D 221 -19.81 -6.58 -36.63
C SER D 221 -21.28 -6.24 -36.89
N THR D 222 -21.53 -5.17 -37.66
CA THR D 222 -22.89 -4.75 -37.93
C THR D 222 -23.48 -5.64 -38.98
N LYS D 223 -22.66 -6.03 -39.97
CA LYS D 223 -23.13 -6.95 -40.98
C LYS D 223 -23.64 -8.21 -40.29
N ILE D 224 -22.84 -8.79 -39.38
CA ILE D 224 -23.24 -10.00 -38.65
C ILE D 224 -24.52 -9.82 -37.82
N LEU D 225 -24.57 -8.78 -37.01
CA LEU D 225 -25.79 -8.53 -36.24
C LEU D 225 -27.00 -8.54 -37.18
N ARG D 226 -26.90 -7.82 -38.29
CA ARG D 226 -27.99 -7.79 -39.25
C ARG D 226 -28.40 -9.19 -39.67
N GLY D 227 -27.42 -9.96 -40.14
CA GLY D 227 -27.65 -11.33 -40.58
C GLY D 227 -28.58 -12.10 -39.66
N LEU D 228 -28.35 -11.95 -38.37
CA LEU D 228 -29.15 -12.63 -37.36
C LEU D 228 -30.57 -12.05 -37.28
N ILE D 229 -30.68 -10.74 -37.15
CA ILE D 229 -31.97 -10.11 -36.88
C ILE D 229 -33.06 -10.36 -37.94
N ASP D 230 -32.66 -10.44 -39.21
CA ASP D 230 -33.67 -10.67 -40.25
C ASP D 230 -33.58 -12.07 -40.88
N LYS D 231 -32.81 -12.95 -40.23
CA LYS D 231 -32.94 -14.39 -40.45
C LYS D 231 -34.15 -14.82 -39.61
N THR D 232 -34.78 -15.94 -39.95
CA THR D 232 -36.02 -16.36 -39.24
C THR D 232 -36.00 -17.78 -38.62
N ASP D 233 -34.97 -18.56 -38.89
CA ASP D 233 -34.85 -19.91 -38.35
C ASP D 233 -33.67 -20.05 -37.40
N TYR D 234 -33.97 -20.34 -36.13
CA TYR D 234 -32.91 -20.58 -35.12
C TYR D 234 -32.67 -22.07 -34.88
N LYS D 235 -31.72 -22.64 -35.62
CA LYS D 235 -31.45 -24.08 -35.55
C LYS D 235 -30.47 -24.38 -34.44
N PHE D 236 -30.98 -24.45 -33.20
CA PHE D 236 -30.12 -24.52 -31.99
C PHE D 236 -29.58 -25.92 -31.70
N VAL D 237 -30.31 -26.93 -32.15
CA VAL D 237 -29.81 -28.27 -32.03
C VAL D 237 -29.67 -28.83 -33.45
N ASN D 238 -28.63 -29.61 -33.69
CA ASN D 238 -28.48 -30.31 -34.95
C ASN D 238 -29.42 -31.55 -35.01
N ILE D 239 -30.72 -31.31 -34.92
CA ILE D 239 -31.75 -32.34 -35.03
C ILE D 239 -32.94 -31.66 -35.67
N GLY D 240 -33.86 -32.42 -36.26
CA GLY D 240 -35.04 -31.82 -36.86
C GLY D 240 -35.97 -31.31 -35.78
N LEU D 241 -36.81 -30.32 -36.12
CA LEU D 241 -37.86 -29.86 -35.20
C LEU D 241 -39.14 -29.53 -35.97
N SER D 242 -40.17 -30.38 -35.94
CA SER D 242 -41.37 -30.10 -36.76
C SER D 242 -42.71 -30.50 -36.12
N SER D 246 -49.22 -35.32 -34.94
CA SER D 246 -49.43 -36.73 -35.37
C SER D 246 -48.64 -37.83 -34.62
N LEU D 247 -49.30 -38.51 -33.67
CA LEU D 247 -48.70 -39.56 -32.83
C LEU D 247 -47.46 -40.33 -33.35
N THR D 248 -46.67 -40.84 -32.41
CA THR D 248 -45.41 -41.49 -32.76
C THR D 248 -45.60 -42.96 -33.05
N THR D 249 -45.18 -43.33 -34.26
CA THR D 249 -45.40 -44.69 -34.75
C THR D 249 -44.35 -45.64 -34.20
N THR D 250 -44.79 -46.88 -33.99
CA THR D 250 -43.94 -47.95 -33.49
C THR D 250 -42.65 -48.12 -34.29
N ASP D 251 -42.72 -47.80 -35.57
CA ASP D 251 -41.56 -47.90 -36.44
C ASP D 251 -40.58 -46.78 -36.15
N GLU D 252 -41.11 -45.65 -35.67
CA GLU D 252 -40.27 -44.50 -35.33
C GLU D 252 -39.51 -44.72 -34.03
N ILE D 253 -40.22 -45.19 -33.00
CA ILE D 253 -39.60 -45.57 -31.74
C ILE D 253 -38.53 -46.61 -31.99
N GLN D 254 -38.75 -47.47 -32.97
CA GLN D 254 -37.76 -48.48 -33.35
C GLN D 254 -36.48 -47.89 -33.97
N SER D 255 -36.60 -47.04 -34.98
CA SER D 255 -35.39 -46.52 -35.62
C SER D 255 -34.71 -45.48 -34.72
N ILE D 256 -35.45 -45.00 -33.73
CA ILE D 256 -34.86 -44.11 -32.72
C ILE D 256 -33.91 -44.95 -31.87
N ILE D 257 -34.41 -46.06 -31.32
CA ILE D 257 -33.59 -46.95 -30.49
C ILE D 257 -32.43 -47.59 -31.26
N SER D 258 -32.56 -47.75 -32.57
CA SER D 258 -31.45 -48.25 -33.38
C SER D 258 -30.36 -47.19 -33.44
N ASN D 259 -30.76 -45.99 -33.85
CA ASN D 259 -29.83 -44.88 -33.99
C ASN D 259 -28.99 -44.68 -32.72
N THR D 260 -29.65 -44.56 -31.57
CA THR D 260 -28.92 -44.40 -30.32
C THR D 260 -27.98 -45.57 -30.06
N LEU D 261 -28.39 -46.78 -30.42
CA LEU D 261 -27.50 -47.95 -30.29
C LEU D 261 -26.37 -47.95 -31.32
N LYS D 262 -26.68 -47.64 -32.57
CA LYS D 262 -25.65 -47.58 -33.61
C LYS D 262 -24.82 -46.28 -33.53
N ALA D 263 -24.99 -45.51 -32.48
CA ALA D 263 -24.32 -44.21 -32.38
C ALA D 263 -23.57 -43.99 -31.08
N ARG D 264 -23.88 -44.81 -30.08
CA ARG D 264 -23.25 -44.77 -28.76
C ARG D 264 -22.95 -43.33 -28.32
N PRO D 265 -24.01 -42.56 -28.06
CA PRO D 265 -23.96 -41.16 -27.63
C PRO D 265 -23.11 -41.05 -26.37
N LEU D 266 -22.42 -39.93 -26.21
CA LEU D 266 -21.66 -39.67 -25.00
C LEU D 266 -22.44 -38.66 -24.16
N VAL D 267 -22.98 -39.14 -23.04
CA VAL D 267 -23.88 -38.34 -22.23
C VAL D 267 -23.24 -37.75 -20.98
N GLN D 268 -22.85 -36.49 -21.04
CA GLN D 268 -22.21 -35.82 -19.91
C GLN D 268 -23.17 -35.43 -18.78
N HIS D 269 -23.05 -36.10 -17.63
CA HIS D 269 -23.96 -35.86 -16.52
C HIS D 269 -23.41 -34.84 -15.53
N ILE D 270 -23.92 -33.61 -15.54
CA ILE D 270 -23.64 -32.69 -14.43
C ILE D 270 -24.81 -32.72 -13.47
N THR D 271 -24.72 -33.58 -12.45
CA THR D 271 -25.85 -33.86 -11.55
C THR D 271 -25.31 -34.27 -10.19
N ASN D 272 -26.19 -34.42 -9.19
CA ASN D 272 -25.76 -34.79 -7.83
C ASN D 272 -25.22 -36.21 -7.73
N LYS D 273 -24.82 -36.62 -6.52
CA LYS D 273 -24.10 -37.89 -6.37
C LYS D 273 -25.00 -39.15 -6.28
N VAL D 274 -26.30 -38.95 -6.06
CA VAL D 274 -27.28 -40.05 -5.91
C VAL D 274 -28.00 -40.44 -7.21
N HIS D 275 -28.17 -39.49 -8.12
CA HIS D 275 -28.66 -39.80 -9.45
C HIS D 275 -27.45 -40.13 -10.31
N GLN D 276 -26.27 -40.03 -9.69
CA GLN D 276 -25.01 -40.15 -10.39
C GLN D 276 -24.72 -41.59 -10.75
N ASN D 277 -24.62 -42.45 -9.74
CA ASN D 277 -24.25 -43.82 -10.00
C ASN D 277 -25.38 -44.53 -10.74
N PHE D 278 -26.60 -44.18 -10.36
CA PHE D 278 -27.79 -44.70 -11.04
C PHE D 278 -27.77 -44.37 -12.53
N GLY D 279 -27.81 -43.07 -12.83
CA GLY D 279 -27.83 -42.56 -14.19
C GLY D 279 -26.75 -43.11 -15.09
N ALA D 280 -25.54 -43.28 -14.56
CA ALA D 280 -24.50 -43.93 -15.32
C ALA D 280 -24.94 -45.36 -15.71
N ASN D 281 -25.68 -46.03 -14.81
CA ASN D 281 -26.17 -47.40 -15.04
C ASN D 281 -27.17 -47.48 -16.19
N VAL D 282 -28.07 -46.48 -16.20
CA VAL D 282 -29.09 -46.31 -17.22
C VAL D 282 -28.41 -46.00 -18.55
N THR D 283 -27.48 -45.06 -18.55
CA THR D 283 -26.83 -44.68 -19.78
C THR D 283 -26.16 -45.89 -20.37
N LEU D 284 -25.57 -46.71 -19.49
CA LEU D 284 -24.88 -47.94 -19.91
C LEU D 284 -25.86 -48.96 -20.45
N ALA D 285 -27.00 -49.10 -19.77
CA ALA D 285 -28.09 -49.90 -20.30
C ALA D 285 -28.31 -49.50 -21.75
N LEU D 286 -28.64 -48.23 -21.98
CA LEU D 286 -29.05 -47.77 -23.30
C LEU D 286 -27.95 -47.75 -24.39
N GLY D 287 -26.79 -48.32 -24.12
CA GLY D 287 -25.76 -48.41 -25.13
C GLY D 287 -25.02 -47.11 -25.34
N SER D 288 -25.07 -46.25 -24.32
CA SER D 288 -24.40 -44.94 -24.33
C SER D 288 -23.24 -44.93 -23.36
N SER D 289 -22.54 -43.79 -23.28
CA SER D 289 -21.34 -43.63 -22.46
C SER D 289 -21.50 -42.51 -21.44
N PRO D 290 -21.59 -42.84 -20.15
CA PRO D 290 -21.64 -41.77 -19.14
C PRO D 290 -20.26 -41.14 -18.95
N ILE D 291 -20.20 -39.82 -18.82
CA ILE D 291 -19.01 -39.11 -18.35
C ILE D 291 -19.47 -38.09 -17.32
N MET D 292 -18.75 -37.93 -16.22
CA MET D 292 -19.26 -37.09 -15.16
C MET D 292 -18.42 -35.86 -14.81
N SER D 293 -17.81 -35.25 -15.84
CA SER D 293 -16.92 -34.09 -15.70
C SER D 293 -17.59 -32.76 -15.33
N GLU D 294 -17.35 -32.29 -14.10
CA GLU D 294 -17.74 -30.94 -13.70
C GLU D 294 -16.50 -30.04 -13.75
N ILE D 295 -15.70 -30.29 -14.79
CA ILE D 295 -14.43 -29.61 -15.07
C ILE D 295 -14.69 -28.55 -16.12
N GLN D 296 -14.32 -27.31 -15.83
CA GLN D 296 -14.56 -26.20 -16.76
C GLN D 296 -13.74 -26.30 -18.04
N SER D 297 -12.44 -26.52 -17.90
CA SER D 297 -11.52 -26.60 -19.04
C SER D 297 -11.84 -27.72 -20.04
N GLU D 298 -12.44 -28.80 -19.56
CA GLU D 298 -12.73 -29.98 -20.37
C GLU D 298 -14.01 -29.84 -21.20
N VAL D 299 -14.93 -29.02 -20.70
CA VAL D 299 -16.26 -28.85 -21.28
C VAL D 299 -16.30 -28.76 -22.80
N ASN D 300 -15.42 -27.98 -23.42
CA ASN D 300 -15.50 -27.75 -24.85
C ASN D 300 -15.00 -28.92 -25.69
N ASP D 301 -14.10 -29.72 -25.12
CA ASP D 301 -13.52 -30.87 -25.82
C ASP D 301 -14.51 -32.02 -25.77
N LEU D 302 -15.25 -32.11 -24.67
CA LEU D 302 -16.32 -33.08 -24.50
C LEU D 302 -17.43 -32.88 -25.53
N ALA D 303 -17.82 -31.63 -25.77
CA ALA D 303 -18.85 -31.36 -26.75
C ALA D 303 -18.38 -31.66 -28.17
N ALA D 304 -17.06 -31.64 -28.38
CA ALA D 304 -16.49 -32.00 -29.67
C ALA D 304 -16.89 -33.42 -30.08
N ILE D 305 -16.62 -34.38 -29.19
CA ILE D 305 -16.98 -35.79 -29.39
C ILE D 305 -18.36 -36.01 -30.04
N PRO D 306 -18.41 -36.86 -31.08
CA PRO D 306 -19.61 -37.04 -31.92
C PRO D 306 -20.85 -37.50 -31.16
N HIS D 307 -22.02 -36.99 -31.56
CA HIS D 307 -23.30 -37.31 -30.90
C HIS D 307 -23.33 -37.05 -29.36
N ALA D 308 -22.50 -36.11 -28.89
CA ALA D 308 -22.40 -35.77 -27.47
C ALA D 308 -23.67 -35.09 -26.94
N THR D 309 -24.11 -35.46 -25.75
CA THR D 309 -25.29 -34.85 -25.16
C THR D 309 -24.98 -34.28 -23.78
N LEU D 310 -25.74 -33.27 -23.33
CA LEU D 310 -25.55 -32.72 -21.98
C LEU D 310 -26.83 -32.82 -21.14
N LEU D 311 -26.70 -33.26 -19.89
CA LEU D 311 -27.84 -33.38 -19.00
C LEU D 311 -27.57 -32.58 -17.74
N LEU D 312 -28.39 -31.59 -17.47
CA LEU D 312 -28.19 -30.72 -16.32
C LEU D 312 -29.07 -31.14 -15.18
N ASN D 313 -28.66 -30.82 -13.96
CA ASN D 313 -29.47 -31.16 -12.83
C ASN D 313 -29.14 -30.26 -11.65
N THR D 314 -29.77 -29.11 -11.63
CA THR D 314 -29.70 -28.19 -10.49
C THR D 314 -29.17 -28.79 -9.16
N GLY D 315 -28.32 -28.02 -8.50
CA GLY D 315 -27.77 -28.41 -7.21
C GLY D 315 -26.80 -29.56 -7.36
N SER D 316 -25.73 -29.33 -8.11
CA SER D 316 -24.71 -30.35 -8.33
C SER D 316 -23.33 -29.87 -7.90
N VAL D 317 -23.30 -28.84 -7.05
CA VAL D 317 -22.05 -28.36 -6.47
C VAL D 317 -20.81 -28.24 -7.38
N ALA D 318 -21.03 -28.04 -8.67
CA ALA D 318 -20.27 -27.31 -9.71
C ALA D 318 -20.64 -25.84 -9.73
N PRO D 319 -19.64 -24.97 -9.85
CA PRO D 319 -19.82 -23.50 -9.82
C PRO D 319 -20.73 -23.03 -10.95
N PRO D 320 -21.64 -22.08 -10.67
CA PRO D 320 -22.42 -21.61 -11.83
C PRO D 320 -21.50 -21.13 -12.96
N GLU D 321 -20.29 -20.69 -12.64
CA GLU D 321 -19.35 -20.22 -13.66
C GLU D 321 -19.04 -21.35 -14.62
N MET D 322 -19.27 -22.57 -14.15
CA MET D 322 -19.04 -23.80 -14.91
C MET D 322 -20.29 -24.20 -15.71
N LEU D 323 -21.44 -24.20 -15.06
CA LEU D 323 -22.70 -24.46 -15.74
C LEU D 323 -22.88 -23.52 -16.94
N LYS D 324 -22.65 -22.21 -16.74
CA LYS D 324 -22.60 -21.27 -17.86
C LYS D 324 -21.63 -21.80 -18.92
N ALA D 325 -20.38 -22.01 -18.52
CA ALA D 325 -19.35 -22.45 -19.47
C ALA D 325 -19.78 -23.67 -20.26
N ALA D 326 -20.48 -24.56 -19.58
CA ALA D 326 -20.84 -25.87 -20.09
C ALA D 326 -21.97 -25.78 -21.10
N ILE D 327 -23.13 -25.32 -20.64
CA ILE D 327 -24.26 -25.01 -21.52
C ILE D 327 -23.82 -24.32 -22.81
N ARG D 328 -23.09 -23.21 -22.68
CA ARG D 328 -22.54 -22.51 -23.84
C ARG D 328 -21.85 -23.47 -24.79
N ALA D 329 -20.99 -24.31 -24.24
CA ALA D 329 -20.17 -25.19 -25.06
C ALA D 329 -21.00 -26.02 -26.03
N TYR D 330 -22.11 -26.59 -25.54
CA TYR D 330 -22.94 -27.48 -26.35
C TYR D 330 -23.82 -26.75 -27.37
N ASN D 331 -24.27 -25.54 -27.05
CA ASN D 331 -25.00 -24.69 -27.99
C ASN D 331 -24.13 -24.12 -29.12
N ASP D 332 -22.84 -23.98 -28.86
CA ASP D 332 -21.91 -23.52 -29.89
C ASP D 332 -21.70 -24.65 -30.91
N VAL D 333 -21.92 -25.87 -30.45
CA VAL D 333 -21.79 -27.06 -31.28
C VAL D 333 -23.17 -27.63 -31.69
N LYS D 334 -24.23 -26.91 -31.31
CA LYS D 334 -25.58 -27.25 -31.72
C LYS D 334 -25.99 -28.64 -31.25
N ARG D 335 -25.44 -29.09 -30.12
CA ARG D 335 -25.77 -30.40 -29.54
C ARG D 335 -26.83 -30.24 -28.44
N PRO D 336 -27.55 -31.32 -28.14
CA PRO D 336 -28.75 -31.19 -27.31
C PRO D 336 -28.42 -31.10 -25.83
N ILE D 337 -29.31 -30.46 -25.08
CA ILE D 337 -29.17 -30.33 -23.64
C ILE D 337 -30.48 -30.69 -22.97
N VAL D 338 -30.46 -31.70 -22.12
CA VAL D 338 -31.62 -32.03 -21.30
C VAL D 338 -31.48 -31.26 -19.99
N PHE D 339 -32.56 -30.65 -19.53
CA PHE D 339 -32.46 -29.87 -18.30
C PHE D 339 -33.44 -30.44 -17.30
N ASP D 340 -32.97 -30.72 -16.10
CA ASP D 340 -33.88 -31.17 -15.06
C ASP D 340 -33.68 -30.39 -13.78
N PRO D 341 -34.69 -29.61 -13.41
CA PRO D 341 -34.65 -28.66 -12.31
C PRO D 341 -35.10 -29.29 -11.00
N VAL D 342 -34.62 -30.49 -10.70
CA VAL D 342 -35.01 -31.21 -9.49
C VAL D 342 -35.53 -30.29 -8.39
N GLY D 343 -34.63 -29.50 -7.83
CA GLY D 343 -34.98 -28.63 -6.73
C GLY D 343 -36.20 -27.80 -7.08
N TYR D 344 -35.94 -26.58 -7.54
CA TYR D 344 -36.95 -25.61 -7.96
C TYR D 344 -37.43 -24.68 -6.82
N SER D 345 -38.72 -24.37 -6.84
CA SER D 345 -39.37 -23.50 -5.85
C SER D 345 -39.50 -24.27 -4.54
N ALA D 346 -38.52 -25.14 -4.27
CA ALA D 346 -38.52 -25.94 -3.05
C ALA D 346 -37.89 -25.16 -1.91
N THR D 347 -36.89 -24.36 -2.26
CA THR D 347 -36.14 -23.54 -1.32
C THR D 347 -36.01 -22.17 -1.95
N GLU D 348 -35.09 -21.36 -1.43
CA GLU D 348 -34.78 -20.10 -2.09
C GLU D 348 -33.63 -20.29 -3.07
N THR D 349 -32.49 -20.69 -2.52
CA THR D 349 -31.26 -20.78 -3.26
C THR D 349 -31.45 -21.56 -4.53
N ARG D 350 -32.53 -22.35 -4.58
CA ARG D 350 -32.78 -23.20 -5.73
C ARG D 350 -33.50 -22.42 -6.82
N LEU D 351 -34.63 -21.82 -6.46
CA LEU D 351 -35.36 -20.98 -7.41
C LEU D 351 -34.37 -20.03 -8.07
N LEU D 352 -33.71 -19.22 -7.28
CA LEU D 352 -32.67 -18.35 -7.78
C LEU D 352 -31.82 -19.05 -8.82
N LEU D 353 -31.22 -20.17 -8.44
CA LEU D 353 -30.19 -20.83 -9.26
C LEU D 353 -30.71 -21.35 -10.58
N ASN D 354 -31.90 -21.93 -10.57
CA ASN D 354 -32.49 -22.47 -11.79
C ASN D 354 -32.82 -21.39 -12.80
N ASN D 355 -33.39 -20.30 -12.28
CA ASN D 355 -33.71 -19.17 -13.12
C ASN D 355 -32.48 -18.62 -13.81
N LEU D 356 -31.32 -18.65 -13.14
CA LEU D 356 -30.09 -18.11 -13.72
C LEU D 356 -29.59 -19.06 -14.81
N LEU D 357 -29.65 -20.35 -14.52
CA LEU D 357 -29.28 -21.38 -15.48
C LEU D 357 -30.08 -21.27 -16.76
N LEU D 358 -31.38 -20.99 -16.60
CA LEU D 358 -32.33 -20.95 -17.72
C LEU D 358 -32.05 -19.79 -18.66
N THR D 359 -31.19 -18.87 -18.20
CA THR D 359 -30.77 -17.73 -18.99
C THR D 359 -29.46 -18.01 -19.68
N PHE D 360 -28.88 -19.17 -19.43
CA PHE D 360 -27.55 -19.44 -19.93
C PHE D 360 -27.53 -19.93 -21.36
N GLY D 361 -28.63 -20.53 -21.81
CA GLY D 361 -28.67 -21.08 -23.15
C GLY D 361 -30.02 -21.63 -23.57
N GLN D 362 -30.00 -22.48 -24.61
CA GLN D 362 -31.22 -23.01 -25.21
C GLN D 362 -31.29 -24.50 -24.97
N PHE D 363 -32.33 -24.94 -24.26
CA PHE D 363 -32.48 -26.37 -23.94
C PHE D 363 -33.36 -27.20 -24.91
N SER D 364 -32.96 -28.44 -25.14
CA SER D 364 -33.74 -29.29 -26.03
C SER D 364 -34.88 -29.91 -25.25
N CYS D 365 -34.66 -30.15 -23.96
CA CYS D 365 -35.74 -30.72 -23.15
C CYS D 365 -35.70 -30.27 -21.72
N ILE D 366 -36.88 -30.05 -21.15
CA ILE D 366 -37.00 -29.76 -19.72
C ILE D 366 -38.00 -30.74 -19.10
N LYS D 367 -37.47 -31.73 -18.40
CA LYS D 367 -38.30 -32.68 -17.67
C LYS D 367 -38.47 -32.17 -16.24
N GLY D 368 -39.63 -32.42 -15.65
CA GLY D 368 -39.83 -32.19 -14.23
C GLY D 368 -41.15 -32.80 -13.84
N ASN D 369 -41.44 -32.85 -12.54
CA ASN D 369 -42.74 -33.38 -12.14
C ASN D 369 -43.69 -32.32 -11.58
N SER D 370 -44.98 -32.61 -11.66
CA SER D 370 -46.03 -31.83 -11.00
C SER D 370 -45.55 -30.52 -10.32
N SER D 371 -44.85 -30.65 -9.20
CA SER D 371 -44.43 -29.47 -8.47
C SER D 371 -43.50 -28.57 -9.31
N GLU D 372 -42.44 -29.15 -9.86
CA GLU D 372 -41.54 -28.42 -10.76
C GLU D 372 -42.28 -27.81 -11.98
N ILE D 373 -42.99 -28.64 -12.74
CA ILE D 373 -43.63 -28.12 -13.96
C ILE D 373 -44.56 -26.96 -13.67
N LEU D 374 -45.34 -27.09 -12.61
CA LEU D 374 -46.26 -26.05 -12.17
C LEU D 374 -45.53 -24.76 -11.68
N GLY D 375 -44.37 -24.93 -11.05
CA GLY D 375 -43.60 -23.79 -10.58
C GLY D 375 -43.03 -22.97 -11.72
N LEU D 376 -42.49 -23.69 -12.71
CA LEU D 376 -41.89 -23.05 -13.88
C LEU D 376 -42.91 -22.29 -14.72
N ALA D 377 -44.13 -22.82 -14.79
CA ALA D 377 -45.18 -22.15 -15.54
C ALA D 377 -45.79 -20.99 -14.75
N GLU D 378 -45.42 -20.86 -13.48
CA GLU D 378 -45.83 -19.71 -12.67
C GLU D 378 -47.32 -19.81 -12.40
N LEU D 379 -47.83 -21.05 -12.39
CA LEU D 379 -49.25 -21.32 -12.15
C LEU D 379 -49.44 -21.98 -10.77
N SER D 394 -54.41 -31.46 -9.69
CA SER D 394 -55.34 -31.72 -10.79
C SER D 394 -54.73 -32.64 -11.82
N ASN D 395 -54.99 -32.35 -13.10
CA ASN D 395 -54.59 -33.22 -14.21
C ASN D 395 -54.80 -32.58 -15.59
N GLU D 396 -55.91 -31.85 -15.74
CA GLU D 396 -56.10 -31.05 -16.95
C GLU D 396 -55.13 -29.90 -16.77
N LEU D 397 -54.84 -29.62 -15.51
CA LEU D 397 -53.99 -28.51 -15.13
C LEU D 397 -52.52 -28.75 -15.50
N LEU D 398 -52.06 -29.98 -15.29
CA LEU D 398 -50.70 -30.34 -15.62
C LEU D 398 -50.46 -30.25 -17.13
N ILE D 399 -51.50 -30.54 -17.89
CA ILE D 399 -51.42 -30.42 -19.33
C ILE D 399 -51.21 -28.96 -19.72
N GLN D 400 -52.08 -28.09 -19.19
CA GLN D 400 -51.99 -26.66 -19.47
C GLN D 400 -50.64 -26.11 -19.01
N ALA D 401 -50.14 -26.62 -17.87
CA ALA D 401 -48.85 -26.15 -17.36
C ALA D 401 -47.69 -26.64 -18.20
N THR D 402 -47.70 -27.93 -18.53
CA THR D 402 -46.66 -28.48 -19.39
C THR D 402 -46.58 -27.71 -20.70
N LYS D 403 -47.74 -27.37 -21.25
CA LYS D 403 -47.81 -26.57 -22.46
C LYS D 403 -47.09 -25.22 -22.27
N ILE D 404 -47.40 -24.52 -21.18
CA ILE D 404 -46.80 -23.19 -20.89
C ILE D 404 -45.28 -23.23 -20.80
N VAL D 405 -44.78 -24.13 -19.96
CA VAL D 405 -43.36 -24.34 -19.83
C VAL D 405 -42.72 -24.60 -21.18
N ALA D 406 -43.32 -25.49 -21.97
CA ALA D 406 -42.71 -25.86 -23.23
C ALA D 406 -42.57 -24.61 -24.05
N PHE D 407 -43.70 -23.91 -24.17
CA PHE D 407 -43.74 -22.76 -25.02
C PHE D 407 -42.71 -21.79 -24.53
N LYS D 408 -42.86 -21.36 -23.28
CA LYS D 408 -42.03 -20.30 -22.68
C LYS D 408 -40.53 -20.42 -22.94
N TYR D 409 -39.97 -21.59 -22.67
CA TYR D 409 -38.54 -21.82 -22.86
C TYR D 409 -38.19 -22.44 -24.21
N LYS D 410 -39.09 -22.22 -25.17
CA LYS D 410 -39.09 -22.82 -26.53
C LYS D 410 -38.45 -24.19 -26.57
N THR D 411 -39.06 -25.15 -25.91
CA THR D 411 -38.43 -26.46 -25.74
C THR D 411 -39.45 -27.58 -25.63
N VAL D 412 -38.98 -28.83 -25.74
CA VAL D 412 -39.80 -30.00 -25.49
C VAL D 412 -39.86 -30.20 -24.00
N ALA D 413 -41.06 -30.20 -23.44
CA ALA D 413 -41.21 -30.23 -21.99
C ALA D 413 -41.93 -31.49 -21.46
N VAL D 414 -41.19 -32.33 -20.73
CA VAL D 414 -41.74 -33.53 -20.12
C VAL D 414 -42.19 -33.26 -18.70
N CYS D 415 -43.41 -33.68 -18.38
CA CYS D 415 -43.89 -33.65 -17.02
C CYS D 415 -44.29 -35.03 -16.54
N THR D 416 -43.65 -35.48 -15.47
CA THR D 416 -43.88 -36.83 -14.96
C THR D 416 -44.91 -36.96 -13.82
N GLY D 417 -45.51 -38.15 -13.78
CA GLY D 417 -46.50 -38.51 -12.79
C GLY D 417 -47.11 -39.82 -13.25
N GLU D 418 -48.34 -40.07 -12.81
CA GLU D 418 -49.13 -41.21 -13.28
C GLU D 418 -49.04 -41.28 -14.81
N PHE D 419 -49.52 -40.22 -15.45
CA PHE D 419 -49.33 -39.98 -16.87
C PHE D 419 -48.07 -39.15 -17.06
N ASP D 420 -47.46 -39.24 -18.24
CA ASP D 420 -46.39 -38.32 -18.58
C ASP D 420 -46.87 -37.46 -19.72
N PHE D 421 -46.93 -36.17 -19.54
CA PHE D 421 -47.34 -35.30 -20.62
C PHE D 421 -46.11 -34.71 -21.27
N ILE D 422 -46.07 -34.74 -22.59
CA ILE D 422 -44.91 -34.24 -23.32
C ILE D 422 -45.30 -33.16 -24.31
N ALA D 423 -45.03 -31.89 -24.01
CA ALA D 423 -45.37 -30.82 -24.94
C ALA D 423 -44.18 -30.36 -25.81
N ASP D 424 -44.48 -29.96 -27.05
CA ASP D 424 -43.46 -29.46 -27.95
C ASP D 424 -43.67 -27.96 -28.25
N GLY D 425 -42.87 -27.11 -27.63
CA GLY D 425 -43.01 -25.69 -27.85
C GLY D 425 -41.87 -25.10 -28.67
N THR D 426 -41.23 -25.90 -29.50
CA THR D 426 -40.09 -25.42 -30.29
C THR D 426 -40.48 -24.58 -31.51
N ILE D 427 -41.47 -25.04 -32.28
CA ILE D 427 -41.99 -24.31 -33.43
C ILE D 427 -40.97 -24.17 -34.55
N GLU D 428 -40.34 -25.28 -34.90
CA GLU D 428 -39.42 -25.33 -36.05
C GLU D 428 -38.20 -24.44 -35.82
N GLY D 429 -38.20 -23.72 -34.70
CA GLY D 429 -37.15 -22.79 -34.35
C GLY D 429 -37.38 -21.40 -34.94
N LYS D 430 -38.64 -20.99 -35.03
CA LYS D 430 -39.05 -19.74 -35.68
C LYS D 430 -38.93 -18.50 -34.78
N TYR D 431 -38.36 -17.43 -35.31
CA TYR D 431 -38.50 -16.12 -34.66
C TYR D 431 -38.84 -15.06 -35.69
N SER D 432 -39.52 -14.02 -35.20
CA SER D 432 -39.99 -12.91 -36.03
C SER D 432 -39.91 -11.61 -35.23
N LEU D 433 -40.09 -10.48 -35.89
CA LEU D 433 -40.15 -9.24 -35.16
C LEU D 433 -41.60 -8.74 -35.01
N SER D 434 -42.43 -9.64 -34.44
CA SER D 434 -43.84 -9.42 -34.04
C SER D 434 -44.88 -10.11 -34.95
N THR D 437 -46.39 -15.60 -38.27
CA THR D 437 -46.35 -16.94 -37.68
C THR D 437 -46.33 -16.94 -36.16
N ASN D 438 -45.32 -16.26 -35.57
CA ASN D 438 -45.13 -16.13 -34.11
C ASN D 438 -46.45 -16.35 -33.38
N GLY D 439 -47.55 -15.99 -34.06
CA GLY D 439 -48.93 -16.25 -33.68
C GLY D 439 -49.41 -17.71 -33.77
N THR D 440 -48.80 -18.53 -32.91
CA THR D 440 -49.20 -19.89 -32.62
C THR D 440 -49.17 -19.98 -31.09
N SER D 441 -50.28 -19.63 -30.44
CA SER D 441 -50.30 -19.45 -28.98
C SER D 441 -49.90 -20.68 -28.17
N VAL D 442 -49.69 -20.47 -26.87
CA VAL D 442 -49.42 -21.56 -25.94
C VAL D 442 -50.28 -22.76 -26.32
N GLU D 443 -51.59 -22.62 -26.09
CA GLU D 443 -52.55 -23.73 -26.12
C GLU D 443 -52.46 -24.62 -27.35
N ASP D 444 -52.00 -24.05 -28.45
CA ASP D 444 -52.03 -24.73 -29.74
C ASP D 444 -51.01 -25.86 -29.86
N ILE D 445 -49.81 -25.66 -29.32
CA ILE D 445 -48.69 -26.60 -29.51
C ILE D 445 -49.05 -28.05 -29.19
N PRO D 446 -48.41 -28.98 -29.92
CA PRO D 446 -48.59 -30.43 -29.76
C PRO D 446 -48.30 -30.90 -28.34
N CYS D 447 -49.24 -31.62 -27.75
CA CYS D 447 -49.02 -32.23 -26.44
C CYS D 447 -49.60 -33.64 -26.41
N VAL D 448 -48.73 -34.62 -26.18
CA VAL D 448 -49.14 -36.01 -26.06
C VAL D 448 -49.13 -36.43 -24.60
N ALA D 449 -49.62 -37.64 -24.34
CA ALA D 449 -49.60 -38.20 -22.98
C ALA D 449 -49.22 -39.68 -23.06
N VAL D 450 -48.53 -40.18 -22.03
CA VAL D 450 -48.19 -41.59 -21.98
C VAL D 450 -48.65 -42.19 -20.66
N GLU D 451 -49.54 -43.19 -20.74
CA GLU D 451 -50.14 -43.86 -19.57
C GLU D 451 -49.72 -45.33 -19.52
N ALA D 452 -49.87 -45.96 -18.36
CA ALA D 452 -49.61 -47.38 -18.23
C ALA D 452 -50.07 -47.92 -16.87
N GLY D 453 -51.15 -47.35 -16.34
CA GLY D 453 -51.69 -47.76 -15.06
C GLY D 453 -50.72 -47.43 -13.94
N PRO D 454 -51.11 -47.73 -12.69
CA PRO D 454 -50.27 -47.37 -11.53
C PRO D 454 -49.05 -48.30 -11.31
N ILE D 455 -47.85 -47.77 -11.50
CA ILE D 455 -46.62 -48.54 -11.23
C ILE D 455 -46.10 -48.23 -9.83
N GLY D 465 -36.43 -42.58 -11.07
CA GLY D 465 -37.24 -41.46 -11.48
C GLY D 465 -36.48 -40.49 -12.36
N CYS D 466 -35.28 -40.11 -11.92
CA CYS D 466 -34.40 -39.18 -12.64
C CYS D 466 -33.64 -39.89 -13.79
N SER D 467 -33.81 -41.19 -13.86
CA SER D 467 -33.24 -41.98 -14.94
C SER D 467 -33.96 -41.65 -16.23
N LEU D 468 -35.17 -41.11 -16.09
CA LEU D 468 -35.93 -40.62 -17.23
C LEU D 468 -35.06 -39.69 -18.01
N GLY D 469 -34.55 -38.68 -17.31
CA GLY D 469 -33.62 -37.72 -17.89
C GLY D 469 -32.48 -38.39 -18.61
N SER D 470 -31.88 -39.38 -17.96
CA SER D 470 -30.73 -40.05 -18.54
C SER D 470 -31.15 -40.72 -19.81
N THR D 471 -32.35 -41.29 -19.80
CA THR D 471 -32.90 -42.01 -20.94
C THR D 471 -33.21 -41.05 -22.08
N ILE D 472 -34.05 -40.05 -21.78
CA ILE D 472 -34.34 -39.01 -22.74
C ILE D 472 -33.06 -38.50 -23.42
N ALA D 473 -32.01 -38.26 -22.64
CA ALA D 473 -30.74 -37.77 -23.18
C ALA D 473 -30.11 -38.74 -24.17
N CYS D 474 -30.28 -40.04 -23.92
CA CYS D 474 -29.70 -41.08 -24.76
C CYS D 474 -30.45 -41.23 -26.08
N MET D 475 -31.76 -41.00 -26.02
CA MET D 475 -32.61 -41.13 -27.20
C MET D 475 -32.35 -39.98 -28.14
N ILE D 476 -32.25 -38.79 -27.56
CA ILE D 476 -32.00 -37.60 -28.35
C ILE D 476 -30.55 -37.61 -28.85
N GLY D 477 -29.64 -38.13 -28.04
CA GLY D 477 -28.24 -38.15 -28.40
C GLY D 477 -27.90 -38.85 -29.69
N GLY D 478 -28.58 -39.97 -29.94
CA GLY D 478 -28.30 -40.81 -31.09
C GLY D 478 -29.01 -40.45 -32.38
N GLN D 479 -30.00 -39.59 -32.30
CA GLN D 479 -30.62 -39.05 -33.51
C GLN D 479 -29.57 -38.31 -34.35
N PRO D 480 -29.63 -38.46 -35.69
CA PRO D 480 -28.79 -37.81 -36.69
C PRO D 480 -29.54 -36.69 -37.40
N SER D 481 -28.81 -35.77 -38.02
CA SER D 481 -29.38 -34.49 -38.47
C SER D 481 -30.86 -34.49 -38.83
N GLU D 482 -31.33 -35.56 -39.49
CA GLU D 482 -32.71 -35.61 -39.97
C GLU D 482 -33.70 -36.25 -39.00
N GLY D 483 -33.20 -36.74 -37.87
CA GLY D 483 -34.07 -37.30 -36.84
C GLY D 483 -34.98 -36.21 -36.32
N ASN D 484 -35.92 -36.54 -35.42
CA ASN D 484 -36.81 -35.50 -34.90
C ASN D 484 -36.85 -35.39 -33.39
N LEU D 485 -36.44 -34.23 -32.88
CA LEU D 485 -36.38 -34.02 -31.44
C LEU D 485 -37.64 -34.45 -30.72
N PHE D 486 -38.80 -34.03 -31.21
CA PHE D 486 -40.03 -34.32 -30.47
C PHE D 486 -40.27 -35.80 -30.29
N HIS D 487 -40.00 -36.57 -31.34
CA HIS D 487 -40.17 -38.02 -31.29
C HIS D 487 -39.19 -38.69 -30.35
N ALA D 488 -37.92 -38.29 -30.50
CA ALA D 488 -36.88 -38.80 -29.63
C ALA D 488 -37.36 -38.71 -28.18
N VAL D 489 -37.75 -37.53 -27.73
CA VAL D 489 -38.20 -37.43 -26.35
C VAL D 489 -39.29 -38.47 -26.07
N VAL D 490 -40.33 -38.50 -26.88
CA VAL D 490 -41.46 -39.36 -26.60
C VAL D 490 -41.02 -40.82 -26.51
N ALA D 491 -40.22 -41.28 -27.48
CA ALA D 491 -39.65 -42.63 -27.38
C ALA D 491 -39.08 -42.83 -25.97
N GLY D 492 -38.13 -41.97 -25.59
CA GLY D 492 -37.60 -41.98 -24.24
C GLY D 492 -38.65 -42.22 -23.16
N VAL D 493 -39.66 -41.37 -23.09
CA VAL D 493 -40.66 -41.49 -22.05
C VAL D 493 -41.32 -42.87 -22.08
N MET D 494 -41.50 -43.41 -23.29
CA MET D 494 -42.15 -44.70 -23.46
C MET D 494 -41.26 -45.80 -22.92
N LEU D 495 -40.18 -46.04 -23.65
CA LEU D 495 -39.12 -46.96 -23.23
C LEU D 495 -39.05 -47.02 -21.71
N TYR D 496 -38.81 -45.87 -21.10
CA TYR D 496 -38.78 -45.75 -19.65
C TYR D 496 -40.09 -46.23 -19.00
N LYS D 497 -41.21 -45.57 -19.30
CA LYS D 497 -42.50 -45.97 -18.74
C LYS D 497 -42.73 -47.47 -18.94
N ALA D 498 -42.08 -48.01 -19.98
CA ALA D 498 -42.23 -49.41 -20.39
C ALA D 498 -41.34 -50.40 -19.61
N ALA D 499 -40.13 -49.96 -19.25
CA ALA D 499 -39.28 -50.67 -18.30
C ALA D 499 -39.94 -50.63 -16.92
N GLY D 500 -40.71 -49.56 -16.71
CA GLY D 500 -41.51 -49.38 -15.52
C GLY D 500 -42.39 -50.57 -15.24
N LYS D 501 -43.38 -50.83 -16.12
CA LYS D 501 -44.27 -51.99 -15.92
C LYS D 501 -43.43 -53.23 -15.63
N ILE D 502 -42.58 -53.61 -16.59
CA ILE D 502 -41.80 -54.85 -16.52
C ILE D 502 -41.14 -55.14 -15.17
N ALA D 503 -40.60 -54.09 -14.55
CA ALA D 503 -39.86 -54.24 -13.31
C ALA D 503 -40.80 -54.18 -12.12
N SER D 504 -41.91 -53.49 -12.27
CA SER D 504 -42.90 -53.45 -11.21
C SER D 504 -43.34 -54.88 -10.97
N GLU D 505 -43.19 -55.68 -12.02
CA GLU D 505 -43.67 -57.05 -12.05
C GLU D 505 -42.62 -58.03 -11.49
N LYS D 506 -41.35 -57.79 -11.81
CA LYS D 506 -40.29 -58.70 -11.39
C LYS D 506 -39.53 -58.22 -10.13
N CYS D 507 -40.08 -57.24 -9.41
CA CYS D 507 -39.38 -56.67 -8.26
C CYS D 507 -39.75 -57.44 -6.99
N ASN D 508 -39.05 -57.17 -5.89
CA ASN D 508 -39.48 -57.70 -4.61
C ASN D 508 -39.60 -56.58 -3.62
N GLY D 509 -39.25 -55.38 -4.06
CA GLY D 509 -39.22 -54.20 -3.20
C GLY D 509 -38.37 -53.12 -3.83
N SER D 510 -38.23 -51.99 -3.14
CA SER D 510 -37.56 -50.83 -3.75
C SER D 510 -36.17 -51.12 -4.31
N GLY D 511 -35.47 -52.04 -3.65
CA GLY D 511 -34.10 -52.36 -4.01
C GLY D 511 -34.00 -53.02 -5.38
N SER D 512 -34.61 -54.19 -5.53
CA SER D 512 -34.50 -54.92 -6.79
C SER D 512 -35.31 -54.25 -7.91
N PHE D 513 -36.33 -53.48 -7.56
CA PHE D 513 -37.07 -52.75 -8.58
C PHE D 513 -36.11 -51.94 -9.40
N GLN D 514 -35.15 -51.33 -8.73
CA GLN D 514 -34.19 -50.49 -9.40
C GLN D 514 -33.35 -51.37 -10.33
N VAL D 515 -32.86 -52.49 -9.83
CA VAL D 515 -31.94 -53.30 -10.60
C VAL D 515 -32.65 -54.00 -11.76
N GLU D 516 -33.94 -54.26 -11.62
CA GLU D 516 -34.76 -54.78 -12.73
C GLU D 516 -35.15 -53.68 -13.74
N LEU D 517 -35.23 -52.43 -13.29
CA LEU D 517 -35.51 -51.34 -14.19
C LEU D 517 -34.34 -51.14 -15.14
N ILE D 518 -33.12 -51.16 -14.60
CA ILE D 518 -31.97 -50.99 -15.46
C ILE D 518 -31.88 -52.18 -16.41
N ASP D 519 -32.25 -53.34 -15.90
CA ASP D 519 -32.22 -54.60 -16.63
C ASP D 519 -33.23 -54.62 -17.79
N ALA D 520 -34.48 -54.29 -17.48
CA ALA D 520 -35.53 -54.10 -18.48
C ALA D 520 -35.11 -53.17 -19.61
N LEU D 521 -34.64 -51.97 -19.25
CA LEU D 521 -34.13 -51.01 -20.23
C LEU D 521 -33.14 -51.66 -21.19
N TYR D 522 -32.25 -52.49 -20.63
CA TYR D 522 -31.27 -53.20 -21.43
C TYR D 522 -31.95 -54.19 -22.38
N ARG D 523 -32.79 -55.05 -21.82
CA ARG D 523 -33.49 -56.05 -22.63
C ARG D 523 -34.38 -55.39 -23.68
N LEU D 524 -35.18 -54.42 -23.25
CA LEU D 524 -36.13 -53.77 -24.14
C LEU D 524 -35.49 -53.23 -25.43
N THR D 525 -34.31 -52.63 -25.31
CA THR D 525 -33.66 -52.01 -26.45
C THR D 525 -32.87 -52.99 -27.29
N ARG D 526 -32.51 -54.11 -26.68
CA ARG D 526 -31.83 -55.17 -27.41
C ARG D 526 -32.79 -55.90 -28.33
N GLU D 527 -33.89 -56.37 -27.75
CA GLU D 527 -35.01 -56.91 -28.52
C GLU D 527 -35.87 -55.74 -28.98
N ASN D 528 -35.23 -54.73 -29.57
CA ASN D 528 -35.92 -53.57 -30.13
C ASN D 528 -37.19 -53.96 -30.93
N THR D 529 -38.32 -54.02 -30.22
CA THR D 529 -39.62 -54.38 -30.81
C THR D 529 -40.76 -53.67 -30.08
N PRO D 530 -40.82 -52.34 -30.21
CA PRO D 530 -41.78 -51.51 -29.46
C PRO D 530 -43.22 -52.00 -29.62
N VAL D 531 -43.45 -52.87 -30.61
CA VAL D 531 -44.80 -53.33 -30.96
C VAL D 531 -45.43 -54.11 -29.83
N THR D 532 -44.63 -54.36 -28.78
CA THR D 532 -45.04 -55.18 -27.63
C THR D 532 -45.10 -54.44 -26.28
N TRP D 533 -44.47 -53.26 -26.18
CA TRP D 533 -44.39 -52.59 -24.87
C TRP D 533 -45.69 -52.05 -24.28
N ALA D 534 -45.81 -52.26 -22.96
CA ALA D 534 -46.97 -51.91 -22.12
C ALA D 534 -47.77 -50.59 -22.36
N PRO D 535 -47.08 -49.47 -22.69
CA PRO D 535 -47.74 -48.19 -22.46
C PRO D 535 -48.50 -47.62 -23.65
N LYS D 536 -49.59 -46.95 -23.31
CA LYS D 536 -50.49 -46.32 -24.27
C LYS D 536 -50.17 -44.82 -24.47
N LEU D 537 -49.87 -44.44 -25.72
CA LEU D 537 -49.56 -43.06 -26.10
C LEU D 537 -50.77 -42.37 -26.74
N THR D 538 -51.45 -41.48 -26.00
CA THR D 538 -52.65 -40.79 -26.55
C THR D 538 -52.44 -39.35 -27.10
N HIS D 539 -53.44 -38.48 -26.90
CA HIS D 539 -53.40 -37.10 -27.37
C HIS D 539 -53.99 -36.16 -26.29
N THR D 540 -53.12 -35.61 -25.45
CA THR D 540 -53.48 -34.61 -24.45
C THR D 540 -54.08 -33.37 -25.11
N LYS E 2 -20.08 -6.54 53.86
CA LYS E 2 -19.44 -7.54 53.01
C LYS E 2 -20.31 -8.78 52.84
N PHE E 3 -19.80 -9.77 52.11
CA PHE E 3 -20.48 -11.06 51.94
C PHE E 3 -19.63 -12.15 52.57
N SER E 4 -20.19 -13.34 52.66
CA SER E 4 -19.42 -14.48 53.13
C SER E 4 -19.49 -15.58 52.07
N LYS E 5 -18.39 -16.30 51.87
CA LYS E 5 -18.34 -17.34 50.84
C LYS E 5 -19.70 -17.99 50.52
N GLU E 6 -20.33 -18.55 51.55
CA GLU E 6 -21.62 -19.24 51.39
C GLU E 6 -22.80 -18.31 51.04
N GLN E 7 -22.54 -17.17 50.40
CA GLN E 7 -23.61 -16.21 50.04
C GLN E 7 -23.54 -15.78 48.56
N PHE E 8 -22.48 -16.21 47.87
CA PHE E 8 -22.23 -15.84 46.48
C PHE E 8 -23.19 -16.53 45.50
N ASP E 9 -24.06 -15.77 44.83
CA ASP E 9 -24.93 -16.41 43.84
C ASP E 9 -24.28 -16.43 42.45
N TYR E 10 -23.65 -17.55 42.11
CA TYR E 10 -23.03 -17.68 40.80
C TYR E 10 -23.99 -17.84 39.62
N SER E 11 -25.29 -17.91 39.90
CA SER E 11 -26.32 -18.08 38.88
C SER E 11 -25.96 -17.40 37.56
N LEU E 12 -25.92 -16.08 37.57
CA LEU E 12 -25.65 -15.32 36.36
C LEU E 12 -24.55 -14.33 36.65
N TYR E 13 -23.36 -14.66 36.17
CA TYR E 13 -22.12 -13.99 36.57
C TYR E 13 -21.64 -13.07 35.45
N LEU E 14 -21.76 -11.76 35.65
CA LEU E 14 -21.45 -10.80 34.61
C LEU E 14 -20.01 -10.31 34.69
N VAL E 15 -19.25 -10.54 33.62
CA VAL E 15 -17.88 -10.03 33.56
C VAL E 15 -17.80 -8.78 32.67
N THR E 16 -16.94 -7.85 33.05
CA THR E 16 -16.91 -6.49 32.49
C THR E 16 -15.96 -6.28 31.33
N ASP E 17 -16.34 -5.36 30.44
CA ASP E 17 -15.44 -4.89 29.40
C ASP E 17 -15.80 -3.49 28.96
N SER E 18 -14.85 -2.56 29.11
CA SER E 18 -15.07 -1.16 28.77
C SER E 18 -15.29 -0.91 27.27
N GLY E 19 -14.25 -1.10 26.47
CA GLY E 19 -14.36 -0.87 25.04
C GLY E 19 -15.05 -2.04 24.40
N MET E 20 -16.22 -1.80 23.84
CA MET E 20 -17.16 -2.85 23.42
C MET E 20 -18.54 -2.45 23.89
N ILE E 21 -18.61 -1.28 24.51
CA ILE E 21 -19.87 -0.74 25.01
C ILE E 21 -20.44 0.10 23.88
N PRO E 22 -21.76 -0.05 23.62
CA PRO E 22 -22.44 0.61 22.50
C PRO E 22 -22.39 2.14 22.60
N GLU E 23 -22.23 2.79 21.45
CA GLU E 23 -22.23 4.25 21.39
C GLU E 23 -23.52 4.82 21.99
N GLY E 24 -23.34 5.57 23.07
CA GLY E 24 -24.46 6.17 23.78
C GLY E 24 -24.52 5.68 25.20
N LYS E 25 -24.23 4.39 25.38
CA LYS E 25 -24.36 3.75 26.68
C LYS E 25 -23.05 3.71 27.47
N THR E 26 -23.17 3.46 28.77
CA THR E 26 -22.02 3.46 29.66
C THR E 26 -21.84 2.12 30.39
N LEU E 27 -20.67 1.95 31.02
CA LEU E 27 -20.41 0.76 31.82
C LEU E 27 -21.39 0.72 32.97
N TYR E 28 -21.51 1.84 33.68
CA TYR E 28 -22.56 1.99 34.68
C TYR E 28 -23.92 1.59 34.07
N GLY E 29 -24.33 2.30 33.01
CA GLY E 29 -25.61 2.05 32.35
C GLY E 29 -25.95 0.58 32.21
N GLN E 30 -24.99 -0.18 31.68
CA GLN E 30 -25.17 -1.60 31.45
C GLN E 30 -25.24 -2.37 32.75
N VAL E 31 -24.16 -2.37 33.49
CA VAL E 31 -24.13 -3.13 34.73
C VAL E 31 -25.23 -2.73 35.71
N GLU E 32 -25.95 -1.65 35.46
CA GLU E 32 -27.12 -1.36 36.28
C GLU E 32 -28.31 -2.16 35.75
N ALA E 33 -28.58 -1.98 34.46
CA ALA E 33 -29.59 -2.77 33.74
C ALA E 33 -29.62 -4.24 34.16
N GLY E 34 -28.43 -4.83 34.27
CA GLY E 34 -28.30 -6.25 34.51
C GLY E 34 -28.57 -6.67 35.95
N ASN E 37 -32.24 -6.73 36.44
CA ASN E 37 -32.92 -7.81 35.72
C ASN E 37 -32.40 -9.23 35.94
N GLY E 38 -31.39 -9.40 36.80
CA GLY E 38 -31.02 -10.74 37.21
C GLY E 38 -29.57 -11.10 37.48
N VAL E 39 -28.62 -10.25 37.11
CA VAL E 39 -27.22 -10.56 37.39
C VAL E 39 -27.09 -10.67 38.88
N THR E 40 -26.26 -11.61 39.32
CA THR E 40 -26.12 -11.89 40.74
C THR E 40 -24.66 -11.94 41.15
N LEU E 41 -23.80 -11.41 40.29
CA LEU E 41 -22.37 -11.38 40.58
C LEU E 41 -21.71 -10.56 39.49
N VAL E 42 -20.81 -9.67 39.88
CA VAL E 42 -20.15 -8.84 38.91
C VAL E 42 -18.64 -8.84 39.06
N GLN E 43 -17.95 -9.11 37.96
CA GLN E 43 -16.51 -9.02 37.93
C GLN E 43 -16.10 -7.78 37.12
N ILE E 44 -15.11 -7.05 37.61
CA ILE E 44 -14.55 -5.95 36.83
C ILE E 44 -13.24 -6.39 36.18
N ARG E 45 -13.21 -6.23 34.86
CA ARG E 45 -12.12 -6.73 34.02
C ARG E 45 -11.61 -5.58 33.13
N GLU E 46 -10.39 -5.11 33.43
CA GLU E 46 -9.80 -3.99 32.73
C GLU E 46 -8.37 -4.33 32.38
N LYS E 47 -8.18 -4.91 31.21
CA LYS E 47 -6.88 -5.44 30.86
C LYS E 47 -5.96 -4.34 30.35
N ASP E 48 -6.48 -3.11 30.30
CA ASP E 48 -5.77 -2.02 29.65
C ASP E 48 -5.76 -0.71 30.43
N ALA E 49 -6.92 -0.27 30.93
CA ALA E 49 -7.02 1.00 31.67
C ALA E 49 -5.92 1.15 32.73
N ASP E 50 -5.56 2.41 33.01
CA ASP E 50 -4.52 2.71 33.99
C ASP E 50 -5.01 2.59 35.42
N THR E 51 -4.09 2.28 36.33
CA THR E 51 -4.48 1.87 37.66
C THR E 51 -5.39 2.87 38.41
N LYS E 52 -5.28 4.16 38.11
CA LYS E 52 -6.10 5.16 38.80
C LYS E 52 -7.53 5.13 38.28
N PHE E 53 -7.68 5.16 36.96
CA PHE E 53 -9.00 5.06 36.31
C PHE E 53 -9.69 3.76 36.72
N PHE E 54 -8.88 2.71 36.94
CA PHE E 54 -9.37 1.41 37.38
C PHE E 54 -10.13 1.53 38.67
N ILE E 55 -9.51 2.17 39.64
CA ILE E 55 -10.04 2.24 40.99
C ILE E 55 -11.24 3.17 41.06
N GLU E 56 -11.17 4.28 40.33
CA GLU E 56 -12.29 5.22 40.29
C GLU E 56 -13.56 4.50 39.85
N GLU E 57 -13.40 3.66 38.82
CA GLU E 57 -14.52 2.92 38.25
C GLU E 57 -14.93 1.78 39.15
N ALA E 58 -13.94 1.05 39.64
CA ALA E 58 -14.20 -0.03 40.59
C ALA E 58 -15.11 0.48 41.69
N LEU E 59 -14.71 1.56 42.34
CA LEU E 59 -15.50 2.09 43.44
C LEU E 59 -16.92 2.38 42.96
N GLN E 60 -17.02 3.05 41.81
CA GLN E 60 -18.32 3.52 41.34
C GLN E 60 -19.29 2.37 41.07
N ILE E 61 -18.75 1.21 40.74
CA ILE E 61 -19.56 0.05 40.42
C ILE E 61 -19.84 -0.78 41.67
N LYS E 62 -18.83 -0.91 42.54
CA LYS E 62 -18.99 -1.55 43.84
C LYS E 62 -20.22 -1.02 44.57
N GLU E 63 -20.35 0.30 44.58
CA GLU E 63 -21.50 0.97 45.18
C GLU E 63 -22.84 0.61 44.50
N LEU E 64 -22.86 0.59 43.17
CA LEU E 64 -24.06 0.19 42.43
C LEU E 64 -24.34 -1.27 42.74
N CYS E 65 -23.28 -2.07 42.83
CA CYS E 65 -23.40 -3.46 43.21
C CYS E 65 -24.00 -3.62 44.61
N HIS E 66 -23.25 -3.16 45.60
CA HIS E 66 -23.69 -3.20 46.99
C HIS E 66 -25.09 -2.63 47.26
N ALA E 67 -25.63 -1.90 46.28
CA ALA E 67 -26.96 -1.33 46.41
C ALA E 67 -28.02 -2.34 46.02
N HIS E 68 -27.59 -3.36 45.28
CA HIS E 68 -28.47 -4.43 44.86
C HIS E 68 -28.12 -5.70 45.61
N ASN E 69 -27.36 -5.52 46.68
CA ASN E 69 -26.86 -6.63 47.49
C ASN E 69 -26.19 -7.70 46.61
N VAL E 70 -25.37 -7.25 45.67
CA VAL E 70 -24.55 -8.16 44.87
C VAL E 70 -23.05 -7.84 45.05
N PRO E 71 -22.24 -8.89 45.22
CA PRO E 71 -20.78 -8.76 45.39
C PRO E 71 -20.09 -8.22 44.15
N LEU E 72 -18.78 -8.02 44.24
CA LEU E 72 -17.99 -7.47 43.15
C LEU E 72 -16.59 -8.07 43.15
N ILE E 73 -16.33 -8.98 42.20
CA ILE E 73 -14.99 -9.56 42.05
C ILE E 73 -14.09 -8.64 41.20
N ILE E 74 -12.79 -8.88 41.24
CA ILE E 74 -11.86 -7.99 40.57
C ILE E 74 -10.83 -8.79 39.82
N ASN E 75 -10.74 -8.56 38.51
CA ASN E 75 -9.86 -9.38 37.70
C ASN E 75 -8.36 -9.09 37.88
N ASP E 76 -7.59 -10.17 38.05
CA ASP E 76 -6.11 -10.24 38.17
C ASP E 76 -5.28 -9.30 39.07
N ARG E 77 -5.72 -8.05 39.22
CA ARG E 77 -5.01 -7.10 40.05
C ARG E 77 -5.51 -7.16 41.50
N ILE E 78 -4.74 -7.87 42.32
CA ILE E 78 -5.11 -8.14 43.69
C ILE E 78 -4.95 -6.90 44.56
N ASP E 79 -3.89 -6.15 44.33
CA ASP E 79 -3.69 -4.85 44.97
C ASP E 79 -4.92 -3.92 44.85
N VAL E 80 -5.38 -3.66 43.62
CA VAL E 80 -6.63 -2.93 43.37
C VAL E 80 -7.78 -3.50 44.20
N ALA E 81 -7.79 -4.82 44.34
CA ALA E 81 -8.82 -5.50 45.10
C ALA E 81 -8.79 -5.09 46.57
N MET E 82 -7.66 -5.35 47.22
CA MET E 82 -7.48 -4.95 48.61
C MET E 82 -7.65 -3.44 48.78
N ALA E 83 -7.07 -2.69 47.85
CA ALA E 83 -7.20 -1.24 47.80
C ALA E 83 -8.65 -0.79 47.95
N ILE E 84 -9.51 -1.30 47.09
CA ILE E 84 -10.89 -0.84 47.09
C ILE E 84 -11.83 -1.71 47.92
N GLY E 85 -11.27 -2.60 48.75
CA GLY E 85 -12.08 -3.45 49.60
C GLY E 85 -13.04 -4.27 48.77
N ALA E 86 -12.48 -5.06 47.86
CA ALA E 86 -13.22 -5.89 46.93
C ALA E 86 -13.72 -7.17 47.60
N ASP E 87 -14.81 -7.74 47.08
CA ASP E 87 -15.39 -8.93 47.73
C ASP E 87 -14.63 -10.19 47.36
N GLY E 88 -13.96 -10.17 46.21
CA GLY E 88 -13.10 -11.27 45.82
C GLY E 88 -12.34 -10.98 44.54
N ILE E 89 -11.44 -11.87 44.17
CA ILE E 89 -10.67 -11.65 42.95
C ILE E 89 -10.49 -12.91 42.18
N HIS E 90 -10.47 -12.77 40.87
CA HIS E 90 -10.33 -13.89 39.97
C HIS E 90 -9.05 -13.72 39.17
N VAL E 91 -8.20 -14.72 39.22
CA VAL E 91 -6.95 -14.71 38.49
C VAL E 91 -6.90 -15.88 37.54
N GLY E 92 -6.04 -15.79 36.53
CA GLY E 92 -5.85 -16.88 35.60
C GLY E 92 -4.68 -17.77 35.97
N GLN E 93 -4.22 -18.52 34.97
CA GLN E 93 -3.17 -19.52 35.18
C GLN E 93 -1.78 -18.88 35.16
N ASP E 94 -1.69 -17.75 34.46
CA ASP E 94 -0.43 -17.07 34.22
C ASP E 94 -0.36 -15.83 35.09
N ASP E 95 -1.31 -15.72 35.99
CA ASP E 95 -1.28 -14.66 36.97
C ASP E 95 -0.59 -15.22 38.21
N MET E 96 -0.76 -14.57 39.36
CA MET E 96 0.01 -14.90 40.56
C MET E 96 -0.38 -16.21 41.28
N PRO E 97 0.61 -17.08 41.61
CA PRO E 97 0.33 -18.28 42.40
C PRO E 97 -0.77 -18.06 43.44
N ILE E 98 -1.63 -19.05 43.64
CA ILE E 98 -2.77 -18.89 44.54
C ILE E 98 -2.37 -18.79 46.02
N PRO E 99 -1.40 -19.62 46.46
CA PRO E 99 -0.74 -19.46 47.79
C PRO E 99 -0.40 -18.00 48.15
N MET E 100 0.39 -17.36 47.30
CA MET E 100 0.74 -15.96 47.45
C MET E 100 -0.48 -15.07 47.59
N ILE E 101 -1.52 -15.35 46.82
CA ILE E 101 -2.73 -14.55 46.87
C ILE E 101 -3.42 -14.64 48.23
N ARG E 102 -3.53 -15.84 48.76
CA ARG E 102 -4.22 -16.02 50.03
C ARG E 102 -3.36 -15.45 51.17
N LYS E 103 -2.05 -15.47 50.92
CA LYS E 103 -1.05 -15.01 51.88
C LYS E 103 -1.14 -13.51 52.16
N LEU E 104 -1.85 -12.78 51.28
CA LEU E 104 -2.04 -11.33 51.42
C LEU E 104 -3.52 -10.91 51.49
N VAL E 105 -4.41 -11.83 51.83
CA VAL E 105 -5.85 -11.51 51.92
C VAL E 105 -6.69 -12.31 52.95
N GLY E 106 -6.38 -13.60 53.16
CA GLY E 106 -7.02 -14.43 54.20
C GLY E 106 -8.31 -15.17 53.87
N MET E 109 -12.40 -13.33 52.26
CA MET E 109 -12.50 -12.95 50.83
C MET E 109 -12.32 -14.13 49.87
N VAL E 110 -12.97 -14.06 48.71
CA VAL E 110 -13.03 -15.20 47.78
C VAL E 110 -12.02 -15.11 46.62
N ILE E 111 -11.46 -16.24 46.24
CA ILE E 111 -10.63 -16.33 45.05
C ILE E 111 -11.35 -17.13 43.95
N GLY E 112 -11.17 -16.73 42.69
CA GLY E 112 -11.62 -17.50 41.54
C GLY E 112 -10.42 -18.02 40.76
N TRP E 113 -10.58 -19.10 40.02
CA TRP E 113 -9.46 -19.62 39.24
C TRP E 113 -9.90 -20.09 37.85
N SER E 114 -9.25 -19.53 36.83
CA SER E 114 -9.50 -19.97 35.45
C SER E 114 -8.94 -21.37 35.19
N VAL E 115 -9.81 -22.36 35.16
CA VAL E 115 -9.32 -23.72 34.94
C VAL E 115 -9.75 -24.27 33.58
N GLY E 116 -8.88 -25.06 32.96
CA GLY E 116 -9.15 -25.57 31.63
C GLY E 116 -8.99 -27.07 31.53
N PHE E 117 -8.04 -27.62 32.29
CA PHE E 117 -7.72 -29.03 32.20
C PHE E 117 -7.81 -29.67 33.60
N PRO E 118 -7.77 -31.01 33.67
CA PRO E 118 -7.93 -31.60 35.00
C PRO E 118 -6.67 -31.43 35.85
N GLU E 119 -5.51 -31.38 35.19
CA GLU E 119 -4.24 -31.23 35.89
C GLU E 119 -4.39 -30.10 36.89
N GLU E 120 -5.07 -29.06 36.43
CA GLU E 120 -5.26 -27.86 37.23
C GLU E 120 -6.20 -28.16 38.39
N VAL E 121 -7.20 -29.01 38.16
CA VAL E 121 -8.08 -29.42 39.25
C VAL E 121 -7.34 -30.25 40.30
N ASP E 122 -6.41 -31.10 39.85
CA ASP E 122 -5.59 -31.86 40.80
C ASP E 122 -4.75 -30.93 41.70
N GLU E 123 -4.10 -29.94 41.09
CA GLU E 123 -3.32 -28.92 41.79
C GLU E 123 -4.19 -28.16 42.77
N LEU E 124 -5.32 -27.69 42.27
CA LEU E 124 -6.34 -27.03 43.06
C LEU E 124 -6.75 -27.87 44.28
N SER E 125 -6.68 -29.20 44.14
CA SER E 125 -7.10 -30.15 45.18
C SER E 125 -6.04 -30.33 46.26
N LYS E 126 -4.83 -30.72 45.85
CA LYS E 126 -3.67 -30.79 46.74
C LYS E 126 -3.36 -29.37 47.27
N MET E 127 -4.41 -28.58 47.45
CA MET E 127 -4.32 -27.29 48.11
C MET E 127 -5.34 -27.15 49.24
N GLY E 128 -6.47 -27.85 49.13
CA GLY E 128 -7.53 -27.76 50.13
C GLY E 128 -8.26 -26.44 49.98
N PRO E 129 -9.07 -26.06 50.99
CA PRO E 129 -9.74 -24.74 51.15
C PRO E 129 -8.95 -23.70 51.96
N VAL E 132 -8.80 -21.56 46.95
CA VAL E 132 -9.64 -21.38 45.75
C VAL E 132 -11.12 -21.65 45.99
N ASP E 133 -11.95 -20.61 45.93
CA ASP E 133 -13.37 -20.77 46.25
C ASP E 133 -14.28 -21.14 45.07
N TYR E 134 -13.74 -21.04 43.85
CA TYR E 134 -14.53 -21.25 42.64
C TYR E 134 -13.68 -21.20 41.36
N ILE E 135 -14.01 -22.05 40.40
CA ILE E 135 -13.31 -22.07 39.13
C ILE E 135 -14.24 -21.65 38.00
N GLY E 136 -13.71 -20.85 37.09
CA GLY E 136 -14.41 -20.57 35.87
C GLY E 136 -13.94 -21.61 34.88
N VAL E 137 -14.88 -22.19 34.14
CA VAL E 137 -14.55 -23.35 33.29
C VAL E 137 -14.19 -23.04 31.84
N GLY E 138 -12.89 -23.23 31.56
CA GLY E 138 -12.21 -23.22 30.26
C GLY E 138 -12.74 -22.26 29.23
N THR E 139 -12.39 -22.44 27.97
CA THR E 139 -13.15 -21.72 26.94
C THR E 139 -14.13 -22.68 26.28
N LEU E 140 -15.41 -22.53 26.61
CA LEU E 140 -16.43 -23.45 26.11
C LEU E 140 -16.61 -23.32 24.60
N PHE E 141 -16.77 -22.09 24.13
CA PHE E 141 -17.04 -21.83 22.73
C PHE E 141 -16.14 -20.72 22.25
N PRO E 142 -15.93 -20.62 20.92
CA PRO E 142 -15.05 -19.57 20.40
C PRO E 142 -15.58 -18.18 20.72
N THR E 143 -14.67 -17.26 21.04
CA THR E 143 -15.05 -15.87 21.26
C THR E 143 -13.93 -14.88 20.90
N LEU E 144 -14.31 -13.82 20.19
CA LEU E 144 -13.35 -12.78 19.88
C LEU E 144 -13.28 -11.76 21.02
N THR E 145 -14.09 -11.94 22.06
CA THR E 145 -14.00 -11.10 23.28
C THR E 145 -12.72 -11.34 24.08
N LYS E 146 -12.14 -12.52 23.93
CA LYS E 146 -10.89 -12.86 24.59
C LYS E 146 -9.70 -12.58 23.67
N LYS E 147 -9.19 -11.36 23.77
CA LYS E 147 -8.10 -10.88 22.93
C LYS E 147 -6.78 -11.65 23.18
N ASN E 148 -6.34 -12.41 22.18
CA ASN E 148 -5.04 -13.12 22.23
C ASN E 148 -4.96 -14.34 23.20
N PRO E 149 -5.72 -15.42 22.89
CA PRO E 149 -5.99 -16.57 23.79
C PRO E 149 -4.87 -17.62 23.95
N LYS E 150 -4.76 -18.14 25.17
CA LYS E 150 -3.70 -19.07 25.52
C LYS E 150 -4.18 -20.51 25.38
N LYS E 151 -5.49 -20.71 25.57
CA LYS E 151 -6.16 -22.02 25.49
C LYS E 151 -6.73 -22.29 24.09
N ALA E 152 -7.86 -22.98 24.04
CA ALA E 152 -8.51 -23.30 22.78
C ALA E 152 -9.87 -23.89 23.09
N PRO E 153 -10.91 -23.40 22.39
CA PRO E 153 -12.31 -23.73 22.71
C PRO E 153 -12.50 -25.24 22.90
N MET E 154 -12.84 -25.58 24.13
CA MET E 154 -12.75 -26.95 24.61
C MET E 154 -14.09 -27.67 24.58
N GLY E 155 -15.16 -26.90 24.55
CA GLY E 155 -16.48 -27.48 24.47
C GLY E 155 -16.98 -28.10 25.76
N THR E 156 -18.25 -28.48 25.79
CA THR E 156 -18.88 -29.13 26.93
C THR E 156 -18.07 -30.34 27.40
N ALA E 157 -17.75 -31.23 26.47
CA ALA E 157 -16.94 -32.41 26.78
C ALA E 157 -15.75 -32.11 27.72
N GLY E 158 -14.97 -31.10 27.37
CA GLY E 158 -13.81 -30.75 28.17
C GLY E 158 -14.19 -30.21 29.53
N ALA E 159 -15.37 -29.61 29.63
CA ALA E 159 -15.84 -29.03 30.87
C ALA E 159 -16.31 -30.14 31.78
N ILE E 160 -16.93 -31.13 31.17
CA ILE E 160 -17.34 -32.32 31.89
C ILE E 160 -16.07 -32.92 32.48
N ARG E 161 -15.13 -33.27 31.61
CA ARG E 161 -13.82 -33.73 32.05
C ARG E 161 -13.28 -33.02 33.32
N VAL E 162 -13.43 -31.70 33.40
CA VAL E 162 -13.02 -30.95 34.57
C VAL E 162 -13.99 -31.14 35.74
N LEU E 163 -15.29 -31.10 35.47
CA LEU E 163 -16.30 -31.37 36.48
C LEU E 163 -16.14 -32.78 37.11
N ASP E 164 -15.42 -33.66 36.41
CA ASP E 164 -15.18 -35.03 36.86
C ASP E 164 -13.92 -35.19 37.71
N ALA E 165 -12.99 -34.26 37.56
CA ALA E 165 -11.79 -34.25 38.38
C ALA E 165 -12.18 -33.72 39.76
N LEU E 166 -13.25 -32.94 39.78
CA LEU E 166 -13.77 -32.33 41.00
C LEU E 166 -14.52 -33.34 41.86
N GLU E 167 -14.54 -34.60 41.43
CA GLU E 167 -15.14 -35.68 42.22
C GLU E 167 -14.12 -36.78 42.55
N ARG E 168 -13.27 -37.15 41.60
CA ARG E 168 -12.20 -38.06 41.92
C ARG E 168 -11.30 -37.44 43.01
N ASN E 169 -11.56 -36.18 43.34
CA ASN E 169 -10.80 -35.50 44.36
C ASN E 169 -11.65 -35.00 45.52
N ASN E 170 -12.96 -35.16 45.41
CA ASN E 170 -13.86 -34.59 46.41
C ASN E 170 -13.47 -33.15 46.81
N ALA E 171 -13.89 -32.19 45.98
CA ALA E 171 -13.56 -30.79 46.18
C ALA E 171 -14.81 -29.95 46.43
N HIS E 172 -15.59 -30.35 47.43
CA HIS E 172 -16.89 -29.73 47.74
C HIS E 172 -16.90 -28.19 47.89
N TRP E 173 -15.75 -27.64 48.26
CA TRP E 173 -15.67 -26.22 48.59
C TRP E 173 -15.63 -25.34 47.34
N CYS E 174 -15.36 -25.97 46.19
CA CYS E 174 -15.16 -25.27 44.95
C CYS E 174 -16.46 -25.18 44.16
N ARG E 175 -16.88 -23.97 43.81
CA ARG E 175 -18.03 -23.78 42.92
C ARG E 175 -17.53 -23.78 41.47
N THR E 176 -18.44 -23.75 40.50
CA THR E 176 -18.04 -23.71 39.10
C THR E 176 -18.95 -22.86 38.23
N VAL E 177 -18.34 -22.01 37.39
CA VAL E 177 -19.08 -21.25 36.39
C VAL E 177 -18.58 -21.58 35.00
N GLY E 178 -19.48 -21.62 34.04
CA GLY E 178 -19.10 -21.82 32.67
C GLY E 178 -18.89 -20.48 32.00
N ILE E 179 -17.85 -20.40 31.17
CA ILE E 179 -17.49 -19.13 30.51
C ILE E 179 -17.07 -19.30 29.03
N GLY E 180 -17.42 -18.30 28.22
CA GLY E 180 -16.86 -18.20 26.89
C GLY E 180 -17.76 -18.49 25.70
N GLY E 181 -18.47 -17.48 25.23
CA GLY E 181 -19.25 -17.63 24.04
C GLY E 181 -20.65 -18.06 24.37
N LEU E 182 -21.00 -18.02 25.65
CA LEU E 182 -22.35 -18.38 26.04
C LEU E 182 -23.32 -17.33 25.52
N HIS E 183 -24.36 -17.77 24.82
CA HIS E 183 -25.43 -16.89 24.35
C HIS E 183 -26.78 -17.61 24.49
N PRO E 184 -27.90 -16.93 24.23
CA PRO E 184 -29.17 -17.67 24.29
C PRO E 184 -29.22 -18.88 23.34
N ASP E 185 -28.29 -18.97 22.40
CA ASP E 185 -28.32 -20.02 21.39
C ASP E 185 -27.61 -21.31 21.85
N ASN E 186 -27.20 -21.35 23.11
CA ASN E 186 -26.48 -22.51 23.63
C ASN E 186 -26.43 -22.58 25.14
N ILE E 187 -27.02 -21.61 25.82
CA ILE E 187 -26.95 -21.63 27.26
C ILE E 187 -27.65 -22.88 27.77
N GLU E 188 -28.74 -23.27 27.09
CA GLU E 188 -29.51 -24.44 27.48
C GLU E 188 -28.71 -25.71 27.32
N ARG E 189 -28.08 -25.88 26.15
CA ARG E 189 -27.19 -27.02 25.92
C ARG E 189 -25.99 -27.06 26.86
N VAL E 190 -25.42 -25.91 27.18
CA VAL E 190 -24.27 -25.87 28.08
C VAL E 190 -24.70 -26.34 29.46
N LEU E 191 -25.77 -25.70 29.96
CA LEU E 191 -26.37 -26.04 31.23
C LEU E 191 -26.78 -27.52 31.30
N TYR E 192 -27.27 -28.02 30.17
CA TYR E 192 -27.80 -29.37 30.05
C TYR E 192 -26.74 -30.48 30.10
N GLN E 193 -25.73 -30.38 29.26
CA GLN E 193 -24.69 -31.42 29.24
C GLN E 193 -23.58 -31.29 30.27
N CYS E 194 -23.36 -30.10 30.82
CA CYS E 194 -22.28 -29.89 31.79
C CYS E 194 -22.60 -30.36 33.22
N VAL E 195 -22.45 -31.69 33.42
CA VAL E 195 -22.78 -32.45 34.63
C VAL E 195 -21.68 -33.49 34.80
N SER E 196 -21.26 -33.77 36.02
CA SER E 196 -20.20 -34.75 36.22
C SER E 196 -20.66 -36.11 35.72
N SER E 197 -19.74 -37.04 35.54
CA SER E 197 -20.09 -38.37 35.03
C SER E 197 -20.94 -39.17 36.03
N ASN E 198 -20.87 -38.83 37.31
CA ASN E 198 -21.71 -39.48 38.31
C ASN E 198 -23.01 -38.71 38.52
N GLY E 199 -23.17 -37.60 37.81
CA GLY E 199 -24.39 -36.83 37.87
C GLY E 199 -24.59 -36.11 39.20
N LYS E 200 -23.77 -36.44 40.20
CA LYS E 200 -23.87 -35.78 41.49
C LYS E 200 -23.80 -34.23 41.35
N ARG E 201 -22.79 -33.72 40.62
CA ARG E 201 -22.50 -32.27 40.51
C ARG E 201 -22.69 -31.65 39.11
N SER E 202 -23.29 -30.45 39.02
CA SER E 202 -23.32 -29.70 37.75
C SER E 202 -22.75 -28.27 37.82
N LEU E 203 -23.07 -27.46 36.81
CA LEU E 203 -22.62 -26.05 36.76
C LEU E 203 -23.37 -25.15 37.77
N ASP E 204 -22.59 -24.40 38.57
CA ASP E 204 -23.19 -23.53 39.59
C ASP E 204 -23.65 -22.20 39.05
N GLY E 205 -23.21 -21.89 37.84
CA GLY E 205 -23.66 -20.67 37.20
C GLY E 205 -23.09 -20.51 35.82
N ILE E 206 -23.72 -19.60 35.08
CA ILE E 206 -23.28 -19.26 33.76
C ILE E 206 -22.65 -17.88 33.75
N CYS E 207 -21.54 -17.74 33.03
CA CYS E 207 -20.82 -16.47 32.98
C CYS E 207 -20.79 -15.82 31.58
N VAL E 208 -21.41 -14.64 31.45
CA VAL E 208 -21.37 -13.91 30.18
C VAL E 208 -20.52 -12.66 30.25
N VAL E 209 -20.21 -12.09 29.09
CA VAL E 209 -19.57 -10.79 29.01
C VAL E 209 -20.26 -10.02 27.89
N SER E 210 -20.00 -10.43 26.66
CA SER E 210 -20.51 -9.71 25.51
C SER E 210 -22.03 -9.76 25.39
N ASP E 211 -22.68 -10.75 26.00
CA ASP E 211 -24.13 -10.88 25.82
C ASP E 211 -24.90 -9.73 26.48
N ILE E 212 -24.37 -9.20 27.56
CA ILE E 212 -25.03 -8.11 28.27
C ILE E 212 -24.33 -6.78 28.02
N ILE E 213 -23.01 -6.78 28.23
CA ILE E 213 -22.21 -5.57 28.09
C ILE E 213 -22.43 -4.90 26.75
N ALA E 214 -22.40 -5.68 25.68
CA ALA E 214 -22.44 -5.15 24.32
C ALA E 214 -23.84 -5.18 23.70
N SER E 215 -24.85 -5.36 24.53
CA SER E 215 -26.22 -5.39 24.07
C SER E 215 -26.74 -3.98 23.86
N LEU E 216 -27.54 -3.80 22.82
CA LEU E 216 -28.21 -2.52 22.63
C LEU E 216 -29.31 -2.36 23.68
N ASP E 217 -29.61 -3.46 24.37
CA ASP E 217 -30.61 -3.48 25.43
C ASP E 217 -30.24 -4.50 26.53
N ALA E 218 -29.37 -4.06 27.44
CA ALA E 218 -28.89 -4.89 28.54
C ALA E 218 -30.01 -5.35 29.47
N ALA E 219 -31.02 -4.50 29.67
CA ALA E 219 -32.21 -4.92 30.39
C ALA E 219 -32.78 -6.24 29.84
N LYS E 220 -33.15 -6.23 28.55
CA LYS E 220 -33.81 -7.37 27.90
C LYS E 220 -32.92 -8.60 27.87
N SER E 221 -31.72 -8.44 27.30
CA SER E 221 -30.81 -9.58 27.16
C SER E 221 -30.62 -10.32 28.49
N THR E 222 -30.55 -9.56 29.58
CA THR E 222 -30.43 -10.16 30.91
C THR E 222 -31.68 -10.99 31.21
N LYS E 223 -32.85 -10.38 31.14
CA LYS E 223 -34.10 -11.10 31.37
C LYS E 223 -34.18 -12.41 30.58
N ILE E 224 -33.70 -12.40 29.33
CA ILE E 224 -33.67 -13.61 28.51
C ILE E 224 -32.71 -14.67 29.07
N LEU E 225 -31.50 -14.25 29.43
CA LEU E 225 -30.55 -15.19 30.03
C LEU E 225 -31.15 -15.73 31.34
N ARG E 226 -31.82 -14.86 32.08
CA ARG E 226 -32.33 -15.23 33.39
C ARG E 226 -33.50 -16.18 33.30
N GLY E 227 -34.34 -16.00 32.29
CA GLY E 227 -35.36 -17.00 32.00
C GLY E 227 -34.78 -18.38 31.74
N LEU E 228 -33.76 -18.45 30.89
CA LEU E 228 -33.10 -19.71 30.57
C LEU E 228 -32.38 -20.33 31.74
N ILE E 229 -31.56 -19.55 32.42
CA ILE E 229 -30.75 -20.09 33.49
C ILE E 229 -31.56 -20.81 34.58
N ASP E 230 -32.76 -20.30 34.88
CA ASP E 230 -33.53 -20.85 36.01
C ASP E 230 -34.82 -21.60 35.60
N LYS E 231 -34.73 -22.31 34.48
CA LYS E 231 -35.74 -23.22 33.99
C LYS E 231 -35.08 -24.57 34.13
N THR E 232 -35.85 -25.65 34.16
CA THR E 232 -35.27 -26.99 34.32
C THR E 232 -35.52 -28.01 33.18
N ASP E 233 -36.19 -27.59 32.11
CA ASP E 233 -36.45 -28.44 30.93
C ASP E 233 -35.86 -27.91 29.63
N TYR E 234 -34.94 -28.67 29.05
CA TYR E 234 -34.47 -28.40 27.69
C TYR E 234 -35.16 -29.32 26.69
N LYS E 235 -36.35 -28.94 26.23
CA LYS E 235 -36.96 -29.62 25.10
C LYS E 235 -36.15 -29.27 23.84
N PHE E 236 -35.27 -30.17 23.40
CA PHE E 236 -34.38 -29.89 22.27
C PHE E 236 -34.85 -30.55 20.97
N VAL E 237 -35.83 -31.42 21.12
CA VAL E 237 -36.44 -32.08 19.99
C VAL E 237 -37.93 -32.21 20.28
N ASN E 238 -38.74 -31.78 19.33
CA ASN E 238 -40.18 -31.87 19.48
C ASN E 238 -40.66 -33.33 19.44
N ILE E 239 -40.32 -34.07 20.50
CA ILE E 239 -40.63 -35.49 20.64
C ILE E 239 -40.51 -35.82 22.12
N GLY E 240 -41.39 -36.66 22.63
CA GLY E 240 -41.30 -37.08 24.02
C GLY E 240 -39.96 -37.72 24.43
N LEU E 241 -39.59 -37.57 25.69
CA LEU E 241 -38.37 -38.19 26.20
C LEU E 241 -38.54 -38.78 27.60
N SER E 242 -38.84 -40.08 27.71
CA SER E 242 -39.07 -40.68 29.03
C SER E 242 -38.50 -42.11 29.13
N SER E 246 -38.56 -49.35 30.52
CA SER E 246 -39.62 -50.35 30.27
C SER E 246 -39.78 -50.79 28.79
N LEU E 247 -39.31 -52.01 28.50
CA LEU E 247 -39.25 -52.56 27.13
C LEU E 247 -40.26 -52.07 26.07
N THR E 248 -39.79 -51.93 24.83
CA THR E 248 -40.61 -51.40 23.76
C THR E 248 -41.50 -52.49 23.21
N THR E 249 -42.81 -52.24 23.25
CA THR E 249 -43.80 -53.24 22.83
C THR E 249 -43.91 -53.40 21.30
N THR E 250 -44.31 -54.59 20.86
CA THR E 250 -44.59 -54.83 19.46
C THR E 250 -45.62 -53.83 18.93
N ASP E 251 -46.63 -53.53 19.76
CA ASP E 251 -47.64 -52.54 19.41
C ASP E 251 -47.03 -51.16 19.15
N GLU E 252 -45.96 -50.85 19.89
CA GLU E 252 -45.28 -49.56 19.81
C GLU E 252 -44.43 -49.42 18.55
N ILE E 253 -43.57 -50.41 18.28
CA ILE E 253 -42.82 -50.47 17.02
C ILE E 253 -43.77 -50.37 15.82
N GLN E 254 -45.02 -50.77 16.05
CA GLN E 254 -46.04 -50.83 15.00
C GLN E 254 -46.53 -49.45 14.58
N SER E 255 -46.80 -48.60 15.56
CA SER E 255 -47.26 -47.24 15.30
C SER E 255 -46.07 -46.34 14.96
N ILE E 256 -44.88 -46.75 15.37
CA ILE E 256 -43.70 -46.01 14.98
C ILE E 256 -43.56 -46.16 13.48
N ILE E 257 -43.64 -47.40 12.99
CA ILE E 257 -43.49 -47.68 11.57
C ILE E 257 -44.63 -47.06 10.76
N SER E 258 -45.83 -47.00 11.35
CA SER E 258 -46.97 -46.38 10.70
C SER E 258 -46.75 -44.89 10.58
N ASN E 259 -46.32 -44.28 11.68
CA ASN E 259 -46.19 -42.82 11.74
C ASN E 259 -45.21 -42.35 10.68
N THR E 260 -44.12 -43.10 10.52
CA THR E 260 -43.07 -42.70 9.61
C THR E 260 -43.47 -42.86 8.13
N LEU E 261 -44.37 -43.81 7.86
CA LEU E 261 -44.90 -44.02 6.51
C LEU E 261 -46.00 -43.03 6.20
N LYS E 262 -46.80 -42.75 7.23
CA LYS E 262 -47.91 -41.80 7.15
C LYS E 262 -47.42 -40.34 7.16
N ALA E 263 -46.10 -40.14 7.27
CA ALA E 263 -45.56 -38.78 7.34
C ALA E 263 -44.46 -38.46 6.32
N ARG E 264 -44.04 -39.45 5.55
CA ARG E 264 -42.98 -39.27 4.53
C ARG E 264 -41.89 -38.27 4.96
N PRO E 265 -41.21 -38.53 6.09
CA PRO E 265 -40.20 -37.63 6.68
C PRO E 265 -39.08 -37.32 5.72
N LEU E 266 -38.66 -36.06 5.68
CA LEU E 266 -37.53 -35.63 4.87
C LEU E 266 -36.22 -35.78 5.62
N VAL E 267 -35.37 -36.66 5.11
CA VAL E 267 -34.08 -36.92 5.73
C VAL E 267 -33.04 -36.18 4.93
N GLN E 268 -32.23 -35.36 5.60
CA GLN E 268 -31.15 -34.66 4.93
C GLN E 268 -29.84 -35.35 5.24
N HIS E 269 -29.19 -35.87 4.21
CA HIS E 269 -27.98 -36.66 4.44
C HIS E 269 -26.75 -35.87 4.12
N ILE E 270 -26.05 -35.39 5.15
CA ILE E 270 -24.71 -34.88 4.91
C ILE E 270 -23.77 -36.03 5.18
N THR E 271 -23.42 -36.75 4.13
CA THR E 271 -22.66 -37.97 4.27
C THR E 271 -21.76 -38.13 3.06
N ASN E 272 -20.90 -39.17 3.09
CA ASN E 272 -19.97 -39.46 2.00
C ASN E 272 -20.68 -39.65 0.69
N LYS E 273 -19.98 -40.20 -0.29
CA LYS E 273 -20.60 -40.47 -1.56
C LYS E 273 -21.03 -41.93 -1.61
N VAL E 274 -20.31 -42.78 -0.88
CA VAL E 274 -20.53 -44.22 -0.92
C VAL E 274 -21.66 -44.67 -0.02
N HIS E 275 -22.00 -43.84 0.95
CA HIS E 275 -23.17 -44.10 1.80
C HIS E 275 -24.36 -43.41 1.14
N GLN E 276 -24.05 -42.53 0.18
CA GLN E 276 -25.06 -41.64 -0.37
C GLN E 276 -26.06 -42.46 -1.18
N ASN E 277 -25.59 -43.10 -2.24
CA ASN E 277 -26.53 -43.78 -3.11
C ASN E 277 -27.30 -44.78 -2.30
N PHE E 278 -26.58 -45.60 -1.54
CA PHE E 278 -27.22 -46.61 -0.69
C PHE E 278 -28.20 -46.02 0.34
N GLY E 279 -27.74 -45.02 1.10
CA GLY E 279 -28.53 -44.38 2.15
C GLY E 279 -29.78 -43.68 1.65
N ALA E 280 -29.72 -43.22 0.41
CA ALA E 280 -30.88 -42.66 -0.24
C ALA E 280 -31.91 -43.76 -0.49
N ASN E 281 -31.44 -44.96 -0.79
CA ASN E 281 -32.34 -46.08 -1.11
C ASN E 281 -33.00 -46.60 0.14
N VAL E 282 -32.26 -46.65 1.23
CA VAL E 282 -32.82 -47.15 2.47
C VAL E 282 -33.93 -46.21 2.86
N THR E 283 -33.64 -44.92 2.72
CA THR E 283 -34.59 -43.91 3.13
C THR E 283 -35.82 -44.01 2.26
N LEU E 284 -35.61 -44.22 0.96
CA LEU E 284 -36.67 -44.37 -0.04
C LEU E 284 -37.55 -45.56 0.26
N ALA E 285 -36.93 -46.73 0.27
CA ALA E 285 -37.52 -47.95 0.74
C ALA E 285 -38.37 -47.75 2.01
N LEU E 286 -37.92 -46.94 2.94
CA LEU E 286 -38.67 -46.73 4.17
C LEU E 286 -39.86 -45.79 4.00
N GLY E 287 -40.24 -45.51 2.77
CA GLY E 287 -41.39 -44.65 2.48
C GLY E 287 -41.23 -43.19 2.92
N SER E 288 -39.99 -42.71 2.95
CA SER E 288 -39.67 -41.32 3.29
C SER E 288 -38.68 -40.82 2.24
N SER E 289 -38.36 -39.53 2.23
CA SER E 289 -37.58 -38.98 1.10
C SER E 289 -36.20 -38.43 1.44
N PRO E 290 -35.18 -38.85 0.68
CA PRO E 290 -33.80 -38.38 0.83
C PRO E 290 -33.58 -37.00 0.23
N ILE E 291 -32.62 -36.26 0.79
CA ILE E 291 -32.14 -35.00 0.26
C ILE E 291 -30.66 -34.99 0.57
N MET E 292 -29.81 -34.96 -0.46
CA MET E 292 -28.37 -35.00 -0.18
C MET E 292 -27.71 -33.62 -0.21
N SER E 293 -28.49 -32.57 0.10
CA SER E 293 -28.04 -31.18 0.02
C SER E 293 -26.97 -30.73 1.03
N GLU E 294 -25.82 -30.30 0.52
CA GLU E 294 -24.77 -29.77 1.37
C GLU E 294 -24.59 -28.25 1.18
N ILE E 295 -25.70 -27.60 0.84
CA ILE E 295 -25.73 -26.18 0.49
C ILE E 295 -26.06 -25.31 1.72
N GLN E 296 -25.12 -24.40 2.06
CA GLN E 296 -25.21 -23.58 3.27
C GLN E 296 -26.53 -22.84 3.40
N SER E 297 -26.83 -21.98 2.44
CA SER E 297 -28.06 -21.19 2.44
C SER E 297 -29.31 -22.05 2.62
N GLU E 298 -29.40 -23.10 1.81
CA GLU E 298 -30.59 -23.94 1.71
C GLU E 298 -31.03 -24.54 3.06
N VAL E 299 -30.03 -24.80 3.91
CA VAL E 299 -30.21 -25.42 5.21
C VAL E 299 -31.43 -24.90 5.98
N ASN E 300 -31.68 -23.60 5.92
CA ASN E 300 -32.74 -23.01 6.71
C ASN E 300 -34.16 -23.33 6.21
N ASP E 301 -34.30 -23.45 4.90
CA ASP E 301 -35.58 -23.81 4.33
C ASP E 301 -35.89 -25.29 4.49
N LEU E 302 -34.86 -26.13 4.33
CA LEU E 302 -35.04 -27.56 4.46
C LEU E 302 -35.65 -27.94 5.80
N ALA E 303 -35.10 -27.39 6.89
CA ALA E 303 -35.62 -27.70 8.23
C ALA E 303 -37.05 -27.22 8.48
N ALA E 304 -37.46 -26.13 7.83
CA ALA E 304 -38.81 -25.60 8.03
C ALA E 304 -39.92 -26.54 7.53
N ILE E 305 -39.58 -27.34 6.51
CA ILE E 305 -40.42 -28.43 6.00
C ILE E 305 -40.72 -29.41 7.14
N PRO E 306 -41.97 -29.91 7.23
CA PRO E 306 -42.42 -30.74 8.36
C PRO E 306 -41.80 -32.15 8.41
N HIS E 307 -41.72 -32.69 9.62
CA HIS E 307 -41.09 -34.00 9.89
C HIS E 307 -39.69 -34.16 9.27
N ALA E 308 -38.94 -33.07 9.24
CA ALA E 308 -37.59 -33.03 8.71
C ALA E 308 -36.57 -33.49 9.74
N THR E 309 -35.55 -34.18 9.28
CA THR E 309 -34.55 -34.74 10.16
C THR E 309 -33.23 -34.72 9.45
N LEU E 310 -32.15 -34.60 10.22
CA LEU E 310 -30.82 -34.44 9.67
C LEU E 310 -29.92 -35.61 10.07
N LEU E 311 -29.12 -36.12 9.13
CA LEU E 311 -28.16 -37.19 9.40
C LEU E 311 -26.70 -36.74 9.15
N LEU E 312 -25.89 -36.62 10.20
CA LEU E 312 -24.48 -36.21 10.04
C LEU E 312 -23.54 -37.36 9.81
N ASN E 313 -22.54 -37.14 9.00
CA ASN E 313 -21.57 -38.19 8.72
C ASN E 313 -20.20 -37.57 8.55
N THR E 314 -19.43 -37.61 9.63
CA THR E 314 -18.08 -37.07 9.66
C THR E 314 -17.31 -37.20 8.36
N GLY E 315 -16.77 -36.06 7.90
CA GLY E 315 -16.00 -36.00 6.67
C GLY E 315 -16.81 -36.32 5.43
N SER E 316 -17.46 -35.30 4.89
CA SER E 316 -18.31 -35.49 3.73
C SER E 316 -18.04 -34.36 2.76
N VAL E 317 -16.81 -33.85 2.78
CA VAL E 317 -16.42 -32.76 1.88
C VAL E 317 -17.07 -31.42 2.28
N ALA E 318 -18.15 -31.47 3.07
CA ALA E 318 -18.83 -30.26 3.52
C ALA E 318 -17.98 -29.47 4.52
N PRO E 319 -17.75 -28.18 4.20
CA PRO E 319 -17.04 -27.26 5.10
C PRO E 319 -17.68 -27.27 6.47
N PRO E 320 -16.87 -27.36 7.52
CA PRO E 320 -17.30 -27.33 8.93
C PRO E 320 -18.19 -26.15 9.24
N GLU E 321 -17.94 -25.00 8.61
CA GLU E 321 -18.80 -23.82 8.76
C GLU E 321 -20.24 -24.19 8.42
N MET E 322 -20.38 -25.11 7.48
CA MET E 322 -21.67 -25.55 6.97
C MET E 322 -22.31 -26.59 7.90
N LEU E 323 -21.56 -27.60 8.31
CA LEU E 323 -22.09 -28.55 9.29
C LEU E 323 -22.66 -27.81 10.50
N LYS E 324 -21.89 -26.86 11.04
CA LYS E 324 -22.36 -25.94 12.09
C LYS E 324 -23.66 -25.31 11.65
N ALA E 325 -23.62 -24.65 10.49
CA ALA E 325 -24.79 -23.94 9.96
C ALA E 325 -26.02 -24.82 9.97
N ALA E 326 -25.82 -26.09 9.58
CA ALA E 326 -26.87 -27.10 9.44
C ALA E 326 -27.36 -27.61 10.80
N ILE E 327 -26.44 -28.08 11.62
CA ILE E 327 -26.76 -28.44 13.00
C ILE E 327 -27.58 -27.35 13.68
N ARG E 328 -27.22 -26.09 13.49
CA ARG E 328 -27.98 -25.03 14.12
C ARG E 328 -29.40 -25.01 13.57
N ALA E 329 -29.51 -24.96 12.25
CA ALA E 329 -30.83 -24.92 11.59
C ALA E 329 -31.85 -25.84 12.24
N TYR E 330 -31.49 -27.13 12.38
CA TYR E 330 -32.41 -28.15 12.93
C TYR E 330 -32.72 -28.03 14.42
N ASN E 331 -31.75 -27.56 15.20
CA ASN E 331 -31.94 -27.33 16.64
C ASN E 331 -32.88 -26.16 16.92
N ASP E 332 -32.83 -25.18 16.03
CA ASP E 332 -33.59 -23.92 16.16
C ASP E 332 -35.06 -24.17 15.88
N VAL E 333 -35.30 -25.22 15.10
CA VAL E 333 -36.66 -25.68 14.83
C VAL E 333 -36.99 -26.94 15.67
N LYS E 334 -36.03 -27.33 16.50
CA LYS E 334 -36.22 -28.40 17.48
C LYS E 334 -36.48 -29.75 16.83
N ARG E 335 -35.97 -29.96 15.62
CA ARG E 335 -36.07 -31.25 14.95
C ARG E 335 -34.79 -32.05 15.19
N PRO E 336 -34.82 -33.37 14.91
CA PRO E 336 -33.81 -34.32 15.40
C PRO E 336 -32.58 -34.49 14.51
N ILE E 337 -31.42 -34.61 15.14
CA ILE E 337 -30.19 -34.91 14.42
C ILE E 337 -29.66 -36.30 14.74
N VAL E 338 -29.26 -37.03 13.71
CA VAL E 338 -28.60 -38.30 13.90
C VAL E 338 -27.13 -38.16 13.54
N PHE E 339 -26.26 -38.66 14.41
CA PHE E 339 -24.83 -38.39 14.28
C PHE E 339 -24.03 -39.69 14.22
N ASP E 340 -23.34 -39.91 13.10
CA ASP E 340 -22.58 -41.12 12.89
C ASP E 340 -21.11 -40.81 12.63
N PRO E 341 -20.27 -40.99 13.67
CA PRO E 341 -18.86 -40.64 13.64
C PRO E 341 -17.99 -41.65 12.91
N VAL E 342 -18.26 -41.88 11.62
CA VAL E 342 -17.56 -42.95 10.88
C VAL E 342 -16.08 -43.14 11.25
N GLY E 343 -15.22 -42.24 10.81
CA GLY E 343 -13.82 -42.34 11.18
C GLY E 343 -13.69 -42.44 12.69
N TYR E 344 -13.59 -41.28 13.33
CA TYR E 344 -13.30 -41.15 14.76
C TYR E 344 -11.78 -41.17 14.89
N SER E 345 -11.28 -41.79 15.97
CA SER E 345 -9.85 -41.86 16.24
C SER E 345 -9.05 -42.51 15.09
N ALA E 346 -9.73 -42.87 14.00
CA ALA E 346 -9.09 -43.48 12.84
C ALA E 346 -7.80 -42.77 12.50
N THR E 347 -7.87 -41.44 12.54
CA THR E 347 -6.75 -40.57 12.23
C THR E 347 -6.59 -39.47 13.28
N GLU E 348 -6.08 -38.32 12.85
CA GLU E 348 -5.88 -37.18 13.74
C GLU E 348 -6.91 -36.16 13.35
N THR E 349 -6.95 -35.86 12.05
CA THR E 349 -7.86 -34.84 11.52
C THR E 349 -9.31 -35.17 11.79
N ARG E 350 -9.61 -36.46 11.96
CA ARG E 350 -10.98 -36.92 12.20
C ARG E 350 -11.34 -36.86 13.67
N LEU E 351 -10.44 -37.30 14.54
CA LEU E 351 -10.67 -37.12 15.97
C LEU E 351 -11.00 -35.65 16.17
N LEU E 352 -10.25 -34.78 15.52
CA LEU E 352 -10.43 -33.33 15.69
C LEU E 352 -11.75 -32.80 15.12
N LEU E 353 -12.10 -33.20 13.90
CA LEU E 353 -13.30 -32.70 13.22
C LEU E 353 -14.57 -33.16 13.91
N ASN E 354 -14.48 -34.30 14.58
CA ASN E 354 -15.64 -34.90 15.22
C ASN E 354 -15.97 -34.20 16.52
N ASN E 355 -14.95 -33.99 17.37
CA ASN E 355 -15.17 -33.26 18.61
C ASN E 355 -15.72 -31.86 18.34
N LEU E 356 -15.11 -31.17 17.37
CA LEU E 356 -15.54 -29.82 17.03
C LEU E 356 -17.04 -29.88 16.75
N LEU E 357 -17.40 -30.83 15.91
CA LEU E 357 -18.77 -31.02 15.47
C LEU E 357 -19.67 -31.22 16.65
N LEU E 358 -19.17 -31.97 17.63
CA LEU E 358 -19.93 -32.44 18.78
C LEU E 358 -20.24 -31.36 19.82
N THR E 359 -19.84 -30.13 19.50
CA THR E 359 -20.09 -29.00 20.38
C THR E 359 -20.95 -27.98 19.69
N PHE E 360 -21.28 -28.27 18.42
CA PHE E 360 -22.07 -27.35 17.60
C PHE E 360 -23.56 -27.30 17.98
N GLY E 361 -24.11 -28.40 18.46
CA GLY E 361 -25.51 -28.44 18.82
C GLY E 361 -25.85 -29.64 19.69
N GLN E 362 -27.14 -29.98 19.72
CA GLN E 362 -27.66 -31.06 20.55
C GLN E 362 -28.18 -32.24 19.72
N PHE E 363 -27.47 -33.37 19.76
CA PHE E 363 -27.83 -34.51 18.90
C PHE E 363 -28.88 -35.44 19.53
N SER E 364 -29.78 -35.96 18.70
CA SER E 364 -30.85 -36.83 19.16
C SER E 364 -30.41 -38.29 19.23
N CYS E 365 -29.36 -38.61 18.49
CA CYS E 365 -28.80 -39.94 18.62
C CYS E 365 -27.41 -40.02 18.00
N ILE E 366 -26.56 -40.82 18.64
CA ILE E 366 -25.22 -41.10 18.13
C ILE E 366 -25.12 -42.60 17.90
N LYS E 367 -24.66 -42.97 16.73
CA LYS E 367 -24.60 -44.36 16.35
C LYS E 367 -23.15 -44.66 16.00
N GLY E 368 -22.57 -45.62 16.72
CA GLY E 368 -21.21 -46.07 16.46
C GLY E 368 -20.92 -47.54 16.74
N ASN E 369 -19.85 -48.07 16.14
CA ASN E 369 -19.47 -49.46 16.37
C ASN E 369 -18.43 -49.55 17.47
N SER E 370 -18.16 -50.79 17.92
CA SER E 370 -17.15 -51.05 18.93
C SER E 370 -16.06 -49.98 19.03
N SER E 371 -15.35 -49.74 17.92
CA SER E 371 -14.29 -48.72 17.90
C SER E 371 -14.85 -47.32 18.24
N GLU E 372 -15.74 -46.84 17.39
CA GLU E 372 -16.36 -45.56 17.57
C GLU E 372 -16.92 -45.29 18.97
N ILE E 373 -17.50 -46.27 19.64
CA ILE E 373 -18.13 -45.99 20.95
C ILE E 373 -17.18 -46.03 22.13
N LEU E 374 -16.15 -46.86 22.05
CA LEU E 374 -15.15 -46.89 23.11
C LEU E 374 -14.43 -45.54 23.12
N GLY E 375 -13.79 -45.21 21.99
CA GLY E 375 -13.13 -43.93 21.82
C GLY E 375 -13.92 -42.73 22.29
N LEU E 376 -15.22 -42.70 22.04
CA LEU E 376 -16.09 -41.62 22.51
C LEU E 376 -16.32 -41.68 24.02
N ALA E 377 -16.24 -42.87 24.62
CA ALA E 377 -16.41 -43.00 26.06
C ALA E 377 -15.08 -42.73 26.78
N GLU E 378 -14.04 -42.52 25.98
CA GLU E 378 -12.70 -42.24 26.48
C GLU E 378 -12.18 -43.41 27.30
N LEU E 379 -12.26 -44.62 26.75
CA LEU E 379 -12.04 -45.86 27.52
C LEU E 379 -11.28 -46.95 26.74
N SER E 394 -14.38 -56.69 24.23
CA SER E 394 -15.20 -57.37 25.26
C SER E 394 -16.70 -57.30 24.93
N ASN E 395 -17.55 -57.21 25.95
CA ASN E 395 -19.01 -57.16 25.74
C ASN E 395 -19.78 -56.45 26.88
N GLU E 396 -19.41 -56.71 28.12
CA GLU E 396 -20.04 -56.04 29.26
C GLU E 396 -19.49 -54.62 29.33
N LEU E 397 -18.37 -54.43 28.64
CA LEU E 397 -17.68 -53.14 28.54
C LEU E 397 -18.32 -52.25 27.49
N LEU E 398 -18.69 -52.83 26.35
CA LEU E 398 -19.46 -52.08 25.35
C LEU E 398 -20.78 -51.61 25.96
N ILE E 399 -21.26 -52.29 26.98
CA ILE E 399 -22.45 -51.84 27.68
C ILE E 399 -22.16 -50.59 28.50
N GLN E 400 -21.13 -50.67 29.32
CA GLN E 400 -20.67 -49.54 30.09
C GLN E 400 -20.36 -48.38 29.13
N ALA E 401 -19.69 -48.69 28.03
CA ALA E 401 -19.25 -47.70 27.05
C ALA E 401 -20.43 -47.00 26.37
N THR E 402 -21.39 -47.78 25.87
CA THR E 402 -22.59 -47.17 25.29
C THR E 402 -23.34 -46.33 26.32
N LYS E 403 -23.37 -46.83 27.55
CA LYS E 403 -23.99 -46.13 28.67
C LYS E 403 -23.34 -44.76 28.88
N ILE E 404 -22.01 -44.75 28.95
CA ILE E 404 -21.22 -43.53 29.14
C ILE E 404 -21.58 -42.49 28.09
N VAL E 405 -21.48 -42.91 26.83
CA VAL E 405 -21.60 -42.01 25.69
C VAL E 405 -22.99 -41.41 25.56
N ALA E 406 -24.02 -42.15 25.96
CA ALA E 406 -25.39 -41.60 25.98
C ALA E 406 -25.53 -40.52 27.04
N PHE E 407 -25.09 -40.82 28.25
CA PHE E 407 -25.15 -39.82 29.31
C PHE E 407 -24.33 -38.57 28.96
N LYS E 408 -23.10 -38.79 28.50
CA LYS E 408 -22.15 -37.72 28.19
C LYS E 408 -22.71 -36.64 27.28
N TYR E 409 -23.29 -37.06 26.15
CA TYR E 409 -23.83 -36.12 25.16
C TYR E 409 -25.34 -35.97 25.23
N LYS E 410 -25.91 -36.42 26.35
CA LYS E 410 -27.37 -36.34 26.59
C LYS E 410 -28.19 -36.77 25.37
N THR E 411 -27.83 -37.93 24.84
CA THR E 411 -28.36 -38.43 23.59
C THR E 411 -28.76 -39.90 23.74
N VAL E 412 -29.57 -40.43 22.81
CA VAL E 412 -29.68 -41.89 22.72
C VAL E 412 -28.48 -42.37 21.95
N ALA E 413 -27.78 -43.34 22.52
CA ALA E 413 -26.57 -43.86 21.90
C ALA E 413 -26.75 -45.31 21.46
N VAL E 414 -26.21 -45.61 20.28
CA VAL E 414 -26.34 -46.93 19.68
C VAL E 414 -24.95 -47.53 19.46
N CYS E 415 -24.70 -48.70 20.02
CA CYS E 415 -23.51 -49.46 19.64
C CYS E 415 -23.92 -50.62 18.79
N THR E 416 -23.40 -50.68 17.57
CA THR E 416 -23.69 -51.77 16.66
C THR E 416 -22.66 -52.90 16.79
N GLY E 417 -23.01 -54.08 16.26
CA GLY E 417 -22.19 -55.28 16.34
C GLY E 417 -23.03 -56.54 16.14
N GLU E 418 -22.62 -57.65 16.75
CA GLU E 418 -23.46 -58.86 16.81
C GLU E 418 -24.62 -58.57 17.75
N PHE E 419 -24.31 -57.98 18.89
CA PHE E 419 -25.32 -57.39 19.73
C PHE E 419 -25.34 -55.89 19.49
N ASP E 420 -26.54 -55.31 19.51
CA ASP E 420 -26.67 -53.86 19.45
C ASP E 420 -27.22 -53.35 20.77
N PHE E 421 -26.52 -52.39 21.38
CA PHE E 421 -26.98 -51.81 22.64
C PHE E 421 -27.52 -50.41 22.39
N ILE E 422 -28.62 -50.07 23.03
CA ILE E 422 -29.17 -48.74 22.88
C ILE E 422 -29.45 -48.19 24.24
N ALA E 423 -28.73 -47.13 24.58
CA ALA E 423 -28.86 -46.46 25.87
C ALA E 423 -29.58 -45.11 25.74
N ASP E 424 -30.39 -44.76 26.73
CA ASP E 424 -31.07 -43.47 26.73
C ASP E 424 -30.43 -42.52 27.72
N GLY E 425 -29.45 -41.77 27.26
CA GLY E 425 -28.83 -40.78 28.11
C GLY E 425 -29.51 -39.41 28.14
N THR E 426 -30.76 -39.33 27.73
CA THR E 426 -31.34 -37.99 27.59
C THR E 426 -31.89 -37.42 28.89
N ILE E 427 -32.44 -38.28 29.74
CA ILE E 427 -32.91 -37.84 31.04
C ILE E 427 -34.00 -36.76 31.01
N GLU E 428 -35.07 -37.05 30.26
CA GLU E 428 -36.28 -36.22 30.26
C GLU E 428 -36.03 -34.76 29.88
N GLY E 429 -34.78 -34.47 29.48
CA GLY E 429 -34.37 -33.14 29.07
C GLY E 429 -34.21 -32.16 30.22
N LYS E 430 -33.71 -32.65 31.35
CA LYS E 430 -33.61 -31.83 32.55
C LYS E 430 -32.20 -31.29 32.81
N TYR E 431 -32.13 -30.01 33.22
CA TYR E 431 -30.90 -29.46 33.76
C TYR E 431 -31.18 -28.69 35.04
N SER E 432 -30.13 -28.54 35.84
CA SER E 432 -30.20 -27.90 37.16
C SER E 432 -28.95 -27.04 37.50
N LEU E 433 -28.83 -26.54 38.72
CA LEU E 433 -27.60 -25.88 39.13
C LEU E 433 -26.93 -26.63 40.30
N SER E 434 -26.77 -27.95 40.09
CA SER E 434 -26.18 -28.96 41.00
C SER E 434 -27.22 -29.99 41.53
N THR E 437 -32.71 -33.79 40.50
CA THR E 437 -32.57 -35.11 39.88
C THR E 437 -31.20 -35.29 39.25
N ASN E 438 -30.46 -34.18 39.08
CA ASN E 438 -29.19 -34.22 38.37
C ASN E 438 -28.44 -35.48 38.78
N GLY E 439 -28.77 -35.98 39.98
CA GLY E 439 -28.18 -37.17 40.57
C GLY E 439 -28.71 -38.53 40.08
N THR E 440 -28.60 -38.75 38.77
CA THR E 440 -28.85 -40.04 38.14
C THR E 440 -27.57 -40.41 37.40
N SER E 441 -26.70 -41.19 38.02
CA SER E 441 -25.37 -41.43 37.46
C SER E 441 -25.39 -41.97 36.03
N VAL E 442 -24.20 -42.12 35.46
CA VAL E 442 -24.04 -42.77 34.16
C VAL E 442 -24.67 -44.16 34.18
N GLU E 443 -24.46 -44.91 35.26
CA GLU E 443 -24.89 -46.31 35.35
C GLU E 443 -26.39 -46.53 35.66
N ASP E 444 -27.19 -45.46 35.72
CA ASP E 444 -28.62 -45.55 36.06
C ASP E 444 -29.58 -45.38 34.87
N ILE E 445 -29.05 -44.92 33.74
CA ILE E 445 -29.83 -44.74 32.52
C ILE E 445 -30.27 -46.07 31.90
N PRO E 446 -31.52 -46.14 31.43
CA PRO E 446 -32.01 -47.31 30.66
C PRO E 446 -31.02 -47.81 29.61
N CYS E 447 -30.89 -49.13 29.48
CA CYS E 447 -30.21 -49.67 28.30
C CYS E 447 -30.66 -51.08 27.89
N VAL E 448 -30.99 -51.21 26.61
CA VAL E 448 -31.54 -52.45 26.08
C VAL E 448 -30.59 -53.05 25.05
N ALA E 449 -30.84 -54.29 24.65
CA ALA E 449 -29.99 -54.99 23.70
C ALA E 449 -30.83 -55.67 22.61
N VAL E 450 -30.23 -55.87 21.44
CA VAL E 450 -30.94 -56.44 20.30
C VAL E 450 -30.07 -57.50 19.61
N GLU E 451 -30.36 -58.77 19.89
CA GLU E 451 -29.62 -59.93 19.36
C GLU E 451 -30.36 -60.63 18.21
N ALA E 452 -29.62 -61.03 17.18
CA ALA E 452 -30.21 -61.77 16.08
C ALA E 452 -29.32 -62.93 15.68
N GLY E 453 -28.39 -63.27 16.57
CA GLY E 453 -27.39 -64.27 16.27
C GLY E 453 -26.45 -63.66 15.25
N PRO E 454 -25.51 -64.45 14.75
CA PRO E 454 -24.48 -63.99 13.80
C PRO E 454 -25.03 -63.86 12.37
N ILE E 455 -24.80 -62.72 11.70
CA ILE E 455 -25.24 -62.52 10.32
C ILE E 455 -24.12 -62.06 9.37
N GLY E 465 -23.78 -50.38 5.61
CA GLY E 465 -23.73 -50.33 7.07
C GLY E 465 -24.31 -49.06 7.64
N CYS E 466 -24.00 -47.93 6.99
CA CYS E 466 -24.57 -46.59 7.28
C CYS E 466 -26.10 -46.55 7.04
N SER E 467 -26.59 -47.71 6.60
CA SER E 467 -28.00 -47.97 6.43
C SER E 467 -28.79 -47.85 7.74
N LEU E 468 -28.14 -48.18 8.84
CA LEU E 468 -28.75 -48.08 10.15
C LEU E 468 -29.00 -46.61 10.53
N GLY E 469 -28.03 -45.75 10.26
CA GLY E 469 -28.17 -44.34 10.50
C GLY E 469 -29.38 -43.80 9.77
N SER E 470 -29.51 -44.18 8.51
CA SER E 470 -30.65 -43.73 7.70
C SER E 470 -31.97 -44.27 8.23
N THR E 471 -31.99 -45.56 8.57
CA THR E 471 -33.17 -46.17 9.16
C THR E 471 -33.61 -45.42 10.41
N ILE E 472 -32.69 -45.30 11.37
CA ILE E 472 -32.97 -44.62 12.64
C ILE E 472 -33.44 -43.19 12.47
N ALA E 473 -32.88 -42.50 11.47
CA ALA E 473 -33.33 -41.17 11.10
C ALA E 473 -34.80 -41.25 10.72
N CYS E 474 -35.08 -42.08 9.71
CA CYS E 474 -36.44 -42.28 9.17
C CYS E 474 -37.44 -42.61 10.25
N MET E 475 -36.99 -43.25 11.30
CA MET E 475 -37.89 -43.62 12.36
C MET E 475 -38.17 -42.43 13.25
N ILE E 476 -37.13 -41.82 13.80
CA ILE E 476 -37.31 -40.64 14.64
C ILE E 476 -38.13 -39.57 13.94
N GLY E 477 -37.87 -39.40 12.65
CA GLY E 477 -38.50 -38.37 11.85
C GLY E 477 -40.01 -38.37 11.88
N GLY E 478 -40.61 -39.52 11.52
CA GLY E 478 -42.05 -39.69 11.51
C GLY E 478 -42.74 -39.54 12.85
N GLN E 479 -42.02 -39.78 13.94
CA GLN E 479 -42.54 -39.56 15.28
C GLN E 479 -43.09 -38.15 15.56
N PRO E 480 -44.37 -38.10 15.98
CA PRO E 480 -45.15 -36.90 16.22
C PRO E 480 -45.00 -36.43 17.65
N SER E 481 -45.45 -35.19 17.87
CA SER E 481 -45.25 -34.45 19.11
C SER E 481 -45.32 -35.26 20.41
N GLU E 482 -46.20 -36.25 20.43
CA GLU E 482 -46.54 -36.98 21.66
C GLU E 482 -45.88 -38.35 21.73
N GLY E 483 -44.96 -38.61 20.81
CA GLY E 483 -44.32 -39.92 20.71
C GLY E 483 -43.21 -40.18 21.71
N ASN E 484 -42.18 -40.92 21.27
CA ASN E 484 -41.04 -41.17 22.14
C ASN E 484 -39.74 -41.47 21.42
N LEU E 485 -38.73 -40.65 21.69
CA LEU E 485 -37.45 -40.75 21.02
C LEU E 485 -36.83 -42.13 21.18
N PHE E 486 -36.90 -42.68 22.39
CA PHE E 486 -36.15 -43.89 22.70
C PHE E 486 -36.70 -45.11 21.99
N HIS E 487 -38.00 -45.34 22.11
CA HIS E 487 -38.63 -46.42 21.34
C HIS E 487 -38.26 -46.24 19.89
N ALA E 488 -38.54 -45.06 19.35
CA ALA E 488 -38.27 -44.75 17.97
C ALA E 488 -36.91 -45.24 17.52
N VAL E 489 -35.92 -45.15 18.38
CA VAL E 489 -34.61 -45.64 18.00
C VAL E 489 -34.57 -47.18 18.02
N VAL E 490 -35.02 -47.76 19.14
CA VAL E 490 -35.14 -49.20 19.28
C VAL E 490 -35.84 -49.81 18.06
N ALA E 491 -36.99 -49.25 17.71
CA ALA E 491 -37.68 -49.62 16.48
C ALA E 491 -36.67 -49.67 15.36
N GLY E 492 -36.03 -48.53 15.09
CA GLY E 492 -35.06 -48.45 14.01
C GLY E 492 -34.01 -49.55 14.01
N VAL E 493 -33.54 -49.92 15.19
CA VAL E 493 -32.50 -50.92 15.27
C VAL E 493 -33.13 -52.29 15.05
N MET E 494 -34.35 -52.46 15.55
CA MET E 494 -35.13 -53.68 15.35
C MET E 494 -35.30 -53.88 13.85
N LEU E 495 -36.21 -53.12 13.24
CA LEU E 495 -36.32 -53.05 11.80
C LEU E 495 -35.02 -53.44 11.10
N TYR E 496 -33.98 -52.63 11.25
CA TYR E 496 -32.75 -52.84 10.50
C TYR E 496 -32.20 -54.26 10.67
N LYS E 497 -32.12 -54.70 11.93
CA LYS E 497 -31.54 -56.01 12.29
C LYS E 497 -32.43 -57.14 11.79
N ALA E 498 -33.74 -56.93 11.84
CA ALA E 498 -34.69 -57.92 11.32
C ALA E 498 -34.57 -58.10 9.80
N ALA E 499 -34.44 -56.99 9.08
CA ALA E 499 -34.13 -57.04 7.65
C ALA E 499 -32.75 -57.64 7.45
N GLY E 500 -32.06 -57.89 8.55
CA GLY E 500 -30.71 -58.41 8.48
C GLY E 500 -30.79 -59.87 8.18
N LYS E 501 -31.29 -60.62 9.16
CA LYS E 501 -31.54 -62.06 9.05
C LYS E 501 -32.20 -62.38 7.71
N ILE E 502 -33.31 -61.70 7.40
CA ILE E 502 -34.04 -62.02 6.17
C ILE E 502 -33.21 -61.90 4.88
N ALA E 503 -32.54 -60.79 4.68
CA ALA E 503 -31.69 -60.65 3.49
C ALA E 503 -30.56 -61.67 3.52
N SER E 504 -30.10 -62.03 4.71
CA SER E 504 -28.98 -62.95 4.88
C SER E 504 -29.32 -64.31 4.29
N GLU E 505 -30.62 -64.61 4.34
CA GLU E 505 -31.18 -65.88 3.88
C GLU E 505 -31.32 -65.90 2.37
N LYS E 506 -31.79 -64.78 1.83
CA LYS E 506 -32.19 -64.67 0.42
C LYS E 506 -31.09 -64.17 -0.53
N CYS E 507 -29.88 -63.93 0.00
CA CYS E 507 -28.77 -63.44 -0.81
C CYS E 507 -28.00 -64.61 -1.39
N ASN E 508 -27.07 -64.32 -2.31
CA ASN E 508 -26.11 -65.32 -2.78
C ASN E 508 -24.69 -64.81 -2.69
N GLY E 509 -24.53 -63.67 -1.98
CA GLY E 509 -23.27 -62.96 -1.86
C GLY E 509 -23.39 -61.52 -1.34
N SER E 510 -22.37 -60.69 -1.59
CA SER E 510 -22.32 -59.29 -1.12
C SER E 510 -23.28 -58.42 -1.88
N GLY E 511 -23.11 -58.41 -3.20
CA GLY E 511 -23.98 -57.66 -4.09
C GLY E 511 -25.45 -57.88 -3.79
N SER E 512 -25.93 -59.09 -4.00
CA SER E 512 -27.32 -59.38 -3.69
C SER E 512 -27.69 -59.13 -2.22
N PHE E 513 -26.76 -59.30 -1.27
CA PHE E 513 -27.12 -59.09 0.13
C PHE E 513 -27.58 -57.67 0.31
N GLN E 514 -26.93 -56.77 -0.40
CA GLN E 514 -27.21 -55.36 -0.29
C GLN E 514 -28.63 -55.06 -0.72
N VAL E 515 -28.96 -55.44 -1.96
CA VAL E 515 -30.30 -55.23 -2.51
C VAL E 515 -31.42 -55.98 -1.75
N GLU E 516 -31.16 -57.19 -1.28
CA GLU E 516 -32.15 -57.91 -0.48
C GLU E 516 -32.38 -57.22 0.87
N LEU E 517 -31.34 -56.61 1.41
CA LEU E 517 -31.43 -55.86 2.65
C LEU E 517 -32.40 -54.70 2.49
N ILE E 518 -32.27 -53.98 1.38
CA ILE E 518 -33.14 -52.85 1.07
C ILE E 518 -34.55 -53.33 0.83
N ASP E 519 -34.66 -54.44 0.10
CA ASP E 519 -35.95 -55.04 -0.22
C ASP E 519 -36.68 -55.41 1.02
N ALA E 520 -35.99 -56.08 1.92
CA ALA E 520 -36.59 -56.56 3.14
C ALA E 520 -37.07 -55.41 4.00
N LEU E 521 -36.29 -54.32 4.00
CA LEU E 521 -36.69 -53.11 4.71
C LEU E 521 -38.02 -52.64 4.14
N TYR E 522 -38.10 -52.65 2.82
CA TYR E 522 -39.33 -52.23 2.15
C TYR E 522 -40.55 -53.14 2.50
N ARG E 523 -40.39 -54.45 2.38
CA ARG E 523 -41.52 -55.36 2.56
C ARG E 523 -41.88 -55.47 4.02
N LEU E 524 -40.87 -55.29 4.87
CA LEU E 524 -41.05 -55.58 6.26
C LEU E 524 -41.94 -54.51 6.89
N THR E 525 -41.84 -53.29 6.34
CA THR E 525 -42.58 -52.13 6.87
C THR E 525 -44.00 -52.07 6.34
N ARG E 526 -44.20 -52.49 5.10
CA ARG E 526 -45.53 -52.56 4.55
C ARG E 526 -46.40 -53.62 5.27
N GLU E 527 -45.90 -54.85 5.41
CA GLU E 527 -46.54 -55.77 6.33
C GLU E 527 -46.15 -55.34 7.75
N ASN E 528 -46.87 -54.36 8.28
CA ASN E 528 -46.46 -53.76 9.54
C ASN E 528 -46.78 -54.68 10.72
N THR E 529 -45.99 -55.74 10.88
CA THR E 529 -46.25 -56.73 11.91
C THR E 529 -44.96 -57.11 12.60
N PRO E 530 -44.56 -56.30 13.58
CA PRO E 530 -43.32 -56.52 14.33
C PRO E 530 -43.36 -57.83 15.12
N VAL E 531 -44.56 -58.35 15.37
CA VAL E 531 -44.75 -59.61 16.11
C VAL E 531 -44.02 -60.79 15.48
N THR E 532 -43.53 -60.63 14.26
CA THR E 532 -43.01 -61.75 13.48
C THR E 532 -41.57 -61.57 13.03
N TRP E 533 -40.78 -60.76 13.74
CA TRP E 533 -39.40 -60.41 13.32
C TRP E 533 -38.29 -61.31 13.89
N ALA E 534 -37.23 -61.53 13.11
CA ALA E 534 -36.12 -62.42 13.48
C ALA E 534 -35.35 -62.15 14.79
N PRO E 535 -35.35 -60.89 15.30
CA PRO E 535 -34.41 -60.59 16.38
C PRO E 535 -35.09 -60.29 17.74
N LYS E 536 -34.36 -60.55 18.82
CA LYS E 536 -34.91 -60.54 20.20
C LYS E 536 -34.49 -59.32 21.05
N LEU E 537 -35.48 -58.52 21.46
CA LEU E 537 -35.20 -57.37 22.32
C LEU E 537 -35.24 -57.71 23.81
N THR E 538 -34.17 -57.41 24.53
CA THR E 538 -34.03 -57.78 25.94
C THR E 538 -33.57 -56.63 26.84
N HIS E 539 -33.01 -56.96 28.00
CA HIS E 539 -32.46 -55.96 28.89
C HIS E 539 -30.95 -56.10 29.06
N THR E 540 -30.25 -54.97 29.01
CA THR E 540 -28.81 -54.97 29.21
C THR E 540 -28.56 -54.66 30.68
N LYS F 2 45.65 -30.73 -14.99
CA LYS F 2 44.47 -30.99 -15.82
C LYS F 2 44.02 -32.46 -15.77
N PHE F 3 42.77 -32.67 -16.18
CA PHE F 3 42.18 -33.99 -16.30
C PHE F 3 42.07 -34.34 -17.79
N SER F 4 41.35 -35.41 -18.09
CA SER F 4 41.07 -35.80 -19.48
C SER F 4 39.63 -36.26 -19.61
N LYS F 5 39.01 -35.95 -20.75
CA LYS F 5 37.57 -36.12 -20.89
C LYS F 5 37.07 -37.42 -20.30
N GLU F 6 37.87 -38.47 -20.44
CA GLU F 6 37.55 -39.83 -19.96
C GLU F 6 37.59 -39.97 -18.42
N GLN F 7 38.18 -38.98 -17.73
CA GLN F 7 38.38 -39.03 -16.27
C GLN F 7 37.26 -38.42 -15.43
N PHE F 8 36.45 -37.56 -16.03
CA PHE F 8 35.36 -36.88 -15.32
C PHE F 8 34.37 -37.89 -14.70
N ASP F 9 34.04 -37.69 -13.42
CA ASP F 9 33.08 -38.54 -12.73
C ASP F 9 31.81 -37.78 -12.35
N TYR F 10 30.76 -37.92 -13.17
CA TYR F 10 29.55 -37.12 -12.99
C TYR F 10 28.62 -37.57 -11.88
N SER F 11 29.08 -38.52 -11.07
CA SER F 11 28.25 -39.08 -9.99
C SER F 11 27.40 -38.04 -9.28
N LEU F 12 28.04 -37.25 -8.42
CA LEU F 12 27.36 -36.22 -7.66
C LEU F 12 27.92 -34.87 -8.07
N TYR F 13 27.28 -34.26 -9.06
CA TYR F 13 27.74 -33.04 -9.71
C TYR F 13 27.19 -31.79 -9.01
N LEU F 14 28.07 -30.98 -8.41
CA LEU F 14 27.65 -29.84 -7.58
C LEU F 14 27.77 -28.50 -8.26
N VAL F 15 26.63 -27.84 -8.46
CA VAL F 15 26.57 -26.49 -9.06
C VAL F 15 26.43 -25.43 -7.97
N THR F 16 27.20 -24.36 -8.09
CA THR F 16 27.30 -23.34 -7.05
C THR F 16 26.26 -22.25 -7.13
N ASP F 17 25.94 -21.65 -5.99
CA ASP F 17 25.11 -20.46 -5.95
C ASP F 17 25.40 -19.69 -4.68
N SER F 18 26.06 -18.55 -4.79
CA SER F 18 26.50 -17.81 -3.60
C SER F 18 25.34 -17.25 -2.77
N GLY F 19 24.34 -16.71 -3.45
CA GLY F 19 23.21 -16.11 -2.76
C GLY F 19 22.17 -17.12 -2.35
N MET F 20 22.44 -17.86 -1.29
CA MET F 20 21.58 -18.96 -0.89
C MET F 20 22.20 -19.69 0.30
N ILE F 21 23.48 -19.41 0.51
CA ILE F 21 24.24 -19.92 1.65
C ILE F 21 23.68 -19.34 2.94
N PRO F 22 23.45 -20.21 3.95
CA PRO F 22 22.87 -19.82 5.26
C PRO F 22 23.78 -18.88 6.09
N GLU F 23 23.22 -17.81 6.69
CA GLU F 23 24.03 -16.83 7.43
C GLU F 23 25.06 -17.51 8.35
N GLY F 24 26.33 -17.18 8.16
CA GLY F 24 27.37 -17.79 8.97
C GLY F 24 28.27 -18.76 8.23
N LYS F 25 27.74 -19.45 7.23
CA LYS F 25 28.59 -20.28 6.38
C LYS F 25 28.98 -19.54 5.10
N THR F 26 29.89 -20.14 4.33
CA THR F 26 30.37 -19.53 3.09
C THR F 26 30.35 -20.55 1.95
N LEU F 27 30.56 -20.10 0.73
CA LEU F 27 30.65 -21.02 -0.40
C LEU F 27 31.76 -22.07 -0.18
N TYR F 28 33.01 -21.62 -0.16
CA TYR F 28 34.13 -22.49 0.19
C TYR F 28 33.72 -23.50 1.25
N GLY F 29 33.23 -22.97 2.38
CA GLY F 29 32.76 -23.77 3.50
C GLY F 29 31.90 -24.95 3.10
N GLN F 30 30.92 -24.71 2.23
CA GLN F 30 30.09 -25.80 1.71
C GLN F 30 30.86 -26.67 0.72
N VAL F 31 31.25 -26.08 -0.41
CA VAL F 31 31.93 -26.84 -1.45
C VAL F 31 33.00 -27.73 -0.83
N GLU F 32 33.64 -27.26 0.24
CA GLU F 32 34.57 -28.10 0.98
C GLU F 32 33.82 -29.30 1.59
N ALA F 33 32.95 -29.04 2.55
CA ALA F 33 32.13 -30.07 3.18
C ALA F 33 31.58 -31.07 2.17
N GLY F 34 31.24 -30.57 0.99
CA GLY F 34 30.66 -31.40 -0.05
C GLY F 34 31.70 -32.27 -0.74
N LEU F 35 32.88 -31.71 -0.98
CA LEU F 35 33.97 -32.43 -1.62
C LEU F 35 34.48 -33.57 -0.73
N GLN F 36 34.40 -33.35 0.58
CA GLN F 36 34.85 -34.33 1.57
C GLN F 36 33.97 -35.56 1.55
N ASN F 37 32.73 -35.39 1.10
CA ASN F 37 31.69 -36.39 1.34
C ASN F 37 31.08 -37.10 0.13
N GLY F 38 31.52 -36.76 -1.08
CA GLY F 38 31.11 -37.53 -2.24
C GLY F 38 31.00 -36.80 -3.57
N VAL F 39 30.76 -35.50 -3.49
CA VAL F 39 30.73 -34.65 -4.68
C VAL F 39 31.93 -35.01 -5.54
N THR F 40 31.72 -35.15 -6.84
CA THR F 40 32.79 -35.58 -7.74
C THR F 40 33.05 -34.64 -8.90
N LEU F 41 32.32 -33.53 -8.90
CA LEU F 41 32.46 -32.54 -9.94
C LEU F 41 31.83 -31.27 -9.42
N VAL F 42 32.37 -30.14 -9.84
CA VAL F 42 31.87 -28.88 -9.37
C VAL F 42 31.75 -27.87 -10.50
N GLN F 43 30.72 -27.04 -10.42
CA GLN F 43 30.55 -25.95 -11.36
C GLN F 43 30.36 -24.68 -10.55
N ILE F 44 30.82 -23.55 -11.09
CA ILE F 44 30.65 -22.26 -10.45
C ILE F 44 29.58 -21.49 -11.18
N ARG F 45 28.62 -20.95 -10.43
CA ARG F 45 27.50 -20.22 -11.04
C ARG F 45 27.35 -18.76 -10.54
N GLU F 46 27.86 -17.82 -11.31
CA GLU F 46 27.74 -16.42 -10.93
C GLU F 46 27.02 -15.62 -12.00
N LYS F 47 25.71 -15.49 -11.83
CA LYS F 47 24.91 -14.80 -12.81
C LYS F 47 24.87 -13.30 -12.48
N ASP F 48 25.36 -12.93 -11.29
CA ASP F 48 25.24 -11.55 -10.84
C ASP F 48 26.56 -10.80 -10.59
N ALA F 49 27.49 -11.41 -9.87
CA ALA F 49 28.68 -10.70 -9.40
C ALA F 49 29.64 -10.26 -10.50
N ASP F 50 30.58 -9.38 -10.16
CA ASP F 50 31.44 -8.73 -11.14
C ASP F 50 32.51 -9.67 -11.67
N THR F 51 32.86 -9.52 -12.94
CA THR F 51 33.87 -10.35 -13.60
C THR F 51 35.21 -10.49 -12.82
N LYS F 52 35.49 -9.57 -11.90
CA LYS F 52 36.72 -9.68 -11.11
C LYS F 52 36.45 -10.52 -9.89
N PHE F 53 35.47 -10.11 -9.08
CA PHE F 53 35.08 -10.91 -7.91
C PHE F 53 34.98 -12.40 -8.32
N PHE F 54 34.42 -12.64 -9.51
CA PHE F 54 34.23 -13.99 -10.10
C PHE F 54 35.57 -14.73 -10.17
N ILE F 55 36.47 -14.26 -11.04
CA ILE F 55 37.78 -14.87 -11.17
C ILE F 55 38.48 -15.06 -9.84
N GLU F 56 38.35 -14.07 -8.97
CA GLU F 56 39.03 -14.15 -7.69
C GLU F 56 38.55 -15.36 -6.91
N GLU F 57 37.24 -15.62 -6.95
CA GLU F 57 36.66 -16.73 -6.19
C GLU F 57 36.79 -18.07 -6.88
N ALA F 58 36.85 -18.05 -8.22
CA ALA F 58 36.99 -19.28 -9.00
C ALA F 58 38.39 -19.87 -8.85
N LEU F 59 39.38 -19.01 -8.73
CA LEU F 59 40.74 -19.44 -8.47
C LEU F 59 40.82 -20.03 -7.08
N GLN F 60 40.04 -19.45 -6.17
CA GLN F 60 40.04 -19.88 -4.79
C GLN F 60 39.42 -21.26 -4.65
N ILE F 61 38.40 -21.53 -5.45
CA ILE F 61 37.67 -22.78 -5.40
C ILE F 61 38.39 -23.86 -6.22
N LYS F 62 38.80 -23.50 -7.42
CA LYS F 62 39.65 -24.36 -8.26
C LYS F 62 40.73 -25.03 -7.40
N GLU F 63 41.44 -24.25 -6.60
CA GLU F 63 42.44 -24.81 -5.68
C GLU F 63 41.81 -25.86 -4.78
N LEU F 64 40.76 -25.50 -4.05
CA LEU F 64 40.04 -26.42 -3.17
C LEU F 64 39.59 -27.68 -3.92
N CYS F 65 39.36 -27.56 -5.22
CA CYS F 65 38.94 -28.72 -5.98
C CYS F 65 40.10 -29.61 -6.33
N HIS F 66 41.06 -29.09 -7.10
CA HIS F 66 42.23 -29.88 -7.49
C HIS F 66 42.84 -30.60 -6.27
N ALA F 67 42.77 -29.95 -5.12
CA ALA F 67 43.17 -30.55 -3.85
C ALA F 67 42.49 -31.91 -3.59
N HIS F 68 41.27 -32.11 -4.12
CA HIS F 68 40.56 -33.38 -3.96
C HIS F 68 40.46 -34.14 -5.27
N ASN F 69 41.16 -33.64 -6.29
CA ASN F 69 41.26 -34.36 -7.55
C ASN F 69 39.92 -34.37 -8.29
N VAL F 70 39.09 -33.39 -8.00
CA VAL F 70 37.85 -33.21 -8.73
C VAL F 70 37.94 -31.92 -9.52
N PRO F 71 37.46 -31.93 -10.78
CA PRO F 71 37.67 -30.85 -11.74
C PRO F 71 36.78 -29.65 -11.47
N LEU F 72 37.00 -28.55 -12.20
CA LEU F 72 36.14 -27.37 -12.07
C LEU F 72 35.60 -26.89 -13.42
N ILE F 73 34.26 -26.97 -13.57
CA ILE F 73 33.58 -26.38 -14.71
C ILE F 73 33.03 -25.01 -14.36
N ILE F 74 33.13 -24.07 -15.30
CA ILE F 74 32.65 -22.71 -15.10
C ILE F 74 31.48 -22.41 -16.01
N ASN F 75 30.50 -21.68 -15.48
CA ASN F 75 29.23 -21.43 -16.16
C ASN F 75 29.16 -20.20 -17.10
N ASP F 76 28.63 -20.44 -18.30
CA ASP F 76 28.50 -19.48 -19.43
C ASP F 76 29.62 -18.47 -19.75
N ARG F 77 30.45 -18.15 -18.76
CA ARG F 77 31.51 -17.17 -18.95
C ARG F 77 32.79 -17.86 -19.39
N ILE F 78 32.85 -18.18 -20.68
CA ILE F 78 33.99 -18.91 -21.24
C ILE F 78 35.31 -18.13 -21.06
N ASP F 79 35.23 -16.81 -21.16
CA ASP F 79 36.41 -15.97 -20.90
C ASP F 79 37.07 -16.17 -19.52
N VAL F 80 36.25 -16.24 -18.47
CA VAL F 80 36.74 -16.48 -17.12
C VAL F 80 37.38 -17.85 -17.07
N ALA F 81 36.87 -18.74 -17.92
CA ALA F 81 37.28 -20.14 -17.88
C ALA F 81 38.69 -20.30 -18.44
N MET F 82 38.88 -19.74 -19.64
CA MET F 82 40.19 -19.63 -20.25
C MET F 82 41.12 -18.98 -19.26
N ALA F 83 40.69 -17.81 -18.81
CA ALA F 83 41.48 -16.95 -17.93
C ALA F 83 42.13 -17.65 -16.74
N ILE F 84 41.40 -18.55 -16.08
CA ILE F 84 41.91 -19.14 -14.84
C ILE F 84 42.36 -20.59 -14.96
N GLY F 85 42.30 -21.15 -16.16
CA GLY F 85 42.74 -22.52 -16.34
C GLY F 85 41.72 -23.49 -15.78
N ALA F 86 40.46 -23.19 -16.03
CA ALA F 86 39.38 -24.05 -15.59
C ALA F 86 39.40 -25.34 -16.42
N ASP F 87 38.68 -26.36 -15.96
CA ASP F 87 38.75 -27.68 -16.56
C ASP F 87 37.66 -27.91 -17.59
N GLY F 88 36.67 -27.04 -17.59
CA GLY F 88 35.58 -27.18 -18.52
C GLY F 88 34.51 -26.16 -18.28
N ILE F 89 33.76 -25.84 -19.32
CA ILE F 89 32.76 -24.79 -19.24
C ILE F 89 31.40 -25.33 -19.64
N HIS F 90 30.36 -24.86 -18.95
CA HIS F 90 29.01 -25.30 -19.21
C HIS F 90 28.15 -24.17 -19.73
N VAL F 91 27.68 -24.29 -20.96
CA VAL F 91 26.89 -23.21 -21.51
C VAL F 91 25.49 -23.72 -21.70
N GLY F 92 24.52 -22.81 -21.75
CA GLY F 92 23.14 -23.18 -21.99
C GLY F 92 22.69 -22.91 -23.43
N GLN F 93 21.37 -22.94 -23.60
CA GLN F 93 20.77 -22.91 -24.93
C GLN F 93 20.80 -21.50 -25.50
N ASP F 94 20.82 -20.52 -24.60
CA ASP F 94 20.79 -19.13 -24.98
C ASP F 94 22.17 -18.48 -24.77
N ASP F 95 23.20 -19.30 -24.61
CA ASP F 95 24.52 -18.75 -24.51
C ASP F 95 25.26 -18.92 -25.82
N MET F 96 26.58 -18.84 -25.76
CA MET F 96 27.41 -18.91 -26.94
C MET F 96 27.29 -20.22 -27.71
N PRO F 97 27.12 -20.13 -29.04
CA PRO F 97 27.16 -21.30 -29.94
C PRO F 97 28.38 -22.19 -29.69
N ILE F 98 28.14 -23.50 -29.64
CA ILE F 98 29.17 -24.48 -29.28
C ILE F 98 30.39 -24.54 -30.24
N PRO F 99 30.14 -24.50 -31.56
CA PRO F 99 31.29 -24.45 -32.48
C PRO F 99 32.23 -23.30 -32.12
N MET F 100 31.66 -22.14 -31.82
CA MET F 100 32.42 -20.94 -31.49
C MET F 100 33.10 -21.00 -30.13
N ILE F 101 32.47 -21.68 -29.18
CA ILE F 101 33.10 -21.97 -27.89
C ILE F 101 34.36 -22.77 -28.17
N ARG F 102 34.18 -23.85 -28.93
CA ARG F 102 35.25 -24.78 -29.23
C ARG F 102 36.40 -24.06 -29.98
N LYS F 103 36.05 -23.31 -31.01
CA LYS F 103 37.06 -22.53 -31.75
C LYS F 103 37.93 -21.62 -30.84
N LEU F 104 37.58 -21.51 -29.56
CA LEU F 104 38.42 -20.75 -28.62
C LEU F 104 39.06 -21.63 -27.55
N VAL F 105 38.81 -22.95 -27.55
CA VAL F 105 39.36 -23.79 -26.48
C VAL F 105 40.12 -25.12 -26.83
N GLY F 106 39.68 -25.88 -27.82
CA GLY F 106 40.41 -27.08 -28.25
C GLY F 106 39.70 -28.42 -28.26
N MET F 109 39.70 -29.96 -23.45
CA MET F 109 38.77 -29.39 -22.46
C MET F 109 37.27 -29.57 -22.76
N VAL F 110 36.46 -29.61 -21.70
CA VAL F 110 35.10 -30.12 -21.78
C VAL F 110 34.04 -29.06 -22.09
N ILE F 111 32.90 -29.50 -22.60
CA ILE F 111 31.76 -28.60 -22.83
C ILE F 111 30.42 -29.23 -22.42
N GLY F 112 29.70 -28.56 -21.53
CA GLY F 112 28.39 -29.00 -21.12
C GLY F 112 27.33 -28.14 -21.78
N TRP F 113 26.19 -28.75 -22.10
CA TRP F 113 25.13 -28.07 -22.80
C TRP F 113 23.81 -28.36 -22.10
N SER F 114 22.96 -27.36 -21.99
CA SER F 114 21.63 -27.56 -21.39
C SER F 114 20.60 -28.00 -22.44
N VAL F 115 19.97 -29.14 -22.18
CA VAL F 115 19.06 -29.73 -23.14
C VAL F 115 17.82 -30.22 -22.43
N GLY F 116 16.66 -30.10 -23.06
CA GLY F 116 15.42 -30.54 -22.44
C GLY F 116 14.53 -31.18 -23.48
N PHE F 117 14.98 -31.10 -24.72
CA PHE F 117 14.21 -31.54 -25.86
C PHE F 117 15.11 -32.28 -26.81
N PRO F 118 14.61 -33.40 -27.35
CA PRO F 118 15.37 -34.26 -28.26
C PRO F 118 15.91 -33.48 -29.45
N GLU F 119 15.18 -32.45 -29.88
CA GLU F 119 15.57 -31.67 -31.06
C GLU F 119 16.94 -31.03 -30.88
N GLU F 120 17.24 -30.68 -29.64
CA GLU F 120 18.55 -30.14 -29.31
C GLU F 120 19.61 -31.24 -29.44
N VAL F 121 19.22 -32.45 -29.03
CA VAL F 121 20.07 -33.65 -29.12
C VAL F 121 20.45 -33.97 -30.56
N ASP F 122 19.46 -33.96 -31.46
CA ASP F 122 19.75 -34.06 -32.89
C ASP F 122 20.83 -33.06 -33.30
N GLU F 123 20.66 -31.79 -32.90
CA GLU F 123 21.60 -30.73 -33.21
C GLU F 123 23.00 -31.03 -32.71
N LEU F 124 23.09 -31.50 -31.47
CA LEU F 124 24.38 -31.86 -30.85
C LEU F 124 25.08 -33.00 -31.60
N SER F 125 24.28 -33.78 -32.31
CA SER F 125 24.77 -34.94 -33.01
C SER F 125 25.28 -34.53 -34.38
N LYS F 126 24.44 -33.83 -35.13
CA LYS F 126 24.86 -33.27 -36.41
C LYS F 126 26.08 -32.34 -36.21
N MET F 127 26.66 -32.41 -35.01
CA MET F 127 27.90 -31.69 -34.72
C MET F 127 29.10 -32.62 -34.54
N GLY F 128 28.87 -33.91 -34.29
CA GLY F 128 29.96 -34.85 -34.08
C GLY F 128 30.63 -34.62 -32.72
N PRO F 129 31.81 -35.20 -32.49
CA PRO F 129 32.58 -35.07 -31.24
C PRO F 129 33.59 -33.91 -31.22
N VAL F 132 30.84 -31.21 -27.99
CA VAL F 132 29.88 -31.33 -26.87
C VAL F 132 29.97 -32.59 -26.00
N ASP F 133 30.62 -32.48 -24.85
CA ASP F 133 31.04 -33.66 -24.11
C ASP F 133 30.00 -34.19 -23.17
N TYR F 134 29.01 -33.37 -22.86
CA TYR F 134 28.02 -33.83 -21.93
C TYR F 134 26.90 -32.82 -21.92
N ILE F 135 25.70 -33.27 -21.56
CA ILE F 135 24.53 -32.41 -21.52
C ILE F 135 23.88 -32.52 -20.15
N GLY F 136 23.31 -31.42 -19.70
CA GLY F 136 22.53 -31.43 -18.47
C GLY F 136 21.09 -31.61 -18.89
N VAL F 137 20.45 -32.64 -18.38
CA VAL F 137 19.11 -32.95 -18.86
C VAL F 137 18.00 -32.18 -18.17
N GLY F 138 17.44 -31.26 -18.98
CA GLY F 138 16.14 -30.60 -18.82
C GLY F 138 15.90 -29.95 -17.49
N THR F 139 14.65 -29.65 -17.17
CA THR F 139 14.34 -29.37 -15.77
C THR F 139 13.49 -30.51 -15.28
N LEU F 140 14.06 -31.38 -14.47
CA LEU F 140 13.30 -32.54 -14.03
C LEU F 140 12.12 -32.17 -13.13
N PHE F 141 12.35 -31.30 -12.15
CA PHE F 141 11.26 -30.94 -11.25
C PHE F 141 11.17 -29.45 -11.02
N PRO F 142 10.04 -29.00 -10.45
CA PRO F 142 9.89 -27.56 -10.25
C PRO F 142 10.92 -27.10 -9.23
N THR F 143 11.54 -25.94 -9.48
CA THR F 143 12.60 -25.45 -8.60
C THR F 143 12.66 -23.93 -8.67
N LEU F 144 12.67 -23.27 -7.52
CA LEU F 144 12.72 -21.80 -7.51
C LEU F 144 14.15 -21.29 -7.70
N THR F 145 15.12 -22.20 -7.70
CA THR F 145 16.53 -21.83 -7.79
C THR F 145 16.94 -21.25 -9.14
N LYS F 146 16.31 -21.74 -10.21
CA LYS F 146 16.50 -21.13 -11.52
C LYS F 146 15.62 -19.89 -11.66
N LYS F 147 16.24 -18.72 -11.56
CA LYS F 147 15.57 -17.41 -11.56
C LYS F 147 15.18 -16.98 -13.00
N ASN F 148 13.97 -16.42 -13.16
CA ASN F 148 13.39 -16.17 -14.48
C ASN F 148 13.67 -17.33 -15.46
N PRO F 149 12.95 -18.48 -15.31
CA PRO F 149 13.18 -19.74 -16.03
C PRO F 149 12.48 -19.85 -17.40
N LYS F 150 13.16 -20.43 -18.40
CA LYS F 150 12.69 -20.39 -19.79
C LYS F 150 11.76 -21.55 -20.22
N LYS F 151 12.10 -22.78 -19.76
CA LYS F 151 11.35 -24.03 -20.09
C LYS F 151 10.40 -24.44 -18.95
N ALA F 152 10.02 -25.72 -18.89
CA ALA F 152 9.07 -26.17 -17.87
C ALA F 152 9.38 -27.55 -17.26
N PRO F 153 9.06 -27.74 -15.97
CA PRO F 153 9.29 -29.03 -15.31
C PRO F 153 8.89 -30.22 -16.20
N MET F 154 9.91 -30.99 -16.59
CA MET F 154 9.84 -32.02 -17.64
C MET F 154 9.53 -33.40 -17.08
N GLY F 155 10.07 -33.72 -15.92
CA GLY F 155 9.87 -35.03 -15.30
C GLY F 155 10.66 -36.15 -15.98
N THR F 156 10.73 -37.29 -15.30
CA THR F 156 11.41 -38.47 -15.85
C THR F 156 10.98 -38.75 -17.27
N ALA F 157 9.67 -38.77 -17.50
CA ALA F 157 9.12 -38.96 -18.84
C ALA F 157 9.86 -38.15 -19.91
N GLY F 158 9.95 -36.84 -19.72
CA GLY F 158 10.63 -35.97 -20.65
C GLY F 158 12.11 -36.27 -20.75
N ALA F 159 12.71 -36.74 -19.65
CA ALA F 159 14.14 -37.08 -19.61
C ALA F 159 14.41 -38.27 -20.50
N ILE F 160 13.54 -39.26 -20.41
CA ILE F 160 13.64 -40.45 -21.24
C ILE F 160 13.70 -40.11 -22.71
N ARG F 161 12.79 -39.27 -23.18
CA ARG F 161 12.80 -38.82 -24.55
C ARG F 161 14.20 -38.32 -24.99
N VAL F 162 14.88 -37.59 -24.10
CA VAL F 162 16.23 -37.08 -24.39
C VAL F 162 17.22 -38.22 -24.56
N LEU F 163 17.25 -39.08 -23.55
CA LEU F 163 18.05 -40.29 -23.59
C LEU F 163 17.83 -41.03 -24.91
N ASP F 164 16.58 -41.38 -25.18
CA ASP F 164 16.27 -42.12 -26.38
C ASP F 164 16.87 -41.48 -27.61
N ALA F 165 16.69 -40.17 -27.77
CA ALA F 165 17.27 -39.46 -28.91
C ALA F 165 18.78 -39.68 -29.05
N LEU F 166 19.45 -39.81 -27.91
CA LEU F 166 20.90 -40.00 -27.86
C LEU F 166 21.31 -41.35 -28.44
N GLU F 167 20.38 -42.29 -28.43
CA GLU F 167 20.62 -43.62 -28.94
C GLU F 167 20.34 -43.62 -30.43
N ARG F 168 19.12 -43.20 -30.76
CA ARG F 168 18.73 -42.95 -32.14
C ARG F 168 19.89 -42.35 -32.95
N ASN F 169 20.50 -41.27 -32.45
CA ASN F 169 21.60 -40.61 -33.18
C ASN F 169 22.96 -41.26 -32.93
N ASN F 170 22.98 -42.13 -31.94
CA ASN F 170 24.22 -42.72 -31.46
C ASN F 170 25.34 -41.71 -31.17
N ALA F 171 25.25 -41.07 -30.00
CA ALA F 171 26.24 -40.09 -29.57
C ALA F 171 26.99 -40.66 -28.38
N HIS F 172 27.53 -41.85 -28.58
CA HIS F 172 28.32 -42.59 -27.59
C HIS F 172 29.20 -41.69 -26.74
N TRP F 173 29.52 -40.51 -27.28
CA TRP F 173 30.59 -39.68 -26.73
C TRP F 173 30.12 -38.73 -25.65
N CYS F 174 28.80 -38.56 -25.60
CA CYS F 174 28.18 -37.52 -24.81
C CYS F 174 27.53 -38.05 -23.54
N ARG F 175 28.10 -37.71 -22.39
CA ARG F 175 27.56 -38.16 -21.11
C ARG F 175 26.30 -37.39 -20.78
N THR F 176 25.54 -37.81 -19.77
CA THR F 176 24.38 -37.03 -19.31
C THR F 176 24.26 -36.93 -17.79
N VAL F 177 23.70 -35.82 -17.31
CA VAL F 177 23.36 -35.65 -15.91
C VAL F 177 21.98 -34.98 -15.77
N GLY F 178 21.17 -35.47 -14.84
CA GLY F 178 19.87 -34.89 -14.60
C GLY F 178 20.01 -33.77 -13.60
N ILE F 179 19.23 -32.72 -13.78
CA ILE F 179 19.40 -31.56 -12.92
C ILE F 179 18.07 -30.91 -12.65
N GLY F 180 17.97 -30.22 -11.52
CA GLY F 180 16.80 -29.42 -11.23
C GLY F 180 15.70 -30.09 -10.42
N GLY F 181 15.81 -29.94 -9.11
CA GLY F 181 14.73 -30.32 -8.23
C GLY F 181 15.04 -31.59 -7.51
N LEU F 182 16.17 -32.21 -7.81
CA LEU F 182 16.47 -33.49 -7.21
C LEU F 182 16.76 -33.28 -5.74
N HIS F 183 16.09 -34.05 -4.89
CA HIS F 183 16.34 -34.06 -3.47
C HIS F 183 16.25 -35.53 -3.01
N PRO F 184 16.49 -35.81 -1.72
CA PRO F 184 16.52 -37.22 -1.29
C PRO F 184 15.19 -37.97 -1.47
N ASP F 185 14.13 -37.26 -1.80
CA ASP F 185 12.81 -37.86 -1.84
C ASP F 185 12.46 -38.30 -3.24
N ASN F 186 13.34 -38.05 -4.19
CA ASN F 186 13.06 -38.41 -5.58
C ASN F 186 14.31 -38.81 -6.35
N ILE F 187 15.45 -38.66 -5.71
CA ILE F 187 16.71 -38.97 -6.38
C ILE F 187 16.78 -40.45 -6.77
N GLU F 188 16.13 -41.31 -5.97
CA GLU F 188 16.05 -42.74 -6.28
C GLU F 188 15.21 -42.95 -7.52
N ARG F 189 13.97 -42.48 -7.45
CA ARG F 189 13.06 -42.54 -8.57
C ARG F 189 13.57 -41.88 -9.85
N VAL F 190 14.47 -40.92 -9.75
CA VAL F 190 14.95 -40.29 -10.98
C VAL F 190 15.94 -41.23 -11.62
N LEU F 191 16.80 -41.81 -10.79
CA LEU F 191 17.85 -42.73 -11.27
C LEU F 191 17.21 -44.00 -11.76
N TYR F 192 16.09 -44.35 -11.12
CA TYR F 192 15.33 -45.56 -11.40
C TYR F 192 14.81 -45.62 -12.81
N GLN F 193 14.16 -44.55 -13.23
CA GLN F 193 13.35 -44.57 -14.45
C GLN F 193 13.90 -43.77 -15.61
N CYS F 194 14.92 -42.96 -15.36
CA CYS F 194 15.56 -42.21 -16.44
C CYS F 194 16.53 -43.08 -17.21
N VAL F 195 16.00 -44.04 -17.95
CA VAL F 195 16.82 -44.99 -18.69
C VAL F 195 16.36 -45.02 -20.13
N SER F 196 17.32 -45.14 -21.05
CA SER F 196 17.04 -45.28 -22.46
C SER F 196 15.98 -46.38 -22.63
N SER F 197 15.31 -46.41 -23.76
CA SER F 197 14.26 -47.41 -23.93
C SER F 197 14.85 -48.75 -24.28
N ASN F 198 16.01 -48.74 -24.91
CA ASN F 198 16.73 -49.98 -25.19
C ASN F 198 17.52 -50.49 -24.00
N GLY F 199 17.36 -49.86 -22.85
CA GLY F 199 18.05 -50.30 -21.65
C GLY F 199 19.55 -50.06 -21.68
N LYS F 200 20.06 -49.60 -22.82
CA LYS F 200 21.51 -49.49 -22.96
C LYS F 200 22.10 -48.31 -22.17
N ARG F 201 21.39 -47.17 -22.17
CA ARG F 201 21.89 -45.91 -21.57
C ARG F 201 21.04 -45.34 -20.42
N SER F 202 21.68 -44.84 -19.38
CA SER F 202 20.98 -44.12 -18.32
C SER F 202 21.67 -42.82 -17.86
N LEU F 203 21.23 -42.27 -16.73
CA LEU F 203 21.79 -41.00 -16.25
C LEU F 203 23.22 -41.22 -15.74
N ASP F 204 24.17 -40.41 -16.20
CA ASP F 204 25.55 -40.56 -15.73
C ASP F 204 25.78 -39.93 -14.36
N GLY F 205 24.83 -39.13 -13.91
CA GLY F 205 24.87 -38.64 -12.55
C GLY F 205 23.81 -37.62 -12.23
N ILE F 206 23.55 -37.46 -10.94
CA ILE F 206 22.62 -36.44 -10.43
C ILE F 206 23.33 -35.10 -10.15
N CYS F 207 22.60 -33.99 -10.32
CA CYS F 207 23.18 -32.66 -10.15
C CYS F 207 22.34 -31.76 -9.22
N VAL F 208 22.84 -31.55 -8.00
CA VAL F 208 22.13 -30.70 -7.04
C VAL F 208 22.70 -29.30 -6.98
N VAL F 209 21.97 -28.42 -6.31
CA VAL F 209 22.45 -27.08 -6.00
C VAL F 209 21.93 -26.70 -4.63
N SER F 210 20.62 -26.67 -4.48
CA SER F 210 20.07 -26.26 -3.21
C SER F 210 20.18 -27.35 -2.15
N ASP F 211 20.22 -28.63 -2.55
CA ASP F 211 20.25 -29.67 -1.52
C ASP F 211 21.56 -29.70 -0.73
N ILE F 212 22.63 -29.24 -1.37
CA ILE F 212 23.92 -29.12 -0.68
C ILE F 212 24.26 -27.68 -0.28
N ILE F 213 24.47 -26.83 -1.28
CA ILE F 213 24.83 -25.42 -1.12
C ILE F 213 24.03 -24.69 -0.02
N ALA F 214 22.73 -24.99 0.05
CA ALA F 214 21.84 -24.25 0.96
C ALA F 214 21.42 -25.05 2.20
N SER F 215 22.10 -26.17 2.44
CA SER F 215 21.83 -27.00 3.61
C SER F 215 22.55 -26.46 4.85
N LEU F 216 21.93 -26.62 6.02
CA LEU F 216 22.57 -26.19 7.24
C LEU F 216 23.70 -27.16 7.59
N ASP F 217 23.58 -28.39 7.12
CA ASP F 217 24.65 -29.37 7.29
C ASP F 217 25.05 -30.06 5.98
N ALA F 218 25.94 -29.40 5.24
CA ALA F 218 26.44 -29.90 3.97
C ALA F 218 27.04 -31.30 4.07
N ALA F 219 28.08 -31.45 4.89
CA ALA F 219 28.75 -32.75 4.99
C ALA F 219 27.76 -33.90 5.21
N LYS F 220 26.68 -33.61 5.94
CA LYS F 220 25.63 -34.61 6.21
C LYS F 220 24.76 -34.85 4.99
N SER F 221 24.37 -33.76 4.34
CA SER F 221 23.53 -33.79 3.14
C SER F 221 24.21 -34.50 1.97
N THR F 222 25.54 -34.36 1.89
CA THR F 222 26.30 -34.96 0.80
C THR F 222 26.41 -36.46 1.01
N LYS F 223 26.54 -36.87 2.27
CA LYS F 223 26.66 -38.28 2.64
C LYS F 223 25.41 -39.00 2.23
N ILE F 224 24.27 -38.37 2.54
CA ILE F 224 22.94 -38.89 2.19
C ILE F 224 22.74 -39.07 0.68
N LEU F 225 22.99 -38.02 -0.10
CA LEU F 225 23.00 -38.12 -1.55
C LEU F 225 23.91 -39.25 -2.05
N ARG F 226 25.15 -39.31 -1.56
CA ARG F 226 26.05 -40.39 -1.95
C ARG F 226 25.34 -41.69 -1.72
N GLY F 227 25.04 -41.98 -0.47
CA GLY F 227 24.28 -43.19 -0.14
C GLY F 227 23.36 -43.66 -1.24
N LEU F 228 22.51 -42.76 -1.72
CA LEU F 228 21.51 -43.10 -2.71
C LEU F 228 22.08 -43.28 -4.09
N ILE F 229 23.03 -42.43 -4.45
CA ILE F 229 23.60 -42.45 -5.79
C ILE F 229 24.34 -43.75 -6.12
N ASP F 230 25.05 -44.31 -5.15
CA ASP F 230 25.85 -45.51 -5.46
C ASP F 230 25.36 -46.77 -4.75
N LYS F 231 24.09 -46.73 -4.32
CA LYS F 231 23.32 -47.94 -4.04
C LYS F 231 22.69 -48.35 -5.38
N THR F 232 22.06 -49.52 -5.45
CA THR F 232 21.51 -49.99 -6.73
C THR F 232 20.11 -50.62 -6.67
N ASP F 233 19.55 -50.72 -5.47
CA ASP F 233 18.23 -51.27 -5.28
C ASP F 233 17.23 -50.19 -4.86
N TYR F 234 16.30 -49.85 -5.75
CA TYR F 234 15.16 -49.04 -5.33
C TYR F 234 14.01 -49.91 -4.81
N LYS F 235 14.01 -50.22 -3.52
CA LYS F 235 12.97 -51.06 -2.93
C LYS F 235 11.73 -50.20 -2.64
N PHE F 236 10.99 -49.85 -3.70
CA PHE F 236 9.96 -48.78 -3.66
C PHE F 236 8.58 -49.19 -3.11
N VAL F 237 8.39 -50.48 -2.93
CA VAL F 237 7.14 -50.97 -2.38
C VAL F 237 7.47 -52.22 -1.58
N ASN F 238 6.81 -52.39 -0.44
CA ASN F 238 7.20 -53.43 0.47
C ASN F 238 6.79 -54.83 0.07
N ILE F 239 7.00 -55.16 -1.20
CA ILE F 239 6.70 -56.48 -1.75
C ILE F 239 7.87 -56.90 -2.65
N GLY F 240 7.98 -58.19 -2.95
CA GLY F 240 9.05 -58.64 -3.82
C GLY F 240 8.77 -58.27 -5.26
N LEU F 241 9.82 -57.97 -5.99
CA LEU F 241 9.69 -57.63 -7.42
C LEU F 241 10.57 -58.53 -8.28
N SER F 242 10.07 -59.70 -8.72
CA SER F 242 10.95 -60.72 -9.31
C SER F 242 10.52 -61.28 -10.69
N SER F 246 8.10 -66.92 -15.65
CA SER F 246 7.55 -68.25 -15.32
C SER F 246 6.09 -68.22 -14.79
N LEU F 247 5.14 -68.53 -15.67
CA LEU F 247 3.70 -68.49 -15.36
C LEU F 247 3.24 -68.61 -13.90
N THR F 248 2.15 -67.93 -13.60
CA THR F 248 1.60 -67.91 -12.25
C THR F 248 0.89 -69.24 -12.06
N THR F 249 0.96 -69.79 -10.85
CA THR F 249 0.34 -71.09 -10.59
C THR F 249 -0.90 -70.95 -9.74
N THR F 250 -1.81 -71.89 -9.91
CA THR F 250 -3.05 -71.99 -9.12
C THR F 250 -2.84 -71.82 -7.62
N ASP F 251 -1.77 -72.42 -7.12
CA ASP F 251 -1.57 -72.49 -5.68
C ASP F 251 -0.95 -71.20 -5.18
N GLU F 252 -0.29 -70.47 -6.09
CA GLU F 252 0.18 -69.12 -5.81
C GLU F 252 -1.04 -68.20 -5.69
N ILE F 253 -1.81 -68.12 -6.78
CA ILE F 253 -3.08 -67.39 -6.82
C ILE F 253 -3.95 -67.71 -5.62
N GLN F 254 -3.81 -68.93 -5.12
CA GLN F 254 -4.62 -69.38 -4.00
C GLN F 254 -4.23 -68.71 -2.68
N SER F 255 -2.93 -68.62 -2.42
CA SER F 255 -2.46 -68.00 -1.18
C SER F 255 -2.52 -66.48 -1.28
N ILE F 256 -2.49 -65.97 -2.51
CA ILE F 256 -2.63 -64.53 -2.71
C ILE F 256 -3.99 -64.07 -2.17
N ILE F 257 -5.04 -64.82 -2.52
CA ILE F 257 -6.40 -64.56 -2.04
C ILE F 257 -6.48 -64.80 -0.55
N SER F 258 -5.67 -65.72 -0.05
CA SER F 258 -5.61 -66.00 1.38
C SER F 258 -5.13 -64.75 2.10
N ASN F 259 -3.91 -64.32 1.77
CA ASN F 259 -3.31 -63.18 2.43
C ASN F 259 -4.28 -62.03 2.42
N THR F 260 -4.79 -61.72 1.23
CA THR F 260 -5.72 -60.60 1.07
C THR F 260 -6.80 -60.72 2.12
N LEU F 261 -7.46 -61.87 2.14
CA LEU F 261 -8.54 -62.11 3.10
C LEU F 261 -8.10 -61.98 4.56
N LYS F 262 -7.00 -62.62 4.90
CA LYS F 262 -6.58 -62.72 6.29
C LYS F 262 -6.11 -61.35 6.76
N ALA F 263 -5.72 -60.51 5.81
CA ALA F 263 -5.07 -59.24 6.13
C ALA F 263 -5.99 -57.99 6.11
N ARG F 264 -7.27 -58.16 5.74
CA ARG F 264 -8.22 -57.05 5.57
C ARG F 264 -7.58 -55.68 5.18
N PRO F 265 -6.93 -55.61 3.99
CA PRO F 265 -6.29 -54.39 3.49
C PRO F 265 -7.24 -53.18 3.40
N LEU F 266 -6.82 -52.04 3.96
CA LEU F 266 -7.48 -50.75 3.74
C LEU F 266 -7.06 -50.14 2.39
N VAL F 267 -8.00 -50.07 1.46
CA VAL F 267 -7.76 -49.46 0.16
C VAL F 267 -8.39 -48.08 0.11
N GLN F 268 -7.56 -47.06 -0.04
CA GLN F 268 -8.04 -45.70 -0.17
C GLN F 268 -8.46 -45.44 -1.60
N HIS F 269 -9.69 -44.99 -1.79
CA HIS F 269 -10.14 -44.70 -3.13
C HIS F 269 -10.14 -43.19 -3.38
N ILE F 270 -9.20 -42.75 -4.21
CA ILE F 270 -9.27 -41.43 -4.77
C ILE F 270 -9.70 -41.62 -6.22
N THR F 271 -11.00 -41.49 -6.43
CA THR F 271 -11.56 -41.73 -7.74
C THR F 271 -12.83 -40.92 -7.95
N ASN F 272 -13.36 -41.00 -9.15
CA ASN F 272 -14.68 -40.47 -9.54
C ASN F 272 -15.78 -40.64 -8.51
N LYS F 273 -17.02 -40.33 -8.93
CA LYS F 273 -18.17 -40.55 -8.06
C LYS F 273 -18.91 -41.82 -8.46
N VAL F 274 -18.89 -42.11 -9.77
CA VAL F 274 -19.53 -43.28 -10.37
C VAL F 274 -18.74 -44.57 -10.16
N HIS F 275 -17.42 -44.45 -10.08
CA HIS F 275 -16.57 -45.56 -9.72
C HIS F 275 -16.57 -45.70 -8.19
N GLN F 276 -17.13 -44.70 -7.52
CA GLN F 276 -17.04 -44.62 -6.05
C GLN F 276 -17.84 -45.75 -5.43
N ASN F 277 -19.15 -45.56 -5.33
CA ASN F 277 -20.03 -46.54 -4.67
C ASN F 277 -19.80 -47.96 -5.16
N PHE F 278 -19.67 -48.13 -6.48
CA PHE F 278 -19.44 -49.46 -7.03
C PHE F 278 -18.11 -50.07 -6.60
N GLY F 279 -17.05 -49.24 -6.61
CA GLY F 279 -15.71 -49.67 -6.24
C GLY F 279 -15.55 -49.97 -4.76
N ALA F 280 -16.46 -49.41 -3.96
CA ALA F 280 -16.43 -49.63 -2.52
C ALA F 280 -16.81 -51.05 -2.24
N ASN F 281 -17.72 -51.57 -3.06
CA ASN F 281 -18.30 -52.89 -2.87
C ASN F 281 -17.41 -54.02 -3.37
N VAL F 282 -16.85 -53.84 -4.57
CA VAL F 282 -15.79 -54.72 -5.06
C VAL F 282 -14.72 -54.97 -4.00
N THR F 283 -14.55 -54.00 -3.11
CA THR F 283 -13.55 -54.12 -2.06
C THR F 283 -14.12 -54.83 -0.85
N LEU F 284 -15.31 -54.43 -0.41
CA LEU F 284 -15.98 -55.17 0.66
C LEU F 284 -15.99 -56.65 0.31
N ALA F 285 -16.39 -56.95 -0.92
CA ALA F 285 -16.41 -58.30 -1.44
C ALA F 285 -15.10 -59.03 -1.17
N LEU F 286 -13.99 -58.45 -1.63
CA LEU F 286 -12.71 -59.11 -1.50
C LEU F 286 -12.13 -59.13 -0.07
N GLY F 287 -13.00 -58.92 0.93
CA GLY F 287 -12.60 -58.94 2.32
C GLY F 287 -11.63 -57.82 2.73
N SER F 288 -11.90 -56.60 2.27
CA SER F 288 -11.02 -55.49 2.55
C SER F 288 -11.92 -54.32 2.95
N SER F 289 -11.37 -53.27 3.58
CA SER F 289 -12.15 -52.03 3.86
C SER F 289 -11.79 -50.89 2.92
N PRO F 290 -12.80 -50.29 2.29
CA PRO F 290 -12.48 -49.18 1.38
C PRO F 290 -12.54 -47.90 2.17
N ILE F 291 -11.79 -46.90 1.72
CA ILE F 291 -11.84 -45.56 2.29
C ILE F 291 -11.92 -44.61 1.10
N MET F 292 -12.84 -43.65 1.14
CA MET F 292 -12.99 -42.71 0.02
C MET F 292 -12.60 -41.30 0.42
N SER F 293 -11.59 -41.21 1.31
CA SER F 293 -11.05 -39.95 1.81
C SER F 293 -10.25 -39.15 0.74
N GLU F 294 -10.63 -37.90 0.53
CA GLU F 294 -9.89 -37.04 -0.38
C GLU F 294 -9.24 -35.88 0.40
N ILE F 295 -9.07 -36.09 1.72
CA ILE F 295 -8.57 -35.07 2.63
C ILE F 295 -7.04 -35.06 2.72
N GLN F 296 -6.45 -33.87 2.66
CA GLN F 296 -5.00 -33.67 2.74
C GLN F 296 -4.37 -34.06 4.09
N SER F 297 -4.90 -33.51 5.18
CA SER F 297 -4.31 -33.72 6.50
C SER F 297 -4.31 -35.16 6.98
N GLU F 298 -5.06 -36.00 6.26
CA GLU F 298 -5.37 -37.36 6.72
C GLU F 298 -4.51 -38.40 5.99
N VAL F 299 -4.03 -38.02 4.82
CA VAL F 299 -3.35 -38.96 3.94
C VAL F 299 -2.24 -39.72 4.64
N ASN F 300 -1.48 -39.05 5.49
CA ASN F 300 -0.31 -39.68 6.08
C ASN F 300 -0.64 -40.60 7.26
N ASP F 301 -1.86 -40.47 7.78
CA ASP F 301 -2.30 -41.31 8.88
C ASP F 301 -2.88 -42.61 8.38
N LEU F 302 -3.46 -42.56 7.17
CA LEU F 302 -4.02 -43.74 6.49
C LEU F 302 -2.89 -44.65 5.99
N ALA F 303 -1.87 -44.05 5.38
CA ALA F 303 -0.73 -44.81 4.90
C ALA F 303 0.10 -45.40 6.04
N ALA F 304 -0.32 -45.13 7.27
CA ALA F 304 0.32 -45.69 8.46
C ALA F 304 -0.30 -47.04 8.81
N ILE F 305 -1.62 -47.08 8.70
CA ILE F 305 -2.40 -48.31 8.88
C ILE F 305 -1.79 -49.46 8.05
N PRO F 306 -1.75 -50.67 8.64
CA PRO F 306 -1.22 -51.94 8.08
C PRO F 306 -1.77 -52.32 6.70
N HIS F 307 -0.91 -52.87 5.84
CA HIS F 307 -1.34 -53.39 4.53
C HIS F 307 -2.20 -52.39 3.75
N ALA F 308 -2.09 -51.11 4.06
CA ALA F 308 -2.91 -50.06 3.44
C ALA F 308 -2.47 -49.80 2.00
N THR F 309 -3.41 -49.48 1.12
CA THR F 309 -3.11 -49.34 -0.31
C THR F 309 -3.85 -48.18 -1.00
N LEU F 310 -3.23 -47.58 -2.02
CA LEU F 310 -3.84 -46.43 -2.66
C LEU F 310 -4.27 -46.66 -4.11
N LEU F 311 -5.53 -46.36 -4.41
CA LEU F 311 -6.06 -46.41 -5.78
C LEU F 311 -6.28 -45.01 -6.35
N LEU F 312 -5.54 -44.68 -7.39
CA LEU F 312 -5.63 -43.35 -7.96
C LEU F 312 -6.42 -43.32 -9.26
N ASN F 313 -7.41 -42.44 -9.32
CA ASN F 313 -8.23 -42.28 -10.50
C ASN F 313 -8.28 -40.83 -10.96
N THR F 314 -7.40 -40.48 -11.88
CA THR F 314 -7.44 -39.20 -12.55
C THR F 314 -8.86 -38.67 -12.69
N GLY F 315 -9.03 -37.36 -12.51
CA GLY F 315 -10.34 -36.76 -12.61
C GLY F 315 -11.27 -37.19 -11.47
N SER F 316 -10.96 -36.70 -10.27
CA SER F 316 -11.80 -36.97 -9.09
C SER F 316 -12.04 -35.73 -8.25
N VAL F 317 -11.95 -34.56 -8.87
CA VAL F 317 -12.28 -33.30 -8.20
C VAL F 317 -11.23 -32.92 -7.15
N ALA F 318 -10.48 -33.93 -6.69
CA ALA F 318 -9.45 -33.70 -5.70
C ALA F 318 -8.41 -32.76 -6.29
N PRO F 319 -7.95 -31.78 -5.50
CA PRO F 319 -7.00 -30.77 -5.97
C PRO F 319 -5.64 -31.42 -6.18
N PRO F 320 -4.98 -31.20 -7.33
CA PRO F 320 -3.67 -31.78 -7.56
C PRO F 320 -2.73 -31.75 -6.33
N GLU F 321 -2.65 -30.61 -5.65
CA GLU F 321 -1.78 -30.47 -4.49
C GLU F 321 -2.03 -31.58 -3.44
N MET F 322 -3.17 -32.25 -3.54
CA MET F 322 -3.48 -33.34 -2.62
C MET F 322 -3.13 -34.70 -3.25
N LEU F 323 -3.37 -34.87 -4.55
CA LEU F 323 -2.86 -36.05 -5.23
C LEU F 323 -1.34 -36.15 -5.01
N LYS F 324 -0.58 -35.09 -5.33
CA LYS F 324 0.85 -35.06 -4.99
C LYS F 324 1.01 -35.49 -3.55
N ALA F 325 0.23 -34.87 -2.66
CA ALA F 325 0.32 -35.11 -1.23
C ALA F 325 0.20 -36.58 -0.87
N ALA F 326 -0.73 -37.23 -1.54
CA ALA F 326 -1.12 -38.60 -1.20
C ALA F 326 -0.11 -39.59 -1.76
N ILE F 327 0.23 -39.44 -3.04
CA ILE F 327 1.24 -40.28 -3.66
C ILE F 327 2.50 -40.32 -2.80
N ARG F 328 3.08 -39.16 -2.48
CA ARG F 328 4.25 -39.12 -1.61
C ARG F 328 4.00 -39.82 -0.27
N ALA F 329 2.97 -39.42 0.44
CA ALA F 329 2.59 -40.10 1.69
C ALA F 329 2.76 -41.62 1.60
N TYR F 330 2.18 -42.23 0.56
CA TYR F 330 2.23 -43.69 0.40
C TYR F 330 3.60 -44.23 -0.02
N ASN F 331 4.27 -43.55 -0.94
CA ASN F 331 5.64 -43.93 -1.30
C ASN F 331 6.59 -43.83 -0.12
N ASP F 332 6.32 -42.88 0.77
CA ASP F 332 7.17 -42.68 1.94
C ASP F 332 7.15 -43.92 2.80
N VAL F 333 5.99 -44.58 2.88
CA VAL F 333 5.82 -45.77 3.71
C VAL F 333 5.90 -47.06 2.88
N LYS F 334 6.50 -46.97 1.69
CA LYS F 334 6.65 -48.10 0.76
C LYS F 334 5.38 -48.95 0.63
N ARG F 335 4.23 -48.30 0.66
CA ARG F 335 2.98 -49.00 0.39
C ARG F 335 2.57 -48.77 -1.07
N PRO F 336 1.68 -49.64 -1.59
CA PRO F 336 1.56 -49.76 -3.04
C PRO F 336 0.44 -48.94 -3.66
N ILE F 337 0.73 -48.40 -4.84
CA ILE F 337 -0.20 -47.54 -5.57
C ILE F 337 -0.68 -48.14 -6.87
N VAL F 338 -2.00 -48.17 -7.04
CA VAL F 338 -2.61 -48.53 -8.32
C VAL F 338 -3.17 -47.28 -8.98
N PHE F 339 -2.73 -47.06 -10.21
CA PHE F 339 -2.98 -45.81 -10.87
C PHE F 339 -3.73 -46.01 -12.17
N ASP F 340 -4.96 -45.52 -12.19
CA ASP F 340 -5.86 -45.72 -13.31
C ASP F 340 -6.21 -44.40 -13.98
N PRO F 341 -5.51 -44.09 -15.08
CA PRO F 341 -5.58 -42.83 -15.84
C PRO F 341 -6.76 -42.79 -16.78
N VAL F 342 -7.97 -42.96 -16.27
CA VAL F 342 -9.15 -42.92 -17.12
C VAL F 342 -9.27 -41.60 -17.86
N GLY F 343 -9.36 -41.69 -19.17
CA GLY F 343 -9.61 -40.52 -19.98
C GLY F 343 -8.33 -39.82 -20.38
N TYR F 344 -7.22 -40.52 -20.22
CA TYR F 344 -5.95 -40.02 -20.71
C TYR F 344 -6.09 -39.76 -22.22
N SER F 345 -5.58 -38.63 -22.69
CA SER F 345 -5.68 -38.24 -24.11
C SER F 345 -7.12 -38.01 -24.64
N ALA F 346 -8.12 -38.27 -23.80
CA ALA F 346 -9.51 -37.95 -24.11
C ALA F 346 -9.68 -36.46 -24.35
N THR F 347 -9.10 -35.66 -23.45
CA THR F 347 -9.18 -34.20 -23.51
C THR F 347 -7.77 -33.60 -23.56
N GLU F 348 -7.66 -32.29 -23.36
CA GLU F 348 -6.35 -31.66 -23.22
C GLU F 348 -6.01 -31.50 -21.75
N THR F 349 -7.03 -31.22 -20.95
CA THR F 349 -6.86 -31.06 -19.51
C THR F 349 -6.44 -32.37 -18.87
N ARG F 350 -7.01 -33.48 -19.34
CA ARG F 350 -6.76 -34.76 -18.70
C ARG F 350 -5.38 -35.29 -19.05
N LEU F 351 -4.99 -35.22 -20.32
CA LEU F 351 -3.62 -35.52 -20.69
C LEU F 351 -2.62 -34.73 -19.83
N LEU F 352 -2.75 -33.40 -19.85
CA LEU F 352 -1.86 -32.51 -19.11
C LEU F 352 -1.73 -32.87 -17.64
N LEU F 353 -2.83 -33.34 -17.05
CA LEU F 353 -2.91 -33.65 -15.63
C LEU F 353 -2.21 -34.94 -15.29
N ASN F 354 -2.49 -35.99 -16.06
CA ASN F 354 -1.89 -37.30 -15.83
C ASN F 354 -0.39 -37.22 -15.87
N ASN F 355 0.12 -36.59 -16.91
CA ASN F 355 1.55 -36.44 -17.03
C ASN F 355 2.17 -35.78 -15.79
N LEU F 356 1.44 -34.85 -15.17
CA LEU F 356 1.89 -34.26 -13.91
C LEU F 356 1.82 -35.32 -12.80
N LEU F 357 0.66 -35.94 -12.65
CA LEU F 357 0.51 -36.98 -11.64
C LEU F 357 1.71 -37.89 -11.63
N LEU F 358 2.16 -38.28 -12.83
CA LEU F 358 3.16 -39.35 -13.02
C LEU F 358 4.58 -38.94 -12.64
N THR F 359 4.73 -37.69 -12.19
CA THR F 359 6.02 -37.18 -11.73
C THR F 359 6.07 -37.09 -10.21
N PHE F 360 4.92 -37.30 -9.58
CA PHE F 360 4.78 -37.19 -8.13
C PHE F 360 5.30 -38.37 -7.34
N GLY F 361 5.44 -39.53 -7.99
CA GLY F 361 5.88 -40.73 -7.29
C GLY F 361 6.20 -41.93 -8.16
N GLN F 362 6.16 -43.11 -7.54
CA GLN F 362 6.46 -44.40 -8.18
C GLN F 362 5.26 -45.27 -7.94
N PHE F 363 4.59 -45.67 -9.03
CA PHE F 363 3.38 -46.51 -8.93
C PHE F 363 3.66 -48.03 -9.05
N SER F 364 3.07 -48.81 -8.16
CA SER F 364 3.13 -50.26 -8.29
C SER F 364 2.42 -50.76 -9.55
N CYS F 365 1.24 -50.24 -9.86
CA CYS F 365 0.51 -50.68 -11.05
C CYS F 365 -0.23 -49.56 -11.80
N ILE F 366 0.03 -49.45 -13.11
CA ILE F 366 -0.77 -48.61 -14.01
C ILE F 366 -1.76 -49.47 -14.81
N LYS F 367 -3.05 -49.17 -14.72
CA LYS F 367 -4.10 -49.92 -15.43
C LYS F 367 -4.89 -49.00 -16.39
N GLY F 368 -4.94 -49.37 -17.66
CA GLY F 368 -5.70 -48.61 -18.63
C GLY F 368 -6.15 -49.51 -19.76
N ASN F 369 -6.93 -48.99 -20.69
CA ASN F 369 -7.33 -49.78 -21.86
C ASN F 369 -6.69 -49.33 -23.18
N SER F 370 -6.98 -50.05 -24.25
CA SER F 370 -6.36 -49.81 -25.55
C SER F 370 -6.00 -48.35 -25.80
N SER F 371 -6.97 -47.46 -25.64
CA SER F 371 -6.77 -46.01 -25.88
C SER F 371 -5.75 -45.41 -24.91
N GLU F 372 -5.97 -45.68 -23.63
CA GLU F 372 -5.12 -45.19 -22.54
C GLU F 372 -3.72 -45.81 -22.61
N ILE F 373 -3.63 -47.14 -22.63
CA ILE F 373 -2.32 -47.79 -22.70
C ILE F 373 -1.60 -47.37 -23.99
N LEU F 374 -2.36 -47.16 -25.05
CA LEU F 374 -1.76 -46.76 -26.32
C LEU F 374 -1.18 -45.32 -26.31
N GLY F 375 -1.85 -44.42 -25.61
CA GLY F 375 -1.35 -43.06 -25.51
C GLY F 375 -0.18 -42.92 -24.55
N LEU F 376 -0.26 -43.65 -23.44
CA LEU F 376 0.85 -43.71 -22.48
C LEU F 376 2.12 -44.18 -23.15
N ALA F 377 1.99 -45.18 -24.02
CA ALA F 377 3.12 -45.73 -24.79
C ALA F 377 3.67 -44.74 -25.85
N GLU F 378 2.83 -43.77 -26.22
CA GLU F 378 3.17 -42.74 -27.20
C GLU F 378 3.12 -43.30 -28.63
N LEU F 379 2.39 -44.40 -28.79
CA LEU F 379 2.32 -45.15 -30.03
C LEU F 379 0.97 -44.92 -30.74
N SER F 394 -5.45 -52.91 -33.10
CA SER F 394 -4.90 -54.24 -33.43
C SER F 394 -5.01 -55.27 -32.29
N ASN F 395 -3.98 -56.12 -32.15
CA ASN F 395 -3.87 -57.08 -31.05
C ASN F 395 -2.43 -57.34 -30.56
N GLU F 396 -1.49 -57.57 -31.48
CA GLU F 396 -0.08 -57.78 -31.12
C GLU F 396 0.61 -56.44 -30.84
N LEU F 397 -0.01 -55.36 -31.31
CA LEU F 397 0.45 -54.01 -30.99
C LEU F 397 0.17 -53.68 -29.53
N LEU F 398 -1.05 -53.95 -29.09
CA LEU F 398 -1.42 -53.75 -27.70
C LEU F 398 -0.37 -54.35 -26.79
N ILE F 399 0.17 -55.48 -27.19
CA ILE F 399 1.19 -56.11 -26.36
C ILE F 399 2.46 -55.26 -26.30
N GLN F 400 3.01 -54.90 -27.47
CA GLN F 400 4.21 -54.08 -27.55
C GLN F 400 4.04 -52.83 -26.71
N ALA F 401 2.79 -52.37 -26.61
CA ALA F 401 2.47 -51.16 -25.88
C ALA F 401 2.45 -51.35 -24.37
N THR F 402 1.60 -52.26 -23.89
CA THR F 402 1.52 -52.59 -22.48
C THR F 402 2.93 -52.76 -21.90
N LYS F 403 3.82 -53.28 -22.75
CA LYS F 403 5.22 -53.44 -22.39
C LYS F 403 5.93 -52.09 -22.32
N ILE F 404 5.80 -51.29 -23.38
CA ILE F 404 6.41 -49.95 -23.44
C ILE F 404 5.99 -49.14 -22.20
N VAL F 405 4.72 -49.24 -21.84
CA VAL F 405 4.23 -48.57 -20.66
C VAL F 405 4.87 -49.06 -19.38
N ALA F 406 4.84 -50.36 -19.13
CA ALA F 406 5.43 -50.93 -17.91
C ALA F 406 6.90 -50.54 -17.75
N PHE F 407 7.69 -50.78 -18.79
CA PHE F 407 9.09 -50.44 -18.73
C PHE F 407 9.30 -48.96 -18.51
N LYS F 408 8.57 -48.13 -19.27
CA LYS F 408 8.72 -46.68 -19.18
C LYS F 408 8.63 -46.21 -17.74
N TYR F 409 7.49 -46.51 -17.12
CA TYR F 409 7.20 -46.07 -15.77
C TYR F 409 7.64 -47.06 -14.73
N LYS F 410 8.56 -47.97 -15.12
CA LYS F 410 9.05 -49.04 -14.26
C LYS F 410 7.93 -49.56 -13.37
N THR F 411 7.11 -50.44 -13.92
CA THR F 411 5.92 -50.87 -13.21
C THR F 411 5.15 -52.01 -13.88
N VAL F 412 4.24 -52.61 -13.12
CA VAL F 412 3.32 -53.62 -13.64
C VAL F 412 2.20 -52.96 -14.42
N ALA F 413 2.17 -53.18 -15.74
CA ALA F 413 1.21 -52.49 -16.60
C ALA F 413 0.11 -53.40 -17.12
N VAL F 414 -1.08 -53.33 -16.52
CA VAL F 414 -2.23 -54.08 -17.00
C VAL F 414 -2.98 -53.29 -18.06
N CYS F 415 -3.38 -53.95 -19.15
CA CYS F 415 -4.13 -53.29 -20.20
C CYS F 415 -5.35 -54.09 -20.59
N THR F 416 -6.54 -53.65 -20.18
CA THR F 416 -7.77 -54.42 -20.42
C THR F 416 -8.30 -54.43 -21.87
N GLY F 417 -8.75 -55.61 -22.29
CA GLY F 417 -9.37 -55.80 -23.58
C GLY F 417 -10.10 -57.11 -23.51
N GLU F 418 -10.48 -57.67 -24.65
CA GLU F 418 -10.93 -59.06 -24.68
C GLU F 418 -9.82 -59.80 -23.94
N PHE F 419 -8.62 -59.71 -24.49
CA PHE F 419 -7.41 -60.21 -23.85
C PHE F 419 -6.86 -59.15 -22.91
N ASP F 420 -6.64 -59.51 -21.64
CA ASP F 420 -6.02 -58.62 -20.66
C ASP F 420 -4.54 -58.94 -20.51
N PHE F 421 -3.66 -58.16 -21.14
CA PHE F 421 -2.22 -58.37 -20.98
C PHE F 421 -1.63 -57.71 -19.74
N ILE F 422 -0.56 -58.31 -19.21
CA ILE F 422 0.06 -57.84 -17.96
C ILE F 422 1.59 -57.87 -18.01
N ALA F 423 2.22 -56.74 -18.27
CA ALA F 423 3.68 -56.66 -18.35
C ALA F 423 4.33 -56.22 -17.04
N ASP F 424 5.38 -56.92 -16.61
CA ASP F 424 6.18 -56.48 -15.46
C ASP F 424 7.37 -55.71 -16.02
N GLY F 425 7.43 -54.43 -15.68
CA GLY F 425 8.51 -53.59 -16.12
C GLY F 425 9.31 -53.11 -14.94
N THR F 426 9.04 -53.66 -13.75
CA THR F 426 9.72 -53.16 -12.54
C THR F 426 11.22 -53.47 -12.50
N ILE F 427 11.63 -54.65 -12.96
CA ILE F 427 13.04 -55.01 -13.03
C ILE F 427 13.72 -55.11 -11.64
N GLU F 428 13.05 -55.74 -10.67
CA GLU F 428 13.68 -56.06 -9.40
C GLU F 428 14.10 -54.81 -8.58
N GLY F 429 13.64 -53.64 -9.00
CA GLY F 429 14.03 -52.40 -8.37
C GLY F 429 15.50 -52.12 -8.55
N LYS F 430 15.97 -52.13 -9.79
CA LYS F 430 17.40 -51.98 -10.10
C LYS F 430 17.74 -50.70 -10.86
N TYR F 431 18.71 -49.95 -10.35
CA TYR F 431 19.25 -48.82 -11.10
C TYR F 431 20.76 -48.76 -11.06
N SER F 432 21.32 -47.91 -11.91
CA SER F 432 22.77 -47.74 -12.01
C SER F 432 23.06 -46.57 -12.95
N LEU F 433 24.32 -46.21 -13.13
CA LEU F 433 24.63 -45.03 -13.94
C LEU F 433 25.04 -45.32 -15.40
N SER F 434 24.37 -46.33 -15.99
CA SER F 434 24.31 -46.68 -17.45
C SER F 434 24.09 -48.20 -17.81
N THR F 437 22.93 -53.99 -15.21
CA THR F 437 21.80 -54.78 -15.72
C THR F 437 20.99 -53.91 -16.68
N ASN F 438 20.99 -52.60 -16.43
CA ASN F 438 20.19 -51.64 -17.17
C ASN F 438 19.95 -52.12 -18.60
N GLY F 439 20.92 -52.90 -19.13
CA GLY F 439 20.89 -53.55 -20.45
C GLY F 439 19.84 -54.65 -20.67
N THR F 440 18.57 -54.30 -20.41
CA THR F 440 17.41 -55.18 -20.52
C THR F 440 16.36 -54.31 -21.21
N SER F 441 16.03 -54.59 -22.47
CA SER F 441 15.18 -53.67 -23.23
C SER F 441 13.70 -53.84 -22.95
N VAL F 442 12.89 -53.00 -23.58
CA VAL F 442 11.44 -53.13 -23.50
C VAL F 442 11.00 -54.58 -23.78
N GLU F 443 11.30 -55.04 -25.00
CA GLU F 443 10.82 -56.34 -25.50
C GLU F 443 11.12 -57.57 -24.63
N ASP F 444 11.98 -57.40 -23.61
CA ASP F 444 12.48 -58.53 -22.83
C ASP F 444 11.73 -58.74 -21.52
N ILE F 445 10.96 -57.74 -21.11
CA ILE F 445 10.25 -57.83 -19.83
C ILE F 445 9.16 -58.89 -19.92
N PRO F 446 8.88 -59.58 -18.81
CA PRO F 446 7.86 -60.63 -18.77
C PRO F 446 6.43 -60.13 -19.04
N CYS F 447 5.83 -60.50 -20.17
CA CYS F 447 4.44 -60.12 -20.41
C CYS F 447 3.52 -61.32 -20.69
N VAL F 448 2.51 -61.49 -19.84
CA VAL F 448 1.58 -62.60 -19.94
C VAL F 448 0.29 -62.14 -20.59
N ALA F 449 -0.72 -63.01 -20.59
CA ALA F 449 -2.03 -62.67 -21.13
C ALA F 449 -3.11 -63.47 -20.40
N VAL F 450 -4.33 -62.90 -20.33
CA VAL F 450 -5.47 -63.58 -19.73
C VAL F 450 -6.68 -63.45 -20.66
N GLU F 451 -7.14 -64.58 -21.20
CA GLU F 451 -8.31 -64.61 -22.10
C GLU F 451 -9.48 -65.35 -21.45
N ALA F 452 -10.70 -65.09 -21.90
CA ALA F 452 -11.84 -65.88 -21.43
C ALA F 452 -13.02 -65.98 -22.41
N GLY F 453 -12.78 -65.70 -23.69
CA GLY F 453 -13.82 -65.70 -24.70
C GLY F 453 -14.41 -64.31 -24.81
N PRO F 454 -15.51 -64.15 -25.56
CA PRO F 454 -16.21 -62.85 -25.62
C PRO F 454 -17.26 -62.68 -24.49
N ILE F 455 -17.03 -61.74 -23.56
CA ILE F 455 -17.94 -61.54 -22.42
C ILE F 455 -18.99 -60.43 -22.64
N GLY F 465 -16.59 -50.83 -14.82
CA GLY F 465 -15.56 -51.72 -15.33
C GLY F 465 -14.23 -51.39 -14.70
N CYS F 466 -14.26 -50.41 -13.80
CA CYS F 466 -13.06 -49.94 -13.07
C CYS F 466 -12.76 -50.81 -11.85
N SER F 467 -13.60 -51.83 -11.66
CA SER F 467 -13.50 -52.71 -10.51
C SER F 467 -12.27 -53.60 -10.62
N LEU F 468 -11.63 -53.53 -11.78
CA LEU F 468 -10.33 -54.16 -11.97
C LEU F 468 -9.24 -53.45 -11.16
N GLY F 469 -9.16 -52.13 -11.30
CA GLY F 469 -8.29 -51.29 -10.49
C GLY F 469 -8.51 -51.63 -9.03
N SER F 470 -9.77 -51.71 -8.62
CA SER F 470 -10.13 -52.05 -7.23
C SER F 470 -9.69 -53.44 -6.78
N THR F 471 -9.76 -54.42 -7.68
CA THR F 471 -9.39 -55.78 -7.35
C THR F 471 -7.89 -55.85 -7.25
N ILE F 472 -7.22 -55.48 -8.33
CA ILE F 472 -5.78 -55.40 -8.37
C ILE F 472 -5.22 -54.77 -7.10
N ALA F 473 -5.93 -53.79 -6.54
CA ALA F 473 -5.46 -53.11 -5.33
C ALA F 473 -5.51 -54.04 -4.13
N CYS F 474 -6.65 -54.70 -3.93
CA CYS F 474 -6.83 -55.66 -2.83
C CYS F 474 -5.87 -56.86 -2.84
N MET F 475 -5.42 -57.29 -4.03
CA MET F 475 -4.43 -58.35 -4.10
C MET F 475 -3.08 -57.84 -3.66
N ILE F 476 -2.56 -56.81 -4.34
CA ILE F 476 -1.29 -56.21 -3.97
C ILE F 476 -1.28 -55.87 -2.48
N GLY F 477 -2.46 -55.60 -1.94
CA GLY F 477 -2.60 -55.17 -0.56
C GLY F 477 -2.18 -56.18 0.50
N GLY F 478 -2.87 -57.33 0.51
CA GLY F 478 -2.68 -58.36 1.52
C GLY F 478 -1.34 -59.08 1.45
N GLN F 479 -0.71 -58.99 0.28
CA GLN F 479 0.65 -59.46 0.08
C GLN F 479 1.60 -59.00 1.19
N PRO F 480 2.33 -59.95 1.77
CA PRO F 480 3.30 -59.75 2.84
C PRO F 480 4.67 -59.44 2.27
N SER F 481 5.58 -59.01 3.14
CA SER F 481 6.92 -58.57 2.74
C SER F 481 7.60 -59.47 1.71
N GLU F 482 7.39 -60.76 1.86
CA GLU F 482 8.04 -61.76 1.02
C GLU F 482 7.12 -62.22 -0.09
N GLY F 483 6.00 -61.52 -0.28
CA GLY F 483 5.09 -61.77 -1.38
C GLY F 483 5.69 -61.48 -2.75
N ASN F 484 4.85 -61.28 -3.76
CA ASN F 484 5.37 -60.95 -5.09
C ASN F 484 4.41 -60.12 -5.90
N LEU F 485 4.87 -58.92 -6.29
CA LEU F 485 4.02 -57.95 -6.98
C LEU F 485 3.37 -58.51 -8.24
N PHE F 486 4.20 -59.02 -9.14
CA PHE F 486 3.73 -59.50 -10.43
C PHE F 486 2.64 -60.57 -10.37
N HIS F 487 2.72 -61.50 -9.43
CA HIS F 487 1.68 -62.53 -9.34
C HIS F 487 0.43 -61.94 -8.75
N ALA F 488 0.59 -60.97 -7.86
CA ALA F 488 -0.57 -60.36 -7.21
C ALA F 488 -1.47 -59.68 -8.24
N VAL F 489 -0.85 -59.01 -9.21
CA VAL F 489 -1.58 -58.34 -10.27
C VAL F 489 -2.15 -59.35 -11.27
N VAL F 490 -1.39 -60.39 -11.60
CA VAL F 490 -1.91 -61.42 -12.46
C VAL F 490 -3.10 -62.06 -11.75
N ALA F 491 -2.93 -62.31 -10.46
CA ALA F 491 -3.98 -62.93 -9.66
C ALA F 491 -5.25 -62.09 -9.62
N GLY F 492 -5.10 -60.77 -9.62
CA GLY F 492 -6.24 -59.90 -9.62
C GLY F 492 -6.98 -59.97 -10.94
N VAL F 493 -6.25 -59.86 -12.03
CA VAL F 493 -6.86 -59.81 -13.34
C VAL F 493 -7.61 -61.08 -13.63
N MET F 494 -7.15 -62.21 -13.07
CA MET F 494 -7.82 -63.50 -13.27
C MET F 494 -9.05 -63.65 -12.40
N LEU F 495 -8.90 -63.43 -11.11
CA LEU F 495 -10.04 -63.33 -10.22
C LEU F 495 -11.16 -62.47 -10.84
N TYR F 496 -10.81 -61.32 -11.40
CA TYR F 496 -11.83 -60.39 -11.90
C TYR F 496 -12.39 -60.91 -13.22
N LYS F 497 -11.51 -61.22 -14.17
CA LYS F 497 -11.90 -61.76 -15.48
C LYS F 497 -12.70 -63.05 -15.33
N ALA F 498 -12.50 -63.75 -14.21
CA ALA F 498 -13.24 -64.96 -13.91
C ALA F 498 -14.65 -64.69 -13.41
N ALA F 499 -14.80 -63.84 -12.40
CA ALA F 499 -16.14 -63.43 -11.95
C ALA F 499 -16.87 -62.76 -13.13
N GLY F 500 -16.10 -62.42 -14.15
CA GLY F 500 -16.62 -61.82 -15.35
C GLY F 500 -17.42 -62.81 -16.15
N LYS F 501 -16.84 -63.98 -16.43
CA LYS F 501 -17.56 -65.06 -17.12
C LYS F 501 -18.77 -65.51 -16.30
N ILE F 502 -18.57 -65.77 -15.00
CA ILE F 502 -19.69 -66.16 -14.12
C ILE F 502 -20.86 -65.19 -14.18
N ALA F 503 -20.59 -63.90 -14.00
CA ALA F 503 -21.67 -62.92 -14.02
C ALA F 503 -22.24 -62.77 -15.42
N SER F 504 -21.39 -62.84 -16.44
CA SER F 504 -21.85 -62.66 -17.81
C SER F 504 -22.92 -63.68 -18.17
N GLU F 505 -23.11 -64.68 -17.31
CA GLU F 505 -23.99 -65.77 -17.65
C GLU F 505 -25.11 -65.99 -16.67
N LYS F 506 -25.01 -65.43 -15.47
CA LYS F 506 -26.11 -65.54 -14.51
C LYS F 506 -26.98 -64.29 -14.52
N CYS F 507 -26.84 -63.46 -15.56
CA CYS F 507 -27.46 -62.13 -15.54
C CYS F 507 -28.64 -62.04 -16.50
N ASN F 508 -29.37 -60.93 -16.43
CA ASN F 508 -30.48 -60.68 -17.34
C ASN F 508 -30.38 -59.33 -18.02
N GLY F 509 -29.17 -58.76 -18.05
CA GLY F 509 -28.97 -57.43 -18.58
C GLY F 509 -28.00 -56.62 -17.74
N SER F 510 -27.53 -55.53 -18.33
CA SER F 510 -26.52 -54.63 -17.73
C SER F 510 -26.75 -54.32 -16.25
N GLY F 511 -28.00 -54.36 -15.81
CA GLY F 511 -28.32 -54.12 -14.41
C GLY F 511 -27.80 -55.19 -13.46
N SER F 512 -28.40 -56.36 -13.52
CA SER F 512 -27.97 -57.48 -12.69
C SER F 512 -26.53 -57.92 -13.01
N PHE F 513 -26.03 -57.66 -14.22
CA PHE F 513 -24.67 -58.05 -14.53
C PHE F 513 -23.74 -57.57 -13.46
N GLN F 514 -24.17 -56.50 -12.81
CA GLN F 514 -23.32 -55.75 -11.89
C GLN F 514 -23.45 -56.30 -10.46
N VAL F 515 -24.67 -56.39 -9.95
CA VAL F 515 -24.87 -57.02 -8.64
C VAL F 515 -24.43 -58.50 -8.66
N GLU F 516 -24.30 -59.08 -9.83
CA GLU F 516 -23.80 -60.45 -9.95
C GLU F 516 -22.28 -60.49 -10.01
N LEU F 517 -21.65 -59.41 -10.43
CA LEU F 517 -20.20 -59.43 -10.57
C LEU F 517 -19.57 -59.31 -9.20
N ILE F 518 -20.09 -58.41 -8.39
CA ILE F 518 -19.71 -58.32 -6.99
C ILE F 518 -19.93 -59.67 -6.31
N ASP F 519 -21.01 -60.36 -6.65
CA ASP F 519 -21.30 -61.65 -6.03
C ASP F 519 -20.33 -62.75 -6.42
N ALA F 520 -20.15 -62.96 -7.71
CA ALA F 520 -19.12 -63.86 -8.21
C ALA F 520 -17.74 -63.57 -7.58
N LEU F 521 -17.46 -62.31 -7.28
CA LEU F 521 -16.20 -61.97 -6.59
C LEU F 521 -16.21 -62.49 -5.16
N TYR F 522 -17.33 -62.29 -4.47
CA TYR F 522 -17.45 -62.76 -3.10
C TYR F 522 -17.25 -64.27 -3.01
N ARG F 523 -18.14 -65.01 -3.67
CA ARG F 523 -18.14 -66.47 -3.64
C ARG F 523 -16.85 -67.08 -4.17
N LEU F 524 -16.27 -66.48 -5.21
CA LEU F 524 -15.05 -67.02 -5.81
C LEU F 524 -13.84 -66.98 -4.89
N THR F 525 -13.87 -66.09 -3.90
CA THR F 525 -12.74 -65.91 -2.99
C THR F 525 -12.98 -66.52 -1.62
N ARG F 526 -14.21 -66.92 -1.33
CA ARG F 526 -14.44 -67.66 -0.10
C ARG F 526 -14.07 -69.12 -0.35
N GLU F 527 -14.68 -69.74 -1.37
CA GLU F 527 -14.23 -71.06 -1.85
C GLU F 527 -12.89 -70.88 -2.57
N ASN F 528 -11.81 -70.81 -1.82
CA ASN F 528 -10.54 -70.43 -2.41
C ASN F 528 -9.94 -71.50 -3.35
N THR F 529 -10.58 -71.74 -4.49
CA THR F 529 -10.23 -72.90 -5.34
C THR F 529 -9.94 -72.58 -6.82
N PRO F 530 -8.90 -71.79 -7.07
CA PRO F 530 -8.44 -71.33 -8.40
C PRO F 530 -8.49 -72.38 -9.52
N VAL F 531 -8.23 -73.66 -9.21
CA VAL F 531 -8.22 -74.74 -10.20
C VAL F 531 -9.41 -74.62 -11.17
N THR F 532 -10.59 -74.34 -10.61
CA THR F 532 -11.86 -74.24 -11.33
C THR F 532 -12.00 -73.04 -12.31
N TRP F 533 -11.53 -71.85 -11.92
CA TRP F 533 -11.81 -70.59 -12.65
C TRP F 533 -11.65 -70.61 -14.17
N ALA F 534 -12.74 -70.27 -14.84
CA ALA F 534 -12.89 -70.34 -16.31
C ALA F 534 -11.83 -69.65 -17.21
N PRO F 535 -11.08 -68.66 -16.69
CA PRO F 535 -10.12 -68.01 -17.58
C PRO F 535 -8.77 -68.74 -17.73
N LYS F 536 -8.17 -68.54 -18.90
CA LYS F 536 -6.96 -69.23 -19.32
C LYS F 536 -5.73 -68.30 -19.38
N LEU F 537 -4.74 -68.56 -18.53
CA LEU F 537 -3.54 -67.74 -18.43
C LEU F 537 -2.40 -68.24 -19.31
N THR F 538 -2.01 -67.41 -20.27
CA THR F 538 -0.95 -67.77 -21.22
C THR F 538 0.29 -66.87 -21.21
N HIS F 539 1.17 -67.08 -22.18
CA HIS F 539 2.32 -66.20 -22.39
C HIS F 539 2.11 -65.34 -23.63
N THR F 540 2.54 -64.08 -23.56
CA THR F 540 2.42 -63.18 -24.69
C THR F 540 3.67 -63.32 -25.56
N 3NM G . 9.86 7.26 32.88
P 3NM G . 15.92 6.36 28.82
S 3NM G . 11.55 8.10 31.20
C1 3NM G . 10.52 4.59 32.58
O1 3NM G . 10.31 10.95 32.03
C2 3NM G . 10.69 6.02 32.27
O2 3NM G . 9.01 9.97 33.60
C3 3NM G . 10.32 8.49 32.28
O3 3NM G . 14.85 6.43 29.94
C4 3NM G . 9.80 9.83 32.66
O4 3NM G . 15.72 7.59 27.88
C5 3NM G . 11.73 6.61 31.23
O5 3NM G . 15.78 5.03 28.04
C6 3NM G . 12.64 5.75 30.44
O6 3NM G . 17.28 6.41 29.48
C7 3NM G . 13.54 6.47 29.55
N1A IFP H . 11.13 7.84 37.60
C2A IFP H . 11.58 6.62 37.90
CM2 IFP H . 12.69 6.46 38.87
N3A IFP H . 10.99 5.51 37.34
C4A IFP H . 9.97 5.68 36.46
N4A IFP H . 9.40 4.50 35.86
C5A IFP H . 9.52 6.94 36.13
C6A IFP H . 10.09 8.01 36.68
C7A IFP H . 8.35 7.16 35.22
F1 IFP H . 12.64 7.52 39.67
F2 IFP H . 13.87 6.47 38.27
F3 IFP H . 12.52 5.35 39.57
P1 POP I . 6.07 4.24 34.04
O1 POP I . 4.73 3.59 33.84
O2 POP I . 6.99 3.86 32.89
O3 POP I . 6.67 3.77 35.34
O POP I . 5.81 5.82 34.11
P2 POP I . 4.63 6.45 35.01
O4 POP I . 5.08 6.40 36.45
O5 POP I . 4.41 7.91 34.65
O6 POP I . 3.36 5.63 34.85
MG MG J . 3.81 3.70 36.26
N 3NM K . 30.32 4.34 -18.33
P 3NM K . 25.65 9.18 -21.49
S 3NM K . 29.17 6.60 -18.59
C1 3NM K . 28.67 3.03 -20.11
O1 3NM K . 31.25 7.42 -16.35
C2 3NM K . 29.10 4.24 -19.36
O2 3NM K . 32.51 5.58 -16.80
C3 3NM K . 30.40 5.70 -17.85
O3 3NM K . 26.56 7.93 -21.41
C4 3NM K . 31.45 6.18 -16.93
O4 3NM K . 25.50 9.79 -20.06
C5 3NM K . 28.43 5.66 -19.48
O5 3NM K . 24.24 8.76 -22.02
C6 3NM K . 27.23 5.94 -20.31
O6 3NM K . 26.28 10.19 -22.42
C7 3NM K . 26.63 7.27 -20.22
N1A IFP L . 34.38 4.39 -21.02
C2A IFP L . 33.99 3.88 -22.19
CM2 IFP L . 34.60 4.35 -23.46
N3A IFP L . 33.04 2.87 -22.23
C4A IFP L . 32.51 2.38 -21.06
N4A IFP L . 31.50 1.36 -21.10
C5A IFP L . 32.91 2.91 -19.87
C6A IFP L . 33.83 3.89 -19.83
C7A IFP L . 32.37 2.35 -18.58
F1 IFP L . 33.69 5.00 -24.17
F2 IFP L . 35.01 3.30 -24.18
F3 IFP L . 35.65 5.14 -23.17
P1 POP M . 30.33 -0.64 -17.83
O1 POP M . 28.89 -0.21 -17.71
O2 POP M . 30.73 -0.48 -19.28
O3 POP M . 30.45 -2.07 -17.35
O POP M . 31.32 0.27 -16.94
P2 POP M . 32.71 -0.34 -16.40
O4 POP M . 33.23 -1.31 -17.44
O5 POP M . 33.70 0.77 -16.17
O6 POP M . 32.46 -1.05 -15.08
MG MG N . 32.30 -3.66 -17.69
N 3NM O . -18.89 28.29 -9.62
P 3NM O . -17.97 28.64 -2.25
S 3NM O . -17.41 28.98 -7.67
C1 3NM O . -20.49 26.62 -8.09
O1 3NM O . -15.63 30.00 -10.15
C2 3NM O . -19.37 27.56 -8.25
O2 3NM O . -17.54 30.70 -11.12
C3 3NM O . -17.75 29.13 -9.32
O3 3NM O . -18.33 28.89 -3.73
C4 3NM O . -17.00 29.97 -10.30
O4 3NM O . -16.44 28.76 -2.05
C5 3NM O . -18.41 28.03 -7.09
O5 3NM O . -18.45 27.20 -1.84
C6 3NM O . -18.50 27.56 -5.69
O6 3NM O . -18.65 29.69 -1.39
C7 3NM O . -17.63 28.25 -4.72
N1A IFP P . -22.02 32.10 -10.94
C2A IFP P . -23.13 31.69 -10.33
CM2 IFP P . -24.13 32.65 -9.77
N3A IFP P . -23.40 30.34 -10.23
C4A IFP P . -22.54 29.41 -10.76
N4A IFP P . -22.83 28.01 -10.65
C5A IFP P . -21.41 29.84 -11.40
C6A IFP P . -21.14 31.15 -11.49
C7A IFP P . -20.48 28.84 -11.99
F1 IFP P . -25.13 32.79 -10.63
F2 IFP P . -24.63 32.14 -8.64
F3 IFP P . -23.59 33.85 -9.53
P1 POP Q . -21.17 24.83 -12.53
O1 POP Q . -20.75 24.74 -11.08
O2 POP Q . -22.45 25.63 -12.67
O3 POP Q . -21.41 23.44 -13.06
O POP Q . -20.00 25.43 -13.45
P2 POP Q . -20.30 26.25 -14.82
O4 POP Q . -19.91 27.69 -14.60
O5 POP Q . -19.50 25.67 -15.98
O6 POP Q . -21.79 26.21 -15.13
MG MG R . -22.61 24.22 -15.76
N 3NM S . -29.33 0.48 -20.31
P 3NM S . -24.08 -3.42 -24.11
S 3NM S . -28.20 -1.74 -20.59
C1 3NM S . -27.37 1.92 -21.63
O1 3NM S . -30.59 -2.67 -18.61
C2 3NM S . -27.94 0.66 -21.10
O2 3NM S . -31.85 -1.00 -19.42
C3 3NM S . -29.54 -0.92 -19.98
O3 3NM S . -25.13 -2.35 -23.69
C4 3NM S . -30.73 -1.47 -19.28
O4 3NM S . -24.01 -4.51 -23.00
C5 3NM S . -27.27 -0.76 -21.25
O5 3NM S . -22.70 -2.72 -24.27
C6 3NM S . -25.96 -1.00 -21.90
O6 3NM S . -24.52 -4.06 -25.43
C7 3NM S . -25.60 -2.34 -22.40
N1A IFP T . -33.21 1.23 -23.49
C2A IFP T . -32.65 1.93 -24.47
CM2 IFP T . -33.15 1.78 -25.87
N3A IFP T . -31.64 2.85 -24.18
C4A IFP T . -31.23 2.99 -22.89
N4A IFP T . -30.18 3.91 -22.62
C5A IFP T . -31.81 2.26 -21.89
C6A IFP T . -32.78 1.40 -22.17
C7A IFP T . -31.42 2.47 -20.46
F1 IFP T . -32.21 1.84 -26.80
F2 IFP T . -33.79 0.61 -25.94
F3 IFP T . -33.99 2.80 -26.08
P1 POP U . -29.32 5.45 -18.98
O1 POP U . -27.95 4.90 -19.29
O2 POP U . -30.05 5.63 -20.29
O3 POP U . -29.22 6.78 -18.27
O POP U . -30.14 4.44 -18.02
P2 POP U . -31.63 4.78 -17.49
O4 POP U . -32.58 4.58 -18.64
O5 POP U . -31.99 3.86 -16.35
O6 POP U . -31.70 6.21 -16.98
MG MG V . -31.50 7.91 -18.64
N 3NM W . -11.93 -15.75 30.01
P 3NM W . -17.92 -13.55 26.06
S 3NM W . -13.54 -16.14 28.09
C1 3NM W . -12.59 -13.11 30.37
O1 3NM W . -11.82 -18.90 27.98
C2 3NM W . -12.73 -14.40 29.67
O2 3NM W . -11.41 -18.71 30.19
C3 3NM W . -12.38 -16.80 29.13
O3 3NM W . -16.88 -13.80 27.19
C4 3NM W . -11.85 -18.20 29.17
O4 3NM W . -17.62 -14.54 24.91
C5 3NM W . -13.71 -14.70 28.45
O5 3NM W . -17.84 -12.09 25.52
C6 3NM W . -14.60 -13.70 27.83
O6 3NM W . -19.33 -13.74 26.61
C7 3NM W . -15.61 -14.16 26.86
N1A IFP X . -13.41 -17.06 34.22
C2A IFP X . -13.96 -15.97 34.77
CM2 IFP X . -15.14 -16.08 35.67
N3A IFP X . -13.38 -14.73 34.56
C4A IFP X . -12.26 -14.62 33.78
N4A IFP X . -11.67 -13.34 33.55
C5A IFP X . -11.69 -15.74 33.22
C6A IFP X . -12.25 -16.94 33.43
C7A IFP X . -10.43 -15.62 32.43
F1 IFP X . -16.10 -15.22 35.35
F2 IFP X . -15.63 -17.31 35.63
F3 IFP X . -14.76 -15.83 36.91
P1 POP Y . -7.89 -12.77 31.96
O1 POP Y . -9.09 -12.24 31.22
O2 POP Y . -8.14 -12.96 33.45
O3 POP Y . -6.74 -11.79 31.81
O POP Y . -7.40 -14.15 31.31
P2 POP Y . -6.61 -15.23 32.20
O4 POP Y . -7.61 -16.03 33.00
O5 POP Y . -5.85 -16.13 31.26
O6 POP Y . -5.65 -14.52 33.14
MG MG Z . -5.72 -12.29 34.31
N 3NM AA . 19.57 -25.06 -14.52
P 3NM AA . 18.21 -27.04 -7.61
S 3NM AA . 17.92 -26.10 -12.87
C1 3NM AA . 21.21 -23.98 -12.58
O1 3NM AA . 16.62 -27.19 -15.53
C2 3NM AA . 20.02 -24.75 -13.01
O2 3NM AA . 18.32 -26.35 -16.77
C3 3NM AA . 18.35 -25.84 -14.48
O3 3NM AA . 18.39 -25.70 -8.36
C4 3NM AA . 17.72 -26.38 -15.70
O4 3NM AA . 16.80 -27.12 -6.92
C5 3NM AA . 18.98 -25.41 -12.04
O5 3NM AA . 19.34 -27.16 -6.56
C6 3NM AA . 19.13 -25.29 -10.58
O6 3NM AA . 18.31 -28.15 -8.61
C7 3NM AA . 18.05 -25.70 -9.69
N1A IFP BA . 22.86 -28.28 -16.31
C2A IFP BA . 24.05 -28.13 -15.70
CM2 IFP BA . 24.95 -29.30 -15.50
N3A IFP BA . 24.48 -26.90 -15.29
C4A IFP BA . 23.71 -25.80 -15.51
N4A IFP BA . 24.17 -24.53 -15.05
C5A IFP BA . 22.49 -25.94 -16.15
C6A IFP BA . 22.08 -27.15 -16.54
C7A IFP BA . 21.65 -24.75 -16.44
F1 IFP BA . 24.91 -30.09 -16.56
F2 IFP BA . 26.18 -28.81 -15.38
F3 IFP BA . 24.61 -29.96 -14.39
P1 POP CA . 22.31 -20.96 -16.48
O1 POP CA . 22.06 -21.31 -15.01
O2 POP CA . 23.54 -21.64 -17.05
O3 POP CA . 22.55 -19.48 -16.63
O POP CA . 21.00 -21.35 -17.33
P2 POP CA . 21.11 -21.77 -18.88
O4 POP CA . 22.56 -22.05 -19.22
O5 POP CA . 20.25 -23.01 -19.09
O6 POP CA . 20.64 -20.62 -19.75
MG MG DA . 23.28 -19.49 -19.32
#